data_4FNS
#
_entry.id   4FNS
#
_cell.length_a   150.300
_cell.length_b   150.300
_cell.length_c   233.360
_cell.angle_alpha   90.00
_cell.angle_beta   90.00
_cell.angle_gamma   120.00
#
_symmetry.space_group_name_H-M   'P 32 2 1'
#
loop_
_entity.id
_entity.type
_entity.pdbx_description
1 polymer 'Alpha-galactosidase AgaA'
2 non-polymer (2R,3S,4R,5S)-2-(hydroxymethyl)piperidine-3,4,5-triol
3 non-polymer 'SULFATE ION'
4 non-polymer 1,2-ETHANEDIOL
5 water water
#
_entity_poly.entity_id   1
_entity_poly.type   'polypeptide(L)'
_entity_poly.pdbx_seq_one_letter_code
;MSVAYNPQTKQFHLRAGKASYVMQLFRSGYLAHVYWGKAVRDVRGARAFPRLDRAFSPNPDPSDRTFSLDTLLQEYPAYG
NTDFRAPAYQVQLENGSTVTDLRYKTHRIYKGKPRLNGLPATYVEHEQEAETLEIVLGDALIGLEVTLQYTAYEKWNVIT
RSARFENKGGERLKLLRALSMSVDFPTADYDWIHLPGAWGRERWIERRPLVTGVQAAESRRGASSHQQNPFIALVAKNAD
EHQGEVYGFSFVYSGNFLAQIEVDQFGTARVSMGINPFDFTWLLQPGESFQTPEVVMVYSDQGLNGMSQTYHELYRTRLA
RGAFRDRERPILINNWEATYFDFNEEKIVNIARTEAELGIELVVLDDGWFGERDDDRRSLGDWIVNRRKLPNGLDGLAKQ
VNELGLQFGLWVEPEMVSPNSELYRKHPDWCLHVPNRPRSEGRNQLVLDYSREDVCDYIIETISNVLASAPITYVKWDMN
RHMTEIGSSALPPERQRETAHRYMLGLYRVMDEITSRLPHILFESCSGGGGRFDPGMLYYMPQTWTSDNTDAVSRLKIQY
GTSLVYPISAMGAHVSAVPNHQVGRVASLKTRGHVAMSGNFGYELDITKLTETEKQMMKQQVAFYKDVRRLVQFGTFYRL
LSPFEGNEAAWMFVSADRSEALVAYFRVLAEANAPLSYLRLKGLDSNQDYEIEGLGVYGGDELVYAGVALPYRSSDFISM
MWRLKAVQQ
;
_entity_poly.pdbx_strand_id   A,B,C,D
#
loop_
_chem_comp.id
_chem_comp.type
_chem_comp.name
_chem_comp.formula
DGJ non-polymer (2R,3S,4R,5S)-2-(hydroxymethyl)piperidine-3,4,5-triol 'C6 H13 N O4'
EDO non-polymer 1,2-ETHANEDIOL 'C2 H6 O2'
SO4 non-polymer 'SULFATE ION' 'O4 S -2'
#
# COMPACT_ATOMS: atom_id res chain seq x y z
N LYS A 10 16.26 31.42 28.33
CA LYS A 10 14.81 31.36 28.42
C LYS A 10 14.28 30.04 27.85
N GLN A 11 14.95 28.95 28.17
CA GLN A 11 14.62 27.64 27.61
C GLN A 11 14.31 26.60 28.69
N PHE A 12 13.06 26.15 28.72
CA PHE A 12 12.64 25.11 29.66
C PHE A 12 13.04 23.74 29.13
N HIS A 13 13.62 22.92 30.00
CA HIS A 13 14.03 21.58 29.60
C HIS A 13 13.61 20.52 30.61
N LEU A 14 12.71 19.64 30.17
CA LEU A 14 12.22 18.56 31.02
C LEU A 14 12.94 17.26 30.65
N ARG A 15 13.39 16.52 31.65
CA ARG A 15 14.14 15.30 31.42
C ARG A 15 13.46 14.10 32.05
N ALA A 16 12.78 13.31 31.22
CA ALA A 16 12.04 12.14 31.70
C ALA A 16 12.65 10.85 31.17
N GLY A 17 13.32 10.12 32.04
CA GLY A 17 13.95 8.86 31.68
C GLY A 17 15.03 9.05 30.63
N LYS A 18 14.76 8.60 29.41
CA LYS A 18 15.70 8.73 28.31
C LYS A 18 15.14 9.71 27.27
N ALA A 19 14.30 10.63 27.73
CA ALA A 19 13.62 11.55 26.82
C ALA A 19 13.75 13.01 27.23
N SER A 20 13.59 13.91 26.26
CA SER A 20 13.64 15.35 26.52
C SER A 20 12.37 16.06 26.05
N TYR A 21 11.89 16.97 26.88
CA TYR A 21 10.78 17.85 26.50
C TYR A 21 11.25 19.28 26.64
N VAL A 22 11.38 19.98 25.51
CA VAL A 22 11.98 21.30 25.49
C VAL A 22 10.99 22.40 25.10
N MET A 23 10.97 23.47 25.89
CA MET A 23 10.12 24.62 25.61
C MET A 23 10.94 25.90 25.72
N GLN A 24 10.42 27.00 25.18
CA GLN A 24 11.10 28.28 25.26
C GLN A 24 10.13 29.45 25.18
N LEU A 25 10.50 30.56 25.80
CA LEU A 25 9.72 31.78 25.69
C LEU A 25 10.06 32.47 24.38
N PHE A 26 9.03 32.87 23.64
CA PHE A 26 9.23 33.52 22.35
C PHE A 26 8.69 34.94 22.37
N ARG A 27 9.56 35.90 22.05
CA ARG A 27 9.20 37.32 22.03
C ARG A 27 8.62 37.82 23.35
N SER A 28 7.44 38.43 23.29
CA SER A 28 6.83 39.08 24.44
C SER A 28 6.03 38.13 25.32
N GLY A 29 6.66 37.06 25.81
CA GLY A 29 6.04 36.20 26.79
C GLY A 29 5.23 35.04 26.24
N TYR A 30 5.40 34.73 24.96
CA TYR A 30 4.73 33.58 24.37
C TYR A 30 5.47 32.29 24.71
N LEU A 31 4.72 31.25 25.08
CA LEU A 31 5.33 29.96 25.40
C LEU A 31 5.32 29.05 24.17
N ALA A 32 6.50 28.75 23.66
CA ALA A 32 6.62 27.94 22.44
C ALA A 32 7.12 26.52 22.71
N HIS A 33 6.64 25.58 21.91
CA HIS A 33 7.15 24.22 21.96
C HIS A 33 8.38 24.11 21.06
N VAL A 34 9.39 23.38 21.53
CA VAL A 34 10.63 23.25 20.79
C VAL A 34 10.90 21.82 20.33
N TYR A 35 10.96 20.89 21.29
CA TYR A 35 11.36 19.53 20.98
C TYR A 35 10.82 18.51 21.97
N TRP A 36 10.44 17.35 21.45
CA TRP A 36 10.08 16.20 22.28
C TRP A 36 10.52 14.93 21.59
N GLY A 37 11.41 14.18 22.24
CA GLY A 37 11.94 12.95 21.69
C GLY A 37 13.05 12.38 22.55
N LYS A 38 14.03 11.73 21.91
CA LYS A 38 15.14 11.14 22.63
C LYS A 38 15.95 12.22 23.34
N ALA A 39 16.41 11.90 24.54
CA ALA A 39 17.09 12.88 25.41
C ALA A 39 18.30 13.55 24.76
N VAL A 40 18.29 14.88 24.80
CA VAL A 40 19.41 15.67 24.31
C VAL A 40 19.87 16.63 25.40
N ARG A 41 21.15 16.99 25.38
CA ARG A 41 21.69 17.92 26.37
C ARG A 41 21.08 19.31 26.21
N ASP A 42 20.98 19.76 24.96
CA ASP A 42 20.43 21.07 24.67
C ASP A 42 20.05 21.19 23.20
N VAL A 43 19.00 21.96 22.93
CA VAL A 43 18.59 22.25 21.56
C VAL A 43 19.08 23.64 21.17
N ARG A 44 20.30 23.71 20.66
CA ARG A 44 20.94 24.98 20.36
C ARG A 44 20.32 25.71 19.16
N GLY A 45 19.66 24.95 18.29
CA GLY A 45 19.03 25.52 17.10
C GLY A 45 17.57 25.85 17.31
N ALA A 46 17.17 25.97 18.57
CA ALA A 46 15.77 26.21 18.92
C ALA A 46 15.22 27.52 18.36
N ARG A 47 16.10 28.51 18.21
CA ARG A 47 15.69 29.80 17.67
C ARG A 47 16.22 30.01 16.27
N ALA A 48 17.09 29.10 15.83
CA ALA A 48 17.73 29.22 14.52
C ALA A 48 16.91 28.57 13.40
N PHE A 49 15.67 29.04 13.25
CA PHE A 49 14.81 28.55 12.18
C PHE A 49 14.36 29.72 11.31
N PRO A 50 14.04 29.45 10.03
CA PRO A 50 13.63 30.52 9.11
C PRO A 50 12.43 31.33 9.61
N ARG A 51 12.62 32.63 9.76
CA ARG A 51 11.54 33.53 10.11
C ARG A 51 10.85 33.99 8.84
N LEU A 52 9.72 33.36 8.51
CA LEU A 52 9.04 33.62 7.25
C LEU A 52 7.76 34.43 7.40
N ASP A 53 7.44 35.21 6.36
CA ASP A 53 6.18 35.92 6.29
C ASP A 53 5.19 35.03 5.53
N ARG A 54 4.42 34.24 6.28
CA ARG A 54 3.44 33.36 5.68
C ARG A 54 2.19 34.13 5.28
N ALA A 55 1.77 33.97 4.03
CA ALA A 55 0.60 34.67 3.52
C ALA A 55 -0.67 34.24 4.27
N PHE A 56 -1.46 35.24 4.66
CA PHE A 56 -2.72 35.04 5.38
C PHE A 56 -2.53 34.50 6.79
N SER A 57 -1.31 34.58 7.30
CA SER A 57 -1.04 34.34 8.71
C SER A 57 -0.84 35.69 9.39
N PRO A 58 -1.90 36.23 10.01
CA PRO A 58 -1.94 37.59 10.55
C PRO A 58 -0.94 37.77 11.69
N ASN A 59 -0.71 39.02 12.08
CA ASN A 59 0.32 39.33 13.05
C ASN A 59 -0.17 40.05 14.29
N PRO A 60 0.17 39.52 15.47
CA PRO A 60 -0.09 40.19 16.75
C PRO A 60 0.71 41.48 16.84
N ASP A 61 1.83 41.50 16.12
CA ASP A 61 2.65 42.68 15.98
C ASP A 61 2.67 43.07 14.50
N PRO A 62 1.87 44.10 14.15
CA PRO A 62 1.74 44.58 12.77
C PRO A 62 3.06 44.97 12.12
N SER A 63 4.01 45.43 12.91
CA SER A 63 5.31 45.87 12.40
C SER A 63 6.11 44.70 11.83
N ASP A 64 5.87 43.51 12.36
CA ASP A 64 6.60 42.32 11.92
C ASP A 64 5.66 41.25 11.35
N ARG A 65 5.79 41.00 10.06
CA ARG A 65 4.93 40.01 9.40
C ARG A 65 5.49 38.60 9.53
N THR A 66 6.68 38.48 10.10
CA THR A 66 7.33 37.19 10.24
C THR A 66 6.91 36.47 11.52
N PHE A 67 6.14 37.16 12.36
CA PHE A 67 5.61 36.54 13.58
C PHE A 67 4.10 36.36 13.50
N SER A 68 3.64 35.16 13.86
CA SER A 68 2.23 34.82 13.80
C SER A 68 1.95 33.60 14.66
N LEU A 69 0.89 33.65 15.45
CA LEU A 69 0.51 32.50 16.28
C LEU A 69 0.03 31.34 15.42
N ASP A 70 -0.27 31.64 14.15
CA ASP A 70 -0.67 30.62 13.19
C ASP A 70 0.55 29.83 12.72
N THR A 71 1.74 30.32 13.04
CA THR A 71 2.98 29.69 12.59
C THR A 71 3.96 29.43 13.73
N LEU A 72 3.45 29.47 14.96
CA LEU A 72 4.28 29.22 16.13
C LEU A 72 3.92 27.88 16.80
N LEU A 73 4.92 27.05 17.03
CA LEU A 73 4.71 25.79 17.74
C LEU A 73 4.41 26.12 19.20
N GLN A 74 3.21 25.76 19.65
CA GLN A 74 2.75 26.19 20.97
C GLN A 74 2.48 25.04 21.95
N GLU A 75 2.31 25.42 23.22
CA GLU A 75 2.04 24.45 24.29
C GLU A 75 0.59 24.51 24.73
N TYR A 76 0.01 25.71 24.73
CA TYR A 76 -1.39 25.89 25.08
C TYR A 76 -2.02 26.99 24.22
N PRO A 77 -2.22 26.72 22.94
CA PRO A 77 -2.64 27.71 21.94
C PRO A 77 -4.10 28.12 22.06
N ALA A 78 -4.39 29.38 21.75
CA ALA A 78 -5.75 29.89 21.75
C ALA A 78 -6.16 30.30 20.35
N TYR A 79 -7.45 30.43 20.12
CA TYR A 79 -7.97 30.92 18.85
C TYR A 79 -8.34 32.40 18.99
N GLY A 80 -8.21 33.15 17.90
CA GLY A 80 -8.57 34.56 17.91
C GLY A 80 -7.39 35.49 17.70
N ASN A 81 -6.26 35.18 18.32
CA ASN A 81 -5.05 35.99 18.20
C ASN A 81 -4.17 35.53 17.05
N THR A 82 -4.70 35.62 15.83
CA THR A 82 -3.97 35.26 14.61
C THR A 82 -3.74 33.76 14.39
N ASP A 83 -4.02 32.94 15.40
CA ASP A 83 -3.91 31.49 15.25
C ASP A 83 -5.23 30.93 14.73
N PHE A 84 -5.15 30.07 13.72
CA PHE A 84 -6.35 29.54 13.08
C PHE A 84 -6.53 28.03 13.26
N ARG A 85 -5.59 27.42 13.98
CA ARG A 85 -5.67 26.00 14.28
C ARG A 85 -6.52 25.76 15.52
N ALA A 86 -7.01 24.54 15.68
CA ALA A 86 -7.87 24.21 16.83
C ALA A 86 -7.15 24.47 18.14
N PRO A 87 -7.78 25.25 19.02
CA PRO A 87 -7.17 25.69 20.28
C PRO A 87 -7.22 24.61 21.36
N ALA A 88 -6.37 24.76 22.37
CA ALA A 88 -6.39 23.85 23.51
C ALA A 88 -7.47 24.28 24.49
N TYR A 89 -7.77 25.57 24.50
CA TYR A 89 -8.79 26.13 25.37
C TYR A 89 -9.51 27.27 24.68
N GLN A 90 -10.68 27.62 25.18
CA GLN A 90 -11.41 28.77 24.69
C GLN A 90 -12.29 29.34 25.79
N VAL A 91 -12.22 30.67 25.94
CA VAL A 91 -12.95 31.34 27.01
C VAL A 91 -13.87 32.41 26.43
N GLN A 92 -15.14 32.39 26.86
CA GLN A 92 -16.08 33.42 26.43
C GLN A 92 -16.25 34.47 27.51
N LEU A 93 -16.11 35.74 27.13
CA LEU A 93 -16.25 36.84 28.08
C LEU A 93 -17.71 37.27 28.19
N GLU A 94 -18.00 38.12 29.16
CA GLU A 94 -19.35 38.64 29.36
C GLU A 94 -19.80 39.51 28.19
N ASN A 95 -18.84 40.09 27.47
CA ASN A 95 -19.16 40.92 26.32
C ASN A 95 -19.47 40.09 25.07
N GLY A 96 -19.30 38.77 25.18
CA GLY A 96 -19.62 37.87 24.09
C GLY A 96 -18.42 37.39 23.30
N SER A 97 -17.29 38.09 23.46
CA SER A 97 -16.08 37.75 22.72
C SER A 97 -15.41 36.50 23.28
N THR A 98 -14.61 35.86 22.44
CA THR A 98 -13.89 34.65 22.85
C THR A 98 -12.39 34.83 22.68
N VAL A 99 -11.96 36.09 22.63
CA VAL A 99 -10.55 36.40 22.46
C VAL A 99 -9.81 36.42 23.81
N THR A 100 -8.78 35.59 23.91
CA THR A 100 -7.94 35.57 25.09
C THR A 100 -6.47 35.71 24.68
N ASP A 101 -5.62 36.08 25.64
CA ASP A 101 -4.22 36.35 25.34
C ASP A 101 -3.33 36.01 26.53
N LEU A 102 -3.04 34.73 26.71
CA LEU A 102 -2.19 34.27 27.80
C LEU A 102 -0.71 34.57 27.53
N ARG A 103 -0.06 35.19 28.51
CA ARG A 103 1.37 35.48 28.39
C ARG A 103 2.10 34.94 29.62
N TYR A 104 3.40 34.72 29.49
CA TYR A 104 4.21 34.25 30.59
C TYR A 104 4.27 35.25 31.72
N LYS A 105 4.05 34.79 32.95
CA LYS A 105 4.16 35.65 34.12
C LYS A 105 5.30 35.18 35.03
N THR A 106 5.28 33.89 35.38
CA THR A 106 6.33 33.30 36.20
C THR A 106 6.25 31.77 36.10
N HIS A 107 7.15 31.10 36.81
CA HIS A 107 7.13 29.64 36.85
C HIS A 107 7.80 29.12 38.12
N ARG A 108 7.48 27.89 38.50
CA ARG A 108 8.08 27.27 39.68
C ARG A 108 8.48 25.82 39.43
N ILE A 109 9.59 25.41 40.04
CA ILE A 109 10.08 24.05 39.91
C ILE A 109 10.24 23.44 41.29
N TYR A 110 9.70 22.23 41.46
CA TYR A 110 9.80 21.54 42.74
C TYR A 110 9.82 20.02 42.55
N LYS A 111 10.47 19.32 43.47
CA LYS A 111 10.53 17.87 43.42
C LYS A 111 9.18 17.25 43.74
N GLY A 112 8.95 16.05 43.23
CA GLY A 112 7.71 15.35 43.48
C GLY A 112 6.64 15.63 42.44
N LYS A 113 5.39 15.34 42.79
CA LYS A 113 4.29 15.48 41.87
C LYS A 113 3.02 15.89 42.62
N PRO A 114 2.32 16.92 42.12
CA PRO A 114 1.14 17.43 42.82
C PRO A 114 -0.08 16.53 42.62
N ARG A 115 -1.00 16.59 43.58
CA ARG A 115 -2.28 15.91 43.43
C ARG A 115 -3.24 16.83 42.67
N LEU A 116 -4.04 16.26 41.78
CA LEU A 116 -5.03 17.04 41.05
C LEU A 116 -6.35 17.04 41.81
N ASN A 117 -6.85 18.23 42.11
CA ASN A 117 -8.04 18.40 42.94
C ASN A 117 -9.27 17.66 42.41
N GLY A 118 -9.77 16.74 43.22
CA GLY A 118 -10.97 15.97 42.88
C GLY A 118 -10.80 15.07 41.68
N LEU A 119 -9.56 14.79 41.31
CA LEU A 119 -9.26 14.02 40.11
C LEU A 119 -8.19 12.97 40.36
N PRO A 120 -8.23 11.87 39.60
CA PRO A 120 -7.18 10.86 39.64
C PRO A 120 -5.96 11.34 38.87
N ALA A 121 -4.79 10.85 39.24
CA ALA A 121 -3.55 11.22 38.56
C ALA A 121 -2.45 10.26 38.97
N THR A 122 -1.51 10.04 38.06
CA THR A 122 -0.30 9.29 38.39
C THR A 122 0.41 10.01 39.53
N TYR A 123 0.98 9.24 40.46
CA TYR A 123 1.53 9.82 41.68
C TYR A 123 2.98 9.42 41.92
N VAL A 124 3.51 9.86 43.05
CA VAL A 124 4.84 9.44 43.50
C VAL A 124 4.78 9.06 44.97
N GLU A 125 5.67 8.15 45.38
CA GLU A 125 5.80 7.79 46.78
C GLU A 125 6.91 8.61 47.43
N HIS A 126 7.84 9.06 46.59
CA HIS A 126 8.94 9.90 47.06
C HIS A 126 9.14 11.07 46.11
N GLU A 127 9.77 12.13 46.61
CA GLU A 127 10.01 13.33 45.82
C GLU A 127 11.00 13.10 44.69
N GLN A 128 11.96 12.20 44.92
CA GLN A 128 13.05 11.99 43.98
C GLN A 128 12.63 11.19 42.75
N GLU A 129 11.39 10.70 42.74
CA GLU A 129 10.89 9.92 41.61
C GLU A 129 10.58 10.79 40.40
N ALA A 130 10.22 12.04 40.64
CA ALA A 130 9.85 12.94 39.56
C ALA A 130 10.10 14.40 39.89
N GLU A 131 10.04 15.25 38.87
CA GLU A 131 10.20 16.69 39.04
C GLU A 131 9.09 17.43 38.31
N THR A 132 8.48 18.40 38.97
CA THR A 132 7.34 19.10 38.41
C THR A 132 7.64 20.56 38.04
N LEU A 133 7.26 20.94 36.83
CA LEU A 133 7.39 22.32 36.39
C LEU A 133 6.01 22.93 36.17
N GLU A 134 5.76 24.06 36.83
CA GLU A 134 4.50 24.78 36.66
C GLU A 134 4.76 26.13 36.00
N ILE A 135 4.30 26.28 34.77
CA ILE A 135 4.44 27.54 34.05
C ILE A 135 3.16 28.38 34.17
N VAL A 136 3.24 29.48 34.89
CA VAL A 136 2.09 30.33 35.14
C VAL A 136 1.87 31.35 34.02
N LEU A 137 0.79 31.18 33.28
CA LEU A 137 0.41 32.13 32.23
C LEU A 137 -0.70 33.03 32.73
N GLY A 138 -0.92 34.16 32.04
CA GLY A 138 -1.94 35.09 32.46
C GLY A 138 -2.48 36.00 31.37
N ASP A 139 -3.77 36.31 31.46
CA ASP A 139 -4.40 37.29 30.60
C ASP A 139 -4.78 38.50 31.47
N ALA A 140 -3.93 39.52 31.44
CA ALA A 140 -4.07 40.66 32.36
C ALA A 140 -5.41 41.37 32.27
N LEU A 141 -5.98 41.43 31.07
CA LEU A 141 -7.22 42.16 30.83
C LEU A 141 -8.38 41.63 31.66
N ILE A 142 -8.46 40.31 31.80
CA ILE A 142 -9.59 39.67 32.46
C ILE A 142 -9.19 38.94 33.74
N GLY A 143 -7.92 39.02 34.10
CA GLY A 143 -7.42 38.38 35.30
C GLY A 143 -7.46 36.87 35.23
N LEU A 144 -7.39 36.33 34.02
CA LEU A 144 -7.39 34.90 33.80
C LEU A 144 -5.99 34.32 33.97
N GLU A 145 -5.81 33.51 35.00
CA GLU A 145 -4.52 32.87 35.26
C GLU A 145 -4.57 31.40 34.92
N VAL A 146 -3.68 30.95 34.04
CA VAL A 146 -3.60 29.55 33.66
C VAL A 146 -2.24 28.98 34.01
N THR A 147 -2.23 27.98 34.89
CA THR A 147 -0.99 27.34 35.29
C THR A 147 -0.82 26.00 34.57
N LEU A 148 0.18 25.92 33.71
CA LEU A 148 0.46 24.69 32.98
C LEU A 148 1.35 23.78 33.81
N GLN A 149 0.84 22.59 34.12
CA GLN A 149 1.54 21.64 34.98
C GLN A 149 2.28 20.58 34.18
N TYR A 150 3.61 20.58 34.31
CA TYR A 150 4.44 19.57 33.67
C TYR A 150 5.14 18.73 34.73
N THR A 151 5.09 17.40 34.58
CA THR A 151 5.81 16.52 35.49
C THR A 151 6.64 15.49 34.72
N ALA A 152 7.91 15.39 35.06
CA ALA A 152 8.80 14.44 34.41
C ALA A 152 9.32 13.39 35.40
N TYR A 153 8.99 12.13 35.15
CA TYR A 153 9.46 11.03 35.98
C TYR A 153 10.94 10.74 35.71
N GLU A 154 11.64 10.23 36.71
CA GLU A 154 13.07 9.97 36.59
C GLU A 154 13.38 8.68 35.83
N LYS A 155 12.75 7.58 36.25
CA LYS A 155 13.06 6.27 35.70
C LYS A 155 12.28 5.94 34.42
N TRP A 156 11.27 6.75 34.11
CA TRP A 156 10.44 6.48 32.95
C TRP A 156 10.43 7.65 31.95
N ASN A 157 10.23 7.32 30.68
CA ASN A 157 10.09 8.33 29.63
C ASN A 157 8.69 8.95 29.66
N VAL A 158 8.28 9.39 30.86
CA VAL A 158 6.92 9.88 31.06
C VAL A 158 6.86 11.37 31.34
N ILE A 159 6.14 12.09 30.49
CA ILE A 159 5.79 13.47 30.76
C ILE A 159 4.29 13.55 30.96
N THR A 160 3.86 14.03 32.12
CA THR A 160 2.44 14.23 32.37
C THR A 160 2.09 15.71 32.26
N ARG A 161 0.92 16.00 31.71
CA ARG A 161 0.51 17.38 31.53
C ARG A 161 -0.94 17.62 31.97
N SER A 162 -1.20 18.81 32.49
CA SER A 162 -2.54 19.23 32.87
C SER A 162 -2.55 20.75 33.02
N ALA A 163 -3.73 21.35 32.92
CA ALA A 163 -3.85 22.79 33.05
C ALA A 163 -4.78 23.18 34.19
N ARG A 164 -4.45 24.27 34.87
CA ARG A 164 -5.28 24.76 35.96
C ARG A 164 -5.71 26.21 35.71
N PHE A 165 -7.00 26.40 35.46
CA PHE A 165 -7.55 27.73 35.24
C PHE A 165 -7.92 28.39 36.56
N GLU A 166 -7.67 29.69 36.66
CA GLU A 166 -8.12 30.45 37.83
C GLU A 166 -8.54 31.87 37.45
N ASN A 167 -9.77 32.23 37.81
CA ASN A 167 -10.29 33.56 37.53
C ASN A 167 -9.96 34.53 38.66
N LYS A 168 -9.02 35.43 38.40
CA LYS A 168 -8.61 36.42 39.39
C LYS A 168 -9.09 37.81 39.01
N GLY A 169 -10.07 37.86 38.09
CA GLY A 169 -10.62 39.11 37.62
C GLY A 169 -11.92 39.49 38.31
N GLY A 170 -12.61 40.49 37.77
CA GLY A 170 -13.85 40.96 38.36
C GLY A 170 -15.08 40.41 37.67
N GLU A 171 -14.95 40.04 36.41
CA GLU A 171 -16.06 39.47 35.65
C GLU A 171 -15.94 37.95 35.66
N ARG A 172 -17.03 37.27 35.28
CA ARG A 172 -17.01 35.82 35.23
C ARG A 172 -16.74 35.32 33.82
N LEU A 173 -15.96 34.25 33.72
CA LEU A 173 -15.53 33.71 32.43
C LEU A 173 -16.17 32.35 32.16
N LYS A 174 -16.44 32.07 30.88
CA LYS A 174 -17.05 30.81 30.50
C LYS A 174 -16.08 29.96 29.67
N LEU A 175 -15.57 28.89 30.28
CA LEU A 175 -14.70 27.96 29.56
C LEU A 175 -15.53 27.15 28.58
N LEU A 176 -15.34 27.40 27.29
CA LEU A 176 -16.04 26.64 26.26
C LEU A 176 -15.25 25.39 25.90
N ARG A 177 -13.96 25.43 26.22
CA ARG A 177 -13.04 24.34 25.91
C ARG A 177 -11.89 24.38 26.89
N ALA A 178 -11.50 23.22 27.41
CA ALA A 178 -10.41 23.14 28.37
C ALA A 178 -9.68 21.81 28.29
N LEU A 179 -8.90 21.64 27.23
CA LEU A 179 -8.14 20.41 27.04
C LEU A 179 -6.98 20.33 28.02
N SER A 180 -6.48 19.12 28.25
CA SER A 180 -5.44 18.90 29.24
C SER A 180 -4.06 19.28 28.73
N MET A 181 -3.85 19.13 27.43
CA MET A 181 -2.58 19.47 26.82
C MET A 181 -2.70 19.73 25.33
N SER A 182 -1.65 20.29 24.75
CA SER A 182 -1.57 20.49 23.31
C SER A 182 -0.10 20.62 22.93
N VAL A 183 0.28 20.04 21.81
CA VAL A 183 1.66 20.09 21.38
C VAL A 183 1.79 20.12 19.85
N ASP A 184 2.57 21.07 19.36
CA ASP A 184 2.80 21.21 17.93
C ASP A 184 4.11 20.57 17.50
N PHE A 185 4.01 19.50 16.72
CA PHE A 185 5.19 18.86 16.12
C PHE A 185 5.60 19.64 14.88
N PRO A 186 6.90 19.83 14.69
CA PRO A 186 7.42 20.59 13.54
C PRO A 186 7.11 19.90 12.21
N THR A 187 7.13 18.57 12.18
CA THR A 187 6.77 17.82 10.99
C THR A 187 5.55 16.94 11.25
N ALA A 188 5.03 16.33 10.21
CA ALA A 188 3.81 15.52 10.34
C ALA A 188 3.83 14.24 9.53
N ASP A 189 5.02 13.76 9.20
CA ASP A 189 5.14 12.50 8.45
C ASP A 189 5.04 11.31 9.38
N TYR A 190 3.85 11.13 9.96
CA TYR A 190 3.61 10.04 10.90
C TYR A 190 2.35 9.27 10.52
N ASP A 191 2.22 8.07 11.07
CA ASP A 191 0.94 7.39 11.12
C ASP A 191 0.38 7.68 12.51
N TRP A 192 -0.89 7.38 12.71
CA TRP A 192 -1.45 7.47 14.05
C TRP A 192 -2.22 6.21 14.43
N ILE A 193 -2.18 5.88 15.72
CA ILE A 193 -2.85 4.70 16.23
C ILE A 193 -3.84 5.09 17.31
N HIS A 194 -5.08 4.64 17.16
CA HIS A 194 -6.09 4.78 18.22
C HIS A 194 -6.77 3.44 18.45
N LEU A 195 -7.66 3.38 19.43
CA LEU A 195 -8.28 2.12 19.82
C LEU A 195 -9.80 2.13 19.70
N PRO A 196 -10.31 2.08 18.46
CA PRO A 196 -11.77 2.06 18.27
C PRO A 196 -12.31 0.68 18.57
N GLY A 197 -13.63 0.58 18.76
CA GLY A 197 -14.25 -0.70 19.01
C GLY A 197 -15.72 -0.59 19.34
N ALA A 198 -16.23 -1.59 20.04
CA ALA A 198 -17.63 -1.64 20.43
C ALA A 198 -17.77 -2.64 21.57
N TRP A 199 -18.98 -2.81 22.07
CA TRP A 199 -19.24 -3.83 23.08
C TRP A 199 -18.92 -5.20 22.50
N GLY A 200 -18.15 -5.99 23.25
CA GLY A 200 -17.82 -7.34 22.82
C GLY A 200 -16.62 -7.37 21.88
N ARG A 201 -16.00 -6.22 21.68
CA ARG A 201 -14.81 -6.11 20.85
C ARG A 201 -14.10 -4.77 21.07
N GLU A 202 -13.73 -4.51 22.32
CA GLU A 202 -13.10 -3.24 22.68
C GLU A 202 -11.65 -3.15 22.24
N ARG A 203 -11.21 -1.93 21.95
CA ARG A 203 -9.79 -1.61 21.78
C ARG A 203 -9.06 -2.41 20.70
N TRP A 204 -9.62 -2.43 19.50
CA TRP A 204 -8.91 -2.97 18.34
C TRP A 204 -7.88 -1.94 17.91
N ILE A 205 -6.72 -2.40 17.44
CA ILE A 205 -5.68 -1.48 16.98
C ILE A 205 -5.97 -1.01 15.56
N GLU A 206 -5.96 0.30 15.36
CA GLU A 206 -6.17 0.87 14.04
C GLU A 206 -5.04 1.81 13.64
N ARG A 207 -4.22 1.37 12.69
CA ARG A 207 -3.14 2.19 12.16
C ARG A 207 -3.60 2.89 10.89
N ARG A 208 -3.46 4.22 10.88
CA ARG A 208 -3.86 5.01 9.71
C ARG A 208 -2.82 6.10 9.43
N PRO A 209 -2.67 6.46 8.15
CA PRO A 209 -1.80 7.59 7.82
C PRO A 209 -2.46 8.90 8.24
N LEU A 210 -1.66 9.92 8.50
CA LEU A 210 -2.21 11.22 8.84
C LEU A 210 -2.78 11.90 7.61
N VAL A 211 -3.87 12.66 7.80
CA VAL A 211 -4.43 13.47 6.73
C VAL A 211 -4.08 14.94 6.98
N THR A 212 -4.05 15.74 5.92
CA THR A 212 -3.87 17.18 6.08
C THR A 212 -5.21 17.77 6.45
N GLY A 213 -5.46 17.87 7.75
CA GLY A 213 -6.74 18.33 8.25
C GLY A 213 -6.93 17.86 9.69
N VAL A 214 -8.14 17.43 10.01
CA VAL A 214 -8.46 17.02 11.37
C VAL A 214 -8.81 15.54 11.47
N GLN A 215 -8.14 14.86 12.40
CA GLN A 215 -8.50 13.49 12.77
C GLN A 215 -8.68 13.44 14.27
N ALA A 216 -9.67 12.67 14.74
CA ALA A 216 -9.94 12.60 16.17
C ALA A 216 -10.66 11.34 16.61
N ALA A 217 -10.32 10.88 17.81
CA ALA A 217 -11.11 9.87 18.50
C ALA A 217 -11.73 10.57 19.70
N GLU A 218 -13.00 10.31 19.96
CA GLU A 218 -13.69 10.98 21.06
C GLU A 218 -14.86 10.18 21.61
N SER A 219 -15.38 10.64 22.75
CA SER A 219 -16.54 10.02 23.37
C SER A 219 -17.54 11.09 23.79
N ARG A 220 -18.81 10.87 23.46
CA ARG A 220 -19.87 11.77 23.86
C ARG A 220 -20.88 11.02 24.71
N ARG A 221 -20.42 9.96 25.37
CA ARG A 221 -21.31 9.04 26.07
C ARG A 221 -21.26 9.20 27.59
N GLY A 222 -20.56 10.22 28.07
CA GLY A 222 -20.42 10.45 29.49
C GLY A 222 -19.53 9.40 30.13
N ALA A 223 -18.88 8.60 29.29
CA ALA A 223 -17.97 7.57 29.74
C ALA A 223 -16.94 7.35 28.64
N SER A 224 -15.75 6.88 29.01
CA SER A 224 -14.67 6.67 28.05
C SER A 224 -15.07 5.74 26.91
N SER A 225 -16.02 4.84 27.19
CA SER A 225 -16.73 4.05 26.17
C SER A 225 -15.96 2.88 25.55
N HIS A 226 -16.72 1.92 25.02
CA HIS A 226 -16.17 0.80 24.28
C HIS A 226 -15.82 1.26 22.87
N GLN A 227 -16.45 2.35 22.44
CA GLN A 227 -16.38 2.80 21.05
C GLN A 227 -15.01 3.40 20.70
N GLN A 228 -14.46 4.20 21.61
CA GLN A 228 -13.15 4.80 21.41
C GLN A 228 -12.43 4.91 22.76
N ASN A 229 -11.32 4.20 22.91
CA ASN A 229 -10.53 4.31 24.13
C ASN A 229 -9.77 5.63 24.16
N PRO A 230 -9.75 6.31 25.32
CA PRO A 230 -9.03 7.58 25.45
C PRO A 230 -7.52 7.42 25.32
N PHE A 231 -7.06 7.11 24.12
CA PHE A 231 -5.64 6.98 23.83
C PHE A 231 -5.34 7.10 22.34
N ILE A 232 -4.33 7.90 22.01
CA ILE A 232 -3.84 7.99 20.64
C ILE A 232 -2.32 7.99 20.64
N ALA A 233 -1.74 7.67 19.49
CA ALA A 233 -0.28 7.66 19.37
C ALA A 233 0.19 8.11 17.99
N LEU A 234 1.22 8.94 17.97
CA LEU A 234 1.92 9.27 16.74
C LEU A 234 3.10 8.32 16.60
N VAL A 235 3.12 7.53 15.52
CA VAL A 235 4.20 6.59 15.31
C VAL A 235 4.94 6.90 14.02
N ALA A 236 6.22 6.55 13.97
CA ALA A 236 7.01 6.69 12.75
C ALA A 236 6.45 5.75 11.69
N LYS A 237 6.67 6.11 10.42
CA LYS A 237 6.12 5.34 9.31
C LYS A 237 6.64 3.90 9.30
N ASN A 238 7.87 3.72 9.77
CA ASN A 238 8.49 2.39 9.78
C ASN A 238 8.57 1.78 11.17
N ALA A 239 7.86 2.37 12.12
CA ALA A 239 7.87 1.87 13.49
C ALA A 239 6.95 0.66 13.66
N ASP A 240 7.43 -0.34 14.38
CA ASP A 240 6.62 -1.52 14.67
C ASP A 240 6.58 -1.82 16.16
N GLU A 241 6.42 -3.10 16.50
CA GLU A 241 6.35 -3.50 17.90
C GLU A 241 7.71 -3.47 18.58
N HIS A 242 8.78 -3.54 17.78
CA HIS A 242 10.12 -3.73 18.34
C HIS A 242 11.08 -2.57 18.12
N GLN A 243 10.77 -1.70 17.17
CA GLN A 243 11.65 -0.56 16.89
C GLN A 243 10.87 0.64 16.34
N GLY A 244 11.48 1.82 16.43
CA GLY A 244 10.88 3.02 15.88
C GLY A 244 10.41 3.99 16.94
N GLU A 245 10.29 5.25 16.57
CA GLU A 245 9.86 6.29 17.49
C GLU A 245 8.34 6.33 17.60
N VAL A 246 7.84 6.23 18.83
CA VAL A 246 6.41 6.32 19.07
C VAL A 246 6.10 7.37 20.15
N TYR A 247 5.00 8.09 19.96
CA TYR A 247 4.58 9.10 20.93
C TYR A 247 3.19 8.77 21.44
N GLY A 248 3.10 8.29 22.67
CA GLY A 248 1.83 7.90 23.24
C GLY A 248 1.14 9.01 24.01
N PHE A 249 -0.17 9.09 23.90
CA PHE A 249 -0.97 10.08 24.62
C PHE A 249 -2.12 9.40 25.35
N SER A 250 -2.03 9.36 26.68
CA SER A 250 -3.02 8.65 27.48
C SER A 250 -3.77 9.58 28.43
N PHE A 251 -5.10 9.56 28.34
CA PHE A 251 -5.94 10.45 29.12
C PHE A 251 -6.39 9.79 30.42
N VAL A 252 -6.02 10.39 31.55
CA VAL A 252 -6.42 9.87 32.85
C VAL A 252 -7.78 10.46 33.25
N TYR A 253 -8.83 9.96 32.59
CA TYR A 253 -10.18 10.47 32.78
C TYR A 253 -11.17 9.47 32.23
N SER A 254 -12.32 9.34 32.89
CA SER A 254 -13.26 8.26 32.57
C SER A 254 -14.51 8.74 31.83
N GLY A 255 -14.66 10.05 31.68
CA GLY A 255 -15.83 10.61 31.02
C GLY A 255 -15.58 10.93 29.56
N ASN A 256 -16.28 11.94 29.06
CA ASN A 256 -16.12 12.38 27.67
C ASN A 256 -14.70 12.87 27.42
N PHE A 257 -14.17 12.56 26.24
CA PHE A 257 -12.83 13.00 25.89
C PHE A 257 -12.70 13.42 24.42
N LEU A 258 -11.62 14.10 24.10
CA LEU A 258 -11.27 14.43 22.73
C LEU A 258 -9.78 14.19 22.51
N ALA A 259 -9.47 13.27 21.61
CA ALA A 259 -8.08 13.00 21.25
C ALA A 259 -7.89 13.36 19.77
N GLN A 260 -7.31 14.53 19.54
CA GLN A 260 -7.30 15.12 18.20
C GLN A 260 -5.89 15.37 17.66
N ILE A 261 -5.71 15.09 16.38
CA ILE A 261 -4.47 15.44 15.68
C ILE A 261 -4.81 16.29 14.46
N GLU A 262 -4.30 17.51 14.43
CA GLU A 262 -4.52 18.39 13.29
C GLU A 262 -3.23 18.70 12.54
N VAL A 263 -3.27 18.55 11.22
CA VAL A 263 -2.12 18.86 10.37
C VAL A 263 -2.44 20.07 9.50
N ASP A 264 -1.65 21.14 9.66
CA ASP A 264 -1.94 22.40 9.00
C ASP A 264 -1.25 22.54 7.63
N GLN A 265 -1.34 23.74 7.08
CA GLN A 265 -0.84 24.04 5.74
C GLN A 265 0.68 23.94 5.63
N PHE A 266 1.37 23.89 6.76
CA PHE A 266 2.83 23.89 6.75
C PHE A 266 3.43 22.63 7.36
N GLY A 267 2.66 21.54 7.31
CA GLY A 267 3.16 20.23 7.72
C GLY A 267 3.44 20.07 9.20
N THR A 268 2.85 20.92 10.03
CA THR A 268 2.98 20.75 11.47
C THR A 268 1.80 19.94 11.99
N ALA A 269 2.04 19.17 13.05
CA ALA A 269 1.01 18.31 13.62
C ALA A 269 0.67 18.74 15.04
N ARG A 270 -0.57 19.17 15.24
CA ARG A 270 -1.03 19.56 16.57
C ARG A 270 -1.81 18.43 17.23
N VAL A 271 -1.25 17.90 18.32
CA VAL A 271 -1.90 16.84 19.07
C VAL A 271 -2.44 17.41 20.38
N SER A 272 -3.75 17.34 20.55
CA SER A 272 -4.39 17.86 21.76
C SER A 272 -5.33 16.82 22.36
N MET A 273 -5.41 16.81 23.69
CA MET A 273 -6.22 15.82 24.39
C MET A 273 -6.83 16.43 25.65
N GLY A 274 -8.04 16.01 25.99
CA GLY A 274 -8.71 16.50 27.17
C GLY A 274 -10.19 16.23 27.16
N ILE A 275 -10.92 16.85 28.09
CA ILE A 275 -12.37 16.73 28.14
C ILE A 275 -12.98 17.22 26.84
N ASN A 276 -13.88 16.43 26.27
CA ASN A 276 -14.51 16.77 25.00
C ASN A 276 -15.24 18.11 25.08
N PRO A 277 -14.83 19.07 24.25
CA PRO A 277 -15.46 20.40 24.19
C PRO A 277 -16.93 20.33 23.82
N PHE A 278 -17.31 19.28 23.11
CA PHE A 278 -18.69 19.10 22.67
C PHE A 278 -19.64 18.96 23.84
N ASP A 279 -20.71 19.75 23.82
CA ASP A 279 -21.74 19.74 24.86
C ASP A 279 -21.16 20.09 26.23
N PHE A 280 -20.02 20.76 26.23
CA PHE A 280 -19.33 21.07 27.48
C PHE A 280 -18.99 22.56 27.60
N THR A 281 -19.34 23.13 28.74
CA THR A 281 -18.89 24.45 29.15
C THR A 281 -18.59 24.41 30.64
N TRP A 282 -17.83 25.38 31.13
CA TRP A 282 -17.60 25.50 32.56
C TRP A 282 -17.53 26.97 32.96
N LEU A 283 -18.25 27.33 34.02
CA LEU A 283 -18.35 28.72 34.45
C LEU A 283 -17.42 29.04 35.61
N LEU A 284 -16.55 30.03 35.42
CA LEU A 284 -15.65 30.47 36.48
C LEU A 284 -16.05 31.84 37.00
N GLN A 285 -16.69 31.87 38.16
CA GLN A 285 -16.95 33.12 38.85
C GLN A 285 -15.62 33.64 39.40
N PRO A 286 -15.53 34.96 39.62
CA PRO A 286 -14.32 35.58 40.17
C PRO A 286 -13.85 34.89 41.45
N GLY A 287 -12.76 34.13 41.36
CA GLY A 287 -12.23 33.43 42.51
C GLY A 287 -12.27 31.92 42.35
N GLU A 288 -13.12 31.45 41.44
CA GLU A 288 -13.27 30.02 41.21
C GLU A 288 -12.16 29.49 40.31
N SER A 289 -11.93 28.18 40.38
CA SER A 289 -10.87 27.55 39.59
C SER A 289 -11.38 26.29 38.88
N PHE A 290 -10.67 25.89 37.83
CA PHE A 290 -10.96 24.64 37.15
C PHE A 290 -9.68 23.87 36.87
N GLN A 291 -9.61 22.65 37.39
CA GLN A 291 -8.47 21.77 37.17
C GLN A 291 -8.80 20.70 36.14
N THR A 292 -8.04 20.67 35.05
CA THR A 292 -8.23 19.63 34.04
C THR A 292 -7.59 18.33 34.51
N PRO A 293 -8.13 17.19 34.05
CA PRO A 293 -7.45 15.91 34.27
C PRO A 293 -6.10 15.90 33.57
N GLU A 294 -5.25 14.93 33.88
CA GLU A 294 -3.92 14.90 33.27
C GLU A 294 -3.85 13.96 32.07
N VAL A 295 -2.85 14.19 31.22
CA VAL A 295 -2.56 13.31 30.11
C VAL A 295 -1.14 12.78 30.22
N VAL A 296 -1.00 11.46 30.19
CA VAL A 296 0.32 10.83 30.30
C VAL A 296 0.95 10.66 28.92
N MET A 297 2.02 11.41 28.68
CA MET A 297 2.71 11.37 27.39
C MET A 297 3.99 10.54 27.48
N VAL A 298 4.07 9.49 26.66
CA VAL A 298 5.19 8.57 26.70
C VAL A 298 5.94 8.51 25.37
N TYR A 299 7.26 8.63 25.44
CA TYR A 299 8.09 8.49 24.26
C TYR A 299 8.89 7.19 24.29
N SER A 300 9.07 6.59 23.13
CA SER A 300 9.89 5.40 23.00
C SER A 300 10.51 5.31 21.62
N ASP A 301 11.74 4.81 21.56
CA ASP A 301 12.39 4.53 20.28
C ASP A 301 12.54 3.04 20.11
N GLN A 302 11.87 2.28 20.99
CA GLN A 302 11.89 0.83 20.95
C GLN A 302 10.56 0.28 20.48
N GLY A 303 9.86 1.04 19.64
CA GLY A 303 8.59 0.60 19.07
C GLY A 303 7.44 0.59 20.07
N LEU A 304 6.35 -0.05 19.67
CA LEU A 304 5.12 -0.09 20.46
C LEU A 304 5.28 -0.82 21.79
N ASN A 305 6.09 -1.88 21.81
CA ASN A 305 6.34 -2.60 23.05
C ASN A 305 7.02 -1.74 24.09
N GLY A 306 8.01 -0.95 23.66
CA GLY A 306 8.71 -0.05 24.56
C GLY A 306 7.77 0.97 25.17
N MET A 307 6.82 1.45 24.37
CA MET A 307 5.84 2.41 24.85
C MET A 307 4.93 1.75 25.89
N SER A 308 4.41 0.58 25.54
CA SER A 308 3.48 -0.14 26.41
C SER A 308 4.13 -0.50 27.74
N GLN A 309 5.36 -0.98 27.68
CA GLN A 309 6.09 -1.40 28.88
C GLN A 309 6.30 -0.24 29.84
N THR A 310 6.46 0.96 29.30
CA THR A 310 6.56 2.16 30.12
C THR A 310 5.21 2.45 30.77
N TYR A 311 4.14 2.29 30.00
CA TYR A 311 2.79 2.47 30.51
C TYR A 311 2.43 1.40 31.55
N HIS A 312 2.89 0.17 31.30
CA HIS A 312 2.58 -0.95 32.19
C HIS A 312 3.16 -0.76 33.59
N GLU A 313 4.41 -0.31 33.66
CA GLU A 313 5.07 -0.10 34.94
C GLU A 313 4.51 1.13 35.65
N LEU A 314 4.27 2.18 34.89
CA LEU A 314 3.77 3.44 35.45
C LEU A 314 2.39 3.29 36.06
N TYR A 315 1.50 2.61 35.34
CA TYR A 315 0.11 2.50 35.77
C TYR A 315 -0.12 1.44 36.84
N ARG A 316 0.69 0.38 36.81
CA ARG A 316 0.55 -0.69 37.79
C ARG A 316 1.10 -0.28 39.15
N THR A 317 2.16 0.52 39.15
CA THR A 317 2.87 0.86 40.38
C THR A 317 2.71 2.30 40.83
N ARG A 318 2.34 3.19 39.91
CA ARG A 318 2.21 4.61 40.24
C ARG A 318 0.91 5.24 39.74
N LEU A 319 -0.11 4.41 39.53
CA LEU A 319 -1.44 4.91 39.24
C LEU A 319 -2.47 4.13 40.05
N ALA A 320 -2.47 2.81 39.88
CA ALA A 320 -3.30 1.95 40.71
C ALA A 320 -2.81 2.04 42.15
N ARG A 321 -3.75 1.99 43.09
CA ARG A 321 -3.41 2.14 44.50
C ARG A 321 -3.99 1.00 45.32
N GLY A 322 -3.95 1.16 46.64
CA GLY A 322 -4.57 0.21 47.54
C GLY A 322 -3.64 -0.90 47.98
N ALA A 323 -4.17 -1.80 48.81
CA ALA A 323 -3.38 -2.87 49.40
C ALA A 323 -3.11 -4.00 48.41
N PHE A 324 -3.80 -3.98 47.28
CA PHE A 324 -3.67 -5.04 46.28
C PHE A 324 -2.90 -4.59 45.05
N ARG A 325 -2.22 -3.45 45.16
CA ARG A 325 -1.45 -2.90 44.04
C ARG A 325 -0.34 -3.85 43.60
N ASP A 326 0.43 -4.34 44.57
CA ASP A 326 1.58 -5.18 44.29
C ASP A 326 1.31 -6.65 44.62
N ARG A 327 0.10 -6.91 45.12
CA ARG A 327 -0.29 -8.27 45.49
C ARG A 327 -0.77 -9.06 44.27
N GLU A 328 -0.54 -10.37 44.30
CA GLU A 328 -1.01 -11.24 43.23
C GLU A 328 -2.53 -11.33 43.28
N ARG A 329 -3.17 -11.22 42.12
CA ARG A 329 -4.63 -11.20 42.05
C ARG A 329 -5.21 -12.61 42.06
N PRO A 330 -6.33 -12.80 42.79
CA PRO A 330 -6.93 -14.13 43.01
C PRO A 330 -7.60 -14.70 41.76
N ILE A 331 -7.59 -16.03 41.67
CA ILE A 331 -8.30 -16.74 40.63
C ILE A 331 -9.76 -16.91 41.05
N LEU A 332 -10.67 -16.22 40.37
CA LEU A 332 -12.05 -16.17 40.80
C LEU A 332 -12.99 -16.99 39.92
N ILE A 333 -14.19 -17.25 40.43
CA ILE A 333 -15.26 -17.86 39.66
C ILE A 333 -16.50 -16.95 39.68
N ASN A 334 -16.96 -16.58 38.50
CA ASN A 334 -18.14 -15.73 38.38
C ASN A 334 -19.30 -16.54 37.80
N ASN A 335 -20.50 -16.31 38.33
CA ASN A 335 -21.66 -17.11 37.95
C ASN A 335 -22.54 -16.46 36.88
N TRP A 336 -22.09 -15.33 36.33
CA TRP A 336 -22.90 -14.57 35.39
C TRP A 336 -23.29 -15.36 34.13
N GLU A 337 -22.30 -15.78 33.35
CA GLU A 337 -22.59 -16.56 32.15
C GLU A 337 -23.15 -17.94 32.50
N ALA A 338 -22.96 -18.34 33.75
CA ALA A 338 -23.41 -19.65 34.22
C ALA A 338 -24.91 -19.69 34.50
N THR A 339 -25.39 -18.68 35.22
CA THR A 339 -26.77 -18.68 35.71
C THR A 339 -27.54 -17.43 35.34
N TYR A 340 -26.82 -16.35 35.07
CA TYR A 340 -27.42 -15.03 34.86
C TYR A 340 -28.27 -14.60 36.06
N PHE A 341 -29.58 -14.58 35.89
CA PHE A 341 -30.47 -14.18 36.98
C PHE A 341 -31.10 -15.38 37.70
N ASP A 342 -31.01 -16.55 37.06
CA ASP A 342 -31.62 -17.75 37.62
C ASP A 342 -30.67 -18.47 38.59
N PHE A 343 -30.66 -18.00 39.84
CA PHE A 343 -29.85 -18.64 40.87
C PHE A 343 -30.46 -18.40 42.26
N ASN A 344 -30.01 -19.18 43.23
CA ASN A 344 -30.39 -18.97 44.63
C ASN A 344 -29.22 -19.28 45.55
N GLU A 345 -29.46 -19.25 46.86
CA GLU A 345 -28.38 -19.49 47.82
C GLU A 345 -27.78 -20.88 47.72
N GLU A 346 -28.64 -21.90 47.76
CA GLU A 346 -28.17 -23.28 47.78
C GLU A 346 -27.42 -23.66 46.51
N LYS A 347 -27.81 -23.06 45.39
CA LYS A 347 -27.16 -23.32 44.10
C LYS A 347 -25.73 -22.76 44.09
N ILE A 348 -25.49 -21.77 44.94
CA ILE A 348 -24.17 -21.16 45.06
C ILE A 348 -23.28 -21.93 46.02
N VAL A 349 -23.84 -22.31 47.17
CA VAL A 349 -23.06 -23.02 48.19
C VAL A 349 -22.78 -24.48 47.82
N ASN A 350 -23.65 -25.06 47.01
CA ASN A 350 -23.49 -26.45 46.59
C ASN A 350 -22.30 -26.67 45.67
N ILE A 351 -22.12 -25.75 44.72
CA ILE A 351 -21.03 -25.86 43.77
C ILE A 351 -19.74 -25.30 44.37
N ALA A 352 -19.87 -24.50 45.43
CA ALA A 352 -18.73 -23.86 46.08
C ALA A 352 -17.73 -24.87 46.63
N ARG A 353 -18.25 -25.97 47.16
CA ARG A 353 -17.42 -27.04 47.70
C ARG A 353 -16.54 -27.63 46.61
N THR A 354 -17.10 -27.77 45.41
CA THR A 354 -16.37 -28.30 44.26
C THR A 354 -15.30 -27.31 43.80
N GLU A 355 -15.65 -26.02 43.85
CA GLU A 355 -14.75 -24.96 43.40
C GLU A 355 -13.47 -24.89 44.24
N ALA A 356 -13.59 -25.20 45.52
CA ALA A 356 -12.42 -25.23 46.40
C ALA A 356 -11.48 -26.37 46.02
N GLU A 357 -12.07 -27.50 45.64
CA GLU A 357 -11.29 -28.67 45.23
C GLU A 357 -10.51 -28.40 43.95
N LEU A 358 -11.06 -27.56 43.08
CA LEU A 358 -10.43 -27.25 41.80
C LEU A 358 -9.26 -26.26 41.97
N GLY A 359 -9.28 -25.50 43.07
CA GLY A 359 -8.20 -24.58 43.36
C GLY A 359 -8.59 -23.12 43.33
N ILE A 360 -9.86 -22.85 43.08
CA ILE A 360 -10.37 -21.47 43.05
C ILE A 360 -10.17 -20.80 44.41
N GLU A 361 -9.85 -19.52 44.39
CA GLU A 361 -9.57 -18.78 45.62
C GLU A 361 -10.70 -17.82 46.00
N LEU A 362 -11.52 -17.46 45.02
CA LEU A 362 -12.54 -16.45 45.23
C LEU A 362 -13.85 -16.78 44.51
N VAL A 363 -14.97 -16.64 45.23
CA VAL A 363 -16.28 -16.80 44.64
C VAL A 363 -16.98 -15.45 44.53
N VAL A 364 -17.26 -15.04 43.29
CA VAL A 364 -17.90 -13.75 43.07
C VAL A 364 -19.38 -13.89 42.74
N LEU A 365 -20.24 -13.33 43.59
CA LEU A 365 -21.67 -13.30 43.31
C LEU A 365 -21.97 -12.11 42.42
N ASP A 366 -22.58 -12.38 41.26
CA ASP A 366 -22.85 -11.34 40.28
C ASP A 366 -24.24 -10.73 40.41
N ASP A 367 -24.69 -10.07 39.36
CA ASP A 367 -25.96 -9.34 39.36
C ASP A 367 -27.16 -10.25 39.58
N GLY A 368 -28.04 -9.85 40.50
CA GLY A 368 -29.27 -10.58 40.75
C GLY A 368 -29.51 -10.92 42.21
N TRP A 369 -28.69 -10.35 43.10
CA TRP A 369 -28.75 -10.69 44.51
C TRP A 369 -29.60 -9.72 45.32
N PHE A 370 -29.93 -8.59 44.72
CA PHE A 370 -30.55 -7.48 45.44
C PHE A 370 -31.98 -7.19 44.99
N GLY A 371 -32.77 -6.59 45.88
CA GLY A 371 -34.13 -6.17 45.56
C GLY A 371 -35.01 -7.27 45.01
N GLU A 372 -35.49 -7.08 43.79
CA GLU A 372 -36.28 -8.08 43.09
C GLU A 372 -35.62 -8.44 41.77
N ARG A 373 -34.29 -8.31 41.74
CA ARG A 373 -33.51 -8.49 40.52
C ARG A 373 -33.57 -9.93 40.00
N ASP A 374 -34.69 -10.28 39.39
CA ASP A 374 -34.83 -11.57 38.71
C ASP A 374 -34.66 -11.35 37.21
N ASP A 375 -34.59 -10.07 36.84
CA ASP A 375 -34.33 -9.66 35.46
C ASP A 375 -33.58 -8.34 35.47
N ASP A 376 -33.23 -7.84 34.29
CA ASP A 376 -32.50 -6.56 34.20
C ASP A 376 -33.47 -5.41 33.95
N ARG A 377 -34.58 -5.40 34.69
CA ARG A 377 -35.63 -4.43 34.47
C ARG A 377 -36.09 -3.74 35.76
N ARG A 378 -35.36 -3.96 36.85
CA ARG A 378 -35.79 -3.44 38.14
C ARG A 378 -34.69 -3.42 39.21
N SER A 379 -35.04 -2.87 40.36
CA SER A 379 -34.23 -2.99 41.58
C SER A 379 -32.91 -2.22 41.64
N LEU A 380 -32.45 -1.68 40.52
CA LEU A 380 -31.24 -0.86 40.53
C LEU A 380 -31.46 0.37 41.39
N GLY A 381 -30.69 0.47 42.48
CA GLY A 381 -30.88 1.54 43.45
C GLY A 381 -31.28 0.98 44.80
N ASP A 382 -31.93 -0.18 44.78
CA ASP A 382 -32.35 -0.85 46.01
C ASP A 382 -31.32 -1.91 46.42
N TRP A 383 -30.29 -1.47 47.14
CA TRP A 383 -29.19 -2.36 47.50
C TRP A 383 -29.44 -3.08 48.82
N ILE A 384 -30.47 -3.92 48.83
CA ILE A 384 -30.83 -4.72 49.98
C ILE A 384 -30.94 -6.18 49.51
N VAL A 385 -30.44 -7.09 50.34
CA VAL A 385 -30.46 -8.52 50.00
C VAL A 385 -31.88 -9.02 49.75
N ASN A 386 -32.03 -9.85 48.72
CA ASN A 386 -33.30 -10.53 48.46
C ASN A 386 -33.39 -11.82 49.27
N ARG A 387 -34.14 -11.78 50.37
CA ARG A 387 -34.24 -12.92 51.27
C ARG A 387 -34.93 -14.13 50.63
N ARG A 388 -35.71 -13.88 49.58
CA ARG A 388 -36.35 -14.98 48.87
C ARG A 388 -35.30 -15.79 48.13
N LYS A 389 -34.28 -15.10 47.62
CA LYS A 389 -33.22 -15.73 46.85
C LYS A 389 -32.02 -16.08 47.73
N LEU A 390 -31.70 -15.20 48.67
CA LEU A 390 -30.63 -15.47 49.64
C LEU A 390 -31.19 -15.42 51.05
N PRO A 391 -31.82 -16.52 51.50
CA PRO A 391 -32.46 -16.61 52.81
C PRO A 391 -31.52 -16.24 53.96
N ASN A 392 -30.30 -16.74 53.93
CA ASN A 392 -29.32 -16.47 54.98
C ASN A 392 -28.63 -15.13 54.81
N GLY A 393 -28.97 -14.42 53.72
CA GLY A 393 -28.43 -13.10 53.47
C GLY A 393 -27.01 -13.12 52.95
N LEU A 394 -26.40 -11.94 52.90
CA LEU A 394 -25.03 -11.80 52.39
C LEU A 394 -24.01 -12.38 53.37
N ASP A 395 -24.16 -12.06 54.66
CA ASP A 395 -23.25 -12.56 55.67
C ASP A 395 -23.34 -14.08 55.81
N GLY A 396 -24.53 -14.61 55.58
CA GLY A 396 -24.73 -16.05 55.63
C GLY A 396 -24.07 -16.75 54.46
N LEU A 397 -24.19 -16.15 53.28
CA LEU A 397 -23.61 -16.72 52.07
C LEU A 397 -22.09 -16.62 52.08
N ALA A 398 -21.59 -15.49 52.52
CA ALA A 398 -20.15 -15.24 52.56
C ALA A 398 -19.44 -16.19 53.53
N LYS A 399 -20.06 -16.45 54.67
CA LYS A 399 -19.46 -17.30 55.70
C LYS A 399 -19.49 -18.78 55.33
N GLN A 400 -20.53 -19.21 54.63
CA GLN A 400 -20.60 -20.58 54.14
C GLN A 400 -19.55 -20.79 53.06
N VAL A 401 -19.20 -19.71 52.37
CA VAL A 401 -18.18 -19.73 51.35
C VAL A 401 -16.79 -19.71 51.98
N ASN A 402 -16.63 -18.88 53.02
CA ASN A 402 -15.35 -18.75 53.71
C ASN A 402 -14.89 -20.01 54.42
N GLU A 403 -15.84 -20.80 54.92
CA GLU A 403 -15.51 -22.02 55.64
C GLU A 403 -15.13 -23.16 54.69
N LEU A 404 -15.13 -22.87 53.39
CA LEU A 404 -14.69 -23.81 52.39
C LEU A 404 -13.31 -23.40 51.86
N GLY A 405 -12.77 -22.33 52.43
CA GLY A 405 -11.49 -21.81 52.00
C GLY A 405 -11.60 -20.95 50.76
N LEU A 406 -12.73 -20.24 50.64
CA LEU A 406 -12.99 -19.38 49.49
C LEU A 406 -13.34 -17.97 49.94
N GLN A 407 -12.81 -16.98 49.22
CA GLN A 407 -13.17 -15.60 49.49
C GLN A 407 -14.54 -15.31 48.89
N PHE A 408 -15.17 -14.23 49.32
CA PHE A 408 -16.48 -13.84 48.79
C PHE A 408 -16.43 -12.47 48.11
N GLY A 409 -17.00 -12.38 46.92
CA GLY A 409 -17.04 -11.13 46.17
C GLY A 409 -18.45 -10.74 45.80
N LEU A 410 -18.69 -9.45 45.63
CA LEU A 410 -20.03 -8.94 45.34
C LEU A 410 -20.06 -7.99 44.15
N TRP A 411 -21.15 -8.03 43.40
CA TRP A 411 -21.35 -7.18 42.22
C TRP A 411 -22.26 -6.01 42.57
N VAL A 412 -21.87 -4.80 42.16
CA VAL A 412 -22.69 -3.62 42.38
C VAL A 412 -22.71 -2.70 41.16
N GLU A 413 -23.82 -1.98 40.99
CA GLU A 413 -23.92 -0.95 39.96
C GLU A 413 -24.56 0.31 40.56
N PRO A 414 -23.79 1.01 41.42
CA PRO A 414 -24.31 2.10 42.26
C PRO A 414 -24.67 3.38 41.50
N GLU A 415 -24.21 3.51 40.26
CA GLU A 415 -24.44 4.74 39.49
C GLU A 415 -25.80 4.74 38.80
N MET A 416 -26.52 3.63 38.90
CA MET A 416 -27.76 3.46 38.14
C MET A 416 -29.00 3.33 39.01
N VAL A 417 -30.12 3.76 38.47
CA VAL A 417 -31.41 3.60 39.15
C VAL A 417 -32.46 3.06 38.17
N SER A 418 -33.16 2.02 38.57
CA SER A 418 -34.25 1.47 37.77
C SER A 418 -35.51 2.30 37.98
N PRO A 419 -36.23 2.58 36.88
CA PRO A 419 -37.55 3.23 36.97
C PRO A 419 -38.45 2.44 37.90
N ASN A 420 -38.36 1.11 37.83
CA ASN A 420 -39.07 0.25 38.76
C ASN A 420 -38.20 -0.08 39.98
N SER A 421 -38.16 0.85 40.93
CA SER A 421 -37.40 0.65 42.16
C SER A 421 -37.96 1.54 43.26
N GLU A 422 -37.62 1.21 44.51
CA GLU A 422 -38.03 2.03 45.65
C GLU A 422 -37.36 3.39 45.61
N LEU A 423 -36.11 3.41 45.14
CA LEU A 423 -35.33 4.65 45.08
C LEU A 423 -35.95 5.65 44.11
N TYR A 424 -36.41 5.17 42.98
CA TYR A 424 -36.99 6.05 41.96
C TYR A 424 -38.37 6.57 42.38
N ARG A 425 -39.15 5.72 43.03
CA ARG A 425 -40.47 6.12 43.51
C ARG A 425 -40.37 7.12 44.66
N LYS A 426 -39.21 7.17 45.29
CA LYS A 426 -38.97 8.09 46.40
C LYS A 426 -38.20 9.32 45.93
N HIS A 427 -37.28 9.12 45.00
CA HIS A 427 -36.48 10.22 44.45
C HIS A 427 -36.39 10.15 42.92
N PRO A 428 -37.49 10.48 42.23
CA PRO A 428 -37.54 10.36 40.77
C PRO A 428 -36.60 11.32 40.04
N ASP A 429 -36.29 12.45 40.67
CA ASP A 429 -35.46 13.47 40.04
C ASP A 429 -33.99 13.34 40.42
N TRP A 430 -33.62 12.25 41.10
CA TRP A 430 -32.22 11.99 41.43
C TRP A 430 -31.45 11.47 40.23
N CYS A 431 -32.16 11.20 39.15
CA CYS A 431 -31.53 10.71 37.93
C CYS A 431 -31.13 11.88 37.04
N LEU A 432 -30.26 11.61 36.08
CA LEU A 432 -29.92 12.61 35.07
C LEU A 432 -31.13 12.79 34.17
N HIS A 433 -31.55 14.05 34.01
CA HIS A 433 -32.73 14.35 33.22
C HIS A 433 -32.79 15.82 32.86
N VAL A 434 -33.62 16.14 31.86
CA VAL A 434 -33.89 17.53 31.50
C VAL A 434 -35.40 17.75 31.52
N PRO A 435 -35.83 18.96 31.91
CA PRO A 435 -37.26 19.28 32.07
C PRO A 435 -38.11 18.98 30.83
N ASN A 436 -39.29 18.39 31.05
CA ASN A 436 -40.29 18.18 30.01
C ASN A 436 -39.86 17.27 28.85
N ARG A 437 -38.87 16.42 29.09
CA ARG A 437 -38.40 15.51 28.05
C ARG A 437 -38.52 14.07 28.49
N PRO A 438 -38.92 13.18 27.56
CA PRO A 438 -39.02 11.75 27.85
C PRO A 438 -37.69 11.20 28.35
N ARG A 439 -37.74 10.42 29.43
CA ARG A 439 -36.52 9.90 30.03
C ARG A 439 -36.12 8.58 29.37
N SER A 440 -35.23 8.67 28.38
CA SER A 440 -34.80 7.51 27.63
C SER A 440 -33.99 6.55 28.49
N GLU A 441 -34.16 5.26 28.23
CA GLU A 441 -33.52 4.23 29.04
C GLU A 441 -32.50 3.43 28.24
N GLY A 442 -31.50 2.92 28.96
CA GLY A 442 -30.57 1.96 28.41
C GLY A 442 -30.59 0.73 29.30
N ARG A 443 -30.95 -0.41 28.74
CA ARG A 443 -31.14 -1.64 29.50
C ARG A 443 -32.16 -1.43 30.63
N ASN A 444 -33.25 -0.74 30.31
CA ASN A 444 -34.36 -0.50 31.24
C ASN A 444 -33.95 0.18 32.54
N GLN A 445 -33.00 1.12 32.45
CA GLN A 445 -32.53 1.83 33.64
C GLN A 445 -32.14 3.27 33.33
N LEU A 446 -31.99 4.07 34.38
CA LEU A 446 -31.58 5.46 34.25
C LEU A 446 -30.28 5.71 35.01
N VAL A 447 -29.66 6.85 34.75
CA VAL A 447 -28.38 7.20 35.38
C VAL A 447 -28.58 8.18 36.54
N LEU A 448 -28.06 7.84 37.70
CA LEU A 448 -28.15 8.72 38.87
C LEU A 448 -27.32 9.98 38.67
N ASP A 449 -27.77 11.08 39.26
CA ASP A 449 -27.08 12.36 39.16
C ASP A 449 -25.96 12.45 40.18
N TYR A 450 -24.76 12.04 39.79
CA TYR A 450 -23.61 12.10 40.69
C TYR A 450 -23.01 13.51 40.78
N SER A 451 -23.63 14.48 40.13
CA SER A 451 -23.19 15.86 40.24
C SER A 451 -23.75 16.49 41.52
N ARG A 452 -24.74 15.82 42.10
CA ARG A 452 -25.38 16.29 43.32
C ARG A 452 -24.73 15.67 44.55
N GLU A 453 -24.64 16.45 45.63
CA GLU A 453 -24.01 15.97 46.84
C GLU A 453 -24.88 14.97 47.60
N ASP A 454 -26.18 15.22 47.63
CA ASP A 454 -27.11 14.34 48.33
C ASP A 454 -27.13 12.93 47.73
N VAL A 455 -27.07 12.85 46.40
CA VAL A 455 -27.06 11.57 45.70
C VAL A 455 -25.78 10.80 46.00
N CYS A 456 -24.65 11.49 45.95
CA CYS A 456 -23.36 10.88 46.23
C CYS A 456 -23.23 10.41 47.67
N ASP A 457 -23.64 11.26 48.60
CA ASP A 457 -23.56 10.94 50.02
C ASP A 457 -24.41 9.71 50.36
N TYR A 458 -25.59 9.62 49.74
CA TYR A 458 -26.47 8.49 49.95
C TYR A 458 -25.83 7.19 49.46
N ILE A 459 -25.25 7.24 48.26
CA ILE A 459 -24.60 6.07 47.68
C ILE A 459 -23.40 5.64 48.53
N ILE A 460 -22.53 6.59 48.86
CA ILE A 460 -21.36 6.31 49.68
C ILE A 460 -21.76 5.62 50.98
N GLU A 461 -22.76 6.16 51.65
CA GLU A 461 -23.23 5.59 52.92
C GLU A 461 -23.85 4.21 52.70
N THR A 462 -24.72 4.10 51.71
CA THR A 462 -25.45 2.86 51.45
C THR A 462 -24.53 1.71 51.02
N ILE A 463 -23.66 1.98 50.06
CA ILE A 463 -22.77 0.95 49.54
C ILE A 463 -21.73 0.49 50.57
N SER A 464 -21.19 1.44 51.34
CA SER A 464 -20.21 1.12 52.37
C SER A 464 -20.81 0.22 53.45
N ASN A 465 -22.06 0.50 53.83
CA ASN A 465 -22.75 -0.31 54.83
C ASN A 465 -22.98 -1.74 54.34
N VAL A 466 -23.35 -1.86 53.07
CA VAL A 466 -23.57 -3.18 52.47
C VAL A 466 -22.27 -3.97 52.41
N LEU A 467 -21.20 -3.31 51.97
CA LEU A 467 -19.90 -3.95 51.84
C LEU A 467 -19.29 -4.31 53.18
N ALA A 468 -19.89 -3.82 54.27
CA ALA A 468 -19.40 -4.11 55.61
C ALA A 468 -20.33 -5.08 56.34
N SER A 469 -21.47 -5.37 55.74
CA SER A 469 -22.46 -6.27 56.35
C SER A 469 -22.05 -7.73 56.21
N ALA A 470 -20.96 -7.97 55.50
CA ALA A 470 -20.48 -9.33 55.25
C ALA A 470 -18.98 -9.33 55.02
N PRO A 471 -18.31 -10.45 55.30
CA PRO A 471 -16.87 -10.56 55.01
C PRO A 471 -16.60 -10.58 53.50
N ILE A 472 -16.77 -9.43 52.86
CA ILE A 472 -16.55 -9.30 51.43
C ILE A 472 -15.17 -8.71 51.16
N THR A 473 -14.38 -9.42 50.35
CA THR A 473 -13.01 -8.98 50.06
C THR A 473 -12.83 -8.61 48.59
N TYR A 474 -13.93 -8.67 47.83
CA TYR A 474 -13.88 -8.35 46.41
C TYR A 474 -15.17 -7.68 45.96
N VAL A 475 -15.03 -6.62 45.17
CA VAL A 475 -16.20 -5.92 44.63
C VAL A 475 -16.06 -5.66 43.14
N LYS A 476 -17.10 -6.00 42.39
CA LYS A 476 -17.14 -5.75 40.95
C LYS A 476 -18.08 -4.58 40.67
N TRP A 477 -17.49 -3.41 40.42
CA TRP A 477 -18.25 -2.18 40.17
C TRP A 477 -18.61 -2.06 38.69
N ASP A 478 -19.89 -2.20 38.39
CA ASP A 478 -20.35 -2.26 37.00
C ASP A 478 -21.14 -1.01 36.60
N MET A 479 -21.29 -0.81 35.28
CA MET A 479 -22.11 0.26 34.74
C MET A 479 -22.55 -0.08 33.32
N ASN A 480 -23.84 -0.23 33.10
CA ASN A 480 -24.33 -0.78 31.83
C ASN A 480 -25.13 0.18 30.94
N ARG A 481 -24.81 1.46 31.00
CA ARG A 481 -25.56 2.45 30.22
C ARG A 481 -24.78 3.75 30.03
N HIS A 482 -24.98 4.39 28.89
CA HIS A 482 -24.39 5.70 28.63
C HIS A 482 -25.42 6.82 28.80
N MET A 483 -24.96 8.01 29.14
CA MET A 483 -25.83 9.13 29.50
C MET A 483 -26.66 9.70 28.35
N THR A 484 -27.94 9.96 28.63
CA THR A 484 -28.81 10.69 27.71
C THR A 484 -29.62 11.69 28.51
N GLU A 485 -30.16 12.69 27.83
CA GLU A 485 -30.89 13.78 28.48
C GLU A 485 -30.06 14.37 29.61
N ILE A 486 -28.81 14.65 29.30
CA ILE A 486 -27.83 15.11 30.29
C ILE A 486 -28.22 16.43 30.93
N GLY A 487 -28.54 16.39 32.22
CA GLY A 487 -28.93 17.58 32.96
C GLY A 487 -29.05 17.32 34.44
N SER A 488 -29.02 18.39 35.23
CA SER A 488 -29.12 18.29 36.67
C SER A 488 -30.15 19.26 37.23
N SER A 489 -30.95 18.80 38.17
CA SER A 489 -31.98 19.63 38.79
C SER A 489 -31.38 20.62 39.77
N ALA A 490 -30.22 20.27 40.32
CA ALA A 490 -29.57 21.09 41.33
C ALA A 490 -28.57 22.07 40.72
N LEU A 491 -28.62 22.23 39.41
CA LEU A 491 -27.74 23.17 38.71
C LEU A 491 -28.53 24.23 37.96
N PRO A 492 -28.10 25.50 38.07
CA PRO A 492 -28.70 26.61 37.34
C PRO A 492 -28.47 26.45 35.83
N PRO A 493 -29.32 27.08 35.00
CA PRO A 493 -29.22 26.97 33.54
C PRO A 493 -27.83 27.22 32.98
N GLU A 494 -27.11 28.19 33.54
CA GLU A 494 -25.80 28.57 33.02
C GLU A 494 -24.68 27.63 33.46
N ARG A 495 -25.04 26.55 34.15
CA ARG A 495 -24.07 25.53 34.56
C ARG A 495 -24.51 24.14 34.12
N GLN A 496 -25.56 24.06 33.30
CA GLN A 496 -26.12 22.79 32.89
C GLN A 496 -25.13 21.92 32.12
N ARG A 497 -24.29 22.53 31.31
CA ARG A 497 -23.33 21.79 30.49
C ARG A 497 -22.13 21.29 31.30
N GLU A 498 -22.14 21.56 32.60
CA GLU A 498 -21.09 21.08 33.49
C GLU A 498 -21.50 19.73 34.09
N THR A 499 -22.72 19.30 33.78
CA THR A 499 -23.30 18.10 34.37
C THR A 499 -22.46 16.86 34.16
N ALA A 500 -22.06 16.62 32.91
CA ALA A 500 -21.29 15.42 32.56
C ALA A 500 -19.99 15.32 33.34
N HIS A 501 -19.25 16.42 33.41
CA HIS A 501 -17.97 16.42 34.13
C HIS A 501 -18.18 16.37 35.64
N ARG A 502 -19.18 17.11 36.13
CA ARG A 502 -19.49 17.11 37.55
C ARG A 502 -19.95 15.72 38.00
N TYR A 503 -20.58 14.99 37.08
CA TYR A 503 -20.96 13.61 37.33
C TYR A 503 -19.72 12.78 37.60
N MET A 504 -18.73 12.92 36.73
CA MET A 504 -17.48 12.18 36.84
C MET A 504 -16.71 12.57 38.09
N LEU A 505 -16.73 13.86 38.42
CA LEU A 505 -16.11 14.34 39.65
C LEU A 505 -16.80 13.74 40.87
N GLY A 506 -18.10 13.53 40.75
CA GLY A 506 -18.88 12.92 41.83
C GLY A 506 -18.53 11.46 42.00
N LEU A 507 -18.49 10.74 40.88
CA LEU A 507 -18.16 9.31 40.89
C LEU A 507 -16.76 9.07 41.47
N TYR A 508 -15.81 9.92 41.07
CA TYR A 508 -14.45 9.82 41.57
C TYR A 508 -14.42 9.98 43.09
N ARG A 509 -15.15 10.98 43.59
CA ARG A 509 -15.23 11.21 45.02
C ARG A 509 -15.93 10.04 45.72
N VAL A 510 -16.97 9.52 45.09
CA VAL A 510 -17.72 8.39 45.63
C VAL A 510 -16.82 7.17 45.74
N MET A 511 -16.14 6.83 44.65
CA MET A 511 -15.23 5.69 44.64
C MET A 511 -14.09 5.85 45.64
N ASP A 512 -13.59 7.08 45.76
CA ASP A 512 -12.48 7.36 46.66
C ASP A 512 -12.86 7.09 48.11
N GLU A 513 -13.98 7.63 48.54
CA GLU A 513 -14.42 7.49 49.93
C GLU A 513 -14.83 6.06 50.27
N ILE A 514 -15.43 5.36 49.31
CA ILE A 514 -15.86 3.98 49.54
C ILE A 514 -14.66 3.03 49.63
N THR A 515 -13.73 3.14 48.70
CA THR A 515 -12.53 2.31 48.73
C THR A 515 -11.65 2.62 49.94
N SER A 516 -11.71 3.86 50.41
CA SER A 516 -10.97 4.27 51.60
C SER A 516 -11.54 3.65 52.87
N ARG A 517 -12.87 3.57 52.94
CA ARG A 517 -13.54 2.96 54.08
C ARG A 517 -13.30 1.46 54.13
N LEU A 518 -13.02 0.87 52.97
CA LEU A 518 -12.84 -0.58 52.87
C LEU A 518 -11.52 -0.93 52.17
N PRO A 519 -10.39 -0.73 52.88
CA PRO A 519 -9.06 -0.95 52.28
C PRO A 519 -8.75 -2.43 52.07
N HIS A 520 -9.46 -3.31 52.76
CA HIS A 520 -9.20 -4.74 52.66
C HIS A 520 -9.99 -5.38 51.51
N ILE A 521 -10.59 -4.55 50.67
CA ILE A 521 -11.37 -5.05 49.55
C ILE A 521 -10.69 -4.78 48.21
N LEU A 522 -10.60 -5.81 47.37
CA LEU A 522 -10.08 -5.67 46.02
C LEU A 522 -11.21 -5.24 45.08
N PHE A 523 -11.10 -4.03 44.55
CA PHE A 523 -12.13 -3.49 43.67
C PHE A 523 -11.77 -3.69 42.19
N GLU A 524 -12.72 -4.21 41.42
CA GLU A 524 -12.55 -4.35 39.99
C GLU A 524 -13.64 -3.57 39.26
N SER A 525 -13.23 -2.58 38.46
CA SER A 525 -14.18 -1.77 37.72
C SER A 525 -14.72 -2.54 36.51
N CYS A 526 -15.96 -2.25 36.15
CA CYS A 526 -16.59 -2.92 35.02
C CYS A 526 -17.58 -1.98 34.35
N SER A 527 -17.82 -2.18 33.07
CA SER A 527 -18.79 -1.36 32.34
C SER A 527 -19.25 -2.08 31.08
N GLY A 528 -20.06 -3.13 31.26
CA GLY A 528 -20.46 -3.98 30.15
C GLY A 528 -19.22 -4.48 29.45
N GLY A 529 -18.25 -4.95 30.22
CA GLY A 529 -16.94 -5.26 29.68
C GLY A 529 -15.99 -4.12 29.95
N GLY A 530 -15.27 -3.70 28.91
CA GLY A 530 -14.29 -2.64 29.05
C GLY A 530 -14.75 -1.28 28.54
N GLY A 531 -15.93 -0.86 28.95
CA GLY A 531 -16.48 0.41 28.54
C GLY A 531 -15.90 1.58 29.32
N ARG A 532 -15.04 1.26 30.29
CA ARG A 532 -14.37 2.28 31.09
C ARG A 532 -12.97 1.82 31.44
N PHE A 533 -12.34 1.06 30.54
CA PHE A 533 -10.96 0.65 30.76
C PHE A 533 -10.05 1.83 30.45
N ASP A 534 -9.93 2.75 31.41
CA ASP A 534 -9.13 3.96 31.26
C ASP A 534 -8.28 4.18 32.51
N PRO A 535 -7.21 4.99 32.39
CA PRO A 535 -6.33 5.24 33.55
C PRO A 535 -7.06 5.81 34.77
N GLY A 536 -8.09 6.63 34.53
CA GLY A 536 -8.85 7.23 35.61
C GLY A 536 -9.50 6.22 36.53
N MET A 537 -10.08 5.18 35.93
CA MET A 537 -10.70 4.11 36.69
C MET A 537 -9.66 3.23 37.37
N LEU A 538 -8.49 3.14 36.75
CA LEU A 538 -7.42 2.29 37.27
C LEU A 538 -6.86 2.86 38.57
N TYR A 539 -6.95 4.18 38.72
CA TYR A 539 -6.50 4.87 39.91
C TYR A 539 -7.32 4.47 41.15
N TYR A 540 -8.60 4.22 40.93
CA TYR A 540 -9.51 3.89 42.03
C TYR A 540 -9.71 2.40 42.18
N MET A 541 -9.54 1.65 41.09
CA MET A 541 -9.70 0.20 41.12
C MET A 541 -8.60 -0.47 40.30
N PRO A 542 -7.72 -1.24 40.99
CA PRO A 542 -6.47 -1.78 40.45
C PRO A 542 -6.63 -2.81 39.34
N GLN A 543 -7.85 -3.20 39.01
CA GLN A 543 -8.08 -4.09 37.88
C GLN A 543 -9.44 -3.86 37.22
N THR A 544 -9.62 -4.44 36.04
CA THR A 544 -10.79 -4.15 35.23
C THR A 544 -11.25 -5.37 34.44
N TRP A 545 -12.56 -5.59 34.40
CA TRP A 545 -13.12 -6.63 33.55
C TRP A 545 -12.99 -6.19 32.09
N THR A 546 -12.11 -6.87 31.35
CA THR A 546 -11.69 -6.43 30.03
C THR A 546 -12.81 -6.34 28.99
N SER A 547 -13.61 -7.39 28.88
CA SER A 547 -14.68 -7.43 27.88
C SER A 547 -15.73 -8.49 28.20
N ASP A 548 -16.97 -8.23 27.81
CA ASP A 548 -18.05 -9.21 27.99
C ASP A 548 -17.86 -10.38 27.04
N ASN A 549 -17.21 -10.12 25.92
CA ASN A 549 -16.82 -11.17 25.00
C ASN A 549 -15.74 -12.04 25.64
N THR A 550 -16.10 -13.28 25.96
CA THR A 550 -15.17 -14.17 26.65
C THR A 550 -14.67 -15.30 25.75
N ASP A 551 -14.88 -15.13 24.44
CA ASP A 551 -14.39 -16.12 23.48
C ASP A 551 -12.87 -16.04 23.37
N ALA A 552 -12.23 -17.20 23.35
CA ALA A 552 -10.76 -17.27 23.32
C ALA A 552 -10.16 -16.57 22.10
N VAL A 553 -10.76 -16.80 20.94
CA VAL A 553 -10.26 -16.20 19.70
C VAL A 553 -10.52 -14.70 19.65
N SER A 554 -11.72 -14.29 20.05
CA SER A 554 -12.07 -12.87 20.09
C SER A 554 -11.23 -12.12 21.11
N ARG A 555 -10.86 -12.81 22.20
CA ARG A 555 -10.04 -12.20 23.24
C ARG A 555 -8.61 -11.97 22.79
N LEU A 556 -8.22 -12.57 21.67
CA LEU A 556 -6.89 -12.34 21.13
C LEU A 556 -6.73 -10.89 20.71
N LYS A 557 -7.67 -10.39 19.91
CA LYS A 557 -7.64 -8.99 19.48
C LYS A 557 -7.85 -8.03 20.65
N ILE A 558 -8.83 -8.35 21.50
CA ILE A 558 -9.18 -7.49 22.61
C ILE A 558 -8.04 -7.30 23.60
N GLN A 559 -7.43 -8.40 24.01
CA GLN A 559 -6.34 -8.33 24.98
C GLN A 559 -5.07 -7.74 24.37
N TYR A 560 -4.84 -8.03 23.10
CA TYR A 560 -3.68 -7.48 22.38
C TYR A 560 -3.75 -5.96 22.35
N GLY A 561 -4.91 -5.43 21.98
CA GLY A 561 -5.10 -4.00 21.92
C GLY A 561 -5.13 -3.33 23.27
N THR A 562 -5.66 -4.04 24.27
CA THR A 562 -5.74 -3.51 25.62
C THR A 562 -4.35 -3.35 26.24
N SER A 563 -3.47 -4.32 25.95
CA SER A 563 -2.12 -4.34 26.50
C SER A 563 -1.24 -3.22 25.95
N LEU A 564 -1.72 -2.54 24.91
CA LEU A 564 -0.99 -1.44 24.31
C LEU A 564 -0.76 -0.30 25.31
N VAL A 565 -1.71 -0.13 26.23
CA VAL A 565 -1.62 0.94 27.22
C VAL A 565 -1.71 0.39 28.65
N TYR A 566 -2.53 -0.63 28.84
CA TYR A 566 -2.86 -1.10 30.19
C TYR A 566 -2.13 -2.38 30.56
N PRO A 567 -1.65 -2.45 31.82
CA PRO A 567 -0.87 -3.60 32.31
C PRO A 567 -1.70 -4.87 32.40
N ILE A 568 -1.04 -6.00 32.23
CA ILE A 568 -1.70 -7.31 32.30
C ILE A 568 -2.41 -7.52 33.65
N SER A 569 -1.85 -6.94 34.71
CA SER A 569 -2.39 -7.10 36.06
C SER A 569 -3.82 -6.60 36.19
N ALA A 570 -4.21 -5.66 35.34
CA ALA A 570 -5.56 -5.10 35.38
C ALA A 570 -6.48 -5.73 34.35
N MET A 571 -5.92 -6.62 33.54
CA MET A 571 -6.65 -7.18 32.40
C MET A 571 -7.35 -8.49 32.76
N GLY A 572 -8.56 -8.37 33.32
CA GLY A 572 -9.33 -9.54 33.70
C GLY A 572 -9.70 -10.42 32.52
N ALA A 573 -9.58 -11.73 32.71
CA ALA A 573 -9.92 -12.69 31.67
C ALA A 573 -10.48 -13.96 32.29
N HIS A 574 -11.63 -14.41 31.80
CA HIS A 574 -12.29 -15.58 32.36
C HIS A 574 -12.43 -16.68 31.33
N VAL A 575 -12.24 -17.92 31.78
CA VAL A 575 -12.53 -19.08 30.95
C VAL A 575 -14.03 -19.32 30.95
N SER A 576 -14.63 -19.29 29.76
CA SER A 576 -16.06 -19.45 29.63
C SER A 576 -16.43 -20.73 28.88
N ALA A 577 -17.72 -21.06 28.91
CA ALA A 577 -18.21 -22.29 28.29
C ALA A 577 -18.36 -22.12 26.78
N VAL A 578 -18.46 -23.25 26.08
CA VAL A 578 -18.68 -23.25 24.64
C VAL A 578 -19.94 -24.04 24.28
N PRO A 579 -20.64 -23.63 23.21
CA PRO A 579 -20.38 -22.50 22.31
C PRO A 579 -20.48 -21.15 23.03
N ASN A 580 -19.60 -20.23 22.69
CA ASN A 580 -19.55 -18.92 23.33
C ASN A 580 -20.87 -18.17 23.25
N HIS A 581 -21.23 -17.48 24.32
CA HIS A 581 -22.54 -16.83 24.41
C HIS A 581 -22.62 -15.55 23.56
N GLN A 582 -21.48 -15.06 23.09
CA GLN A 582 -21.44 -13.83 22.32
C GLN A 582 -21.27 -14.07 20.81
N VAL A 583 -20.48 -15.08 20.46
CA VAL A 583 -20.19 -15.34 19.05
C VAL A 583 -20.62 -16.73 18.59
N GLY A 584 -20.76 -17.66 19.54
CA GLY A 584 -21.17 -19.01 19.21
C GLY A 584 -20.03 -19.90 18.76
N ARG A 585 -18.81 -19.39 18.88
CA ARG A 585 -17.62 -20.14 18.48
C ARG A 585 -17.31 -21.25 19.48
N VAL A 586 -16.87 -22.39 18.97
CA VAL A 586 -16.42 -23.50 19.81
C VAL A 586 -14.91 -23.63 19.76
N ALA A 587 -14.26 -23.31 20.89
CA ALA A 587 -12.81 -23.47 21.01
C ALA A 587 -12.52 -24.39 22.18
N SER A 588 -11.39 -25.09 22.10
CA SER A 588 -11.04 -26.06 23.14
C SER A 588 -10.74 -25.37 24.47
N LEU A 589 -10.97 -26.11 25.56
CA LEU A 589 -10.76 -25.58 26.90
C LEU A 589 -9.29 -25.20 27.13
N LYS A 590 -8.38 -25.91 26.47
CA LYS A 590 -6.96 -25.65 26.61
C LYS A 590 -6.59 -24.26 26.09
N THR A 591 -7.13 -23.90 24.93
CA THR A 591 -6.85 -22.61 24.34
C THR A 591 -7.57 -21.48 25.08
N ARG A 592 -8.79 -21.77 25.54
CA ARG A 592 -9.52 -20.83 26.38
C ARG A 592 -8.74 -20.53 27.65
N GLY A 593 -8.13 -21.57 28.21
CA GLY A 593 -7.28 -21.42 29.38
C GLY A 593 -6.04 -20.60 29.06
N HIS A 594 -5.37 -20.94 27.96
CA HIS A 594 -4.14 -20.25 27.57
C HIS A 594 -4.35 -18.77 27.28
N VAL A 595 -5.51 -18.42 26.72
CA VAL A 595 -5.83 -17.03 26.47
C VAL A 595 -6.08 -16.28 27.79
N ALA A 596 -6.87 -16.90 28.66
CA ALA A 596 -7.22 -16.29 29.94
C ALA A 596 -6.02 -16.19 30.89
N MET A 597 -5.03 -17.06 30.69
CA MET A 597 -3.81 -17.02 31.49
C MET A 597 -2.89 -15.89 31.03
N SER A 598 -3.19 -15.32 29.86
CA SER A 598 -2.40 -14.22 29.34
C SER A 598 -2.87 -12.89 29.92
N GLY A 599 -3.79 -12.98 30.88
CA GLY A 599 -4.27 -11.81 31.59
C GLY A 599 -4.54 -12.15 33.05
N ASN A 600 -5.32 -11.31 33.71
CA ASN A 600 -5.77 -11.58 35.07
C ASN A 600 -6.74 -12.77 35.04
N PHE A 601 -6.20 -13.95 35.37
CA PHE A 601 -6.91 -15.21 35.16
C PHE A 601 -8.08 -15.45 36.11
N GLY A 602 -9.15 -16.01 35.57
CA GLY A 602 -10.34 -16.34 36.35
C GLY A 602 -11.27 -17.26 35.59
N TYR A 603 -12.41 -17.58 36.19
CA TYR A 603 -13.39 -18.47 35.56
C TYR A 603 -14.80 -17.89 35.58
N GLU A 604 -15.58 -18.21 34.55
CA GLU A 604 -16.96 -17.77 34.47
C GLU A 604 -17.77 -18.73 33.60
N LEU A 605 -18.18 -19.85 34.19
CA LEU A 605 -18.95 -20.87 33.48
C LEU A 605 -19.63 -21.83 34.45
N ASP A 606 -20.69 -22.49 33.98
CA ASP A 606 -21.41 -23.46 34.79
C ASP A 606 -20.58 -24.72 34.95
N ILE A 607 -20.02 -24.91 36.15
CA ILE A 607 -19.17 -26.06 36.43
C ILE A 607 -19.97 -27.36 36.40
N THR A 608 -21.23 -27.29 36.81
CA THR A 608 -22.10 -28.46 36.85
C THR A 608 -22.35 -29.05 35.46
N LYS A 609 -22.15 -28.24 34.43
CA LYS A 609 -22.36 -28.71 33.05
C LYS A 609 -21.05 -29.21 32.42
N LEU A 610 -19.95 -29.09 33.15
CA LEU A 610 -18.65 -29.56 32.65
C LEU A 610 -18.53 -31.07 32.77
N THR A 611 -17.81 -31.67 31.82
CA THR A 611 -17.54 -33.11 31.85
C THR A 611 -16.39 -33.39 32.80
N GLU A 612 -16.18 -34.67 33.09
CA GLU A 612 -15.09 -35.09 33.99
C GLU A 612 -13.73 -34.67 33.43
N THR A 613 -13.56 -34.85 32.12
CA THR A 613 -12.32 -34.47 31.46
C THR A 613 -12.07 -32.97 31.56
N GLU A 614 -13.12 -32.18 31.42
CA GLU A 614 -13.01 -30.73 31.45
C GLU A 614 -12.67 -30.19 32.84
N LYS A 615 -13.20 -30.84 33.89
CA LYS A 615 -12.91 -30.42 35.25
C LYS A 615 -11.49 -30.77 35.67
N GLN A 616 -10.96 -31.85 35.11
CA GLN A 616 -9.58 -32.26 35.39
C GLN A 616 -8.62 -31.21 34.84
N MET A 617 -8.82 -30.83 33.58
CA MET A 617 -7.98 -29.83 32.93
C MET A 617 -8.07 -28.49 33.66
N MET A 618 -9.27 -28.18 34.13
CA MET A 618 -9.51 -26.95 34.87
C MET A 618 -8.67 -26.88 36.14
N LYS A 619 -8.56 -28.01 36.84
CA LYS A 619 -7.76 -28.08 38.06
C LYS A 619 -6.28 -27.86 37.75
N GLN A 620 -5.82 -28.44 36.65
CA GLN A 620 -4.43 -28.29 36.25
C GLN A 620 -4.16 -26.86 35.79
N GLN A 621 -5.17 -26.26 35.16
CA GLN A 621 -5.08 -24.88 34.73
C GLN A 621 -4.88 -23.93 35.91
N VAL A 622 -5.66 -24.15 36.96
CA VAL A 622 -5.56 -23.33 38.16
C VAL A 622 -4.19 -23.46 38.81
N ALA A 623 -3.71 -24.70 38.94
CA ALA A 623 -2.42 -24.95 39.56
C ALA A 623 -1.28 -24.35 38.74
N PHE A 624 -1.37 -24.47 37.43
CA PHE A 624 -0.33 -23.97 36.54
C PHE A 624 -0.22 -22.45 36.59
N TYR A 625 -1.36 -21.77 36.59
CA TYR A 625 -1.36 -20.30 36.60
C TYR A 625 -0.80 -19.74 37.89
N LYS A 626 -1.00 -20.47 38.99
CA LYS A 626 -0.47 -20.05 40.29
C LYS A 626 1.05 -20.03 40.29
N ASP A 627 1.66 -20.90 39.47
CA ASP A 627 3.11 -20.97 39.37
C ASP A 627 3.68 -19.80 38.58
N VAL A 628 2.88 -19.26 37.66
CA VAL A 628 3.35 -18.19 36.78
C VAL A 628 2.58 -16.88 36.98
N ARG A 629 1.76 -16.83 38.02
CA ARG A 629 0.92 -15.66 38.29
C ARG A 629 1.73 -14.38 38.50
N ARG A 630 2.80 -14.48 39.28
CA ARG A 630 3.66 -13.32 39.52
C ARG A 630 4.33 -12.87 38.23
N LEU A 631 4.73 -13.84 37.41
CA LEU A 631 5.38 -13.55 36.14
C LEU A 631 4.43 -12.85 35.17
N VAL A 632 3.22 -13.38 35.05
CA VAL A 632 2.22 -12.84 34.14
C VAL A 632 1.71 -11.46 34.58
N GLN A 633 1.44 -11.31 35.87
CA GLN A 633 0.82 -10.09 36.37
C GLN A 633 1.80 -8.96 36.67
N PHE A 634 3.07 -9.29 36.89
CA PHE A 634 4.05 -8.28 37.28
C PHE A 634 5.33 -8.30 36.45
N GLY A 635 5.35 -9.11 35.39
CA GLY A 635 6.52 -9.20 34.54
C GLY A 635 6.44 -8.29 33.33
N THR A 636 7.52 -8.23 32.56
CA THR A 636 7.58 -7.39 31.37
C THR A 636 6.86 -8.07 30.22
N PHE A 637 5.97 -7.33 29.57
CA PHE A 637 5.15 -7.88 28.49
C PHE A 637 5.71 -7.55 27.11
N TYR A 638 5.85 -8.57 26.27
CA TYR A 638 6.29 -8.40 24.89
C TYR A 638 5.27 -8.99 23.94
N ARG A 639 4.87 -8.22 22.94
CA ARG A 639 4.01 -8.72 21.89
C ARG A 639 4.86 -9.23 20.73
N LEU A 640 4.53 -10.41 20.21
CA LEU A 640 5.32 -11.03 19.15
C LEU A 640 4.57 -11.04 17.82
N LEU A 641 3.37 -11.61 17.82
CA LEU A 641 2.56 -11.69 16.62
C LEU A 641 1.19 -11.04 16.83
N SER A 642 0.77 -10.23 15.87
CA SER A 642 -0.48 -9.48 16.00
C SER A 642 -1.62 -10.16 15.25
N PRO A 643 -2.75 -10.37 15.94
CA PRO A 643 -3.95 -10.96 15.32
C PRO A 643 -4.67 -9.97 14.40
N PHE A 644 -4.16 -8.74 14.35
CA PHE A 644 -4.72 -7.72 13.46
C PHE A 644 -4.00 -7.72 12.12
N GLU A 645 -2.91 -8.48 12.02
CA GLU A 645 -2.10 -8.49 10.83
C GLU A 645 -2.06 -9.85 10.14
N GLY A 646 -2.51 -10.89 10.85
CA GLY A 646 -2.48 -12.22 10.30
C GLY A 646 -3.32 -13.25 11.04
N ASN A 647 -3.05 -14.51 10.73
CA ASN A 647 -3.81 -15.64 11.27
C ASN A 647 -3.30 -16.06 12.66
N GLU A 648 -2.26 -15.40 13.12
CA GLU A 648 -1.63 -15.80 14.38
C GLU A 648 -1.69 -14.72 15.45
N ALA A 649 -1.33 -15.10 16.67
CA ALA A 649 -1.21 -14.18 17.79
C ALA A 649 -0.22 -14.76 18.79
N ALA A 650 0.77 -13.97 19.18
CA ALA A 650 1.79 -14.46 20.11
C ALA A 650 2.36 -13.36 20.99
N TRP A 651 2.62 -13.70 22.25
CA TRP A 651 3.21 -12.76 23.20
C TRP A 651 4.00 -13.53 24.26
N MET A 652 4.78 -12.82 25.05
CA MET A 652 5.54 -13.44 26.13
C MET A 652 5.76 -12.51 27.32
N PHE A 653 5.91 -13.12 28.49
CA PHE A 653 6.12 -12.38 29.73
C PHE A 653 7.52 -12.66 30.23
N VAL A 654 8.30 -11.61 30.45
CA VAL A 654 9.67 -11.77 30.93
C VAL A 654 9.83 -11.18 32.32
N SER A 655 10.49 -11.92 33.20
CA SER A 655 10.73 -11.44 34.57
C SER A 655 11.70 -10.26 34.56
N ALA A 656 11.85 -9.62 35.71
CA ALA A 656 12.69 -8.42 35.82
C ALA A 656 14.16 -8.72 35.51
N ASP A 657 14.66 -9.84 36.02
CA ASP A 657 16.06 -10.22 35.81
C ASP A 657 16.25 -11.08 34.57
N ARG A 658 15.16 -11.27 33.82
CA ARG A 658 15.18 -12.02 32.57
C ARG A 658 15.64 -13.48 32.72
N SER A 659 15.35 -14.06 33.88
CA SER A 659 15.70 -15.47 34.14
C SER A 659 14.51 -16.38 33.88
N GLU A 660 13.32 -15.80 33.83
CA GLU A 660 12.11 -16.56 33.56
C GLU A 660 11.34 -15.95 32.40
N ALA A 661 10.57 -16.78 31.71
CA ALA A 661 9.76 -16.31 30.59
C ALA A 661 8.60 -17.26 30.30
N LEU A 662 7.46 -16.70 29.94
CA LEU A 662 6.30 -17.49 29.55
C LEU A 662 5.85 -17.11 28.16
N VAL A 663 6.01 -18.03 27.20
CA VAL A 663 5.67 -17.76 25.81
C VAL A 663 4.34 -18.39 25.41
N ALA A 664 3.46 -17.60 24.81
CA ALA A 664 2.18 -18.09 24.33
C ALA A 664 2.03 -17.87 22.83
N TYR A 665 1.56 -18.90 22.13
CA TYR A 665 1.34 -18.82 20.69
C TYR A 665 -0.07 -19.27 20.33
N PHE A 666 -0.67 -18.60 19.35
CA PHE A 666 -2.04 -18.90 18.93
C PHE A 666 -2.17 -18.91 17.41
N ARG A 667 -2.84 -19.93 16.89
CA ARG A 667 -3.12 -19.99 15.46
C ARG A 667 -4.62 -20.23 15.26
N VAL A 668 -5.27 -19.31 14.55
CA VAL A 668 -6.72 -19.32 14.42
C VAL A 668 -7.22 -20.33 13.38
N LEU A 669 -7.14 -19.96 12.11
CA LEU A 669 -7.62 -20.81 11.03
C LEU A 669 -6.53 -21.76 10.54
N ALA A 670 -6.79 -23.05 10.61
CA ALA A 670 -5.85 -24.05 10.16
C ALA A 670 -5.84 -24.16 8.64
N GLU A 671 -4.65 -24.22 8.05
CA GLU A 671 -4.53 -24.44 6.62
C GLU A 671 -3.89 -25.79 6.33
N ALA A 672 -4.43 -26.49 5.35
CA ALA A 672 -3.94 -27.82 4.99
C ALA A 672 -2.57 -27.73 4.33
N ASN A 673 -1.71 -28.71 4.60
CA ASN A 673 -0.37 -28.77 4.04
C ASN A 673 0.38 -27.47 4.28
N ALA A 674 0.22 -26.93 5.48
CA ALA A 674 0.75 -25.62 5.84
C ALA A 674 2.27 -25.57 5.86
N PRO A 675 2.84 -24.40 5.56
CA PRO A 675 4.28 -24.16 5.73
C PRO A 675 4.66 -24.32 7.19
N LEU A 676 5.93 -24.63 7.45
CA LEU A 676 6.42 -24.73 8.82
C LEU A 676 6.38 -23.36 9.48
N SER A 677 5.92 -23.32 10.72
CA SER A 677 5.82 -22.06 11.45
C SER A 677 7.02 -21.87 12.38
N TYR A 678 7.41 -20.61 12.57
CA TYR A 678 8.52 -20.29 13.45
C TYR A 678 8.15 -19.11 14.35
N LEU A 679 8.78 -19.05 15.53
CA LEU A 679 8.53 -17.96 16.46
C LEU A 679 9.83 -17.41 17.05
N ARG A 680 10.09 -16.14 16.81
CA ARG A 680 11.24 -15.47 17.41
C ARG A 680 10.83 -14.75 18.68
N LEU A 681 11.64 -14.92 19.73
CA LEU A 681 11.32 -14.34 21.04
C LEU A 681 11.99 -12.98 21.22
N LYS A 682 11.64 -12.30 22.31
CA LYS A 682 12.20 -11.00 22.62
C LYS A 682 12.43 -10.87 24.12
N GLY A 683 13.33 -9.96 24.51
CA GLY A 683 13.52 -9.61 25.90
C GLY A 683 14.31 -10.59 26.74
N LEU A 684 14.99 -11.53 26.09
CA LEU A 684 15.82 -12.50 26.80
C LEU A 684 17.27 -12.07 26.79
N ASP A 685 18.04 -12.57 27.76
CA ASP A 685 19.49 -12.35 27.77
C ASP A 685 20.11 -13.29 26.75
N SER A 686 20.69 -12.72 25.70
CA SER A 686 21.27 -13.51 24.62
C SER A 686 22.50 -14.29 25.08
N ASN A 687 23.12 -13.83 26.17
CA ASN A 687 24.31 -14.47 26.71
C ASN A 687 23.99 -15.72 27.52
N GLN A 688 22.71 -15.95 27.79
CA GLN A 688 22.30 -17.11 28.57
C GLN A 688 21.55 -18.15 27.74
N ASP A 689 21.68 -19.41 28.12
CA ASP A 689 20.89 -20.48 27.53
C ASP A 689 19.62 -20.65 28.35
N TYR A 690 18.51 -20.92 27.67
CA TYR A 690 17.23 -21.09 28.36
C TYR A 690 16.69 -22.50 28.18
N GLU A 691 16.07 -23.02 29.23
CA GLU A 691 15.43 -24.31 29.16
C GLU A 691 13.94 -24.16 28.92
N ILE A 692 13.47 -24.64 27.78
CA ILE A 692 12.05 -24.71 27.49
C ILE A 692 11.50 -26.00 28.05
N GLU A 693 10.60 -25.91 29.02
CA GLU A 693 10.06 -27.10 29.70
C GLU A 693 9.41 -28.07 28.74
N GLY A 694 9.91 -29.31 28.74
CA GLY A 694 9.42 -30.34 27.85
C GLY A 694 10.35 -30.52 26.66
N LEU A 695 10.53 -29.45 25.88
CA LEU A 695 11.36 -29.49 24.68
C LEU A 695 12.83 -29.73 25.01
N GLY A 696 13.53 -28.66 25.40
CA GLY A 696 14.95 -28.77 25.72
C GLY A 696 15.60 -27.42 25.88
N VAL A 697 16.94 -27.42 25.92
CA VAL A 697 17.70 -26.19 26.11
C VAL A 697 17.96 -25.49 24.78
N TYR A 698 17.67 -24.19 24.74
CA TYR A 698 17.94 -23.37 23.58
C TYR A 698 18.73 -22.13 23.99
N GLY A 699 19.55 -21.61 23.08
CA GLY A 699 20.31 -20.41 23.34
C GLY A 699 19.42 -19.19 23.33
N GLY A 700 19.68 -18.26 24.25
CA GLY A 700 18.93 -17.02 24.31
C GLY A 700 19.07 -16.23 23.03
N ASP A 701 20.30 -16.16 22.52
CA ASP A 701 20.57 -15.50 21.25
C ASP A 701 19.91 -16.25 20.10
N GLU A 702 19.84 -17.57 20.22
CA GLU A 702 19.16 -18.38 19.21
C GLU A 702 17.66 -18.14 19.21
N LEU A 703 17.07 -18.08 20.41
CA LEU A 703 15.64 -17.87 20.54
C LEU A 703 15.19 -16.49 20.04
N VAL A 704 16.13 -15.54 20.04
CA VAL A 704 15.80 -14.18 19.63
C VAL A 704 16.19 -13.90 18.17
N TYR A 705 17.37 -14.35 17.77
CA TYR A 705 17.89 -14.04 16.44
C TYR A 705 17.43 -15.05 15.38
N ALA A 706 17.31 -16.31 15.77
CA ALA A 706 16.95 -17.37 14.83
C ALA A 706 15.50 -17.81 14.99
N GLY A 707 15.05 -17.90 16.25
CA GLY A 707 13.71 -18.36 16.53
C GLY A 707 13.65 -19.87 16.75
N VAL A 708 12.48 -20.36 17.10
CA VAL A 708 12.30 -21.78 17.36
C VAL A 708 11.18 -22.36 16.51
N ALA A 709 11.44 -23.52 15.90
CA ALA A 709 10.44 -24.19 15.08
C ALA A 709 9.25 -24.63 15.91
N LEU A 710 8.05 -24.34 15.42
CA LEU A 710 6.82 -24.72 16.10
C LEU A 710 6.33 -26.07 15.59
N PRO A 711 5.68 -26.86 16.48
CA PRO A 711 5.10 -28.14 16.08
C PRO A 711 3.98 -27.95 15.07
N TYR A 712 3.96 -28.78 14.03
CA TYR A 712 2.86 -28.75 13.08
C TYR A 712 1.61 -29.27 13.78
N ARG A 713 0.49 -28.58 13.60
CA ARG A 713 -0.73 -28.96 14.29
C ARG A 713 -1.98 -28.66 13.47
N SER A 714 -2.94 -29.58 13.50
CA SER A 714 -4.20 -29.41 12.79
C SER A 714 -5.24 -28.78 13.71
N SER A 715 -6.51 -28.82 13.28
CA SER A 715 -7.63 -28.24 14.01
C SER A 715 -7.57 -26.70 14.11
N ASP A 716 -8.73 -26.08 14.21
CA ASP A 716 -8.81 -24.64 14.32
C ASP A 716 -8.59 -24.19 15.75
N PHE A 717 -8.21 -22.92 15.90
CA PHE A 717 -8.12 -22.27 17.21
C PHE A 717 -7.21 -23.03 18.17
N ILE A 718 -5.96 -23.22 17.77
CA ILE A 718 -5.01 -23.94 18.61
C ILE A 718 -4.17 -22.97 19.45
N SER A 719 -3.56 -23.49 20.50
CA SER A 719 -2.71 -22.68 21.36
C SER A 719 -1.56 -23.51 21.90
N MET A 720 -0.44 -22.85 22.15
CA MET A 720 0.73 -23.51 22.71
C MET A 720 1.39 -22.58 23.72
N MET A 721 1.83 -23.12 24.85
CA MET A 721 2.42 -22.32 25.90
C MET A 721 3.64 -22.99 26.53
N TRP A 722 4.76 -22.29 26.53
CA TRP A 722 6.01 -22.84 27.04
C TRP A 722 6.55 -22.01 28.20
N ARG A 723 6.99 -22.69 29.25
CA ARG A 723 7.69 -22.02 30.35
C ARG A 723 9.19 -22.03 30.06
N LEU A 724 9.83 -20.87 30.24
CA LEU A 724 11.26 -20.76 30.03
C LEU A 724 11.99 -20.42 31.33
N LYS A 725 13.10 -21.10 31.56
CA LYS A 725 13.90 -20.86 32.74
C LYS A 725 15.37 -20.82 32.36
N ALA A 726 16.08 -19.79 32.82
CA ALA A 726 17.50 -19.65 32.55
C ALA A 726 18.28 -20.80 33.18
N VAL A 727 19.22 -21.34 32.42
CA VAL A 727 20.07 -22.43 32.91
C VAL A 727 21.05 -21.91 33.96
N LYS B 10 27.34 -33.56 13.15
CA LYS B 10 28.05 -33.15 11.95
C LYS B 10 27.59 -31.77 11.50
N GLN B 11 28.01 -30.74 12.23
CA GLN B 11 27.55 -29.37 11.98
C GLN B 11 28.70 -28.41 11.68
N PHE B 12 28.55 -27.63 10.62
CA PHE B 12 29.52 -26.60 10.27
C PHE B 12 29.03 -25.23 10.75
N HIS B 13 29.91 -24.47 11.37
CA HIS B 13 29.54 -23.15 11.88
C HIS B 13 30.58 -22.10 11.48
N LEU B 14 30.14 -21.14 10.66
CA LEU B 14 31.01 -20.06 10.22
C LEU B 14 30.66 -18.77 10.96
N ARG B 15 31.67 -18.16 11.57
CA ARG B 15 31.46 -16.90 12.28
C ARG B 15 32.12 -15.75 11.53
N ALA B 16 31.29 -14.93 10.88
CA ALA B 16 31.77 -13.80 10.11
C ALA B 16 31.33 -12.49 10.75
N GLY B 17 32.27 -11.77 11.35
CA GLY B 17 31.96 -10.54 12.05
C GLY B 17 31.01 -10.78 13.19
N LYS B 18 29.83 -10.16 13.11
CA LYS B 18 28.79 -10.33 14.12
C LYS B 18 27.68 -11.24 13.59
N ALA B 19 28.01 -12.07 12.61
CA ALA B 19 27.03 -12.92 11.96
C ALA B 19 27.40 -14.41 11.99
N SER B 20 26.40 -15.27 11.84
CA SER B 20 26.62 -16.70 11.79
C SER B 20 26.04 -17.32 10.52
N TYR B 21 26.75 -18.31 9.98
CA TYR B 21 26.27 -19.08 8.84
C TYR B 21 26.41 -20.56 9.20
N VAL B 22 25.28 -21.24 9.35
CA VAL B 22 25.29 -22.60 9.88
C VAL B 22 24.84 -23.64 8.84
N MET B 23 25.58 -24.74 8.75
CA MET B 23 25.26 -25.84 7.86
C MET B 23 25.24 -27.16 8.63
N GLN B 24 24.73 -28.20 7.99
CA GLN B 24 24.57 -29.49 8.65
C GLN B 24 24.55 -30.64 7.67
N LEU B 25 25.06 -31.80 8.09
CA LEU B 25 24.97 -33.01 7.29
C LEU B 25 23.73 -33.80 7.68
N PHE B 26 22.77 -33.87 6.76
CA PHE B 26 21.50 -34.52 7.02
C PHE B 26 21.46 -35.93 6.43
N ARG B 27 21.06 -36.90 7.25
CA ARG B 27 20.99 -38.30 6.86
C ARG B 27 22.30 -38.80 6.25
N SER B 28 22.20 -39.46 5.09
CA SER B 28 23.36 -40.07 4.46
C SER B 28 24.13 -39.12 3.53
N GLY B 29 24.75 -38.10 4.13
CA GLY B 29 25.68 -37.24 3.40
C GLY B 29 25.08 -36.09 2.61
N TYR B 30 23.92 -35.60 3.05
CA TYR B 30 23.31 -34.45 2.40
C TYR B 30 23.71 -33.17 3.11
N LEU B 31 24.06 -32.14 2.34
CA LEU B 31 24.44 -30.87 2.91
C LEU B 31 23.23 -29.95 3.07
N ALA B 32 22.85 -29.69 4.32
CA ALA B 32 21.65 -28.91 4.60
C ALA B 32 21.97 -27.54 5.20
N HIS B 33 21.21 -26.54 4.78
CA HIS B 33 21.33 -25.19 5.35
C HIS B 33 20.55 -25.12 6.65
N VAL B 34 21.08 -24.37 7.62
CA VAL B 34 20.44 -24.27 8.93
C VAL B 34 20.04 -22.85 9.29
N TYR B 35 21.00 -21.92 9.25
CA TYR B 35 20.77 -20.57 9.72
C TYR B 35 21.76 -19.56 9.18
N TRP B 36 21.27 -18.35 8.89
CA TRP B 36 22.13 -17.23 8.53
C TRP B 36 21.54 -15.94 9.05
N GLY B 37 22.28 -15.24 9.90
CA GLY B 37 21.82 -14.00 10.49
C GLY B 37 22.74 -13.54 11.60
N LYS B 38 22.17 -12.86 12.59
CA LYS B 38 22.94 -12.39 13.74
C LYS B 38 23.63 -13.56 14.42
N ALA B 39 24.86 -13.34 14.87
CA ALA B 39 25.69 -14.42 15.41
C ALA B 39 25.07 -15.12 16.63
N VAL B 40 25.16 -16.44 16.63
CA VAL B 40 24.73 -17.24 17.77
C VAL B 40 25.85 -18.19 18.19
N ARG B 41 25.78 -18.66 19.43
CA ARG B 41 26.75 -19.62 19.92
C ARG B 41 26.48 -21.01 19.34
N ASP B 42 25.20 -21.39 19.34
CA ASP B 42 24.78 -22.67 18.79
C ASP B 42 23.33 -22.59 18.30
N VAL B 43 22.98 -23.46 17.37
CA VAL B 43 21.59 -23.62 16.97
C VAL B 43 21.11 -25.00 17.41
N ARG B 44 20.69 -25.10 18.66
CA ARG B 44 20.30 -26.37 19.27
C ARG B 44 19.14 -27.02 18.52
N GLY B 45 18.24 -26.21 18.00
CA GLY B 45 17.07 -26.70 17.29
C GLY B 45 17.32 -26.84 15.80
N ALA B 46 18.54 -27.21 15.43
CA ALA B 46 18.89 -27.39 14.03
C ALA B 46 18.18 -28.59 13.43
N ARG B 47 17.96 -29.61 14.25
CA ARG B 47 17.28 -30.82 13.81
C ARG B 47 15.94 -31.00 14.50
N ALA B 48 15.54 -30.01 15.29
CA ALA B 48 14.29 -30.07 16.03
C ALA B 48 13.16 -29.42 15.24
N PHE B 49 12.90 -29.94 14.05
CA PHE B 49 11.82 -29.44 13.21
C PHE B 49 10.91 -30.59 12.77
N PRO B 50 9.61 -30.28 12.57
CA PRO B 50 8.63 -31.31 12.16
C PRO B 50 9.03 -32.03 10.87
N ARG B 51 9.22 -33.34 10.96
CA ARG B 51 9.49 -34.17 9.80
C ARG B 51 8.15 -34.58 9.18
N LEU B 52 7.79 -33.91 8.08
CA LEU B 52 6.46 -34.09 7.50
C LEU B 52 6.46 -34.85 6.17
N ASP B 53 5.39 -35.61 5.95
CA ASP B 53 5.14 -36.23 4.67
C ASP B 53 4.41 -35.23 3.78
N ARG B 54 5.16 -34.61 2.87
CA ARG B 54 4.60 -33.61 1.97
C ARG B 54 4.16 -34.24 0.67
N ALA B 55 2.87 -34.13 0.36
CA ALA B 55 2.29 -34.74 -0.83
C ALA B 55 2.98 -34.29 -2.11
N PHE B 56 3.25 -35.25 -2.99
CA PHE B 56 3.92 -35.03 -4.27
C PHE B 56 5.39 -34.58 -4.13
N SER B 57 5.95 -34.72 -2.94
CA SER B 57 7.38 -34.56 -2.74
C SER B 57 8.02 -35.95 -2.59
N PRO B 58 8.56 -36.48 -3.70
CA PRO B 58 9.07 -37.85 -3.80
C PRO B 58 10.28 -38.09 -2.90
N ASN B 59 10.62 -39.37 -2.71
CA ASN B 59 11.64 -39.73 -1.73
C ASN B 59 12.81 -40.51 -2.33
N PRO B 60 14.04 -40.05 -2.06
CA PRO B 60 15.25 -40.79 -2.43
C PRO B 60 15.24 -42.17 -1.77
N ASP B 61 14.83 -42.21 -0.51
CA ASP B 61 14.58 -43.45 0.19
C ASP B 61 13.08 -43.69 0.25
N PRO B 62 12.55 -44.59 -0.59
CA PRO B 62 11.13 -44.88 -0.71
C PRO B 62 10.46 -45.23 0.62
N SER B 63 11.24 -45.78 1.55
CA SER B 63 10.71 -46.19 2.85
C SER B 63 10.29 -45.00 3.70
N ASP B 64 10.99 -43.89 3.57
CA ASP B 64 10.71 -42.70 4.37
C ASP B 64 10.09 -41.60 3.52
N ARG B 65 8.81 -41.32 3.77
CA ARG B 65 8.11 -40.29 3.01
C ARG B 65 8.33 -38.90 3.59
N THR B 66 8.93 -38.84 4.78
CA THR B 66 9.19 -37.56 5.43
C THR B 66 10.45 -36.89 4.86
N PHE B 67 11.27 -37.67 4.16
CA PHE B 67 12.47 -37.12 3.56
C PHE B 67 12.33 -36.90 2.07
N SER B 68 12.61 -35.67 1.64
CA SER B 68 12.54 -35.31 0.24
C SER B 68 13.42 -34.10 -0.01
N LEU B 69 14.22 -34.15 -1.08
CA LEU B 69 15.09 -33.03 -1.43
C LEU B 69 14.27 -31.82 -1.87
N ASP B 70 12.98 -32.04 -2.13
CA ASP B 70 12.06 -30.96 -2.44
C ASP B 70 11.72 -30.18 -1.17
N THR B 71 11.90 -30.81 -0.02
CA THR B 71 11.57 -30.20 1.26
C THR B 71 12.76 -30.14 2.20
N LEU B 72 13.96 -30.03 1.62
CA LEU B 72 15.17 -29.90 2.42
C LEU B 72 15.92 -28.62 2.05
N LEU B 73 16.22 -27.81 3.04
CA LEU B 73 17.01 -26.59 2.83
C LEU B 73 18.43 -26.99 2.47
N GLN B 74 18.89 -26.61 1.29
CA GLN B 74 20.18 -27.07 0.80
C GLN B 74 21.19 -25.95 0.53
N GLU B 75 22.44 -26.34 0.32
CA GLU B 75 23.52 -25.39 0.03
C GLU B 75 23.90 -25.43 -1.44
N TYR B 76 23.79 -26.61 -2.04
CA TYR B 76 24.05 -26.76 -3.46
C TYR B 76 23.13 -27.82 -4.04
N PRO B 77 21.87 -27.45 -4.30
CA PRO B 77 20.83 -28.39 -4.74
C PRO B 77 20.93 -28.75 -6.21
N ALA B 78 20.37 -29.90 -6.57
CA ALA B 78 20.30 -30.34 -7.95
C ALA B 78 18.87 -30.72 -8.29
N TYR B 79 18.57 -30.78 -9.59
CA TYR B 79 17.26 -31.21 -10.04
C TYR B 79 17.34 -32.63 -10.60
N GLY B 80 16.27 -33.40 -10.41
CA GLY B 80 16.23 -34.75 -10.94
C GLY B 80 15.88 -35.80 -9.90
N ASN B 81 16.59 -35.77 -8.78
CA ASN B 81 16.34 -36.73 -7.71
C ASN B 81 15.54 -36.16 -6.54
N THR B 82 14.25 -35.94 -6.79
CA THR B 82 13.24 -35.53 -5.78
C THR B 82 13.19 -34.05 -5.41
N ASP B 83 14.02 -33.22 -6.03
CA ASP B 83 13.91 -31.77 -5.82
C ASP B 83 13.34 -31.13 -7.08
N PHE B 84 12.30 -30.32 -6.93
CA PHE B 84 11.63 -29.73 -8.07
C PHE B 84 11.84 -28.23 -8.18
N ARG B 85 12.67 -27.68 -7.30
CA ARG B 85 13.02 -26.27 -7.35
C ARG B 85 14.23 -26.08 -8.26
N ALA B 86 14.43 -24.85 -8.72
CA ALA B 86 15.56 -24.54 -9.58
C ALA B 86 16.88 -24.88 -8.89
N PRO B 87 17.73 -25.66 -9.57
CA PRO B 87 18.99 -26.16 -8.98
C PRO B 87 20.11 -25.13 -9.02
N ALA B 88 21.16 -25.38 -8.25
CA ALA B 88 22.34 -24.54 -8.27
C ALA B 88 23.24 -24.94 -9.44
N TYR B 89 23.17 -26.21 -9.82
CA TYR B 89 23.96 -26.73 -10.91
C TYR B 89 23.20 -27.81 -11.67
N GLN B 90 23.64 -28.11 -12.88
CA GLN B 90 23.06 -29.19 -13.66
C GLN B 90 24.08 -29.76 -14.62
N VAL B 91 24.27 -31.07 -14.56
CA VAL B 91 25.25 -31.75 -15.41
C VAL B 91 24.57 -32.78 -16.30
N GLN B 92 24.89 -32.77 -17.58
CA GLN B 92 24.37 -33.78 -18.49
C GLN B 92 25.44 -34.83 -18.81
N LEU B 93 25.06 -36.10 -18.68
CA LEU B 93 25.97 -37.20 -18.91
C LEU B 93 26.03 -37.58 -20.39
N GLU B 94 26.90 -38.53 -20.72
CA GLU B 94 27.03 -38.99 -22.09
C GLU B 94 25.80 -39.78 -22.53
N ASN B 95 25.13 -40.42 -21.58
CA ASN B 95 23.92 -41.19 -21.88
C ASN B 95 22.69 -40.31 -22.06
N GLY B 96 22.85 -39.01 -21.84
CA GLY B 96 21.78 -38.06 -22.06
C GLY B 96 21.08 -37.58 -20.81
N SER B 97 21.18 -38.37 -19.74
CA SER B 97 20.51 -38.01 -18.48
C SER B 97 21.16 -36.80 -17.83
N THR B 98 20.39 -36.12 -16.98
CA THR B 98 20.89 -34.96 -16.25
C THR B 98 20.76 -35.15 -14.74
N VAL B 99 20.74 -36.41 -14.31
CA VAL B 99 20.64 -36.73 -12.89
C VAL B 99 22.00 -36.82 -12.23
N THR B 100 22.22 -36.01 -11.21
CA THR B 100 23.44 -36.07 -10.42
C THR B 100 23.10 -36.22 -8.95
N ASP B 101 24.08 -36.61 -8.15
CA ASP B 101 23.85 -36.86 -6.73
C ASP B 101 25.13 -36.61 -5.92
N LEU B 102 25.27 -35.39 -5.43
CA LEU B 102 26.44 -35.02 -4.64
C LEU B 102 26.27 -35.38 -3.17
N ARG B 103 27.21 -36.15 -2.63
CA ARG B 103 27.20 -36.51 -1.22
C ARG B 103 28.49 -36.06 -0.56
N TYR B 104 28.44 -35.79 0.74
CA TYR B 104 29.61 -35.35 1.49
C TYR B 104 30.74 -36.38 1.45
N LYS B 105 31.92 -35.93 1.07
CA LYS B 105 33.11 -36.79 1.04
C LYS B 105 34.05 -36.44 2.19
N THR B 106 34.46 -35.18 2.23
CA THR B 106 35.32 -34.68 3.31
C THR B 106 35.30 -33.15 3.34
N HIS B 107 36.03 -32.57 4.28
CA HIS B 107 36.13 -31.11 4.36
C HIS B 107 37.48 -30.69 4.95
N ARG B 108 37.81 -29.42 4.78
CA ARG B 108 39.04 -28.88 5.34
C ARG B 108 38.89 -27.40 5.72
N ILE B 109 39.52 -27.02 6.83
CA ILE B 109 39.46 -25.65 7.31
C ILE B 109 40.86 -25.07 7.43
N TYR B 110 41.09 -23.93 6.78
CA TYR B 110 42.39 -23.26 6.86
C TYR B 110 42.24 -21.75 6.98
N LYS B 111 43.17 -21.13 7.69
CA LYS B 111 43.16 -19.68 7.87
C LYS B 111 43.46 -18.98 6.55
N GLY B 112 42.90 -17.79 6.37
CA GLY B 112 43.13 -17.02 5.16
C GLY B 112 42.05 -17.21 4.11
N LYS B 113 42.39 -16.87 2.87
CA LYS B 113 41.44 -16.95 1.77
C LYS B 113 42.18 -17.28 0.48
N PRO B 114 41.72 -18.34 -0.22
CA PRO B 114 42.39 -18.82 -1.43
C PRO B 114 42.12 -17.95 -2.65
N ARG B 115 42.98 -18.05 -3.66
CA ARG B 115 42.78 -17.38 -4.93
C ARG B 115 41.86 -18.22 -5.80
N LEU B 116 41.06 -17.56 -6.64
CA LEU B 116 40.23 -18.27 -7.60
C LEU B 116 40.94 -18.30 -8.95
N ASN B 117 40.91 -19.46 -9.60
CA ASN B 117 41.68 -19.68 -10.82
C ASN B 117 41.22 -18.81 -12.00
N GLY B 118 42.02 -17.79 -12.31
CA GLY B 118 41.74 -16.92 -13.45
C GLY B 118 40.60 -15.96 -13.21
N LEU B 119 40.12 -15.91 -11.96
CA LEU B 119 38.99 -15.06 -11.62
C LEU B 119 39.33 -14.07 -10.51
N PRO B 120 38.68 -12.90 -10.53
CA PRO B 120 38.82 -11.92 -9.45
C PRO B 120 38.13 -12.44 -8.20
N ALA B 121 38.58 -11.98 -7.04
CA ALA B 121 37.99 -12.39 -5.77
C ALA B 121 38.47 -11.50 -4.64
N THR B 122 37.64 -11.34 -3.63
CA THR B 122 38.05 -10.62 -2.43
C THR B 122 39.22 -11.38 -1.79
N TYR B 123 40.15 -10.64 -1.20
CA TYR B 123 41.37 -11.26 -0.69
C TYR B 123 41.67 -10.87 0.75
N VAL B 124 42.80 -11.37 1.25
CA VAL B 124 43.29 -11.02 2.57
C VAL B 124 44.78 -10.71 2.50
N GLU B 125 45.26 -9.90 3.43
CA GLU B 125 46.69 -9.60 3.50
C GLU B 125 47.36 -10.42 4.59
N HIS B 126 46.56 -10.97 5.50
CA HIS B 126 47.07 -11.81 6.57
C HIS B 126 46.12 -12.98 6.82
N GLU B 127 46.63 -14.07 7.37
CA GLU B 127 45.84 -15.27 7.61
C GLU B 127 44.70 -15.03 8.60
N GLN B 128 44.97 -14.25 9.64
CA GLN B 128 43.99 -14.04 10.71
C GLN B 128 42.79 -13.20 10.28
N GLU B 129 42.88 -12.58 9.10
CA GLU B 129 41.80 -11.75 8.59
C GLU B 129 40.56 -12.55 8.22
N ALA B 130 40.74 -13.83 7.95
CA ALA B 130 39.63 -14.69 7.56
C ALA B 130 39.91 -16.16 7.82
N GLU B 131 38.89 -16.99 7.60
CA GLU B 131 39.03 -18.43 7.70
C GLU B 131 38.18 -19.08 6.60
N THR B 132 38.69 -20.15 6.01
CA THR B 132 38.03 -20.75 4.86
C THR B 132 37.63 -22.20 5.08
N LEU B 133 36.37 -22.51 4.81
CA LEU B 133 35.85 -23.86 4.92
C LEU B 133 35.56 -24.42 3.53
N GLU B 134 36.25 -25.49 3.16
CA GLU B 134 36.00 -26.16 1.90
C GLU B 134 35.25 -27.48 2.11
N ILE B 135 34.03 -27.57 1.60
CA ILE B 135 33.26 -28.80 1.70
C ILE B 135 33.31 -29.57 0.38
N VAL B 136 33.98 -30.71 0.41
CA VAL B 136 34.15 -31.52 -0.79
C VAL B 136 32.99 -32.51 -0.96
N LEU B 137 32.15 -32.26 -1.96
CA LEU B 137 31.05 -33.16 -2.28
C LEU B 137 31.49 -34.10 -3.39
N GLY B 138 30.69 -35.13 -3.67
CA GLY B 138 31.06 -36.09 -4.69
C GLY B 138 29.94 -36.98 -5.20
N ASP B 139 29.94 -37.23 -6.50
CA ASP B 139 29.05 -38.19 -7.13
C ASP B 139 29.91 -39.34 -7.64
N ALA B 140 29.86 -40.47 -6.93
CA ALA B 140 30.76 -41.58 -7.19
C ALA B 140 30.52 -42.26 -8.54
N LEU B 141 29.27 -42.25 -9.00
CA LEU B 141 28.90 -42.94 -10.23
C LEU B 141 29.58 -42.34 -11.46
N ILE B 142 29.73 -41.01 -11.47
CA ILE B 142 30.29 -40.32 -12.62
C ILE B 142 31.63 -39.66 -12.30
N GLY B 143 32.07 -39.78 -11.06
CA GLY B 143 33.34 -39.23 -10.63
C GLY B 143 33.35 -37.72 -10.54
N LEU B 144 32.18 -37.12 -10.34
CA LEU B 144 32.06 -35.67 -10.26
C LEU B 144 32.33 -35.15 -8.85
N GLU B 145 33.40 -34.37 -8.71
CA GLU B 145 33.74 -33.78 -7.43
C GLU B 145 33.47 -32.28 -7.42
N VAL B 146 32.66 -31.83 -6.48
CA VAL B 146 32.34 -30.42 -6.34
C VAL B 146 32.77 -29.90 -4.97
N THR B 147 33.73 -28.98 -4.97
CA THR B 147 34.21 -28.40 -3.72
C THR B 147 33.53 -27.05 -3.47
N LEU B 148 32.86 -26.94 -2.33
CA LEU B 148 32.17 -25.71 -1.96
C LEU B 148 33.05 -24.85 -1.08
N GLN B 149 33.43 -23.68 -1.60
CA GLN B 149 34.35 -22.80 -0.90
C GLN B 149 33.62 -21.74 -0.07
N TYR B 150 33.77 -21.83 1.25
CA TYR B 150 33.18 -20.86 2.17
C TYR B 150 34.27 -20.08 2.87
N THR B 151 34.21 -18.75 2.82
CA THR B 151 35.15 -17.92 3.55
C THR B 151 34.45 -16.92 4.47
N ALA B 152 34.87 -16.91 5.73
CA ALA B 152 34.31 -15.97 6.70
C ALA B 152 35.36 -14.97 7.17
N TYR B 153 35.09 -13.69 6.93
CA TYR B 153 35.99 -12.62 7.38
C TYR B 153 35.81 -12.39 8.88
N GLU B 154 36.87 -11.90 9.51
CA GLU B 154 36.88 -11.72 10.96
C GLU B 154 36.17 -10.45 11.40
N LYS B 155 36.50 -9.33 10.75
CA LYS B 155 35.98 -8.04 11.17
C LYS B 155 34.63 -7.66 10.55
N TRP B 156 34.35 -8.21 9.37
CA TRP B 156 33.13 -7.88 8.65
C TRP B 156 32.12 -9.03 8.64
N ASN B 157 30.85 -8.69 8.49
CA ASN B 157 29.80 -9.68 8.35
C ASN B 157 29.77 -10.26 6.94
N VAL B 158 30.92 -10.77 6.49
CA VAL B 158 31.04 -11.21 5.11
C VAL B 158 31.26 -12.71 4.99
N ILE B 159 30.35 -13.37 4.26
CA ILE B 159 30.52 -14.74 3.85
C ILE B 159 30.62 -14.77 2.33
N THR B 160 31.70 -15.32 1.80
CA THR B 160 31.84 -15.46 0.36
C THR B 160 31.68 -16.92 -0.05
N ARG B 161 31.10 -17.15 -1.22
CA ARG B 161 30.85 -18.52 -1.68
C ARG B 161 31.19 -18.73 -3.15
N SER B 162 31.75 -19.88 -3.45
CA SER B 162 32.06 -20.28 -4.82
C SER B 162 32.18 -21.80 -4.90
N ALA B 163 32.01 -22.35 -6.09
CA ALA B 163 32.10 -23.79 -6.27
C ALA B 163 33.14 -24.16 -7.32
N ARG B 164 33.90 -25.22 -7.06
CA ARG B 164 34.90 -25.70 -8.00
C ARG B 164 34.60 -27.13 -8.43
N PHE B 165 34.22 -27.29 -9.69
CA PHE B 165 33.92 -28.60 -10.24
C PHE B 165 35.20 -29.29 -10.69
N GLU B 166 35.23 -30.62 -10.62
CA GLU B 166 36.34 -31.39 -11.16
C GLU B 166 35.89 -32.77 -11.63
N ASN B 167 36.23 -33.10 -12.87
CA ASN B 167 35.90 -34.40 -13.43
C ASN B 167 36.98 -35.43 -13.11
N LYS B 168 36.72 -36.27 -12.12
CA LYS B 168 37.65 -37.34 -11.77
C LYS B 168 37.14 -38.68 -12.27
N GLY B 169 36.30 -38.65 -13.30
CA GLY B 169 35.75 -39.85 -13.88
C GLY B 169 36.35 -40.18 -15.23
N GLY B 170 35.77 -41.17 -15.91
CA GLY B 170 36.28 -41.60 -17.21
C GLY B 170 35.45 -41.12 -18.37
N GLU B 171 34.36 -40.43 -18.08
CA GLU B 171 33.46 -39.95 -19.13
C GLU B 171 33.44 -38.43 -19.21
N ARG B 172 32.85 -37.91 -20.28
CA ARG B 172 32.72 -36.47 -20.47
C ARG B 172 31.50 -35.93 -19.72
N LEU B 173 31.69 -34.80 -19.05
CA LEU B 173 30.59 -34.15 -18.34
C LEU B 173 30.36 -32.75 -18.85
N LYS B 174 29.15 -32.48 -19.34
CA LYS B 174 28.81 -31.16 -19.84
C LYS B 174 27.98 -30.37 -18.83
N LEU B 175 28.60 -29.38 -18.21
CA LEU B 175 27.93 -28.52 -17.24
C LEU B 175 26.92 -27.61 -17.94
N LEU B 176 25.65 -27.80 -17.65
CA LEU B 176 24.60 -26.95 -18.22
C LEU B 176 24.37 -25.74 -17.34
N ARG B 177 24.63 -25.89 -16.05
CA ARG B 177 24.44 -24.82 -15.08
C ARG B 177 25.49 -24.92 -13.99
N ALA B 178 26.10 -23.78 -13.64
CA ALA B 178 27.12 -23.75 -12.62
C ALA B 178 27.07 -22.44 -11.83
N LEU B 179 26.03 -22.29 -11.01
CA LEU B 179 25.89 -21.09 -10.19
C LEU B 179 26.91 -21.08 -9.06
N SER B 180 27.23 -19.89 -8.56
CA SER B 180 28.25 -19.74 -7.54
C SER B 180 27.76 -20.17 -6.16
N MET B 181 26.46 -20.02 -5.91
CA MET B 181 25.89 -20.38 -4.61
C MET B 181 24.38 -20.53 -4.66
N SER B 182 23.82 -21.08 -3.59
CA SER B 182 22.38 -21.23 -3.45
C SER B 182 22.02 -21.47 -1.99
N VAL B 183 21.15 -20.62 -1.44
CA VAL B 183 20.78 -20.74 -0.04
C VAL B 183 19.25 -20.78 0.13
N ASP B 184 18.78 -21.72 0.95
CA ASP B 184 17.35 -21.84 1.21
C ASP B 184 17.00 -21.25 2.57
N PHE B 185 16.24 -20.16 2.56
CA PHE B 185 15.71 -19.57 3.78
C PHE B 185 14.47 -20.33 4.23
N PRO B 186 14.30 -20.49 5.55
CA PRO B 186 13.14 -21.22 6.10
C PRO B 186 11.81 -20.50 5.86
N THR B 187 11.82 -19.17 5.80
CA THR B 187 10.61 -18.41 5.51
C THR B 187 10.83 -17.49 4.30
N ALA B 188 9.77 -16.83 3.86
CA ALA B 188 9.84 -15.98 2.67
C ALA B 188 9.09 -14.66 2.82
N ASP B 189 8.90 -14.22 4.06
CA ASP B 189 8.21 -12.96 4.29
C ASP B 189 9.19 -11.79 4.20
N TYR B 190 9.71 -11.57 3.00
CA TYR B 190 10.67 -10.50 2.76
C TYR B 190 10.25 -9.64 1.58
N ASP B 191 10.91 -8.49 1.44
CA ASP B 191 10.91 -7.77 0.18
C ASP B 191 12.21 -8.14 -0.50
N TRP B 192 12.42 -7.66 -1.73
CA TRP B 192 13.72 -7.81 -2.35
C TRP B 192 14.12 -6.57 -3.14
N ILE B 193 15.38 -6.18 -3.00
CA ILE B 193 15.94 -5.04 -3.70
C ILE B 193 16.93 -5.49 -4.77
N HIS B 194 16.72 -5.04 -6.00
CA HIS B 194 17.71 -5.21 -7.05
C HIS B 194 17.98 -3.85 -7.71
N LEU B 195 18.94 -3.81 -8.62
CA LEU B 195 19.33 -2.54 -9.23
C LEU B 195 19.15 -2.53 -10.75
N PRO B 196 17.90 -2.38 -11.21
CA PRO B 196 17.67 -2.28 -12.66
C PRO B 196 18.07 -0.91 -13.18
N GLY B 197 18.00 -0.74 -14.50
CA GLY B 197 18.31 0.56 -15.10
C GLY B 197 18.50 0.48 -16.60
N ALA B 198 19.25 1.44 -17.11
CA ALA B 198 19.59 1.51 -18.53
C ALA B 198 20.78 2.43 -18.70
N TRP B 199 21.14 2.72 -19.94
CA TRP B 199 22.19 3.70 -20.18
C TRP B 199 21.69 5.08 -19.79
N GLY B 200 22.50 5.80 -19.02
CA GLY B 200 22.13 7.15 -18.59
C GLY B 200 21.30 7.15 -17.31
N ARG B 201 21.06 5.97 -16.76
CA ARG B 201 20.32 5.84 -15.51
C ARG B 201 20.55 4.47 -14.87
N GLU B 202 21.80 4.19 -14.52
CA GLU B 202 22.17 2.90 -13.95
C GLU B 202 21.76 2.78 -12.49
N ARG B 203 21.41 1.55 -12.10
CA ARG B 203 21.24 1.18 -10.70
C ARG B 203 20.21 2.00 -9.92
N TRP B 204 18.98 2.05 -10.44
CA TRP B 204 17.87 2.60 -9.67
C TRP B 204 17.44 1.58 -8.63
N ILE B 205 17.23 2.02 -7.39
CA ILE B 205 16.78 1.12 -6.35
C ILE B 205 15.32 0.73 -6.54
N GLU B 206 15.08 -0.55 -6.78
CA GLU B 206 13.72 -1.07 -6.92
C GLU B 206 13.41 -2.09 -5.83
N ARG B 207 12.43 -1.77 -4.99
CA ARG B 207 12.03 -2.65 -3.90
C ARG B 207 10.67 -3.28 -4.19
N ARG B 208 10.61 -4.61 -4.15
CA ARG B 208 9.40 -5.33 -4.47
C ARG B 208 9.17 -6.44 -3.46
N PRO B 209 7.89 -6.79 -3.21
CA PRO B 209 7.60 -7.93 -2.34
C PRO B 209 7.84 -9.23 -3.11
N LEU B 210 8.17 -10.30 -2.40
CA LEU B 210 8.39 -11.58 -3.05
C LEU B 210 7.08 -12.15 -3.58
N VAL B 211 7.16 -12.79 -4.74
CA VAL B 211 6.00 -13.52 -5.27
C VAL B 211 6.20 -15.00 -4.99
N THR B 212 5.11 -15.77 -5.01
CA THR B 212 5.21 -17.21 -4.88
C THR B 212 5.51 -17.80 -6.25
N GLY B 213 6.79 -18.00 -6.52
CA GLY B 213 7.24 -18.43 -7.83
C GLY B 213 8.68 -18.01 -8.02
N VAL B 214 8.98 -17.44 -9.19
CA VAL B 214 10.35 -17.06 -9.50
C VAL B 214 10.49 -15.57 -9.81
N GLN B 215 11.47 -14.93 -9.18
CA GLN B 215 11.86 -13.57 -9.53
C GLN B 215 13.35 -13.58 -9.82
N ALA B 216 13.79 -12.81 -10.80
CA ALA B 216 15.20 -12.80 -11.16
C ALA B 216 15.64 -11.54 -11.88
N ALA B 217 16.83 -11.05 -11.53
CA ALA B 217 17.52 -10.04 -12.29
C ALA B 217 18.70 -10.73 -12.96
N GLU B 218 18.88 -10.50 -14.25
CA GLU B 218 19.92 -11.20 -14.98
C GLU B 218 20.48 -10.40 -16.16
N SER B 219 21.56 -10.92 -16.74
CA SER B 219 22.16 -10.29 -17.92
C SER B 219 22.47 -11.34 -18.98
N ARG B 220 22.08 -11.04 -20.22
CA ARG B 220 22.39 -11.91 -21.34
C ARG B 220 23.22 -11.12 -22.34
N ARG B 221 23.90 -10.09 -21.86
CA ARG B 221 24.60 -9.15 -22.72
C ARG B 221 26.11 -9.33 -22.71
N GLY B 222 26.57 -10.43 -22.11
CA GLY B 222 27.99 -10.73 -22.06
C GLY B 222 28.75 -9.75 -21.18
N ALA B 223 27.99 -8.95 -20.44
CA ALA B 223 28.55 -7.98 -19.52
C ALA B 223 27.57 -7.84 -18.36
N SER B 224 28.02 -7.28 -17.25
CA SER B 224 27.14 -7.08 -16.11
C SER B 224 25.98 -6.15 -16.49
N SER B 225 26.25 -5.22 -17.40
CA SER B 225 25.24 -4.37 -18.05
C SER B 225 24.70 -3.23 -17.18
N HIS B 226 24.05 -2.27 -17.84
CA HIS B 226 23.40 -1.16 -17.17
C HIS B 226 22.00 -1.57 -16.78
N GLN B 227 21.44 -2.51 -17.55
CA GLN B 227 20.05 -2.93 -17.40
C GLN B 227 19.78 -3.59 -16.05
N GLN B 228 20.73 -4.40 -15.59
CA GLN B 228 20.60 -5.07 -14.30
C GLN B 228 21.97 -5.23 -13.66
N ASN B 229 22.17 -4.62 -12.50
CA ASN B 229 23.43 -4.79 -11.78
C ASN B 229 23.45 -6.12 -11.04
N PRO B 230 24.58 -6.84 -11.12
CA PRO B 230 24.71 -8.15 -10.45
C PRO B 230 24.65 -8.01 -8.93
N PHE B 231 23.48 -7.65 -8.41
CA PHE B 231 23.26 -7.56 -6.97
C PHE B 231 21.79 -7.65 -6.62
N ILE B 232 21.47 -8.52 -5.68
CA ILE B 232 20.12 -8.58 -5.12
C ILE B 232 20.21 -8.66 -3.61
N ALA B 233 19.10 -8.37 -2.93
CA ALA B 233 19.09 -8.38 -1.47
C ALA B 233 17.72 -8.72 -0.90
N LEU B 234 17.71 -9.58 0.13
CA LEU B 234 16.49 -9.84 0.89
C LEU B 234 16.46 -8.91 2.08
N VAL B 235 15.39 -8.13 2.20
CA VAL B 235 15.23 -7.24 3.34
C VAL B 235 13.96 -7.56 4.12
N ALA B 236 14.02 -7.36 5.44
CA ALA B 236 12.84 -7.53 6.27
C ALA B 236 11.80 -6.50 5.86
N LYS B 237 10.52 -6.83 6.10
CA LYS B 237 9.41 -5.97 5.66
C LYS B 237 9.53 -4.53 6.17
N ASN B 238 9.98 -4.37 7.40
CA ASN B 238 10.07 -3.04 8.01
C ASN B 238 11.47 -2.45 7.99
N ALA B 239 12.39 -3.14 7.32
CA ALA B 239 13.77 -2.69 7.24
C ALA B 239 13.92 -1.47 6.35
N ASP B 240 14.64 -0.47 6.85
CA ASP B 240 14.95 0.72 6.04
C ASP B 240 16.45 0.95 5.93
N GLU B 241 16.84 2.21 5.79
CA GLU B 241 18.24 2.56 5.63
C GLU B 241 19.03 2.45 6.94
N HIS B 242 18.33 2.61 8.07
CA HIS B 242 19.00 2.73 9.36
C HIS B 242 18.80 1.52 10.27
N GLN B 243 17.76 0.73 10.00
CA GLN B 243 17.47 -0.43 10.83
C GLN B 243 16.87 -1.58 10.03
N GLY B 244 16.88 -2.78 10.61
CA GLY B 244 16.27 -3.94 9.99
C GLY B 244 17.27 -4.94 9.44
N GLU B 245 16.82 -6.18 9.31
CA GLU B 245 17.67 -7.25 8.81
C GLU B 245 17.78 -7.24 7.29
N VAL B 246 19.02 -7.21 6.80
CA VAL B 246 19.28 -7.16 5.37
C VAL B 246 20.29 -8.23 4.96
N TYR B 247 19.99 -8.95 3.89
CA TYR B 247 20.90 -9.95 3.35
C TYR B 247 21.30 -9.57 1.94
N GLY B 248 22.58 -9.25 1.75
CA GLY B 248 23.07 -8.85 0.45
C GLY B 248 23.68 -9.99 -0.34
N PHE B 249 23.62 -9.89 -1.66
CA PHE B 249 24.20 -10.89 -2.55
C PHE B 249 24.88 -10.22 -3.74
N SER B 250 26.21 -10.12 -3.67
CA SER B 250 26.98 -9.42 -4.69
C SER B 250 27.85 -10.37 -5.50
N PHE B 251 27.77 -10.26 -6.82
CA PHE B 251 28.48 -11.18 -7.72
C PHE B 251 29.77 -10.57 -8.24
N VAL B 252 30.90 -11.21 -7.92
CA VAL B 252 32.20 -10.76 -8.38
C VAL B 252 32.49 -11.32 -9.78
N TYR B 253 31.83 -10.74 -10.78
CA TYR B 253 31.92 -11.22 -12.14
C TYR B 253 31.32 -10.16 -13.07
N SER B 254 31.96 -9.93 -14.20
CA SER B 254 31.59 -8.82 -15.07
C SER B 254 30.91 -9.27 -16.35
N GLY B 255 30.46 -10.51 -16.40
CA GLY B 255 29.81 -11.05 -17.58
C GLY B 255 28.34 -11.38 -17.34
N ASN B 256 27.86 -12.40 -18.03
CA ASN B 256 26.47 -12.86 -17.86
C ASN B 256 26.24 -13.42 -16.46
N PHE B 257 25.09 -13.08 -15.87
CA PHE B 257 24.79 -13.56 -14.53
C PHE B 257 23.30 -13.86 -14.35
N LEU B 258 23.00 -14.68 -13.35
CA LEU B 258 21.62 -14.91 -12.94
C LEU B 258 21.51 -14.67 -11.44
N ALA B 259 20.61 -13.78 -11.05
CA ALA B 259 20.37 -13.51 -9.64
C ALA B 259 18.91 -13.80 -9.32
N GLN B 260 18.64 -14.98 -8.79
CA GLN B 260 17.28 -15.48 -8.71
C GLN B 260 16.82 -15.76 -7.27
N ILE B 261 15.55 -15.47 -7.01
CA ILE B 261 14.91 -15.83 -5.75
C ILE B 261 13.66 -16.65 -6.08
N GLU B 262 13.56 -17.84 -5.50
CA GLU B 262 12.42 -18.71 -5.74
C GLU B 262 11.69 -19.06 -4.45
N VAL B 263 10.38 -18.83 -4.45
CA VAL B 263 9.54 -19.17 -3.29
C VAL B 263 8.66 -20.36 -3.61
N ASP B 264 8.84 -21.45 -2.86
CA ASP B 264 8.10 -22.68 -3.13
C ASP B 264 6.76 -22.73 -2.41
N GLN B 265 6.11 -23.89 -2.49
CA GLN B 265 4.78 -24.09 -1.92
C GLN B 265 4.76 -23.98 -0.39
N PHE B 266 5.92 -24.20 0.23
CA PHE B 266 5.99 -24.25 1.69
C PHE B 266 6.63 -23.00 2.30
N GLY B 267 6.65 -21.92 1.54
CA GLY B 267 7.08 -20.63 2.05
C GLY B 267 8.58 -20.48 2.27
N THR B 268 9.37 -21.32 1.62
CA THR B 268 10.82 -21.19 1.69
C THR B 268 11.32 -20.40 0.48
N ALA B 269 12.43 -19.68 0.66
CA ALA B 269 12.97 -18.84 -0.41
C ALA B 269 14.36 -19.28 -0.83
N ARG B 270 14.50 -19.75 -2.07
CA ARG B 270 15.78 -20.15 -2.60
C ARG B 270 16.47 -18.99 -3.32
N VAL B 271 17.56 -18.51 -2.75
CA VAL B 271 18.35 -17.45 -3.35
C VAL B 271 19.60 -18.03 -4.01
N SER B 272 19.67 -17.95 -5.34
CA SER B 272 20.80 -18.46 -6.08
C SER B 272 21.42 -17.39 -6.97
N MET B 273 22.73 -17.46 -7.15
CA MET B 273 23.44 -16.46 -7.93
C MET B 273 24.69 -17.05 -8.58
N GLY B 274 24.93 -16.68 -9.83
CA GLY B 274 26.10 -17.16 -10.55
C GLY B 274 26.03 -16.84 -12.02
N ILE B 275 26.93 -17.44 -12.80
CA ILE B 275 26.94 -17.26 -14.25
C ILE B 275 25.62 -17.73 -14.84
N ASN B 276 24.99 -16.87 -15.64
CA ASN B 276 23.70 -17.18 -16.24
C ASN B 276 23.72 -18.47 -17.04
N PRO B 277 22.89 -19.44 -16.65
CA PRO B 277 22.77 -20.74 -17.33
C PRO B 277 22.33 -20.61 -18.78
N PHE B 278 21.58 -19.55 -19.08
CA PHE B 278 21.05 -19.34 -20.42
C PHE B 278 22.16 -19.20 -21.46
N ASP B 279 22.06 -19.98 -22.53
CA ASP B 279 23.04 -19.99 -23.62
C ASP B 279 24.44 -20.32 -23.11
N PHE B 280 24.51 -21.16 -22.08
CA PHE B 280 25.77 -21.50 -21.44
C PHE B 280 25.94 -23.00 -21.20
N THR B 281 27.07 -23.53 -21.67
CA THR B 281 27.47 -24.89 -21.33
C THR B 281 28.97 -24.88 -21.05
N TRP B 282 29.47 -25.97 -20.46
CA TRP B 282 30.91 -26.11 -20.24
C TRP B 282 31.33 -27.57 -20.20
N LEU B 283 32.04 -28.01 -21.24
CA LEU B 283 32.48 -29.39 -21.33
C LEU B 283 33.65 -29.67 -20.39
N LEU B 284 33.56 -30.78 -19.67
CA LEU B 284 34.63 -31.20 -18.78
C LEU B 284 35.16 -32.58 -19.16
N GLN B 285 36.29 -32.60 -19.86
CA GLN B 285 36.99 -33.85 -20.16
C GLN B 285 37.53 -34.42 -18.85
N PRO B 286 37.74 -35.74 -18.79
CA PRO B 286 38.33 -36.37 -17.60
C PRO B 286 39.62 -35.68 -17.17
N GLY B 287 39.62 -35.10 -15.97
CA GLY B 287 40.78 -34.43 -15.44
C GLY B 287 40.64 -32.92 -15.41
N GLU B 288 39.71 -32.40 -16.20
CA GLU B 288 39.50 -30.95 -16.27
C GLU B 288 38.64 -30.45 -15.11
N SER B 289 38.72 -29.16 -14.85
CA SER B 289 37.99 -28.56 -13.73
C SER B 289 37.38 -27.22 -14.12
N PHE B 290 36.39 -26.78 -13.35
CA PHE B 290 35.75 -25.49 -13.58
C PHE B 290 35.58 -24.71 -12.29
N GLN B 291 36.09 -23.48 -12.27
CA GLN B 291 35.98 -22.62 -11.10
C GLN B 291 34.98 -21.50 -11.33
N THR B 292 33.96 -21.44 -10.48
CA THR B 292 32.96 -20.38 -10.57
C THR B 292 33.46 -19.14 -9.84
N PRO B 293 33.02 -17.96 -10.29
CA PRO B 293 33.33 -16.72 -9.56
C PRO B 293 32.66 -16.74 -8.19
N GLU B 294 33.08 -15.87 -7.29
CA GLU B 294 32.52 -15.88 -5.95
C GLU B 294 31.36 -14.91 -5.80
N VAL B 295 30.51 -15.18 -4.81
CA VAL B 295 29.43 -14.28 -4.44
C VAL B 295 29.62 -13.80 -3.01
N VAL B 296 29.71 -12.49 -2.84
CA VAL B 296 29.88 -11.91 -1.51
C VAL B 296 28.54 -11.72 -0.82
N MET B 297 28.36 -12.42 0.30
CA MET B 297 27.10 -12.40 1.02
C MET B 297 27.22 -11.64 2.34
N VAL B 298 26.51 -10.52 2.44
CA VAL B 298 26.61 -9.66 3.62
C VAL B 298 25.30 -9.61 4.40
N TYR B 299 25.39 -9.82 5.71
CA TYR B 299 24.24 -9.67 6.59
C TYR B 299 24.39 -8.42 7.45
N SER B 300 23.27 -7.74 7.70
CA SER B 300 23.27 -6.58 8.58
C SER B 300 21.92 -6.45 9.29
N ASP B 301 21.97 -6.01 10.54
CA ASP B 301 20.75 -5.72 11.30
C ASP B 301 20.63 -4.22 11.51
N GLN B 302 21.43 -3.46 10.75
CA GLN B 302 21.42 -2.01 10.84
C GLN B 302 21.02 -1.38 9.50
N GLY B 303 20.10 -2.03 8.80
CA GLY B 303 19.55 -1.49 7.58
C GLY B 303 20.49 -1.49 6.39
N LEU B 304 20.09 -0.78 5.34
CA LEU B 304 20.87 -0.72 4.11
C LEU B 304 22.22 -0.02 4.31
N ASN B 305 22.24 1.02 5.14
CA ASN B 305 23.48 1.71 5.46
C ASN B 305 24.51 0.75 6.04
N GLY B 306 24.08 -0.06 6.99
CA GLY B 306 24.96 -1.04 7.61
C GLY B 306 25.54 -2.01 6.60
N MET B 307 24.68 -2.52 5.71
CA MET B 307 25.11 -3.45 4.68
C MET B 307 26.08 -2.79 3.71
N SER B 308 25.71 -1.61 3.23
CA SER B 308 26.52 -0.88 2.25
C SER B 308 27.92 -0.57 2.80
N GLN B 309 27.97 -0.15 4.06
CA GLN B 309 29.23 0.22 4.69
C GLN B 309 30.18 -0.97 4.80
N THR B 310 29.61 -2.15 5.05
CA THR B 310 30.39 -3.37 5.05
C THR B 310 31.00 -3.63 3.68
N TYR B 311 30.17 -3.50 2.65
CA TYR B 311 30.63 -3.64 1.27
C TYR B 311 31.67 -2.59 0.93
N HIS B 312 31.44 -1.36 1.38
CA HIS B 312 32.34 -0.24 1.12
C HIS B 312 33.76 -0.51 1.62
N GLU B 313 33.88 -0.89 2.89
CA GLU B 313 35.18 -1.18 3.46
C GLU B 313 35.83 -2.40 2.82
N LEU B 314 35.03 -3.46 2.65
CA LEU B 314 35.53 -4.71 2.09
C LEU B 314 36.04 -4.53 0.66
N TYR B 315 35.24 -3.88 -0.17
CA TYR B 315 35.59 -3.72 -1.58
C TYR B 315 36.70 -2.71 -1.81
N ARG B 316 36.84 -1.74 -0.91
CA ARG B 316 37.86 -0.71 -1.07
C ARG B 316 39.22 -1.19 -0.56
N THR B 317 39.22 -2.05 0.45
CA THR B 317 40.45 -2.47 1.10
C THR B 317 40.84 -3.92 0.79
N ARG B 318 39.87 -4.73 0.37
CA ARG B 318 40.14 -6.16 0.15
C ARG B 318 39.58 -6.69 -1.16
N LEU B 319 39.40 -5.81 -2.14
CA LEU B 319 38.99 -6.23 -3.49
C LEU B 319 39.73 -5.42 -4.54
N ALA B 320 39.65 -4.10 -4.42
CA ALA B 320 40.43 -3.22 -5.28
C ALA B 320 41.90 -3.38 -4.94
N ARG B 321 42.77 -3.22 -5.94
CA ARG B 321 44.20 -3.45 -5.76
C ARG B 321 45.03 -2.28 -6.27
N GLY B 322 46.34 -2.49 -6.34
CA GLY B 322 47.24 -1.50 -6.89
C GLY B 322 47.78 -0.52 -5.86
N ALA B 323 48.64 0.39 -6.30
CA ALA B 323 49.24 1.38 -5.42
C ALA B 323 48.24 2.44 -5.00
N PHE B 324 47.18 2.60 -5.80
CA PHE B 324 46.20 3.65 -5.57
C PHE B 324 45.00 3.19 -4.75
N ARG B 325 45.11 2.01 -4.14
CA ARG B 325 44.02 1.43 -3.37
C ARG B 325 43.64 2.31 -2.18
N ASP B 326 44.64 2.70 -1.40
CA ASP B 326 44.41 3.53 -0.22
C ASP B 326 44.85 4.97 -0.49
N ARG B 327 45.02 5.30 -1.76
CA ARG B 327 45.46 6.64 -2.15
C ARG B 327 44.30 7.55 -2.53
N GLU B 328 44.42 8.82 -2.19
CA GLU B 328 43.45 9.82 -2.59
C GLU B 328 43.47 9.97 -4.11
N ARG B 329 42.28 9.93 -4.73
CA ARG B 329 42.18 9.94 -6.18
C ARG B 329 42.28 11.37 -6.74
N PRO B 330 42.97 11.52 -7.88
CA PRO B 330 43.24 12.83 -8.48
C PRO B 330 41.98 13.50 -9.05
N ILE B 331 41.92 14.82 -8.92
CA ILE B 331 40.85 15.60 -9.52
C ILE B 331 41.20 15.86 -11.00
N LEU B 332 40.50 15.17 -11.89
CA LEU B 332 40.85 15.20 -13.31
C LEU B 332 39.91 16.03 -14.17
N ILE B 333 40.36 16.31 -15.38
CA ILE B 333 39.52 16.95 -16.39
C ILE B 333 39.44 16.04 -17.62
N ASN B 334 38.22 15.75 -18.06
CA ASN B 334 38.00 14.91 -19.23
C ASN B 334 37.42 15.72 -20.38
N ASN B 335 37.89 15.46 -21.58
CA ASN B 335 37.54 16.29 -22.73
C ASN B 335 36.43 15.71 -23.60
N TRP B 336 35.86 14.59 -23.18
CA TRP B 336 34.83 13.92 -23.97
C TRP B 336 33.63 14.81 -24.28
N GLU B 337 32.90 15.22 -23.25
CA GLU B 337 31.72 16.06 -23.45
C GLU B 337 32.10 17.47 -23.93
N ALA B 338 33.36 17.84 -23.73
CA ALA B 338 33.85 19.16 -24.09
C ALA B 338 34.05 19.33 -25.59
N THR B 339 34.67 18.33 -26.21
CA THR B 339 35.06 18.43 -27.62
C THR B 339 34.64 17.21 -28.45
N TYR B 340 34.35 16.11 -27.77
CA TYR B 340 34.09 14.83 -28.43
C TYR B 340 35.28 14.40 -29.29
N PHE B 341 35.05 14.22 -30.59
CA PHE B 341 36.11 13.81 -31.49
C PHE B 341 36.87 15.01 -32.06
N ASP B 342 36.18 16.14 -32.17
CA ASP B 342 36.76 17.34 -32.75
C ASP B 342 37.73 18.02 -31.80
N PHE B 343 39.00 17.64 -31.87
CA PHE B 343 40.05 18.27 -31.08
C PHE B 343 41.42 18.13 -31.74
N ASN B 344 42.41 18.81 -31.16
CA ASN B 344 43.79 18.66 -31.61
C ASN B 344 44.77 18.91 -30.47
N GLU B 345 46.06 18.75 -30.74
CA GLU B 345 47.08 18.95 -29.72
C GLU B 345 47.12 20.40 -29.25
N GLU B 346 46.81 21.31 -30.16
CA GLU B 346 46.82 22.73 -29.85
C GLU B 346 45.77 23.10 -28.81
N LYS B 347 44.51 22.74 -29.07
CA LYS B 347 43.40 23.11 -28.20
C LYS B 347 43.50 22.50 -26.81
N ILE B 348 44.16 21.36 -26.71
CA ILE B 348 44.34 20.68 -25.42
C ILE B 348 45.44 21.34 -24.60
N VAL B 349 46.56 21.64 -25.24
CA VAL B 349 47.68 22.29 -24.56
C VAL B 349 47.33 23.74 -24.19
N ASN B 350 46.58 24.40 -25.05
CA ASN B 350 46.14 25.78 -24.80
C ASN B 350 45.32 25.93 -23.53
N ILE B 351 44.43 24.97 -23.28
CA ILE B 351 43.52 25.04 -22.14
C ILE B 351 44.16 24.44 -20.88
N ALA B 352 45.26 23.70 -21.07
CA ALA B 352 45.93 23.04 -19.95
C ALA B 352 46.50 24.05 -18.95
N ARG B 353 46.86 25.24 -19.46
CA ARG B 353 47.39 26.29 -18.60
C ARG B 353 46.35 26.72 -17.58
N THR B 354 45.12 26.92 -18.05
CA THR B 354 44.02 27.34 -17.18
C THR B 354 43.70 26.28 -16.14
N GLU B 355 43.67 25.02 -16.59
CA GLU B 355 43.34 23.89 -15.72
C GLU B 355 44.25 23.78 -14.50
N ALA B 356 45.55 23.95 -14.73
CA ALA B 356 46.53 23.86 -13.65
C ALA B 356 46.35 24.98 -12.63
N GLU B 357 45.93 26.14 -13.12
CA GLU B 357 45.70 27.31 -12.27
C GLU B 357 44.43 27.16 -11.43
N LEU B 358 43.53 26.31 -11.90
CA LEU B 358 42.28 26.04 -11.20
C LEU B 358 42.46 25.00 -10.11
N GLY B 359 43.53 24.22 -10.21
CA GLY B 359 43.85 23.22 -9.21
C GLY B 359 43.69 21.79 -9.70
N ILE B 360 43.32 21.64 -10.98
CA ILE B 360 43.18 20.33 -11.59
C ILE B 360 44.51 19.57 -11.53
N GLU B 361 44.44 18.27 -11.28
CA GLU B 361 45.64 17.47 -11.07
C GLU B 361 45.95 16.54 -12.23
N LEU B 362 44.98 16.31 -13.10
CA LEU B 362 45.12 15.31 -14.15
C LEU B 362 44.35 15.66 -15.41
N VAL B 363 45.03 15.62 -16.55
CA VAL B 363 44.38 15.80 -17.85
C VAL B 363 44.16 14.45 -18.51
N VAL B 364 42.92 14.16 -18.87
CA VAL B 364 42.60 12.87 -19.49
C VAL B 364 42.18 13.03 -20.94
N LEU B 365 43.00 12.52 -21.84
CA LEU B 365 42.69 12.52 -23.26
C LEU B 365 41.75 11.37 -23.57
N ASP B 366 40.57 11.70 -24.09
CA ASP B 366 39.54 10.68 -24.32
C ASP B 366 39.56 10.13 -25.74
N ASP B 367 38.47 9.50 -26.13
CA ASP B 367 38.34 8.85 -27.43
C ASP B 367 38.54 9.83 -28.58
N GLY B 368 39.36 9.44 -29.55
CA GLY B 368 39.58 10.25 -30.74
C GLY B 368 41.05 10.53 -31.04
N TRP B 369 41.94 9.92 -30.27
CA TRP B 369 43.37 10.18 -30.41
C TRP B 369 44.05 9.20 -31.38
N PHE B 370 43.42 8.05 -31.58
CA PHE B 370 44.03 6.96 -32.33
C PHE B 370 43.43 6.79 -33.72
N GLY B 371 44.22 6.22 -34.63
CA GLY B 371 43.79 5.91 -35.97
C GLY B 371 43.20 7.09 -36.72
N GLU B 372 41.97 6.92 -37.20
CA GLU B 372 41.25 7.99 -37.89
C GLU B 372 39.98 8.31 -37.12
N ARG B 373 40.07 8.31 -35.80
CA ARG B 373 38.91 8.55 -34.95
C ARG B 373 38.45 10.00 -34.93
N ASP B 374 37.81 10.43 -36.01
CA ASP B 374 37.13 11.71 -36.02
C ASP B 374 35.64 11.46 -35.90
N ASP B 375 35.30 10.18 -35.74
CA ASP B 375 33.94 9.75 -35.47
C ASP B 375 33.96 8.40 -34.74
N ASP B 376 32.79 7.82 -34.52
CA ASP B 376 32.72 6.55 -33.81
C ASP B 376 32.34 5.40 -34.74
N ARG B 377 32.89 5.41 -35.95
CA ARG B 377 32.52 4.42 -36.95
C ARG B 377 33.72 3.69 -37.55
N ARG B 378 34.89 3.85 -36.94
CA ARG B 378 36.13 3.30 -37.52
C ARG B 378 37.28 3.23 -36.52
N SER B 379 38.40 2.69 -36.99
CA SER B 379 39.69 2.79 -36.31
C SER B 379 39.89 1.99 -35.01
N LEU B 380 38.83 1.34 -34.53
CA LEU B 380 38.97 0.53 -33.32
C LEU B 380 39.83 -0.70 -33.57
N GLY B 381 40.92 -0.82 -32.82
CA GLY B 381 41.87 -1.90 -33.01
C GLY B 381 43.20 -1.39 -33.50
N ASP B 382 43.19 -0.21 -34.13
CA ASP B 382 44.40 0.42 -34.63
C ASP B 382 44.90 1.46 -33.63
N TRP B 383 45.57 1.01 -32.58
CA TRP B 383 45.99 1.88 -31.49
C TRP B 383 47.29 2.62 -31.78
N ILE B 384 47.30 3.38 -32.87
CA ILE B 384 48.43 4.22 -33.22
C ILE B 384 48.01 5.69 -33.20
N VAL B 385 48.91 6.56 -32.76
CA VAL B 385 48.60 7.97 -32.59
C VAL B 385 48.27 8.65 -33.92
N ASN B 386 47.19 9.43 -33.93
CA ASN B 386 46.83 10.23 -35.09
C ASN B 386 47.74 11.45 -35.17
N ARG B 387 48.56 11.51 -36.21
CA ARG B 387 49.55 12.58 -36.35
C ARG B 387 48.95 13.90 -36.80
N ARG B 388 47.82 13.84 -37.52
CA ARG B 388 47.14 15.06 -37.95
C ARG B 388 46.54 15.79 -36.75
N LYS B 389 46.06 15.01 -35.78
CA LYS B 389 45.47 15.58 -34.57
C LYS B 389 46.53 15.83 -33.49
N LEU B 390 47.46 14.89 -33.37
CA LEU B 390 48.53 15.01 -32.39
C LEU B 390 49.90 14.88 -33.05
N PRO B 391 50.40 15.98 -33.64
CA PRO B 391 51.67 16.01 -34.38
C PRO B 391 52.86 15.52 -33.55
N ASN B 392 52.89 15.86 -32.27
CA ASN B 392 54.01 15.47 -31.40
C ASN B 392 53.79 14.13 -30.71
N GLY B 393 52.69 13.46 -31.06
CA GLY B 393 52.39 12.15 -30.52
C GLY B 393 51.93 12.17 -29.08
N LEU B 394 51.78 10.98 -28.51
CA LEU B 394 51.32 10.85 -27.12
C LEU B 394 52.40 11.29 -26.15
N ASP B 395 53.66 11.01 -26.48
CA ASP B 395 54.77 11.39 -25.62
C ASP B 395 54.93 12.90 -25.61
N GLY B 396 54.70 13.53 -26.76
CA GLY B 396 54.82 14.98 -26.88
C GLY B 396 53.74 15.72 -26.14
N LEU B 397 52.51 15.20 -26.22
CA LEU B 397 51.38 15.81 -25.54
C LEU B 397 51.55 15.71 -24.02
N ALA B 398 51.85 14.50 -23.55
CA ALA B 398 52.07 14.28 -22.12
C ALA B 398 53.23 15.11 -21.59
N LYS B 399 54.21 15.35 -22.46
CA LYS B 399 55.35 16.19 -22.15
C LYS B 399 54.90 17.63 -21.84
N GLN B 400 54.13 18.21 -22.75
CA GLN B 400 53.67 19.58 -22.59
C GLN B 400 52.70 19.71 -21.42
N VAL B 401 52.05 18.61 -21.07
CA VAL B 401 51.09 18.58 -19.97
C VAL B 401 51.80 18.43 -18.62
N ASN B 402 52.80 17.55 -18.57
CA ASN B 402 53.53 17.29 -17.34
C ASN B 402 54.31 18.49 -16.81
N GLU B 403 54.82 19.31 -17.72
CA GLU B 403 55.62 20.47 -17.33
C GLU B 403 54.75 21.60 -16.78
N LEU B 404 53.43 21.46 -16.92
CA LEU B 404 52.48 22.42 -16.38
C LEU B 404 51.92 21.94 -15.05
N GLY B 405 52.56 20.93 -14.47
CA GLY B 405 52.15 20.40 -13.18
C GLY B 405 50.96 19.47 -13.24
N LEU B 406 50.55 19.12 -14.46
CA LEU B 406 49.39 18.26 -14.67
C LEU B 406 49.81 16.84 -15.03
N GLN B 407 49.03 15.86 -14.60
CA GLN B 407 49.26 14.47 -14.99
C GLN B 407 48.50 14.17 -16.28
N PHE B 408 48.93 13.15 -17.00
CA PHE B 408 48.29 12.80 -18.27
C PHE B 408 47.61 11.44 -18.21
N GLY B 409 46.46 11.34 -18.87
CA GLY B 409 45.69 10.11 -18.90
C GLY B 409 45.23 9.76 -20.31
N LEU B 410 45.05 8.47 -20.57
CA LEU B 410 44.70 8.00 -21.91
C LEU B 410 43.45 7.12 -21.91
N TRP B 411 42.72 7.14 -23.02
CA TRP B 411 41.50 6.37 -23.18
C TRP B 411 41.72 5.19 -24.13
N VAL B 412 41.25 4.01 -23.74
CA VAL B 412 41.36 2.84 -24.60
C VAL B 412 40.10 1.96 -24.55
N GLU B 413 39.81 1.30 -25.66
CA GLU B 413 38.73 0.32 -25.74
C GLU B 413 39.25 -0.93 -26.43
N PRO B 414 40.16 -1.66 -25.75
CA PRO B 414 40.94 -2.74 -26.37
C PRO B 414 40.15 -4.01 -26.68
N GLU B 415 38.90 -4.08 -26.24
CA GLU B 415 38.09 -5.29 -26.46
C GLU B 415 37.29 -5.20 -27.75
N MET B 416 37.41 -4.08 -28.45
CA MET B 416 36.58 -3.83 -29.62
C MET B 416 37.37 -3.61 -30.90
N VAL B 417 36.76 -3.97 -32.03
CA VAL B 417 37.39 -3.79 -33.33
C VAL B 417 36.39 -3.28 -34.36
N SER B 418 36.74 -2.17 -35.01
CA SER B 418 35.91 -1.62 -36.07
C SER B 418 36.08 -2.44 -37.34
N PRO B 419 34.97 -2.68 -38.05
CA PRO B 419 35.05 -3.30 -39.38
C PRO B 419 35.95 -2.47 -40.29
N ASN B 420 35.81 -1.15 -40.20
CA ASN B 420 36.69 -0.23 -40.93
C ASN B 420 37.95 0.05 -40.12
N SER B 421 38.89 -0.90 -40.15
CA SER B 421 40.14 -0.77 -39.44
C SER B 421 41.19 -1.69 -40.05
N GLU B 422 42.47 -1.39 -39.81
CA GLU B 422 43.55 -2.22 -40.32
C GLU B 422 43.55 -3.58 -39.64
N LEU B 423 43.05 -3.63 -38.41
CA LEU B 423 43.03 -4.87 -37.64
C LEU B 423 42.01 -5.86 -38.23
N TYR B 424 40.85 -5.34 -38.61
CA TYR B 424 39.78 -6.20 -39.13
C TYR B 424 40.06 -6.68 -40.54
N ARG B 425 40.85 -5.91 -41.29
CA ARG B 425 41.23 -6.31 -42.64
C ARG B 425 42.30 -7.39 -42.59
N LYS B 426 43.13 -7.34 -41.56
CA LYS B 426 44.20 -8.32 -41.39
C LYS B 426 43.69 -9.56 -40.66
N HIS B 427 42.79 -9.35 -39.70
CA HIS B 427 42.26 -10.45 -38.91
C HIS B 427 40.73 -10.39 -38.80
N PRO B 428 40.01 -10.76 -39.87
CA PRO B 428 38.55 -10.76 -39.86
C PRO B 428 37.96 -11.82 -38.93
N ASP B 429 38.74 -12.85 -38.63
CA ASP B 429 38.26 -13.96 -37.80
C ASP B 429 38.55 -13.74 -36.33
N TRP B 430 39.20 -12.63 -35.99
CA TRP B 430 39.57 -12.33 -34.62
C TRP B 430 38.41 -11.78 -33.79
N CYS B 431 37.23 -11.71 -34.40
CA CYS B 431 36.07 -11.16 -33.70
C CYS B 431 35.10 -12.27 -33.30
N LEU B 432 34.16 -11.93 -32.40
CA LEU B 432 33.11 -12.85 -32.03
C LEU B 432 32.13 -13.00 -33.20
N HIS B 433 31.96 -14.23 -33.66
CA HIS B 433 31.11 -14.49 -34.80
C HIS B 433 30.71 -15.95 -34.88
N VAL B 434 29.72 -16.25 -35.72
CA VAL B 434 29.29 -17.61 -35.97
C VAL B 434 29.20 -17.82 -37.48
N PRO B 435 29.51 -19.05 -37.94
CA PRO B 435 29.58 -19.37 -39.37
C PRO B 435 28.36 -18.92 -40.19
N ASN B 436 28.63 -18.19 -41.27
CA ASN B 436 27.63 -17.82 -42.26
C ASN B 436 26.50 -16.91 -41.77
N ARG B 437 26.70 -16.28 -40.62
CA ARG B 437 25.70 -15.36 -40.08
C ARG B 437 26.17 -13.91 -40.21
N PRO B 438 25.24 -12.99 -40.51
CA PRO B 438 25.56 -11.57 -40.59
C PRO B 438 26.10 -11.06 -39.25
N ARG B 439 27.23 -10.35 -39.30
CA ARG B 439 27.87 -9.85 -38.10
C ARG B 439 27.27 -8.51 -37.66
N SER B 440 26.32 -8.57 -36.75
CA SER B 440 25.62 -7.38 -36.27
C SER B 440 26.58 -6.43 -35.56
N GLU B 441 26.32 -5.13 -35.70
CA GLU B 441 27.20 -4.11 -35.12
C GLU B 441 26.48 -3.27 -34.08
N GLY B 442 27.21 -2.89 -33.04
CA GLY B 442 26.72 -1.95 -32.04
C GLY B 442 27.68 -0.77 -32.00
N ARG B 443 27.16 0.42 -32.27
CA ARG B 443 27.99 1.61 -32.47
C ARG B 443 29.03 1.37 -33.56
N ASN B 444 28.59 0.72 -34.64
CA ASN B 444 29.43 0.44 -35.81
C ASN B 444 30.73 -0.28 -35.49
N GLN B 445 30.70 -1.21 -34.54
CA GLN B 445 31.90 -1.94 -34.15
C GLN B 445 31.60 -3.40 -33.81
N LEU B 446 32.65 -4.21 -33.73
CA LEU B 446 32.52 -5.61 -33.39
C LEU B 446 33.35 -5.94 -32.15
N VAL B 447 33.00 -7.04 -31.50
CA VAL B 447 33.71 -7.46 -30.29
C VAL B 447 34.85 -8.41 -30.64
N LEU B 448 36.03 -8.17 -30.06
CA LEU B 448 37.17 -9.04 -30.26
C LEU B 448 37.00 -10.36 -29.52
N ASP B 449 37.56 -11.42 -30.09
CA ASP B 449 37.45 -12.75 -29.51
C ASP B 449 38.49 -12.96 -28.42
N TYR B 450 38.14 -12.59 -27.19
CA TYR B 450 39.05 -12.74 -26.06
C TYR B 450 39.09 -14.18 -25.55
N SER B 451 38.34 -15.06 -26.20
CA SER B 451 38.41 -16.48 -25.91
C SER B 451 39.69 -17.06 -26.50
N ARG B 452 40.25 -16.35 -27.46
CA ARG B 452 41.43 -16.81 -28.18
C ARG B 452 42.73 -16.31 -27.55
N GLU B 453 43.75 -17.16 -27.54
CA GLU B 453 45.03 -16.83 -26.93
C GLU B 453 45.82 -15.83 -27.75
N ASP B 454 45.72 -15.92 -29.06
CA ASP B 454 46.46 -15.03 -29.94
C ASP B 454 45.92 -13.59 -29.90
N VAL B 455 44.59 -13.47 -29.81
CA VAL B 455 43.96 -12.15 -29.72
C VAL B 455 44.34 -11.45 -28.41
N CYS B 456 44.27 -12.20 -27.31
CA CYS B 456 44.60 -11.66 -26.00
C CYS B 456 46.07 -11.25 -25.92
N ASP B 457 46.95 -12.12 -26.39
CA ASP B 457 48.39 -11.83 -26.39
C ASP B 457 48.73 -10.59 -27.20
N TYR B 458 48.04 -10.42 -28.34
CA TYR B 458 48.24 -9.25 -29.17
C TYR B 458 47.86 -7.97 -28.43
N ILE B 459 46.68 -7.97 -27.82
CA ILE B 459 46.20 -6.82 -27.06
C ILE B 459 47.12 -6.50 -25.89
N ILE B 460 47.51 -7.52 -25.15
CA ILE B 460 48.41 -7.35 -24.01
C ILE B 460 49.71 -6.67 -24.41
N GLU B 461 50.27 -7.06 -25.55
CA GLU B 461 51.52 -6.49 -26.03
C GLU B 461 51.32 -5.10 -26.64
N THR B 462 50.23 -4.93 -27.39
CA THR B 462 49.95 -3.67 -28.06
C THR B 462 49.69 -2.55 -27.06
N ILE B 463 48.80 -2.81 -26.10
CA ILE B 463 48.39 -1.79 -25.15
C ILE B 463 49.50 -1.45 -24.16
N SER B 464 50.25 -2.46 -23.72
CA SER B 464 51.35 -2.25 -22.78
C SER B 464 52.42 -1.34 -23.34
N ASN B 465 52.64 -1.41 -24.66
CA ASN B 465 53.62 -0.55 -25.31
C ASN B 465 53.11 0.87 -25.48
N VAL B 466 51.82 1.00 -25.78
CA VAL B 466 51.20 2.32 -25.95
C VAL B 466 51.22 3.09 -24.63
N LEU B 467 50.90 2.42 -23.54
CA LEU B 467 50.85 3.05 -22.23
C LEU B 467 52.25 3.34 -21.68
N ALA B 468 53.25 2.69 -22.25
CA ALA B 468 54.63 2.91 -21.83
C ALA B 468 55.37 3.85 -22.77
N SER B 469 54.72 4.21 -23.88
CA SER B 469 55.32 5.09 -24.87
C SER B 469 55.23 6.55 -24.46
N ALA B 470 54.52 6.80 -23.36
CA ALA B 470 54.34 8.16 -22.86
C ALA B 470 54.21 8.13 -21.34
N PRO B 471 54.68 9.19 -20.67
CA PRO B 471 54.54 9.28 -19.21
C PRO B 471 53.07 9.34 -18.79
N ILE B 472 52.39 8.22 -18.89
CA ILE B 472 50.96 8.14 -18.59
C ILE B 472 50.75 7.55 -17.19
N THR B 473 49.91 8.21 -16.40
CA THR B 473 49.64 7.75 -15.03
C THR B 473 48.16 7.47 -14.80
N TYR B 474 47.37 7.49 -15.88
CA TYR B 474 45.94 7.24 -15.78
C TYR B 474 45.41 6.63 -17.06
N VAL B 475 44.58 5.59 -16.93
CA VAL B 475 43.99 4.95 -18.11
C VAL B 475 42.49 4.70 -17.91
N LYS B 476 41.70 5.12 -18.89
CA LYS B 476 40.27 4.87 -18.90
C LYS B 476 39.95 3.72 -19.84
N TRP B 477 39.58 2.58 -19.27
CA TRP B 477 39.26 1.39 -20.05
C TRP B 477 37.76 1.34 -20.32
N ASP B 478 37.38 1.49 -21.58
CA ASP B 478 35.98 1.64 -21.95
C ASP B 478 35.50 0.46 -22.80
N MET B 479 34.18 0.29 -22.88
CA MET B 479 33.57 -0.71 -23.74
C MET B 479 32.14 -0.29 -24.08
N ASN B 480 31.87 -0.03 -25.36
CA ASN B 480 30.58 0.50 -25.76
C ASN B 480 29.76 -0.44 -26.65
N ARG B 481 29.66 -1.70 -26.26
CA ARG B 481 28.91 -2.68 -27.03
C ARG B 481 28.65 -3.95 -26.23
N HIS B 482 27.52 -4.59 -26.48
CA HIS B 482 27.23 -5.88 -25.89
C HIS B 482 27.31 -6.99 -26.94
N MET B 483 27.68 -8.19 -26.51
CA MET B 483 27.96 -9.31 -27.41
C MET B 483 26.77 -9.79 -28.22
N THR B 484 26.98 -9.95 -29.53
CA THR B 484 25.99 -10.56 -30.42
C THR B 484 26.69 -11.58 -31.31
N GLU B 485 25.94 -12.56 -31.80
CA GLU B 485 26.50 -13.67 -32.57
C GLU B 485 27.68 -14.30 -31.85
N ILE B 486 27.46 -14.67 -30.59
CA ILE B 486 28.50 -15.23 -29.74
C ILE B 486 29.03 -16.55 -30.29
N GLY B 487 30.34 -16.59 -30.56
CA GLY B 487 30.97 -17.77 -31.09
C GLY B 487 32.46 -17.56 -31.34
N SER B 488 33.19 -18.67 -31.49
CA SER B 488 34.62 -18.61 -31.74
C SER B 488 35.07 -19.63 -32.77
N SER B 489 35.97 -19.22 -33.66
CA SER B 489 36.51 -20.11 -34.68
C SER B 489 37.50 -21.09 -34.08
N ALA B 490 38.12 -20.70 -32.96
CA ALA B 490 39.13 -21.52 -32.31
C ALA B 490 38.52 -22.56 -31.38
N LEU B 491 37.20 -22.59 -31.32
CA LEU B 491 36.50 -23.53 -30.45
C LEU B 491 35.73 -24.59 -31.24
N PRO B 492 35.77 -25.84 -30.77
CA PRO B 492 34.97 -26.93 -31.34
C PRO B 492 33.49 -26.68 -31.10
N PRO B 493 32.61 -27.27 -31.93
CA PRO B 493 31.16 -27.09 -31.82
C PRO B 493 30.61 -27.38 -30.43
N GLU B 494 31.19 -28.35 -29.74
CA GLU B 494 30.71 -28.74 -28.41
C GLU B 494 31.18 -27.80 -27.30
N ARG B 495 31.96 -26.78 -27.66
CA ARG B 495 32.46 -25.80 -26.70
C ARG B 495 32.07 -24.38 -27.08
N GLN B 496 31.23 -24.25 -28.09
CA GLN B 496 30.82 -22.93 -28.59
C GLN B 496 30.06 -22.12 -27.55
N ARG B 497 29.39 -22.80 -26.63
CA ARG B 497 28.61 -22.12 -25.59
C ARG B 497 29.46 -21.73 -24.39
N GLU B 498 30.77 -21.96 -24.49
CA GLU B 498 31.71 -21.54 -23.46
C GLU B 498 32.32 -20.20 -23.84
N THR B 499 31.97 -19.71 -25.03
CA THR B 499 32.59 -18.53 -25.61
C THR B 499 32.48 -17.28 -24.73
N ALA B 500 31.27 -16.99 -24.25
CA ALA B 500 31.03 -15.79 -23.45
C ALA B 500 31.87 -15.76 -22.18
N HIS B 501 31.92 -16.88 -21.46
CA HIS B 501 32.70 -16.95 -20.23
C HIS B 501 34.20 -16.94 -20.52
N ARG B 502 34.61 -17.62 -21.59
CA ARG B 502 36.01 -17.63 -21.99
C ARG B 502 36.47 -16.24 -22.42
N TYR B 503 35.55 -15.46 -22.98
CA TYR B 503 35.81 -14.08 -23.30
C TYR B 503 36.11 -13.29 -22.03
N MET B 504 35.30 -13.51 -21.00
CA MET B 504 35.47 -12.80 -19.74
C MET B 504 36.72 -13.28 -19.01
N LEU B 505 37.05 -14.55 -19.17
CA LEU B 505 38.28 -15.11 -18.60
C LEU B 505 39.49 -14.48 -19.27
N GLY B 506 39.42 -14.36 -20.59
CA GLY B 506 40.50 -13.76 -21.36
C GLY B 506 40.67 -12.30 -21.00
N LEU B 507 39.56 -11.60 -20.85
CA LEU B 507 39.58 -10.19 -20.46
C LEU B 507 40.23 -10.01 -19.09
N TYR B 508 39.89 -10.89 -18.16
CA TYR B 508 40.48 -10.86 -16.82
C TYR B 508 41.97 -11.13 -16.90
N ARG B 509 42.36 -12.02 -17.80
CA ARG B 509 43.77 -12.33 -18.01
C ARG B 509 44.50 -11.16 -18.64
N VAL B 510 43.85 -10.49 -19.59
CA VAL B 510 44.42 -9.33 -20.27
C VAL B 510 44.67 -8.18 -19.31
N MET B 511 43.67 -7.85 -18.50
CA MET B 511 43.77 -6.75 -17.56
C MET B 511 44.79 -7.02 -16.46
N ASP B 512 44.86 -8.27 -16.00
CA ASP B 512 45.77 -8.63 -14.92
C ASP B 512 47.22 -8.46 -15.35
N GLU B 513 47.52 -8.82 -16.59
CA GLU B 513 48.88 -8.69 -17.11
C GLU B 513 49.28 -7.25 -17.39
N ILE B 514 48.35 -6.49 -17.98
CA ILE B 514 48.63 -5.10 -18.32
C ILE B 514 48.81 -4.23 -17.07
N THR B 515 47.88 -4.35 -16.13
CA THR B 515 47.95 -3.58 -14.89
C THR B 515 49.18 -3.93 -14.06
N SER B 516 49.66 -5.16 -14.22
CA SER B 516 50.87 -5.60 -13.51
C SER B 516 52.11 -4.93 -14.09
N ARG B 517 52.16 -4.82 -15.41
CA ARG B 517 53.30 -4.22 -16.09
C ARG B 517 53.39 -2.71 -15.83
N LEU B 518 52.27 -2.12 -15.42
CA LEU B 518 52.21 -0.68 -15.21
C LEU B 518 51.63 -0.33 -13.84
N PRO B 519 52.42 -0.54 -12.78
CA PRO B 519 51.97 -0.31 -11.40
C PRO B 519 51.73 1.17 -11.10
N HIS B 520 52.40 2.05 -11.84
CA HIS B 520 52.31 3.49 -11.60
C HIS B 520 51.10 4.11 -12.30
N ILE B 521 50.20 3.28 -12.80
CA ILE B 521 49.04 3.77 -13.53
C ILE B 521 47.73 3.49 -12.79
N LEU B 522 46.97 4.55 -12.53
CA LEU B 522 45.64 4.42 -11.96
C LEU B 522 44.64 4.07 -13.06
N PHE B 523 44.15 2.83 -13.02
CA PHE B 523 43.20 2.37 -14.03
C PHE B 523 41.75 2.62 -13.61
N GLU B 524 40.95 3.14 -14.53
CA GLU B 524 39.52 3.34 -14.28
C GLU B 524 38.69 2.61 -15.33
N SER B 525 37.92 1.62 -14.88
CA SER B 525 37.07 0.87 -15.78
C SER B 525 35.88 1.70 -16.23
N CYS B 526 35.33 1.38 -17.40
CA CYS B 526 34.21 2.12 -17.95
C CYS B 526 33.50 1.28 -19.00
N SER B 527 32.23 1.59 -19.23
CA SER B 527 31.45 0.90 -20.26
C SER B 527 30.17 1.67 -20.57
N GLY B 528 30.29 2.70 -21.40
CA GLY B 528 29.17 3.59 -21.69
C GLY B 528 28.60 4.12 -20.39
N GLY B 529 29.49 4.47 -19.46
CA GLY B 529 29.09 4.78 -18.11
C GLY B 529 29.29 3.57 -17.22
N GLY B 530 28.32 3.29 -16.36
CA GLY B 530 28.41 2.16 -15.46
C GLY B 530 27.83 0.89 -16.03
N GLY B 531 28.34 0.47 -17.19
CA GLY B 531 27.88 -0.76 -17.81
C GLY B 531 28.55 -1.99 -17.24
N ARG B 532 29.65 -1.77 -16.52
CA ARG B 532 30.36 -2.86 -15.87
C ARG B 532 30.75 -2.48 -14.45
N PHE B 533 29.86 -1.77 -13.76
CA PHE B 533 30.14 -1.41 -12.38
C PHE B 533 29.83 -2.59 -11.48
N ASP B 534 30.79 -3.51 -11.39
CA ASP B 534 30.63 -4.75 -10.63
C ASP B 534 31.95 -5.07 -9.90
N PRO B 535 31.88 -5.91 -8.84
CA PRO B 535 33.07 -6.25 -8.06
C PRO B 535 34.20 -6.86 -8.88
N GLY B 536 33.87 -7.52 -9.99
CA GLY B 536 34.88 -8.12 -10.85
C GLY B 536 35.83 -7.09 -11.43
N MET B 537 35.26 -6.03 -12.02
CA MET B 537 36.06 -4.98 -12.62
C MET B 537 36.82 -4.19 -11.56
N LEU B 538 36.21 -4.04 -10.39
CA LEU B 538 36.82 -3.29 -9.29
C LEU B 538 38.11 -3.94 -8.83
N TYR B 539 38.22 -5.25 -9.07
CA TYR B 539 39.41 -6.01 -8.68
C TYR B 539 40.62 -5.61 -9.50
N TYR B 540 40.39 -5.22 -10.76
CA TYR B 540 41.46 -4.88 -11.67
C TYR B 540 41.67 -3.37 -11.80
N MET B 541 40.60 -2.61 -11.60
CA MET B 541 40.65 -1.16 -11.68
C MET B 541 39.88 -0.53 -10.53
N PRO B 542 40.58 0.15 -9.62
CA PRO B 542 40.05 0.64 -8.34
C PRO B 542 38.97 1.72 -8.44
N GLN B 543 38.58 2.11 -9.64
CA GLN B 543 37.47 3.04 -9.81
C GLN B 543 36.77 2.90 -11.15
N THR B 544 35.55 3.42 -11.24
CA THR B 544 34.72 3.22 -12.42
C THR B 544 33.98 4.51 -12.79
N TRP B 545 33.81 4.73 -14.09
CA TRP B 545 32.96 5.82 -14.55
C TRP B 545 31.50 5.44 -14.32
N THR B 546 30.88 6.12 -13.36
CA THR B 546 29.58 5.71 -12.84
C THR B 546 28.45 5.72 -13.87
N SER B 547 28.41 6.77 -14.71
CA SER B 547 27.37 6.90 -15.71
C SER B 547 27.70 8.00 -16.71
N ASP B 548 27.29 7.80 -17.96
CA ASP B 548 27.45 8.83 -18.98
C ASP B 548 26.51 9.99 -18.72
N ASN B 549 25.48 9.74 -17.92
CA ASN B 549 24.59 10.80 -17.46
C ASN B 549 25.31 11.62 -16.40
N THR B 550 25.65 12.85 -16.75
CA THR B 550 26.42 13.71 -15.87
C THR B 550 25.56 14.84 -15.29
N ASP B 551 24.25 14.66 -15.38
CA ASP B 551 23.31 15.64 -14.84
C ASP B 551 23.26 15.57 -13.32
N ALA B 552 23.32 16.72 -12.66
CA ALA B 552 23.34 16.79 -11.20
C ALA B 552 22.15 16.09 -10.56
N VAL B 553 20.97 16.31 -11.13
CA VAL B 553 19.75 15.72 -10.59
C VAL B 553 19.64 14.23 -10.91
N SER B 554 19.98 13.87 -12.14
CA SER B 554 19.97 12.47 -12.54
C SER B 554 20.95 11.66 -11.72
N ARG B 555 22.09 12.27 -11.40
CA ARG B 555 23.13 11.61 -10.62
C ARG B 555 22.72 11.35 -9.18
N LEU B 556 21.68 12.05 -8.72
CA LEU B 556 21.16 11.84 -7.38
C LEU B 556 20.70 10.40 -7.21
N LYS B 557 19.85 9.94 -8.12
CA LYS B 557 19.39 8.56 -8.10
C LYS B 557 20.51 7.58 -8.40
N ILE B 558 21.29 7.88 -9.44
CA ILE B 558 22.34 6.99 -9.90
C ILE B 558 23.42 6.74 -8.84
N GLN B 559 23.93 7.81 -8.23
CA GLN B 559 24.96 7.67 -7.21
C GLN B 559 24.42 7.08 -5.91
N TYR B 560 23.15 7.36 -5.62
CA TYR B 560 22.49 6.82 -4.43
C TYR B 560 22.40 5.30 -4.53
N GLY B 561 21.97 4.82 -5.70
CA GLY B 561 21.81 3.41 -5.94
C GLY B 561 23.14 2.68 -6.05
N THR B 562 24.13 3.34 -6.65
CA THR B 562 25.45 2.75 -6.80
C THR B 562 26.13 2.59 -5.45
N SER B 563 25.87 3.53 -4.55
CA SER B 563 26.49 3.52 -3.23
C SER B 563 25.95 2.39 -2.35
N LEU B 564 24.83 1.80 -2.76
CA LEU B 564 24.22 0.70 -2.01
C LEU B 564 25.18 -0.47 -1.89
N VAL B 565 26.05 -0.63 -2.89
CA VAL B 565 27.01 -1.73 -2.90
C VAL B 565 28.44 -1.25 -3.03
N TYR B 566 28.67 -0.32 -3.95
CA TYR B 566 30.03 0.09 -4.32
C TYR B 566 30.50 1.33 -3.57
N PRO B 567 31.78 1.33 -3.16
CA PRO B 567 32.37 2.42 -2.37
C PRO B 567 32.49 3.73 -3.14
N ILE B 568 32.44 4.85 -2.42
CA ILE B 568 32.52 6.17 -3.02
C ILE B 568 33.85 6.39 -3.75
N SER B 569 34.90 5.79 -3.22
CA SER B 569 36.24 5.91 -3.81
C SER B 569 36.28 5.41 -5.25
N ALA B 570 35.35 4.55 -5.61
CA ALA B 570 35.29 3.98 -6.94
C ALA B 570 34.24 4.65 -7.80
N MET B 571 33.48 5.57 -7.20
CA MET B 571 32.35 6.18 -7.87
C MET B 571 32.71 7.50 -8.55
N GLY B 572 33.11 7.41 -9.81
CA GLY B 572 33.51 8.59 -10.57
C GLY B 572 32.36 9.51 -10.85
N ALA B 573 32.56 10.81 -10.60
CA ALA B 573 31.53 11.81 -10.86
C ALA B 573 32.17 13.09 -11.39
N HIS B 574 31.69 13.56 -12.54
CA HIS B 574 32.27 14.73 -13.18
C HIS B 574 31.28 15.87 -13.32
N VAL B 575 31.74 17.09 -13.06
CA VAL B 575 30.94 18.28 -13.31
C VAL B 575 30.92 18.57 -14.81
N SER B 576 29.73 18.64 -15.38
CA SER B 576 29.58 18.87 -16.81
C SER B 576 28.92 20.22 -17.10
N ALA B 577 28.59 20.44 -18.37
CA ALA B 577 28.01 21.72 -18.79
C ALA B 577 26.49 21.66 -18.89
N VAL B 578 25.86 22.82 -18.94
CA VAL B 578 24.41 22.92 -19.09
C VAL B 578 24.06 23.80 -20.29
N PRO B 579 22.95 23.47 -21.00
CA PRO B 579 22.01 22.35 -20.80
C PRO B 579 22.70 20.99 -20.94
N ASN B 580 22.36 20.08 -20.02
CA ASN B 580 22.98 18.76 -19.97
C ASN B 580 22.85 18.00 -21.29
N HIS B 581 23.93 17.32 -21.67
CA HIS B 581 23.98 16.67 -22.98
C HIS B 581 23.14 15.39 -23.05
N GLN B 582 22.59 14.98 -21.91
CA GLN B 582 21.80 13.76 -21.86
C GLN B 582 20.32 14.02 -21.56
N VAL B 583 20.03 15.08 -20.81
CA VAL B 583 18.65 15.39 -20.44
C VAL B 583 18.22 16.80 -20.82
N GLY B 584 19.17 17.71 -20.93
CA GLY B 584 18.88 19.09 -21.29
C GLY B 584 18.48 19.94 -20.11
N ARG B 585 18.77 19.44 -18.91
CA ARG B 585 18.43 20.14 -17.68
C ARG B 585 19.43 21.24 -17.35
N VAL B 586 18.92 22.37 -16.86
CA VAL B 586 19.76 23.49 -16.46
C VAL B 586 19.86 23.59 -14.94
N ALA B 587 20.96 23.07 -14.39
CA ALA B 587 21.20 23.16 -12.95
C ALA B 587 22.43 24.03 -12.69
N SER B 588 22.43 24.72 -11.55
CA SER B 588 23.52 25.62 -11.22
C SER B 588 24.83 24.86 -11.04
N LEU B 589 25.95 25.56 -11.28
CA LEU B 589 27.27 24.98 -11.14
C LEU B 589 27.51 24.57 -9.68
N LYS B 590 26.88 25.31 -8.77
CA LYS B 590 26.98 25.01 -7.35
C LYS B 590 26.47 23.61 -7.03
N THR B 591 25.30 23.27 -7.57
CA THR B 591 24.68 21.98 -7.29
C THR B 591 25.36 20.84 -8.04
N ARG B 592 25.82 21.12 -9.25
CA ARG B 592 26.58 20.14 -10.01
C ARG B 592 27.84 19.75 -9.26
N GLY B 593 28.47 20.74 -8.64
CA GLY B 593 29.68 20.51 -7.86
C GLY B 593 29.40 19.68 -6.62
N HIS B 594 28.34 20.04 -5.90
CA HIS B 594 27.96 19.34 -4.67
C HIS B 594 27.64 17.87 -4.92
N VAL B 595 27.04 17.58 -6.08
CA VAL B 595 26.75 16.21 -6.46
C VAL B 595 28.03 15.44 -6.79
N ALA B 596 28.87 16.05 -7.62
CA ALA B 596 30.12 15.43 -8.04
C ALA B 596 31.13 15.31 -6.90
N MET B 597 31.05 16.23 -5.94
CA MET B 597 31.91 16.16 -4.76
C MET B 597 31.42 15.11 -3.76
N SER B 598 30.32 14.47 -4.09
CA SER B 598 29.79 13.38 -3.28
C SER B 598 30.26 12.04 -3.84
N GLY B 599 31.17 12.10 -4.81
CA GLY B 599 31.77 10.91 -5.39
C GLY B 599 33.24 11.16 -5.69
N ASN B 600 33.81 10.38 -6.61
CA ASN B 600 35.16 10.62 -7.06
C ASN B 600 35.18 11.84 -7.98
N PHE B 601 35.58 12.98 -7.43
CA PHE B 601 35.38 14.28 -8.07
C PHE B 601 36.25 14.54 -9.30
N GLY B 602 35.64 15.16 -10.30
CA GLY B 602 36.34 15.52 -11.53
C GLY B 602 35.52 16.45 -12.38
N TYR B 603 36.08 16.89 -13.50
CA TYR B 603 35.38 17.77 -14.42
C TYR B 603 35.33 17.17 -15.82
N GLU B 604 34.29 17.54 -16.56
CA GLU B 604 34.16 17.10 -17.96
C GLU B 604 33.31 18.12 -18.72
N LEU B 605 33.94 19.24 -19.08
CA LEU B 605 33.26 20.33 -19.78
C LEU B 605 34.27 21.27 -20.42
N ASP B 606 33.83 22.03 -21.39
CA ASP B 606 34.71 22.98 -22.10
C ASP B 606 34.89 24.26 -21.29
N ILE B 607 36.11 24.47 -20.79
CA ILE B 607 36.41 25.62 -19.96
C ILE B 607 36.37 26.93 -20.75
N THR B 608 36.63 26.84 -22.05
CA THR B 608 36.62 28.01 -22.92
C THR B 608 35.23 28.62 -23.01
N LYS B 609 34.21 27.81 -22.80
CA LYS B 609 32.82 28.26 -22.89
C LYS B 609 32.25 28.66 -21.53
N LEU B 610 33.09 28.64 -20.51
CA LEU B 610 32.67 29.02 -19.17
C LEU B 610 32.86 30.50 -18.92
N THR B 611 31.89 31.11 -18.21
CA THR B 611 32.00 32.51 -17.83
C THR B 611 33.07 32.67 -16.75
N GLU B 612 33.48 33.90 -16.50
CA GLU B 612 34.53 34.17 -15.51
C GLU B 612 34.05 33.85 -14.10
N THR B 613 32.74 33.94 -13.88
CA THR B 613 32.16 33.60 -12.60
C THR B 613 32.22 32.09 -12.36
N GLU B 614 31.95 31.32 -13.41
CA GLU B 614 32.00 29.87 -13.34
C GLU B 614 33.43 29.37 -13.19
N LYS B 615 34.36 30.01 -13.89
CA LYS B 615 35.78 29.69 -13.77
C LYS B 615 36.26 29.91 -12.34
N GLN B 616 35.76 30.97 -11.71
CA GLN B 616 36.12 31.29 -10.33
C GLN B 616 35.54 30.28 -9.35
N MET B 617 34.35 29.77 -9.66
CA MET B 617 33.70 28.78 -8.81
C MET B 617 34.45 27.45 -8.85
N MET B 618 35.03 27.14 -10.01
CA MET B 618 35.83 25.92 -10.16
C MET B 618 37.02 25.92 -9.21
N LYS B 619 37.73 27.05 -9.17
CA LYS B 619 38.88 27.19 -8.28
C LYS B 619 38.46 26.96 -6.83
N GLN B 620 37.31 27.51 -6.47
CA GLN B 620 36.77 27.36 -5.12
C GLN B 620 36.36 25.92 -4.86
N GLN B 621 35.75 25.28 -5.85
CA GLN B 621 35.30 23.90 -5.73
C GLN B 621 36.48 22.93 -5.58
N VAL B 622 37.47 23.08 -6.46
CA VAL B 622 38.65 22.23 -6.45
C VAL B 622 39.39 22.34 -5.12
N ALA B 623 39.53 23.57 -4.61
CA ALA B 623 40.17 23.79 -3.32
C ALA B 623 39.37 23.15 -2.19
N PHE B 624 38.05 23.21 -2.31
CA PHE B 624 37.16 22.66 -1.29
C PHE B 624 37.25 21.14 -1.22
N TYR B 625 37.22 20.50 -2.38
CA TYR B 625 37.22 19.03 -2.42
C TYR B 625 38.54 18.45 -1.92
N LYS B 626 39.62 19.20 -2.08
CA LYS B 626 40.94 18.75 -1.62
C LYS B 626 41.00 18.67 -0.09
N ASP B 627 40.18 19.48 0.57
CA ASP B 627 40.13 19.47 2.04
C ASP B 627 39.29 18.31 2.56
N VAL B 628 38.41 17.79 1.72
CA VAL B 628 37.49 16.73 2.13
C VAL B 628 37.66 15.45 1.31
N ARG B 629 38.69 15.40 0.47
CA ARG B 629 38.90 14.26 -0.42
C ARG B 629 39.08 12.96 0.34
N ARG B 630 39.90 12.99 1.38
CA ARG B 630 40.12 11.81 2.22
C ARG B 630 38.84 11.43 2.95
N LEU B 631 38.08 12.42 3.38
CA LEU B 631 36.84 12.20 4.10
C LEU B 631 35.76 11.59 3.20
N VAL B 632 35.64 12.12 1.99
CA VAL B 632 34.64 11.65 1.03
C VAL B 632 34.95 10.24 0.50
N GLN B 633 36.21 10.01 0.13
CA GLN B 633 36.58 8.78 -0.55
C GLN B 633 36.87 7.60 0.39
N PHE B 634 37.17 7.87 1.65
CA PHE B 634 37.56 6.81 2.57
C PHE B 634 36.77 6.78 3.87
N GLY B 635 35.91 7.78 4.07
CA GLY B 635 35.11 7.86 5.27
C GLY B 635 33.85 7.00 5.21
N THR B 636 33.17 6.88 6.34
CA THR B 636 31.93 6.11 6.42
C THR B 636 30.80 6.88 5.72
N PHE B 637 30.03 6.17 4.92
CA PHE B 637 28.96 6.80 4.13
C PHE B 637 27.57 6.47 4.66
N TYR B 638 26.77 7.51 4.90
CA TYR B 638 25.41 7.35 5.37
C TYR B 638 24.41 7.99 4.41
N ARG B 639 23.43 7.21 3.96
CA ARG B 639 22.33 7.77 3.17
C ARG B 639 21.21 8.21 4.10
N LEU B 640 20.65 9.39 3.84
CA LEU B 640 19.65 9.98 4.73
C LEU B 640 18.29 10.09 4.05
N LEU B 641 18.24 10.78 2.91
CA LEU B 641 17.00 10.94 2.16
C LEU B 641 17.15 10.38 0.76
N SER B 642 16.23 9.50 0.37
CA SER B 642 16.30 8.84 -0.92
C SER B 642 15.53 9.59 -1.99
N PRO B 643 16.17 9.80 -3.16
CA PRO B 643 15.50 10.44 -4.29
C PRO B 643 14.50 9.50 -4.96
N PHE B 644 14.46 8.25 -4.52
CA PHE B 644 13.50 7.28 -5.03
C PHE B 644 12.21 7.34 -4.20
N GLU B 645 12.25 8.10 -3.12
CA GLU B 645 11.13 8.14 -2.19
C GLU B 645 10.53 9.54 -2.03
N GLY B 646 10.97 10.48 -2.87
CA GLY B 646 10.41 11.82 -2.80
C GLY B 646 11.20 12.92 -3.50
N ASN B 647 10.99 14.14 -3.04
CA ASN B 647 11.52 15.34 -3.65
C ASN B 647 12.93 15.69 -3.17
N GLU B 648 13.46 14.88 -2.26
CA GLU B 648 14.72 15.20 -1.61
C GLU B 648 15.78 14.12 -1.77
N ALA B 649 17.04 14.54 -1.62
CA ALA B 649 18.17 13.63 -1.59
C ALA B 649 19.19 14.15 -0.58
N ALA B 650 19.71 13.26 0.26
CA ALA B 650 20.65 13.68 1.30
C ALA B 650 21.53 12.53 1.79
N TRP B 651 22.79 12.85 2.07
CA TRP B 651 23.73 11.87 2.59
C TRP B 651 24.87 12.58 3.34
N MET B 652 25.73 11.81 4.00
CA MET B 652 26.86 12.40 4.70
C MET B 652 28.04 11.46 4.86
N PHE B 653 29.23 12.05 4.96
CA PHE B 653 30.46 11.30 5.14
C PHE B 653 30.99 11.54 6.54
N VAL B 654 31.34 10.48 7.26
CA VAL B 654 31.85 10.61 8.63
C VAL B 654 33.22 9.94 8.77
N SER B 655 34.14 10.60 9.46
CA SER B 655 35.46 10.05 9.69
C SER B 655 35.43 8.88 10.68
N ALA B 656 36.54 8.17 10.80
CA ALA B 656 36.62 6.99 11.65
C ALA B 656 36.42 7.33 13.13
N ASP B 657 36.98 8.44 13.58
CA ASP B 657 36.85 8.85 14.98
C ASP B 657 35.63 9.75 15.20
N ARG B 658 34.85 9.95 14.15
CA ARG B 658 33.64 10.77 14.19
C ARG B 658 33.91 12.22 14.60
N SER B 659 35.14 12.68 14.38
CA SER B 659 35.51 14.05 14.72
C SER B 659 35.15 15.02 13.61
N GLU B 660 35.15 14.53 12.38
CA GLU B 660 34.79 15.34 11.22
C GLU B 660 33.64 14.71 10.44
N ALA B 661 32.91 15.54 9.72
CA ALA B 661 31.80 15.07 8.89
C ALA B 661 31.44 16.07 7.80
N LEU B 662 30.95 15.56 6.67
CA LEU B 662 30.49 16.41 5.57
C LEU B 662 29.06 16.02 5.20
N VAL B 663 28.16 17.00 5.21
CA VAL B 663 26.75 16.74 4.94
C VAL B 663 26.30 17.37 3.62
N ALA B 664 25.57 16.61 2.83
CA ALA B 664 25.03 17.09 1.57
C ALA B 664 23.51 16.95 1.51
N TYR B 665 22.83 18.01 1.10
CA TYR B 665 21.37 17.99 0.97
C TYR B 665 20.94 18.48 -0.41
N PHE B 666 19.91 17.86 -0.96
CA PHE B 666 19.43 18.21 -2.29
C PHE B 666 17.91 18.24 -2.36
N ARG B 667 17.36 19.29 -2.95
CA ARG B 667 15.93 19.35 -3.26
C ARG B 667 15.75 19.63 -4.74
N VAL B 668 14.95 18.83 -5.42
CA VAL B 668 14.83 18.95 -6.87
C VAL B 668 13.77 19.96 -7.33
N LEU B 669 12.51 19.73 -6.98
CA LEU B 669 11.44 20.63 -7.41
C LEU B 669 11.03 21.63 -6.33
N ALA B 670 10.98 22.91 -6.70
CA ALA B 670 10.64 23.97 -5.77
C ALA B 670 9.15 24.00 -5.44
N GLU B 671 8.85 24.29 -4.18
CA GLU B 671 7.48 24.37 -3.71
C GLU B 671 7.19 25.75 -3.15
N ALA B 672 6.17 26.41 -3.70
CA ALA B 672 5.77 27.73 -3.22
C ALA B 672 5.20 27.62 -1.81
N ASN B 673 5.57 28.58 -0.95
CA ASN B 673 5.08 28.63 0.42
C ASN B 673 5.26 27.28 1.13
N ALA B 674 6.44 26.70 0.96
CA ALA B 674 6.74 25.35 1.43
C ALA B 674 6.81 25.25 2.95
N PRO B 675 6.57 24.05 3.50
CA PRO B 675 6.78 23.81 4.93
C PRO B 675 8.26 23.93 5.27
N LEU B 676 8.57 24.21 6.53
CA LEU B 676 9.96 24.29 6.97
C LEU B 676 10.63 22.92 6.83
N SER B 677 11.87 22.92 6.36
CA SER B 677 12.59 21.67 6.14
C SER B 677 13.52 21.35 7.30
N TYR B 678 13.62 20.06 7.63
CA TYR B 678 14.49 19.61 8.70
C TYR B 678 15.29 18.40 8.24
N LEU B 679 16.49 18.23 8.80
CA LEU B 679 17.33 17.12 8.44
C LEU B 679 17.96 16.47 9.67
N ARG B 680 17.75 15.17 9.81
CA ARG B 680 18.34 14.42 10.91
C ARG B 680 19.55 13.63 10.42
N LEU B 681 20.65 13.71 11.16
CA LEU B 681 21.90 13.13 10.73
C LEU B 681 22.12 11.74 11.32
N LYS B 682 23.21 11.09 10.91
CA LYS B 682 23.57 9.77 11.42
C LYS B 682 25.08 9.63 11.57
N GLY B 683 25.51 8.75 12.46
CA GLY B 683 26.92 8.40 12.57
C GLY B 683 27.77 9.34 13.42
N LEU B 684 27.17 10.39 13.95
CA LEU B 684 27.90 11.34 14.78
C LEU B 684 27.93 10.89 16.24
N ASP B 685 28.90 11.41 16.98
CA ASP B 685 29.03 11.12 18.41
C ASP B 685 28.02 11.97 19.17
N SER B 686 27.04 11.32 19.80
CA SER B 686 25.99 12.04 20.52
C SER B 686 26.53 12.71 21.79
N ASN B 687 27.63 12.18 22.31
CA ASN B 687 28.21 12.71 23.54
C ASN B 687 29.16 13.87 23.28
N GLN B 688 29.02 14.50 22.12
CA GLN B 688 29.92 15.56 21.73
C GLN B 688 29.21 16.61 20.87
N ASP B 689 29.67 17.85 20.94
CA ASP B 689 29.08 18.92 20.15
C ASP B 689 29.82 19.07 18.82
N TYR B 690 29.11 19.52 17.80
CA TYR B 690 29.71 19.71 16.48
C TYR B 690 29.48 21.13 15.97
N GLU B 691 30.53 21.72 15.41
CA GLU B 691 30.41 23.04 14.79
C GLU B 691 30.09 22.87 13.32
N ILE B 692 28.93 23.38 12.91
CA ILE B 692 28.56 23.39 11.51
C ILE B 692 29.04 24.69 10.88
N GLU B 693 30.05 24.59 10.01
CA GLU B 693 30.72 25.76 9.44
C GLU B 693 29.76 26.71 8.75
N GLY B 694 29.72 27.95 9.26
CA GLY B 694 28.86 28.97 8.70
C GLY B 694 27.40 28.79 9.06
N LEU B 695 27.15 28.20 10.23
CA LEU B 695 25.79 27.94 10.67
C LEU B 695 25.68 27.90 12.20
N GLY B 696 26.80 27.62 12.86
CA GLY B 696 26.84 27.62 14.31
C GLY B 696 27.13 26.25 14.93
N VAL B 697 27.17 26.22 16.26
CA VAL B 697 27.45 24.99 16.99
C VAL B 697 26.17 24.26 17.39
N TYR B 698 26.09 22.98 17.06
CA TYR B 698 24.95 22.16 17.41
C TYR B 698 25.38 20.95 18.22
N GLY B 699 24.44 20.38 18.99
CA GLY B 699 24.73 19.19 19.74
C GLY B 699 24.72 17.96 18.86
N GLY B 700 25.58 17.00 19.16
CA GLY B 700 25.63 15.76 18.41
C GLY B 700 24.35 14.97 18.59
N ASP B 701 23.86 14.94 19.83
CA ASP B 701 22.58 14.32 20.13
C ASP B 701 21.45 15.06 19.42
N GLU B 702 21.58 16.38 19.36
CA GLU B 702 20.57 17.23 18.74
C GLU B 702 20.45 16.95 17.23
N LEU B 703 21.57 16.81 16.55
CA LEU B 703 21.59 16.62 15.11
C LEU B 703 21.03 15.27 14.69
N VAL B 704 21.11 14.29 15.58
CA VAL B 704 20.66 12.94 15.26
C VAL B 704 19.24 12.68 15.75
N TYR B 705 18.93 13.16 16.96
CA TYR B 705 17.64 12.87 17.59
C TYR B 705 16.60 13.95 17.32
N ALA B 706 17.04 15.20 17.25
CA ALA B 706 16.13 16.33 17.03
C ALA B 706 16.18 16.82 15.59
N GLY B 707 17.37 16.81 14.99
CA GLY B 707 17.56 17.30 13.64
C GLY B 707 17.88 18.78 13.62
N VAL B 708 18.09 19.32 12.43
CA VAL B 708 18.44 20.72 12.27
C VAL B 708 17.57 21.40 11.22
N ALA B 709 17.07 22.59 11.54
CA ALA B 709 16.24 23.35 10.60
C ALA B 709 17.05 23.76 9.38
N LEU B 710 16.49 23.49 8.20
CA LEU B 710 17.14 23.82 6.94
C LEU B 710 16.75 25.21 6.47
N PRO B 711 17.68 25.91 5.81
CA PRO B 711 17.40 27.23 5.24
C PRO B 711 16.27 27.15 4.21
N TYR B 712 15.38 28.14 4.22
CA TYR B 712 14.29 28.18 3.25
C TYR B 712 14.79 28.78 1.94
N ARG B 713 14.61 28.04 0.85
CA ARG B 713 15.08 28.49 -0.45
C ARG B 713 14.12 28.13 -1.57
N SER B 714 13.96 29.04 -2.53
CA SER B 714 13.19 28.76 -3.73
C SER B 714 14.12 28.17 -4.78
N SER B 715 13.74 28.30 -6.05
CA SER B 715 14.52 27.77 -7.18
C SER B 715 14.60 26.26 -7.24
N ASP B 716 14.56 25.72 -8.46
CA ASP B 716 14.66 24.29 -8.66
C ASP B 716 16.10 23.80 -8.53
N PHE B 717 16.26 22.53 -8.18
CA PHE B 717 17.55 21.86 -8.15
C PHE B 717 18.56 22.59 -7.27
N ILE B 718 18.31 22.61 -5.96
CA ILE B 718 19.22 23.27 -5.03
C ILE B 718 20.05 22.26 -4.25
N SER B 719 21.15 22.74 -3.65
CA SER B 719 22.02 21.89 -2.87
C SER B 719 22.66 22.66 -1.71
N MET B 720 23.02 21.93 -0.66
CA MET B 720 23.69 22.52 0.49
C MET B 720 24.81 21.60 0.97
N MET B 721 25.96 22.19 1.29
CA MET B 721 27.07 21.43 1.89
C MET B 721 27.61 22.11 3.12
N TRP B 722 27.70 21.36 4.21
CA TRP B 722 28.25 21.87 5.46
C TRP B 722 29.38 20.98 5.95
N ARG B 723 30.45 21.60 6.42
CA ARG B 723 31.54 20.86 7.04
C ARG B 723 31.32 20.83 8.54
N LEU B 724 31.32 19.64 9.12
CA LEU B 724 31.10 19.49 10.56
C LEU B 724 32.39 19.11 11.28
N LYS B 725 32.68 19.83 12.36
CA LYS B 725 33.85 19.53 13.17
C LYS B 725 33.47 19.50 14.66
N ALA B 726 34.00 18.51 15.37
CA ALA B 726 33.77 18.41 16.81
C ALA B 726 34.49 19.54 17.53
N VAL B 727 34.07 19.82 18.76
CA VAL B 727 34.67 20.89 19.55
C VAL B 727 35.64 20.32 20.58
N LYS C 10 0.48 -4.08 -44.95
CA LYS C 10 1.49 -4.84 -44.23
C LYS C 10 1.10 -5.01 -42.77
N GLN C 11 -0.20 -5.10 -42.52
CA GLN C 11 -0.71 -5.20 -41.15
C GLN C 11 -1.77 -6.29 -40.99
N PHE C 12 -1.45 -7.31 -40.19
CA PHE C 12 -2.40 -8.37 -39.89
C PHE C 12 -3.33 -7.91 -38.77
N HIS C 13 -4.63 -8.11 -38.97
CA HIS C 13 -5.61 -7.71 -37.98
C HIS C 13 -6.55 -8.86 -37.64
N LEU C 14 -6.47 -9.33 -36.40
CA LEU C 14 -7.33 -10.40 -35.92
C LEU C 14 -8.44 -9.82 -35.06
N ARG C 15 -9.69 -10.15 -35.40
CA ARG C 15 -10.84 -9.64 -34.67
C ARG C 15 -11.52 -10.74 -33.87
N ALA C 16 -11.21 -10.81 -32.58
CA ALA C 16 -11.78 -11.83 -31.71
C ALA C 16 -12.85 -11.22 -30.80
N GLY C 17 -14.11 -11.53 -31.09
CA GLY C 17 -15.22 -11.01 -30.31
C GLY C 17 -15.28 -9.49 -30.36
N LYS C 18 -15.09 -8.86 -29.20
CA LYS C 18 -15.08 -7.41 -29.11
C LYS C 18 -13.65 -6.92 -28.91
N ALA C 19 -12.68 -7.71 -29.38
CA ALA C 19 -11.27 -7.39 -29.19
C ALA C 19 -10.49 -7.43 -30.50
N SER C 20 -9.33 -6.77 -30.49
CA SER C 20 -8.47 -6.72 -31.66
C SER C 20 -7.05 -7.18 -31.32
N TYR C 21 -6.46 -7.95 -32.22
CA TYR C 21 -5.05 -8.32 -32.11
C TYR C 21 -4.37 -7.87 -33.39
N VAL C 22 -3.42 -6.93 -33.26
CA VAL C 22 -2.81 -6.30 -34.42
C VAL C 22 -1.31 -6.58 -34.54
N MET C 23 -0.89 -7.00 -35.72
CA MET C 23 0.51 -7.25 -36.02
C MET C 23 0.91 -6.53 -37.30
N GLN C 24 2.21 -6.41 -37.54
CA GLN C 24 2.70 -5.79 -38.76
C GLN C 24 4.10 -6.26 -39.13
N LEU C 25 4.38 -6.29 -40.43
CA LEU C 25 5.72 -6.61 -40.91
C LEU C 25 6.57 -5.34 -40.86
N PHE C 26 7.74 -5.46 -40.23
CA PHE C 26 8.61 -4.30 -40.02
C PHE C 26 9.90 -4.46 -40.80
N ARG C 27 10.15 -3.54 -41.72
CA ARG C 27 11.37 -3.55 -42.55
C ARG C 27 11.55 -4.86 -43.32
N SER C 28 12.70 -5.49 -43.13
CA SER C 28 13.09 -6.66 -43.92
C SER C 28 12.47 -7.96 -43.43
N GLY C 29 11.14 -7.99 -43.33
CA GLY C 29 10.43 -9.21 -43.03
C GLY C 29 10.34 -9.60 -41.56
N TYR C 30 10.58 -8.64 -40.67
CA TYR C 30 10.44 -8.88 -39.25
C TYR C 30 8.98 -8.75 -38.82
N LEU C 31 8.45 -9.77 -38.16
CA LEU C 31 7.08 -9.74 -37.66
C LEU C 31 7.03 -9.01 -36.32
N ALA C 32 6.23 -7.95 -36.25
CA ALA C 32 6.18 -7.12 -35.06
C ALA C 32 4.78 -7.06 -34.45
N HIS C 33 4.73 -6.95 -33.12
CA HIS C 33 3.47 -6.77 -32.42
C HIS C 33 3.06 -5.30 -32.43
N VAL C 34 1.76 -5.04 -32.49
CA VAL C 34 1.27 -3.67 -32.53
C VAL C 34 0.31 -3.35 -31.38
N TYR C 35 -0.75 -4.12 -31.27
CA TYR C 35 -1.81 -3.81 -30.32
C TYR C 35 -2.65 -5.03 -29.94
N TRP C 36 -3.10 -5.06 -28.69
CA TRP C 36 -4.04 -6.06 -28.21
C TRP C 36 -4.92 -5.46 -27.12
N GLY C 37 -6.22 -5.38 -27.38
CA GLY C 37 -7.14 -4.80 -26.43
C GLY C 37 -8.54 -4.70 -27.01
N LYS C 38 -9.28 -3.67 -26.61
CA LYS C 38 -10.63 -3.47 -27.11
C LYS C 38 -10.59 -3.21 -28.61
N ALA C 39 -11.56 -3.78 -29.32
CA ALA C 39 -11.55 -3.77 -30.79
C ALA C 39 -11.53 -2.37 -31.41
N VAL C 40 -10.61 -2.18 -32.36
CA VAL C 40 -10.55 -0.95 -33.14
C VAL C 40 -10.62 -1.30 -34.62
N ARG C 41 -11.03 -0.34 -35.45
CA ARG C 41 -11.09 -0.57 -36.89
C ARG C 41 -9.69 -0.73 -37.45
N ASP C 42 -8.83 0.25 -37.18
CA ASP C 42 -7.44 0.21 -37.62
C ASP C 42 -6.53 0.93 -36.65
N VAL C 43 -5.32 0.41 -36.48
CA VAL C 43 -4.28 1.12 -35.75
C VAL C 43 -3.45 1.91 -36.75
N ARG C 44 -3.89 3.13 -37.03
CA ARG C 44 -3.26 3.95 -38.07
C ARG C 44 -1.91 4.49 -37.63
N GLY C 45 -1.67 4.50 -36.32
CA GLY C 45 -0.41 5.01 -35.79
C GLY C 45 0.55 3.89 -35.42
N ALA C 46 0.41 2.75 -36.08
CA ALA C 46 1.24 1.59 -35.79
C ALA C 46 2.72 1.84 -36.08
N ARG C 47 2.98 2.76 -37.00
CA ARG C 47 4.36 3.08 -37.38
C ARG C 47 4.73 4.48 -36.93
N ALA C 48 3.76 5.20 -36.38
CA ALA C 48 3.98 6.58 -35.93
C ALA C 48 4.51 6.62 -34.50
N PHE C 49 5.61 5.91 -34.27
CA PHE C 49 6.29 5.94 -32.98
C PHE C 49 7.73 6.39 -33.18
N PRO C 50 8.30 7.09 -32.18
CA PRO C 50 9.66 7.62 -32.29
C PRO C 50 10.71 6.54 -32.57
N ARG C 51 11.55 6.77 -33.57
CA ARG C 51 12.66 5.88 -33.85
C ARG C 51 13.91 6.41 -33.17
N LEU C 52 14.37 5.70 -32.16
CA LEU C 52 15.46 6.18 -31.32
C LEU C 52 16.70 5.30 -31.41
N ASP C 53 17.86 5.92 -31.20
CA ASP C 53 19.11 5.20 -31.08
C ASP C 53 19.32 4.83 -29.62
N ARG C 54 18.88 3.63 -29.26
CA ARG C 54 19.02 3.16 -27.88
C ARG C 54 20.41 2.60 -27.63
N ALA C 55 21.14 3.23 -26.70
CA ALA C 55 22.52 2.83 -26.40
C ALA C 55 22.62 1.37 -25.96
N PHE C 56 23.67 0.70 -26.45
CA PHE C 56 23.92 -0.71 -26.16
C PHE C 56 22.82 -1.64 -26.69
N SER C 57 22.03 -1.15 -27.62
CA SER C 57 21.07 -1.98 -28.34
C SER C 57 21.49 -2.07 -29.80
N PRO C 58 22.26 -3.12 -30.15
CA PRO C 58 22.90 -3.31 -31.44
C PRO C 58 21.92 -3.42 -32.60
N ASN C 59 22.43 -3.31 -33.83
CA ASN C 59 21.58 -3.19 -35.00
C ASN C 59 21.86 -4.24 -36.07
N PRO C 60 20.79 -4.88 -36.57
CA PRO C 60 20.89 -5.79 -37.71
C PRO C 60 21.37 -5.03 -38.95
N ASP C 61 21.08 -3.74 -38.99
CA ASP C 61 21.57 -2.86 -40.05
C ASP C 61 22.51 -1.81 -39.47
N PRO C 62 23.81 -1.97 -39.72
CA PRO C 62 24.88 -1.12 -39.16
C PRO C 62 24.72 0.36 -39.47
N SER C 63 24.00 0.69 -40.54
CA SER C 63 23.82 2.09 -40.93
C SER C 63 22.69 2.75 -40.13
N ASP C 64 21.71 1.95 -39.71
CA ASP C 64 20.54 2.48 -39.02
C ASP C 64 20.51 2.05 -37.55
N ARG C 65 20.95 2.95 -36.68
CA ARG C 65 21.03 2.66 -35.25
C ARG C 65 19.66 2.76 -34.56
N THR C 66 18.65 3.18 -35.31
CA THR C 66 17.31 3.34 -34.77
C THR C 66 16.53 2.03 -34.79
N PHE C 67 17.11 1.02 -35.43
CA PHE C 67 16.48 -0.30 -35.50
C PHE C 67 17.27 -1.34 -34.71
N SER C 68 16.56 -2.07 -33.86
CA SER C 68 17.17 -3.11 -33.05
C SER C 68 16.11 -4.11 -32.60
N LEU C 69 16.48 -5.38 -32.54
CA LEU C 69 15.57 -6.42 -32.08
C LEU C 69 15.43 -6.37 -30.57
N ASP C 70 16.33 -5.63 -29.92
CA ASP C 70 16.28 -5.42 -28.48
C ASP C 70 15.23 -4.37 -28.14
N THR C 71 14.77 -3.64 -29.15
CA THR C 71 13.80 -2.58 -28.96
C THR C 71 12.57 -2.73 -29.85
N LEU C 72 12.42 -3.91 -30.45
CA LEU C 72 11.27 -4.18 -31.30
C LEU C 72 10.24 -5.06 -30.60
N LEU C 73 8.98 -4.65 -30.63
CA LEU C 73 7.91 -5.47 -30.09
C LEU C 73 7.66 -6.64 -31.04
N GLN C 74 7.90 -7.86 -30.58
CA GLN C 74 7.85 -9.02 -31.47
C GLN C 74 6.76 -10.04 -31.12
N GLU C 75 6.59 -11.01 -32.02
CA GLU C 75 5.57 -12.04 -31.85
C GLU C 75 6.21 -13.39 -31.51
N TYR C 76 7.43 -13.60 -31.98
CA TYR C 76 8.15 -14.84 -31.70
C TYR C 76 9.66 -14.58 -31.76
N PRO C 77 10.19 -13.82 -30.79
CA PRO C 77 11.56 -13.30 -30.80
C PRO C 77 12.62 -14.38 -30.58
N ALA C 78 13.85 -14.07 -30.98
CA ALA C 78 14.98 -14.97 -30.79
C ALA C 78 16.14 -14.23 -30.11
N TYR C 79 17.02 -14.99 -29.47
CA TYR C 79 18.21 -14.42 -28.85
C TYR C 79 19.43 -14.66 -29.74
N GLY C 80 20.39 -13.76 -29.69
CA GLY C 80 21.63 -13.94 -30.42
C GLY C 80 21.93 -12.86 -31.44
N ASN C 81 20.89 -12.33 -32.08
CA ASN C 81 21.07 -11.28 -33.07
C ASN C 81 20.37 -9.97 -32.71
N THR C 82 20.98 -9.22 -31.80
CA THR C 82 20.52 -7.89 -31.36
C THR C 82 19.26 -7.88 -30.49
N ASP C 83 18.97 -8.98 -29.82
CA ASP C 83 17.90 -9.02 -28.83
C ASP C 83 18.41 -9.72 -27.57
N PHE C 84 18.33 -9.02 -26.45
CA PHE C 84 18.90 -9.53 -25.20
C PHE C 84 17.84 -9.97 -24.19
N ARG C 85 16.58 -9.90 -24.59
CA ARG C 85 15.48 -10.34 -23.75
C ARG C 85 15.24 -11.83 -23.91
N ALA C 86 14.48 -12.43 -22.99
CA ALA C 86 14.17 -13.85 -23.04
C ALA C 86 13.42 -14.21 -24.31
N PRO C 87 13.99 -15.13 -25.12
CA PRO C 87 13.44 -15.50 -26.41
C PRO C 87 12.26 -16.48 -26.31
N ALA C 88 11.45 -16.53 -27.36
CA ALA C 88 10.33 -17.46 -27.41
C ALA C 88 10.82 -18.85 -27.81
N TYR C 89 12.01 -18.90 -28.41
CA TYR C 89 12.58 -20.16 -28.85
C TYR C 89 14.08 -20.05 -28.97
N GLN C 90 14.76 -21.19 -29.08
CA GLN C 90 16.20 -21.21 -29.29
C GLN C 90 16.63 -22.53 -29.93
N VAL C 91 17.42 -22.43 -30.99
CA VAL C 91 17.86 -23.61 -31.72
C VAL C 91 19.39 -23.71 -31.73
N GLN C 92 19.91 -24.88 -31.42
CA GLN C 92 21.35 -25.12 -31.53
C GLN C 92 21.68 -25.91 -32.79
N LEU C 93 22.57 -25.34 -33.60
CA LEU C 93 22.99 -25.98 -34.84
C LEU C 93 24.08 -27.01 -34.58
N GLU C 94 24.46 -27.76 -35.61
CA GLU C 94 25.51 -28.76 -35.49
C GLU C 94 26.87 -28.11 -35.21
N ASN C 95 27.03 -26.87 -35.65
CA ASN C 95 28.29 -26.15 -35.46
C ASN C 95 28.44 -25.57 -34.05
N GLY C 96 27.35 -25.61 -33.28
CA GLY C 96 27.38 -25.17 -31.90
C GLY C 96 26.80 -23.79 -31.66
N SER C 97 26.45 -23.09 -32.73
CA SER C 97 25.88 -21.76 -32.61
C SER C 97 24.39 -21.82 -32.29
N THR C 98 23.90 -20.82 -31.56
CA THR C 98 22.49 -20.75 -31.22
C THR C 98 21.82 -19.56 -31.89
N VAL C 99 22.46 -19.06 -32.94
CA VAL C 99 21.93 -17.92 -33.69
C VAL C 99 20.96 -18.37 -34.78
N THR C 100 19.72 -17.91 -34.69
CA THR C 100 18.73 -18.15 -35.73
C THR C 100 18.11 -16.83 -36.17
N ASP C 101 17.58 -16.80 -37.40
CA ASP C 101 17.01 -15.59 -37.94
C ASP C 101 15.74 -15.87 -38.75
N LEU C 102 14.59 -15.83 -38.08
CA LEU C 102 13.32 -16.05 -38.74
C LEU C 102 12.80 -14.79 -39.41
N ARG C 103 12.52 -14.90 -40.71
CA ARG C 103 11.98 -13.78 -41.47
C ARG C 103 10.66 -14.19 -42.12
N TYR C 104 9.87 -13.20 -42.52
CA TYR C 104 8.59 -13.45 -43.17
C TYR C 104 8.76 -14.12 -44.53
N LYS C 105 7.86 -15.04 -44.85
CA LYS C 105 7.83 -15.68 -46.16
C LYS C 105 6.48 -15.46 -46.82
N THR C 106 5.47 -16.11 -46.25
CA THR C 106 4.11 -16.00 -46.74
C THR C 106 3.15 -16.15 -45.57
N HIS C 107 1.85 -16.12 -45.87
CA HIS C 107 0.83 -16.32 -44.86
C HIS C 107 -0.46 -16.80 -45.50
N ARG C 108 -1.29 -17.49 -44.73
CA ARG C 108 -2.57 -17.98 -45.22
C ARG C 108 -3.69 -17.69 -44.24
N ILE C 109 -4.89 -17.46 -44.76
CA ILE C 109 -6.05 -17.18 -43.94
C ILE C 109 -7.22 -18.07 -44.34
N TYR C 110 -7.66 -18.92 -43.42
CA TYR C 110 -8.77 -19.82 -43.70
C TYR C 110 -9.77 -19.90 -42.54
N LYS C 111 -11.04 -20.07 -42.88
CA LYS C 111 -12.10 -20.16 -41.88
C LYS C 111 -11.94 -21.43 -41.05
N GLY C 112 -12.40 -21.38 -39.81
CA GLY C 112 -12.33 -22.53 -38.92
C GLY C 112 -11.08 -22.53 -38.05
N LYS C 113 -10.76 -23.70 -37.51
CA LYS C 113 -9.62 -23.84 -36.63
C LYS C 113 -9.01 -25.23 -36.80
N PRO C 114 -7.69 -25.30 -37.03
CA PRO C 114 -7.02 -26.58 -37.26
C PRO C 114 -6.81 -27.36 -35.95
N ARG C 115 -6.65 -28.67 -36.07
CA ARG C 115 -6.28 -29.49 -34.92
C ARG C 115 -4.77 -29.47 -34.79
N LEU C 116 -4.27 -29.65 -33.57
CA LEU C 116 -2.84 -29.72 -33.33
C LEU C 116 -2.39 -31.17 -33.25
N ASN C 117 -1.30 -31.49 -33.95
CA ASN C 117 -0.82 -32.86 -34.05
C ASN C 117 -0.50 -33.51 -32.72
N GLY C 118 -1.30 -34.51 -32.33
CA GLY C 118 -1.10 -35.24 -31.10
C GLY C 118 -1.26 -34.40 -29.85
N LEU C 119 -1.95 -33.27 -29.98
CA LEU C 119 -2.12 -32.34 -28.88
C LEU C 119 -3.57 -31.92 -28.70
N PRO C 120 -3.96 -31.60 -27.46
CA PRO C 120 -5.29 -31.04 -27.18
C PRO C 120 -5.36 -29.58 -27.60
N ALA C 121 -6.52 -29.13 -28.04
CA ALA C 121 -6.70 -27.74 -28.44
C ALA C 121 -8.17 -27.37 -28.47
N THR C 122 -8.47 -26.08 -28.35
CA THR C 122 -9.83 -25.59 -28.51
C THR C 122 -10.23 -25.84 -29.96
N TYR C 123 -11.52 -26.09 -30.18
CA TYR C 123 -12.00 -26.44 -31.51
C TYR C 123 -13.23 -25.63 -31.90
N VAL C 124 -13.74 -25.91 -33.10
CA VAL C 124 -14.99 -25.32 -33.58
C VAL C 124 -15.84 -26.39 -34.24
N GLU C 125 -17.15 -26.20 -34.22
CA GLU C 125 -18.06 -27.13 -34.88
C GLU C 125 -18.49 -26.59 -36.24
N HIS C 126 -18.23 -25.30 -36.46
CA HIS C 126 -18.54 -24.66 -37.73
C HIS C 126 -17.41 -23.70 -38.11
N GLU C 127 -17.18 -23.56 -39.42
CA GLU C 127 -16.12 -22.69 -39.93
C GLU C 127 -16.31 -21.24 -39.53
N GLN C 128 -17.57 -20.82 -39.42
CA GLN C 128 -17.89 -19.42 -39.16
C GLN C 128 -17.54 -18.98 -37.74
N GLU C 129 -17.39 -19.95 -36.83
CA GLU C 129 -17.14 -19.65 -35.43
C GLU C 129 -15.79 -19.01 -35.16
N ALA C 130 -14.83 -19.22 -36.07
CA ALA C 130 -13.50 -18.65 -35.91
C ALA C 130 -12.72 -18.62 -37.23
N GLU C 131 -11.74 -17.73 -37.30
CA GLU C 131 -10.82 -17.69 -38.43
C GLU C 131 -9.40 -17.97 -37.95
N THR C 132 -8.56 -18.49 -38.86
CA THR C 132 -7.19 -18.83 -38.50
C THR C 132 -6.18 -18.17 -39.43
N LEU C 133 -5.18 -17.52 -38.83
CA LEU C 133 -4.10 -16.91 -39.59
C LEU C 133 -2.79 -17.66 -39.32
N GLU C 134 -2.17 -18.16 -40.38
CA GLU C 134 -0.88 -18.83 -40.25
C GLU C 134 0.21 -17.99 -40.92
N ILE C 135 1.06 -17.37 -40.11
CA ILE C 135 2.20 -16.63 -40.64
C ILE C 135 3.42 -17.53 -40.71
N VAL C 136 3.92 -17.75 -41.92
CA VAL C 136 5.06 -18.63 -42.13
C VAL C 136 6.38 -17.86 -42.05
N LEU C 137 7.18 -18.18 -41.04
CA LEU C 137 8.50 -17.60 -40.89
C LEU C 137 9.55 -18.63 -41.27
N GLY C 138 10.74 -18.19 -41.65
CA GLY C 138 11.78 -19.10 -42.06
C GLY C 138 13.20 -18.57 -41.99
N ASP C 139 14.13 -19.45 -41.61
CA ASP C 139 15.54 -19.13 -41.61
C ASP C 139 16.21 -19.81 -42.80
N ALA C 140 16.45 -19.04 -43.86
CA ALA C 140 16.95 -19.57 -45.13
C ALA C 140 18.26 -20.35 -45.02
N LEU C 141 19.13 -19.93 -44.10
CA LEU C 141 20.45 -20.53 -43.96
C LEU C 141 20.41 -21.98 -43.49
N ILE C 142 19.51 -22.27 -42.57
CA ILE C 142 19.46 -23.59 -41.93
C ILE C 142 18.26 -24.42 -42.37
N GLY C 143 17.40 -23.84 -43.21
CA GLY C 143 16.25 -24.55 -43.71
C GLY C 143 15.16 -24.73 -42.68
N LEU C 144 15.12 -23.85 -41.68
CA LEU C 144 14.11 -23.95 -40.62
C LEU C 144 12.84 -23.14 -40.94
N GLU C 145 11.71 -23.83 -40.96
CA GLU C 145 10.42 -23.17 -41.17
C GLU C 145 9.59 -23.21 -39.88
N VAL C 146 9.15 -22.04 -39.44
CA VAL C 146 8.29 -21.95 -38.26
C VAL C 146 6.98 -21.27 -38.61
N THR C 147 5.88 -21.99 -38.43
CA THR C 147 4.56 -21.45 -38.73
C THR C 147 3.85 -20.98 -37.45
N LEU C 148 3.63 -19.68 -37.36
CA LEU C 148 2.92 -19.11 -36.22
C LEU C 148 1.42 -19.20 -36.43
N GLN C 149 0.74 -19.92 -35.56
CA GLN C 149 -0.69 -20.17 -35.70
C GLN C 149 -1.53 -19.25 -34.82
N TYR C 150 -2.37 -18.44 -35.46
CA TYR C 150 -3.27 -17.54 -34.75
C TYR C 150 -4.71 -17.91 -35.07
N THR C 151 -5.55 -17.96 -34.05
CA THR C 151 -6.98 -18.21 -34.26
C THR C 151 -7.84 -17.26 -33.43
N ALA C 152 -8.77 -16.59 -34.08
CA ALA C 152 -9.68 -15.66 -33.40
C ALA C 152 -11.13 -16.11 -33.48
N TYR C 153 -11.77 -16.29 -32.33
CA TYR C 153 -13.17 -16.67 -32.27
C TYR C 153 -14.07 -15.46 -32.56
N GLU C 154 -15.27 -15.73 -33.06
CA GLU C 154 -16.18 -14.66 -33.46
C GLU C 154 -16.96 -14.09 -32.28
N LYS C 155 -17.47 -14.96 -31.41
CA LYS C 155 -18.32 -14.52 -30.32
C LYS C 155 -17.57 -14.22 -29.02
N TRP C 156 -16.40 -14.83 -28.84
CA TRP C 156 -15.60 -14.60 -27.64
C TRP C 156 -14.37 -13.77 -27.94
N ASN C 157 -13.85 -13.08 -26.92
CA ASN C 157 -12.61 -12.33 -27.04
C ASN C 157 -11.42 -13.27 -26.87
N VAL C 158 -11.29 -14.24 -27.77
CA VAL C 158 -10.28 -15.27 -27.63
C VAL C 158 -9.31 -15.33 -28.81
N ILE C 159 -8.02 -15.16 -28.52
CA ILE C 159 -6.97 -15.38 -29.50
C ILE C 159 -6.12 -16.56 -29.01
N THR C 160 -6.09 -17.63 -29.79
CA THR C 160 -5.25 -18.78 -29.43
C THR C 160 -3.96 -18.75 -30.26
N ARG C 161 -2.85 -19.08 -29.61
CA ARG C 161 -1.55 -19.08 -30.28
C ARG C 161 -0.76 -20.37 -30.07
N SER C 162 -0.06 -20.78 -31.13
CA SER C 162 0.81 -21.94 -31.07
C SER C 162 1.79 -21.86 -32.24
N ALA C 163 2.84 -22.67 -32.18
CA ALA C 163 3.86 -22.64 -33.23
C ALA C 163 4.15 -24.05 -33.76
N ARG C 164 4.58 -24.11 -35.02
CA ARG C 164 4.93 -25.39 -35.63
C ARG C 164 6.29 -25.28 -36.34
N PHE C 165 7.24 -26.09 -35.89
CA PHE C 165 8.58 -26.10 -36.46
C PHE C 165 8.69 -27.17 -37.52
N GLU C 166 9.61 -26.98 -38.47
CA GLU C 166 9.89 -28.00 -39.49
C GLU C 166 11.28 -27.82 -40.08
N ASN C 167 12.07 -28.90 -40.05
CA ASN C 167 13.42 -28.87 -40.60
C ASN C 167 13.44 -29.22 -42.07
N LYS C 168 13.45 -28.20 -42.93
CA LYS C 168 13.49 -28.41 -44.36
C LYS C 168 14.93 -28.34 -44.89
N GLY C 169 15.88 -28.28 -43.96
CA GLY C 169 17.29 -28.18 -44.32
C GLY C 169 17.96 -29.54 -44.42
N GLY C 170 19.29 -29.53 -44.45
CA GLY C 170 20.05 -30.76 -44.59
C GLY C 170 20.85 -31.12 -43.35
N GLU C 171 20.66 -30.35 -42.29
CA GLU C 171 21.36 -30.60 -41.03
C GLU C 171 20.38 -30.87 -39.89
N ARG C 172 20.89 -31.41 -38.80
CA ARG C 172 20.09 -31.63 -37.61
C ARG C 172 19.89 -30.32 -36.86
N LEU C 173 18.75 -30.17 -36.21
CA LEU C 173 18.45 -28.97 -35.43
C LEU C 173 17.88 -29.34 -34.07
N LYS C 174 18.50 -28.83 -33.01
CA LYS C 174 18.06 -29.13 -31.65
C LYS C 174 17.34 -27.95 -31.01
N LEU C 175 16.03 -28.08 -30.83
CA LEU C 175 15.25 -27.05 -30.17
C LEU C 175 15.54 -27.05 -28.67
N LEU C 176 16.31 -26.08 -28.21
CA LEU C 176 16.61 -25.94 -26.80
C LEU C 176 15.42 -25.33 -26.08
N ARG C 177 14.59 -24.63 -26.83
CA ARG C 177 13.44 -23.91 -26.29
C ARG C 177 12.40 -23.74 -27.38
N ALA C 178 11.14 -23.99 -27.05
CA ALA C 178 10.06 -23.88 -28.02
C ALA C 178 8.75 -23.47 -27.35
N LEU C 179 8.67 -22.21 -26.93
CA LEU C 179 7.47 -21.70 -26.28
C LEU C 179 6.33 -21.57 -27.27
N SER C 180 5.09 -21.64 -26.76
CA SER C 180 3.91 -21.58 -27.62
C SER C 180 3.66 -20.19 -28.17
N MET C 181 3.90 -19.18 -27.35
CA MET C 181 3.70 -17.80 -27.77
C MET C 181 4.57 -16.80 -27.02
N SER C 182 4.60 -15.56 -27.52
CA SER C 182 5.30 -14.47 -26.87
C SER C 182 4.69 -13.16 -27.36
N VAL C 183 4.61 -12.17 -26.49
CA VAL C 183 4.02 -10.89 -26.86
C VAL C 183 4.66 -9.73 -26.10
N ASP C 184 4.90 -8.63 -26.80
CA ASP C 184 5.51 -7.45 -26.20
C ASP C 184 4.51 -6.31 -26.04
N PHE C 185 4.15 -6.03 -24.80
CA PHE C 185 3.30 -4.87 -24.50
C PHE C 185 4.14 -3.60 -24.54
N PRO C 186 3.56 -2.51 -25.06
CA PRO C 186 4.26 -1.22 -25.16
C PRO C 186 4.62 -0.67 -23.78
N THR C 187 3.76 -0.89 -22.80
CA THR C 187 4.00 -0.42 -21.44
C THR C 187 3.99 -1.58 -20.44
N ALA C 188 4.34 -1.29 -19.20
CA ALA C 188 4.44 -2.33 -18.17
C ALA C 188 3.75 -1.94 -16.87
N ASP C 189 2.84 -0.97 -16.95
CA ASP C 189 2.13 -0.51 -15.77
C ASP C 189 0.97 -1.45 -15.46
N TYR C 190 1.29 -2.68 -15.07
CA TYR C 190 0.29 -3.69 -14.77
C TYR C 190 0.63 -4.43 -13.48
N ASP C 191 -0.39 -5.03 -12.87
CA ASP C 191 -0.16 -6.06 -11.87
C ASP C 191 -0.25 -7.38 -12.60
N TRP C 192 0.25 -8.45 -12.00
CA TRP C 192 0.08 -9.77 -12.60
C TRP C 192 -0.50 -10.76 -11.61
N ILE C 193 -1.40 -11.60 -12.10
CA ILE C 193 -2.05 -12.62 -11.28
C ILE C 193 -1.69 -14.02 -11.75
N HIS C 194 -1.24 -14.85 -10.82
CA HIS C 194 -1.05 -16.27 -11.10
C HIS C 194 -1.69 -17.09 -9.99
N LEU C 195 -1.64 -18.41 -10.10
CA LEU C 195 -2.33 -19.27 -9.14
C LEU C 195 -1.42 -20.28 -8.47
N PRO C 196 -0.61 -19.81 -7.51
CA PRO C 196 0.26 -20.72 -6.74
C PRO C 196 -0.55 -21.56 -5.77
N GLY C 197 0.04 -22.65 -5.29
CA GLY C 197 -0.63 -23.50 -4.32
C GLY C 197 0.17 -24.72 -3.92
N ALA C 198 -0.53 -25.70 -3.38
CA ALA C 198 0.06 -26.97 -2.98
C ALA C 198 -1.05 -27.99 -2.92
N TRP C 199 -0.72 -29.21 -2.49
CA TRP C 199 -1.75 -30.21 -2.28
C TRP C 199 -2.67 -29.75 -1.15
N GLY C 200 -3.97 -29.80 -1.37
CA GLY C 200 -4.94 -29.41 -0.37
C GLY C 200 -5.22 -27.91 -0.35
N ARG C 201 -4.60 -27.19 -1.29
CA ARG C 201 -4.83 -25.75 -1.41
C ARG C 201 -4.36 -25.22 -2.77
N GLU C 202 -4.89 -25.79 -3.84
CA GLU C 202 -4.50 -25.42 -5.18
C GLU C 202 -5.11 -24.09 -5.60
N ARG C 203 -4.41 -23.37 -6.48
CA ARG C 203 -4.95 -22.19 -7.15
C ARG C 203 -5.46 -21.09 -6.21
N TRP C 204 -4.59 -20.61 -5.33
CA TRP C 204 -4.87 -19.39 -4.58
C TRP C 204 -4.55 -18.20 -5.46
N ILE C 205 -5.41 -17.19 -5.45
CA ILE C 205 -5.19 -16.02 -6.28
C ILE C 205 -4.14 -15.09 -5.66
N GLU C 206 -3.03 -14.92 -6.37
CA GLU C 206 -1.97 -14.03 -5.92
C GLU C 206 -1.80 -12.83 -6.84
N ARG C 207 -2.07 -11.64 -6.32
CA ARG C 207 -1.90 -10.39 -7.05
C ARG C 207 -0.58 -9.74 -6.65
N ARG C 208 0.25 -9.44 -7.64
CA ARG C 208 1.55 -8.83 -7.39
C ARG C 208 1.88 -7.75 -8.41
N PRO C 209 2.56 -6.69 -7.97
CA PRO C 209 3.07 -5.68 -8.90
C PRO C 209 4.20 -6.27 -9.74
N LEU C 210 4.37 -5.78 -10.96
CA LEU C 210 5.45 -6.26 -11.81
C LEU C 210 6.79 -5.67 -11.39
N VAL C 211 7.84 -6.49 -11.44
CA VAL C 211 9.19 -6.02 -11.17
C VAL C 211 9.91 -5.75 -12.49
N THR C 212 10.91 -4.86 -12.45
CA THR C 212 11.73 -4.63 -13.62
C THR C 212 12.75 -5.75 -13.73
N GLY C 213 12.41 -6.77 -14.51
CA GLY C 213 13.22 -7.97 -14.62
C GLY C 213 12.35 -9.15 -15.01
N VAL C 214 12.49 -10.24 -14.29
CA VAL C 214 11.77 -11.47 -14.62
C VAL C 214 10.92 -11.98 -13.45
N GLN C 215 9.63 -12.18 -13.71
CA GLN C 215 8.75 -12.89 -12.78
C GLN C 215 8.11 -14.03 -13.54
N ALA C 216 8.00 -15.19 -12.90
CA ALA C 216 7.50 -16.37 -13.60
C ALA C 216 6.87 -17.41 -12.68
N ALA C 217 5.85 -18.09 -13.21
CA ALA C 217 5.26 -19.25 -12.55
C ALA C 217 5.47 -20.45 -13.46
N GLU C 218 6.00 -21.54 -12.91
CA GLU C 218 6.36 -22.68 -13.75
C GLU C 218 6.21 -24.03 -13.05
N SER C 219 6.45 -25.09 -13.82
CA SER C 219 6.41 -26.45 -13.29
C SER C 219 7.54 -27.29 -13.89
N ARG C 220 8.28 -27.98 -13.02
CA ARG C 220 9.36 -28.85 -13.45
C ARG C 220 9.06 -30.28 -13.00
N ARG C 221 7.77 -30.57 -12.83
CA ARG C 221 7.35 -31.82 -12.21
C ARG C 221 6.78 -32.83 -13.22
N GLY C 222 6.80 -32.47 -14.50
CA GLY C 222 6.25 -33.32 -15.53
C GLY C 222 4.73 -33.34 -15.49
N ALA C 223 4.18 -32.43 -14.70
CA ALA C 223 2.73 -32.26 -14.59
C ALA C 223 2.46 -30.79 -14.33
N SER C 224 1.26 -30.32 -14.69
CA SER C 224 0.93 -28.91 -14.50
C SER C 224 0.97 -28.52 -13.03
N SER C 225 0.81 -29.51 -12.15
CA SER C 225 1.09 -29.38 -10.71
C SER C 225 0.06 -28.59 -9.90
N HIS C 226 0.05 -28.85 -8.59
CA HIS C 226 -0.75 -28.10 -7.65
C HIS C 226 -0.02 -26.80 -7.33
N GLN C 227 1.29 -26.84 -7.48
CA GLN C 227 2.17 -25.76 -7.02
C GLN C 227 2.00 -24.47 -7.84
N GLN C 228 1.88 -24.62 -9.15
CA GLN C 228 1.64 -23.47 -10.04
C GLN C 228 0.72 -23.88 -11.18
N ASN C 229 -0.48 -23.34 -11.22
CA ASN C 229 -1.40 -23.62 -12.31
C ASN C 229 -0.98 -22.86 -13.57
N PRO C 230 -0.99 -23.54 -14.73
CA PRO C 230 -0.59 -22.92 -16.01
C PRO C 230 -1.49 -21.76 -16.40
N PHE C 231 -1.41 -20.67 -15.65
CA PHE C 231 -2.18 -19.47 -15.95
C PHE C 231 -1.54 -18.23 -15.32
N ILE C 232 -1.28 -17.23 -16.15
CA ILE C 232 -0.88 -15.91 -15.67
C ILE C 232 -1.76 -14.86 -16.32
N ALA C 233 -1.85 -13.69 -15.70
CA ALA C 233 -2.70 -12.64 -16.24
C ALA C 233 -2.13 -11.24 -15.96
N LEU C 234 -2.24 -10.37 -16.95
CA LEU C 234 -1.92 -8.96 -16.77
C LEU C 234 -3.19 -8.18 -16.50
N VAL C 235 -3.22 -7.44 -15.40
CA VAL C 235 -4.38 -6.62 -15.08
C VAL C 235 -4.00 -5.17 -14.84
N ALA C 236 -4.93 -4.27 -15.11
CA ALA C 236 -4.74 -2.85 -14.83
C ALA C 236 -4.62 -2.66 -13.31
N LYS C 237 -3.98 -1.57 -12.92
CA LYS C 237 -3.74 -1.30 -11.50
C LYS C 237 -5.02 -1.20 -10.70
N ASN C 238 -6.10 -0.76 -11.34
CA ASN C 238 -7.37 -0.57 -10.66
C ASN C 238 -8.43 -1.58 -11.09
N ALA C 239 -8.02 -2.57 -11.88
CA ALA C 239 -8.95 -3.59 -12.35
C ALA C 239 -9.34 -4.55 -11.23
N ASP C 240 -10.64 -4.79 -11.09
CA ASP C 240 -11.14 -5.72 -10.09
C ASP C 240 -11.97 -6.83 -10.75
N GLU C 241 -12.95 -7.35 -10.01
CA GLU C 241 -13.78 -8.43 -10.52
C GLU C 241 -14.82 -7.97 -11.52
N HIS C 242 -15.13 -6.68 -11.53
CA HIS C 242 -16.27 -6.17 -12.30
C HIS C 242 -15.90 -5.16 -13.38
N GLN C 243 -14.69 -4.61 -13.31
CA GLN C 243 -14.26 -3.62 -14.29
C GLN C 243 -12.75 -3.61 -14.47
N GLY C 244 -12.30 -3.03 -15.57
CA GLY C 244 -10.88 -2.89 -15.82
C GLY C 244 -10.36 -3.85 -16.85
N GLU C 245 -9.23 -3.50 -17.48
CA GLU C 245 -8.64 -4.33 -18.52
C GLU C 245 -7.85 -5.50 -17.95
N VAL C 246 -8.09 -6.68 -18.50
CA VAL C 246 -7.43 -7.91 -18.06
C VAL C 246 -6.91 -8.69 -19.27
N TYR C 247 -5.71 -9.25 -19.14
CA TYR C 247 -5.15 -10.07 -20.20
C TYR C 247 -4.81 -11.47 -19.70
N GLY C 248 -5.64 -12.44 -20.04
CA GLY C 248 -5.46 -13.80 -19.59
C GLY C 248 -4.60 -14.66 -20.50
N PHE C 249 -3.76 -15.48 -19.89
CA PHE C 249 -2.91 -16.42 -20.63
C PHE C 249 -3.06 -17.82 -20.03
N SER C 250 -3.68 -18.72 -20.80
CA SER C 250 -3.94 -20.07 -20.31
C SER C 250 -3.28 -21.13 -21.18
N PHE C 251 -2.51 -22.01 -20.56
CA PHE C 251 -1.77 -23.04 -21.28
C PHE C 251 -2.57 -24.33 -21.42
N VAL C 252 -2.86 -24.71 -22.66
CA VAL C 252 -3.54 -25.98 -22.92
C VAL C 252 -2.52 -27.11 -22.98
N TYR C 253 -2.02 -27.50 -21.81
CA TYR C 253 -0.98 -28.52 -21.71
C TYR C 253 -0.93 -29.02 -20.27
N SER C 254 -0.57 -30.29 -20.09
CA SER C 254 -0.65 -30.91 -18.78
C SER C 254 0.70 -31.33 -18.21
N GLY C 255 1.78 -30.93 -18.87
CA GLY C 255 3.11 -31.27 -18.41
C GLY C 255 3.88 -30.05 -17.90
N ASN C 256 5.20 -30.08 -18.08
CA ASN C 256 6.05 -28.96 -17.70
C ASN C 256 5.68 -27.70 -18.48
N PHE C 257 5.72 -26.56 -17.80
CA PHE C 257 5.41 -25.29 -18.45
C PHE C 257 6.21 -24.13 -17.86
N LEU C 258 6.36 -23.08 -18.65
CA LEU C 258 6.94 -21.83 -18.18
C LEU C 258 5.99 -20.70 -18.54
N ALA C 259 5.58 -19.94 -17.54
CA ALA C 259 4.74 -18.77 -17.76
C ALA C 259 5.47 -17.54 -17.22
N GLN C 260 6.10 -16.80 -18.13
CA GLN C 260 7.03 -15.74 -17.74
C GLN C 260 6.61 -14.36 -18.22
N ILE C 261 6.90 -13.36 -17.40
CA ILE C 261 6.73 -11.97 -17.78
C ILE C 261 8.04 -11.23 -17.56
N GLU C 262 8.55 -10.57 -18.60
CA GLU C 262 9.81 -9.86 -18.49
C GLU C 262 9.67 -8.38 -18.85
N VAL C 263 10.01 -7.53 -17.89
CA VAL C 263 9.97 -6.08 -18.11
C VAL C 263 11.37 -5.55 -18.35
N ASP C 264 11.60 -4.96 -19.52
CA ASP C 264 12.94 -4.52 -19.88
C ASP C 264 13.23 -3.08 -19.44
N GLN C 265 14.37 -2.56 -19.90
CA GLN C 265 14.85 -1.24 -19.52
C GLN C 265 13.95 -0.11 -20.03
N PHE C 266 13.15 -0.41 -21.04
CA PHE C 266 12.31 0.62 -21.65
C PHE C 266 10.82 0.42 -21.33
N GLY C 267 10.56 -0.25 -20.22
CA GLY C 267 9.21 -0.38 -19.69
C GLY C 267 8.25 -1.19 -20.53
N THR C 268 8.78 -2.06 -21.39
CA THR C 268 7.92 -2.96 -22.16
C THR C 268 7.82 -4.29 -21.44
N ALA C 269 6.68 -4.95 -21.56
CA ALA C 269 6.44 -6.20 -20.86
C ALA C 269 6.30 -7.37 -21.82
N ARG C 270 7.26 -8.30 -21.76
CA ARG C 270 7.20 -9.50 -22.59
C ARG C 270 6.58 -10.67 -21.83
N VAL C 271 5.37 -11.06 -22.25
CA VAL C 271 4.70 -12.21 -21.68
C VAL C 271 4.91 -13.42 -22.57
N SER C 272 5.49 -14.48 -22.01
CA SER C 272 5.78 -15.69 -22.77
C SER C 272 5.30 -16.92 -22.01
N MET C 273 4.73 -17.88 -22.74
CA MET C 273 4.21 -19.09 -22.13
C MET C 273 4.37 -20.29 -23.07
N GLY C 274 4.74 -21.43 -22.50
CA GLY C 274 4.90 -22.65 -23.27
C GLY C 274 5.57 -23.74 -22.46
N ILE C 275 5.96 -24.81 -23.14
CA ILE C 275 6.69 -25.91 -22.51
C ILE C 275 7.96 -25.38 -21.85
N ASN C 276 8.17 -25.76 -20.60
CA ASN C 276 9.32 -25.31 -19.83
C ASN C 276 10.64 -25.70 -20.50
N PRO C 277 11.45 -24.70 -20.88
CA PRO C 277 12.76 -24.92 -21.53
C PRO C 277 13.72 -25.69 -20.65
N PHE C 278 13.56 -25.57 -19.34
CA PHE C 278 14.45 -26.23 -18.39
C PHE C 278 14.37 -27.75 -18.52
N ASP C 279 15.53 -28.38 -18.64
CA ASP C 279 15.64 -29.83 -18.80
C ASP C 279 14.92 -30.33 -20.05
N PHE C 280 14.78 -29.44 -21.04
CA PHE C 280 14.05 -29.76 -22.26
C PHE C 280 14.84 -29.46 -23.53
N THR C 281 14.94 -30.46 -24.40
CA THR C 281 15.42 -30.26 -25.76
C THR C 281 14.55 -31.07 -26.72
N TRP C 282 14.73 -30.85 -28.02
CA TRP C 282 14.03 -31.64 -29.02
C TRP C 282 14.78 -31.63 -30.35
N LEU C 283 15.33 -32.79 -30.72
CA LEU C 283 16.10 -32.92 -31.94
C LEU C 283 15.18 -33.00 -33.16
N LEU C 284 15.51 -32.22 -34.19
CA LEU C 284 14.76 -32.25 -35.44
C LEU C 284 15.64 -32.69 -36.60
N GLN C 285 15.55 -33.97 -36.96
CA GLN C 285 16.22 -34.49 -38.14
C GLN C 285 15.63 -33.82 -39.38
N PRO C 286 16.40 -33.76 -40.48
CA PRO C 286 15.89 -33.20 -41.73
C PRO C 286 14.59 -33.88 -42.17
N GLY C 287 13.49 -33.13 -42.14
CA GLY C 287 12.20 -33.66 -42.53
C GLY C 287 11.24 -33.76 -41.35
N GLU C 288 11.79 -33.66 -40.14
CA GLU C 288 10.98 -33.78 -38.94
C GLU C 288 10.37 -32.45 -38.51
N SER C 289 9.35 -32.53 -37.64
CA SER C 289 8.62 -31.33 -37.23
C SER C 289 8.32 -31.34 -35.73
N PHE C 290 7.88 -30.20 -35.22
CA PHE C 290 7.50 -30.10 -33.82
C PHE C 290 6.35 -29.11 -33.62
N GLN C 291 5.24 -29.60 -33.07
CA GLN C 291 4.09 -28.76 -32.80
C GLN C 291 4.00 -28.46 -31.30
N THR C 292 3.89 -27.17 -30.98
CA THR C 292 3.75 -26.75 -29.59
C THR C 292 2.28 -26.82 -29.18
N PRO C 293 2.01 -26.94 -27.88
CA PRO C 293 0.63 -26.83 -27.42
C PRO C 293 0.13 -25.40 -27.63
N GLU C 294 -1.16 -25.15 -27.50
CA GLU C 294 -1.69 -23.82 -27.73
C GLU C 294 -1.89 -23.06 -26.42
N VAL C 295 -1.79 -21.74 -26.50
CA VAL C 295 -2.08 -20.87 -25.38
C VAL C 295 -3.30 -20.03 -25.69
N VAL C 296 -4.34 -20.17 -24.86
CA VAL C 296 -5.57 -19.42 -25.06
C VAL C 296 -5.48 -18.06 -24.39
N MET C 297 -5.48 -17.01 -25.20
CA MET C 297 -5.34 -15.65 -24.70
C MET C 297 -6.68 -14.91 -24.72
N VAL C 298 -7.05 -14.33 -23.59
CA VAL C 298 -8.34 -13.68 -23.45
C VAL C 298 -8.20 -12.23 -22.97
N TYR C 299 -8.92 -11.33 -23.64
CA TYR C 299 -8.98 -9.93 -23.20
C TYR C 299 -10.37 -9.59 -22.67
N SER C 300 -10.41 -8.73 -21.67
CA SER C 300 -11.66 -8.24 -21.11
C SER C 300 -11.49 -6.85 -20.50
N ASP C 301 -12.53 -6.04 -20.58
CA ASP C 301 -12.54 -4.75 -19.90
C ASP C 301 -13.62 -4.78 -18.83
N GLN C 302 -14.21 -5.95 -18.64
CA GLN C 302 -15.26 -6.14 -17.64
C GLN C 302 -14.69 -6.78 -16.38
N GLY C 303 -13.38 -6.63 -16.18
CA GLY C 303 -12.73 -7.14 -14.99
C GLY C 303 -12.44 -8.63 -15.05
N LEU C 304 -12.19 -9.22 -13.88
CA LEU C 304 -11.87 -10.64 -13.79
C LEU C 304 -13.04 -11.55 -14.13
N ASN C 305 -14.26 -11.12 -13.79
CA ASN C 305 -15.45 -11.89 -14.14
C ASN C 305 -15.63 -11.98 -15.65
N GLY C 306 -15.39 -10.86 -16.34
CA GLY C 306 -15.51 -10.82 -17.77
C GLY C 306 -14.56 -11.78 -18.45
N MET C 307 -13.35 -11.88 -17.90
CA MET C 307 -12.34 -12.79 -18.43
C MET C 307 -12.72 -14.25 -18.19
N SER C 308 -13.12 -14.55 -16.96
CA SER C 308 -13.44 -15.92 -16.56
C SER C 308 -14.63 -16.48 -17.35
N GLN C 309 -15.68 -15.68 -17.49
CA GLN C 309 -16.88 -16.08 -18.20
C GLN C 309 -16.59 -16.41 -19.66
N THR C 310 -15.61 -15.73 -20.23
CA THR C 310 -15.18 -16.02 -21.60
C THR C 310 -14.51 -17.39 -21.64
N TYR C 311 -13.64 -17.66 -20.67
CA TYR C 311 -12.99 -18.96 -20.56
C TYR C 311 -14.02 -20.06 -20.31
N HIS C 312 -14.98 -19.78 -19.44
CA HIS C 312 -15.99 -20.77 -19.07
C HIS C 312 -16.76 -21.28 -20.28
N GLU C 313 -17.33 -20.38 -21.06
CA GLU C 313 -18.08 -20.76 -22.26
C GLU C 313 -17.19 -21.47 -23.28
N LEU C 314 -15.97 -20.96 -23.45
CA LEU C 314 -15.04 -21.53 -24.41
C LEU C 314 -14.60 -22.93 -24.01
N TYR C 315 -14.15 -23.08 -22.76
CA TYR C 315 -13.63 -24.36 -22.29
C TYR C 315 -14.71 -25.42 -22.10
N ARG C 316 -15.91 -25.01 -21.72
CA ARG C 316 -16.99 -25.96 -21.50
C ARG C 316 -17.59 -26.49 -22.80
N THR C 317 -17.73 -25.62 -23.80
CA THR C 317 -18.41 -26.00 -25.03
C THR C 317 -17.49 -26.21 -26.22
N ARG C 318 -16.26 -25.70 -26.15
CA ARG C 318 -15.32 -25.81 -27.26
C ARG C 318 -13.92 -26.26 -26.84
N LEU C 319 -13.85 -27.04 -25.77
CA LEU C 319 -12.61 -27.70 -25.37
C LEU C 319 -12.93 -29.08 -24.79
N ALA C 320 -13.89 -29.11 -23.88
CA ALA C 320 -14.41 -30.37 -23.37
C ALA C 320 -15.12 -31.09 -24.49
N ARG C 321 -15.05 -32.42 -24.50
CA ARG C 321 -15.68 -33.22 -25.55
C ARG C 321 -16.53 -34.33 -24.97
N GLY C 322 -16.91 -35.29 -25.82
CA GLY C 322 -17.68 -36.43 -25.39
C GLY C 322 -19.18 -36.16 -25.37
N ALA C 323 -19.95 -37.19 -25.05
CA ALA C 323 -21.40 -37.08 -25.05
C ALA C 323 -21.92 -36.38 -23.80
N PHE C 324 -21.02 -36.07 -22.88
CA PHE C 324 -21.40 -35.45 -21.60
C PHE C 324 -21.01 -33.98 -21.54
N ARG C 325 -20.50 -33.44 -22.66
CA ARG C 325 -20.05 -32.05 -22.72
C ARG C 325 -21.15 -31.07 -22.34
N ASP C 326 -22.34 -31.26 -22.89
CA ASP C 326 -23.47 -30.37 -22.64
C ASP C 326 -24.48 -31.01 -21.71
N ARG C 327 -24.13 -32.15 -21.12
CA ARG C 327 -25.05 -32.89 -20.26
C ARG C 327 -24.84 -32.58 -18.78
N GLU C 328 -25.94 -32.58 -18.03
CA GLU C 328 -25.90 -32.38 -16.59
C GLU C 328 -25.12 -33.50 -15.92
N ARG C 329 -24.23 -33.13 -15.01
CA ARG C 329 -23.35 -34.11 -14.37
C ARG C 329 -24.03 -34.80 -13.19
N PRO C 330 -23.83 -36.11 -13.06
CA PRO C 330 -24.49 -36.92 -12.03
C PRO C 330 -24.01 -36.62 -10.62
N ILE C 331 -24.94 -36.58 -9.68
CA ILE C 331 -24.59 -36.42 -8.28
C ILE C 331 -24.07 -37.74 -7.75
N LEU C 332 -22.75 -37.85 -7.63
CA LEU C 332 -22.12 -39.11 -7.28
C LEU C 332 -21.84 -39.25 -5.78
N ILE C 333 -21.37 -40.43 -5.40
CA ILE C 333 -20.85 -40.63 -4.06
C ILE C 333 -19.54 -41.44 -4.10
N ASN C 334 -18.48 -40.86 -3.56
CA ASN C 334 -17.18 -41.52 -3.52
C ASN C 334 -16.92 -42.08 -2.13
N ASN C 335 -16.21 -43.19 -2.06
CA ASN C 335 -16.01 -43.88 -0.79
C ASN C 335 -14.61 -43.69 -0.19
N TRP C 336 -13.78 -42.88 -0.86
CA TRP C 336 -12.37 -42.73 -0.47
C TRP C 336 -12.17 -42.25 0.95
N GLU C 337 -12.84 -41.17 1.34
CA GLU C 337 -12.70 -40.66 2.70
C GLU C 337 -13.51 -41.49 3.68
N ALA C 338 -14.47 -42.26 3.15
CA ALA C 338 -15.36 -43.06 3.98
C ALA C 338 -14.69 -44.34 4.47
N THR C 339 -14.09 -45.09 3.55
CA THR C 339 -13.53 -46.39 3.88
C THR C 339 -12.05 -46.49 3.56
N TYR C 340 -11.57 -45.59 2.70
CA TYR C 340 -10.21 -45.66 2.16
C TYR C 340 -9.96 -47.02 1.47
N PHE C 341 -8.97 -47.75 1.95
CA PHE C 341 -8.66 -49.05 1.36
C PHE C 341 -9.46 -50.18 2.00
N ASP C 342 -10.05 -49.91 3.16
CA ASP C 342 -10.78 -50.94 3.91
C ASP C 342 -12.25 -51.03 3.50
N PHE C 343 -12.52 -51.84 2.47
CA PHE C 343 -13.89 -52.06 2.02
C PHE C 343 -14.03 -53.43 1.36
N ASN C 344 -15.26 -53.86 1.13
CA ASN C 344 -15.53 -55.08 0.39
C ASN C 344 -16.83 -54.98 -0.41
N GLU C 345 -17.17 -56.04 -1.12
CA GLU C 345 -18.39 -56.07 -1.92
C GLU C 345 -19.63 -55.96 -1.04
N GLU C 346 -19.57 -56.61 0.12
CA GLU C 346 -20.68 -56.60 1.06
C GLU C 346 -21.00 -55.19 1.55
N LYS C 347 -19.95 -54.44 1.91
CA LYS C 347 -20.11 -53.10 2.46
C LYS C 347 -20.66 -52.09 1.45
N ILE C 348 -20.36 -52.31 0.17
CA ILE C 348 -20.76 -51.37 -0.88
C ILE C 348 -22.25 -51.45 -1.22
N VAL C 349 -22.73 -52.65 -1.52
CA VAL C 349 -24.14 -52.82 -1.88
C VAL C 349 -25.05 -52.69 -0.65
N ASN C 350 -24.47 -52.83 0.53
CA ASN C 350 -25.20 -52.65 1.78
C ASN C 350 -25.66 -51.21 1.95
N ILE C 351 -24.74 -50.28 1.71
CA ILE C 351 -25.03 -48.86 1.87
C ILE C 351 -25.62 -48.28 0.59
N ALA C 352 -25.51 -49.01 -0.51
CA ALA C 352 -26.02 -48.56 -1.80
C ALA C 352 -27.54 -48.47 -1.82
N ARG C 353 -28.18 -49.19 -0.90
CA ARG C 353 -29.64 -49.14 -0.76
C ARG C 353 -30.07 -47.78 -0.24
N THR C 354 -29.39 -47.30 0.78
CA THR C 354 -29.67 -45.99 1.37
C THR C 354 -29.29 -44.88 0.41
N GLU C 355 -28.19 -45.06 -0.30
CA GLU C 355 -27.71 -44.08 -1.26
C GLU C 355 -28.73 -43.82 -2.37
N ALA C 356 -29.39 -44.88 -2.82
CA ALA C 356 -30.41 -44.75 -3.86
C ALA C 356 -31.61 -43.95 -3.37
N GLU C 357 -32.00 -44.19 -2.12
CA GLU C 357 -33.15 -43.51 -1.54
C GLU C 357 -32.85 -42.05 -1.23
N LEU C 358 -31.57 -41.72 -1.07
CA LEU C 358 -31.16 -40.35 -0.80
C LEU C 358 -31.14 -39.50 -2.07
N GLY C 359 -31.28 -40.15 -3.21
CA GLY C 359 -31.35 -39.45 -4.49
C GLY C 359 -30.08 -39.48 -5.29
N ILE C 360 -29.03 -40.12 -4.75
CA ILE C 360 -27.75 -40.24 -5.44
C ILE C 360 -27.93 -40.95 -6.78
N GLU C 361 -27.17 -40.51 -7.78
CA GLU C 361 -27.31 -41.05 -9.13
C GLU C 361 -26.15 -41.98 -9.52
N LEU C 362 -25.04 -41.86 -8.81
CA LEU C 362 -23.82 -42.58 -9.19
C LEU C 362 -23.03 -43.07 -7.97
N VAL C 363 -22.56 -44.30 -8.04
CA VAL C 363 -21.69 -44.86 -7.01
C VAL C 363 -20.29 -45.11 -7.57
N VAL C 364 -19.31 -44.36 -7.06
CA VAL C 364 -17.95 -44.45 -7.57
C VAL C 364 -17.06 -45.27 -6.65
N LEU C 365 -16.53 -46.37 -7.17
CA LEU C 365 -15.60 -47.20 -6.42
C LEU C 365 -14.18 -46.66 -6.56
N ASP C 366 -13.58 -46.27 -5.46
CA ASP C 366 -12.26 -45.63 -5.49
C ASP C 366 -11.13 -46.64 -5.40
N ASP C 367 -9.96 -46.18 -4.96
CA ASP C 367 -8.75 -46.99 -4.87
C ASP C 367 -8.96 -48.17 -3.92
N GLY C 368 -8.45 -49.34 -4.31
CA GLY C 368 -8.48 -50.50 -3.43
C GLY C 368 -9.13 -51.73 -4.03
N TRP C 369 -9.63 -51.62 -5.26
CA TRP C 369 -10.39 -52.70 -5.89
C TRP C 369 -9.52 -53.68 -6.67
N PHE C 370 -8.33 -53.24 -7.06
CA PHE C 370 -7.48 -54.03 -7.93
C PHE C 370 -6.29 -54.66 -7.20
N GLY C 371 -5.76 -55.74 -7.77
CA GLY C 371 -4.58 -56.40 -7.26
C GLY C 371 -4.68 -56.82 -5.81
N GLU C 372 -3.90 -56.16 -4.96
CA GLU C 372 -3.93 -56.39 -3.52
C GLU C 372 -3.87 -55.07 -2.78
N ARG C 373 -4.58 -54.07 -3.29
CA ARG C 373 -4.55 -52.73 -2.71
C ARG C 373 -5.20 -52.65 -1.34
N ASP C 374 -4.46 -53.06 -0.32
CA ASP C 374 -4.86 -52.83 1.06
C ASP C 374 -4.05 -51.65 1.57
N ASP C 375 -3.00 -51.33 0.82
CA ASP C 375 -2.13 -50.19 1.11
C ASP C 375 -2.01 -49.33 -0.13
N ASP C 376 -1.23 -48.26 -0.01
CA ASP C 376 -0.83 -47.49 -1.17
C ASP C 376 0.64 -47.81 -1.48
N ARG C 377 1.00 -49.07 -1.26
CA ARG C 377 2.38 -49.52 -1.39
C ARG C 377 2.57 -50.62 -2.44
N ARG C 378 1.51 -50.97 -3.15
CA ARG C 378 1.61 -52.09 -4.09
C ARG C 378 0.54 -52.08 -5.18
N SER C 379 0.59 -53.12 -6.03
CA SER C 379 -0.48 -53.44 -6.98
C SER C 379 -0.72 -52.48 -8.15
N LEU C 380 -0.13 -51.29 -8.08
CA LEU C 380 -0.27 -50.34 -9.19
C LEU C 380 0.34 -50.91 -10.46
N GLY C 381 -0.50 -51.16 -11.46
CA GLY C 381 -0.07 -51.78 -12.70
C GLY C 381 -0.81 -53.07 -12.96
N ASP C 382 -1.14 -53.78 -11.88
CA ASP C 382 -1.91 -55.02 -11.97
C ASP C 382 -3.40 -54.70 -11.88
N TRP C 383 -4.00 -54.40 -13.03
CA TRP C 383 -5.39 -53.96 -13.06
C TRP C 383 -6.39 -55.10 -13.20
N ILE C 384 -6.34 -56.03 -12.26
CA ILE C 384 -7.32 -57.11 -12.18
C ILE C 384 -8.03 -57.03 -10.83
N VAL C 385 -9.31 -57.39 -10.82
CA VAL C 385 -10.13 -57.25 -9.62
C VAL C 385 -9.67 -58.18 -8.49
N ASN C 386 -9.49 -57.62 -7.30
CA ASN C 386 -9.15 -58.41 -6.13
C ASN C 386 -10.36 -59.22 -5.66
N ARG C 387 -10.33 -60.53 -5.94
CA ARG C 387 -11.44 -61.41 -5.61
C ARG C 387 -11.67 -61.53 -4.09
N ARG C 388 -10.65 -61.20 -3.31
CA ARG C 388 -10.76 -61.21 -1.87
C ARG C 388 -11.72 -60.13 -1.39
N LYS C 389 -11.58 -58.93 -1.96
CA LYS C 389 -12.45 -57.81 -1.62
C LYS C 389 -13.76 -57.86 -2.39
N LEU C 390 -13.67 -58.19 -3.68
CA LEU C 390 -14.86 -58.27 -4.53
C LEU C 390 -14.99 -59.69 -5.10
N PRO C 391 -15.60 -60.60 -4.33
CA PRO C 391 -15.78 -62.00 -4.74
C PRO C 391 -16.51 -62.15 -6.06
N ASN C 392 -17.56 -61.37 -6.26
CA ASN C 392 -18.33 -61.43 -7.50
C ASN C 392 -17.74 -60.53 -8.58
N GLY C 393 -16.56 -59.98 -8.30
CA GLY C 393 -15.83 -59.19 -9.28
C GLY C 393 -16.43 -57.83 -9.56
N LEU C 394 -15.93 -57.19 -10.62
CA LEU C 394 -16.38 -55.87 -11.03
C LEU C 394 -17.76 -55.96 -11.67
N ASP C 395 -17.95 -56.99 -12.48
CA ASP C 395 -19.23 -57.22 -13.16
C ASP C 395 -20.35 -57.46 -12.15
N GLY C 396 -20.03 -58.18 -11.09
CA GLY C 396 -21.01 -58.50 -10.06
C GLY C 396 -21.41 -57.28 -9.25
N LEU C 397 -20.42 -56.48 -8.87
CA LEU C 397 -20.68 -55.28 -8.07
C LEU C 397 -21.47 -54.24 -8.86
N ALA C 398 -21.16 -54.12 -10.14
CA ALA C 398 -21.82 -53.13 -11.00
C ALA C 398 -23.30 -53.46 -11.20
N LYS C 399 -23.61 -54.74 -11.36
CA LYS C 399 -24.99 -55.16 -11.62
C LYS C 399 -25.90 -54.93 -10.40
N GLN C 400 -25.36 -55.18 -9.22
CA GLN C 400 -26.10 -54.97 -7.98
C GLN C 400 -26.35 -53.49 -7.75
N VAL C 401 -25.52 -52.66 -8.37
CA VAL C 401 -25.66 -51.21 -8.28
C VAL C 401 -26.73 -50.71 -9.24
N ASN C 402 -26.69 -51.20 -10.48
CA ASN C 402 -27.66 -50.80 -11.50
C ASN C 402 -29.10 -51.18 -11.16
N GLU C 403 -29.27 -52.31 -10.47
CA GLU C 403 -30.59 -52.80 -10.13
C GLU C 403 -31.25 -51.94 -9.05
N LEU C 404 -30.45 -51.11 -8.41
CA LEU C 404 -30.96 -50.17 -7.41
C LEU C 404 -31.19 -48.80 -8.04
N GLY C 405 -31.01 -48.72 -9.35
CA GLY C 405 -31.22 -47.49 -10.09
C GLY C 405 -30.05 -46.52 -9.99
N LEU C 406 -28.84 -47.07 -9.92
CA LEU C 406 -27.63 -46.25 -9.77
C LEU C 406 -26.61 -46.57 -10.86
N GLN C 407 -25.91 -45.55 -11.32
CA GLN C 407 -24.81 -45.75 -12.25
C GLN C 407 -23.58 -46.23 -11.48
N PHE C 408 -22.62 -46.82 -12.19
CA PHE C 408 -21.41 -47.33 -11.55
C PHE C 408 -20.15 -46.70 -12.13
N GLY C 409 -19.25 -46.29 -11.24
CA GLY C 409 -18.00 -45.66 -11.64
C GLY C 409 -16.78 -46.39 -11.10
N LEU C 410 -15.63 -46.15 -11.73
CA LEU C 410 -14.41 -46.85 -11.35
C LEU C 410 -13.18 -45.94 -11.31
N TRP C 411 -12.30 -46.19 -10.35
CA TRP C 411 -11.07 -45.42 -10.17
C TRP C 411 -9.88 -46.16 -10.78
N VAL C 412 -9.05 -45.43 -11.53
CA VAL C 412 -7.84 -46.00 -12.10
C VAL C 412 -6.66 -45.03 -12.01
N GLU C 413 -5.44 -45.57 -12.04
CA GLU C 413 -4.23 -44.77 -12.08
C GLU C 413 -3.22 -45.42 -13.02
N PRO C 414 -3.53 -45.43 -14.33
CA PRO C 414 -2.80 -46.22 -15.32
C PRO C 414 -1.38 -45.74 -15.59
N GLU C 415 -1.08 -44.51 -15.20
CA GLU C 415 0.22 -43.92 -15.50
C GLU C 415 1.30 -44.36 -14.52
N MET C 416 0.90 -45.16 -13.52
CA MET C 416 1.83 -45.53 -12.46
C MET C 416 2.09 -47.03 -12.36
N VAL C 417 3.17 -47.39 -11.68
CA VAL C 417 3.50 -48.78 -11.43
C VAL C 417 4.21 -48.94 -10.08
N SER C 418 3.70 -49.86 -9.26
CA SER C 418 4.34 -50.15 -7.98
C SER C 418 5.47 -51.14 -8.17
N PRO C 419 6.60 -50.92 -7.49
CA PRO C 419 7.71 -51.88 -7.45
C PRO C 419 7.21 -53.24 -6.99
N ASN C 420 6.27 -53.25 -6.06
CA ASN C 420 5.62 -54.47 -5.61
C ASN C 420 4.39 -54.76 -6.46
N SER C 421 4.63 -55.24 -7.69
CA SER C 421 3.54 -55.58 -8.60
C SER C 421 4.02 -56.61 -9.64
N GLU C 422 3.07 -57.30 -10.26
CA GLU C 422 3.38 -58.27 -11.29
C GLU C 422 3.90 -57.61 -12.55
N LEU C 423 3.44 -56.37 -12.79
CA LEU C 423 3.85 -55.62 -13.96
C LEU C 423 5.32 -55.21 -13.87
N TYR C 424 5.75 -54.76 -12.70
CA TYR C 424 7.12 -54.30 -12.53
C TYR C 424 8.12 -55.45 -12.51
N ARG C 425 7.71 -56.58 -11.93
CA ARG C 425 8.56 -57.76 -11.89
C ARG C 425 8.73 -58.38 -13.27
N LYS C 426 7.79 -58.09 -14.17
CA LYS C 426 7.84 -58.60 -15.53
C LYS C 426 8.46 -57.57 -16.48
N HIS C 427 8.26 -56.29 -16.18
CA HIS C 427 8.81 -55.21 -17.00
C HIS C 427 9.37 -54.09 -16.13
N PRO C 428 10.57 -54.29 -15.57
CA PRO C 428 11.19 -53.27 -14.71
C PRO C 428 11.83 -52.14 -15.50
N ASP C 429 11.86 -52.25 -16.82
CA ASP C 429 12.44 -51.21 -17.66
C ASP C 429 11.37 -50.35 -18.31
N TRP C 430 10.11 -50.61 -17.96
CA TRP C 430 8.98 -49.86 -18.52
C TRP C 430 8.74 -48.56 -17.78
N CYS C 431 9.41 -48.37 -16.66
CA CYS C 431 9.24 -47.15 -15.87
C CYS C 431 10.19 -46.07 -16.35
N LEU C 432 9.92 -44.83 -15.95
CA LEU C 432 10.84 -43.72 -16.20
C LEU C 432 12.07 -43.91 -15.33
N HIS C 433 13.23 -43.99 -15.95
CA HIS C 433 14.47 -44.23 -15.22
C HIS C 433 15.69 -43.80 -16.01
N VAL C 434 16.80 -43.64 -15.30
CA VAL C 434 18.09 -43.34 -15.93
C VAL C 434 19.12 -44.35 -15.44
N PRO C 435 20.09 -44.69 -16.31
CA PRO C 435 21.11 -45.71 -16.03
C PRO C 435 21.82 -45.57 -14.68
N ASN C 436 21.80 -46.65 -13.90
CA ASN C 436 22.59 -46.79 -12.68
C ASN C 436 22.27 -45.80 -11.55
N ARG C 437 21.07 -45.23 -11.58
CA ARG C 437 20.64 -44.31 -10.53
C ARG C 437 19.51 -44.93 -9.71
N PRO C 438 19.50 -44.67 -8.39
CA PRO C 438 18.42 -45.13 -7.53
C PRO C 438 17.07 -44.62 -8.03
N ARG C 439 16.09 -45.51 -8.12
CA ARG C 439 14.78 -45.14 -8.65
C ARG C 439 13.90 -44.58 -7.55
N SER C 440 13.84 -43.25 -7.47
CA SER C 440 13.08 -42.55 -6.44
C SER C 440 11.59 -42.85 -6.53
N GLU C 441 10.95 -42.99 -5.38
CA GLU C 441 9.52 -43.30 -5.35
C GLU C 441 8.73 -42.21 -4.65
N GLY C 442 7.59 -41.85 -5.23
CA GLY C 442 6.65 -40.95 -4.59
C GLY C 442 5.40 -41.75 -4.26
N ARG C 443 5.03 -41.79 -2.98
CA ARG C 443 3.95 -42.65 -2.49
C ARG C 443 4.21 -44.11 -2.87
N ASN C 444 5.47 -44.52 -2.73
CA ASN C 444 5.90 -45.90 -3.02
C ASN C 444 5.51 -46.40 -4.41
N GLN C 445 5.68 -45.55 -5.42
CA GLN C 445 5.36 -45.95 -6.78
C GLN C 445 6.27 -45.28 -7.80
N LEU C 446 6.31 -45.83 -9.01
CA LEU C 446 7.12 -45.30 -10.09
C LEU C 446 6.26 -44.90 -11.27
N VAL C 447 6.75 -43.96 -12.07
CA VAL C 447 6.03 -43.49 -13.24
C VAL C 447 6.37 -44.34 -14.46
N LEU C 448 5.33 -44.79 -15.17
CA LEU C 448 5.53 -45.59 -16.39
C LEU C 448 6.00 -44.71 -17.54
N ASP C 449 6.85 -45.28 -18.40
CA ASP C 449 7.40 -44.53 -19.53
C ASP C 449 6.43 -44.49 -20.70
N TYR C 450 5.57 -43.47 -20.71
CA TYR C 450 4.58 -43.30 -21.76
C TYR C 450 5.17 -42.74 -23.05
N SER C 451 6.49 -42.64 -23.11
CA SER C 451 7.15 -42.26 -24.35
C SER C 451 7.29 -43.49 -25.24
N ARG C 452 7.24 -44.67 -24.62
CA ARG C 452 7.35 -45.92 -25.35
C ARG C 452 6.01 -46.35 -25.92
N GLU C 453 6.06 -46.92 -27.13
CA GLU C 453 4.84 -47.36 -27.81
C GLU C 453 4.29 -48.64 -27.18
N ASP C 454 5.19 -49.53 -26.76
CA ASP C 454 4.77 -50.79 -26.15
C ASP C 454 4.05 -50.59 -24.82
N VAL C 455 4.51 -49.62 -24.05
CA VAL C 455 3.89 -49.31 -22.76
C VAL C 455 2.50 -48.74 -22.95
N CYS C 456 2.39 -47.75 -23.83
CA CYS C 456 1.11 -47.13 -24.13
C CYS C 456 0.11 -48.14 -24.69
N ASP C 457 0.55 -48.92 -25.68
CA ASP C 457 -0.30 -49.92 -26.30
C ASP C 457 -0.83 -50.95 -25.30
N TYR C 458 0.00 -51.27 -24.31
CA TYR C 458 -0.42 -52.19 -23.24
C TYR C 458 -1.51 -51.55 -22.39
N ILE C 459 -1.33 -50.29 -22.03
CA ILE C 459 -2.28 -49.58 -21.20
C ILE C 459 -3.62 -49.38 -21.90
N ILE C 460 -3.56 -48.98 -23.17
CA ILE C 460 -4.78 -48.77 -23.97
C ILE C 460 -5.62 -50.04 -24.05
N GLU C 461 -4.95 -51.18 -24.21
CA GLU C 461 -5.65 -52.47 -24.29
C GLU C 461 -6.16 -52.95 -22.93
N THR C 462 -5.31 -52.86 -21.91
CA THR C 462 -5.64 -53.34 -20.58
C THR C 462 -6.79 -52.56 -19.96
N ILE C 463 -6.69 -51.23 -19.99
CA ILE C 463 -7.70 -50.37 -19.38
C ILE C 463 -9.05 -50.44 -20.10
N SER C 464 -9.00 -50.47 -21.43
CA SER C 464 -10.22 -50.57 -22.23
C SER C 464 -10.99 -51.87 -21.93
N ASN C 465 -10.25 -52.95 -21.74
CA ASN C 465 -10.84 -54.24 -21.42
C ASN C 465 -11.47 -54.26 -20.02
N VAL C 466 -10.80 -53.62 -19.07
CA VAL C 466 -11.31 -53.53 -17.71
C VAL C 466 -12.62 -52.75 -17.68
N LEU C 467 -12.63 -51.60 -18.33
CA LEU C 467 -13.80 -50.72 -18.33
C LEU C 467 -14.94 -51.25 -19.20
N ALA C 468 -14.67 -52.31 -19.96
CA ALA C 468 -15.69 -52.94 -20.78
C ALA C 468 -16.14 -54.27 -20.18
N SER C 469 -15.52 -54.65 -19.07
CA SER C 469 -15.84 -55.90 -18.39
C SER C 469 -17.02 -55.73 -17.44
N ALA C 470 -17.55 -54.52 -17.37
CA ALA C 470 -18.68 -54.22 -16.49
C ALA C 470 -19.43 -52.99 -17.00
N PRO C 471 -20.74 -52.90 -16.68
CA PRO C 471 -21.50 -51.71 -17.06
C PRO C 471 -21.02 -50.48 -16.31
N ILE C 472 -19.90 -49.93 -16.75
CA ILE C 472 -19.31 -48.75 -16.13
C ILE C 472 -19.58 -47.52 -16.98
N THR C 473 -20.05 -46.45 -16.35
CA THR C 473 -20.40 -45.23 -17.07
C THR C 473 -19.62 -44.02 -16.56
N TYR C 474 -18.71 -44.25 -15.64
CA TYR C 474 -17.92 -43.18 -15.03
C TYR C 474 -16.53 -43.66 -14.67
N VAL C 475 -15.52 -42.84 -14.96
CA VAL C 475 -14.14 -43.19 -14.63
C VAL C 475 -13.40 -42.03 -13.98
N LYS C 476 -12.74 -42.31 -12.87
CA LYS C 476 -11.90 -41.33 -12.20
C LYS C 476 -10.43 -41.65 -12.49
N TRP C 477 -9.83 -40.89 -13.40
CA TRP C 477 -8.44 -41.09 -13.80
C TRP C 477 -7.51 -40.32 -12.89
N ASP C 478 -6.68 -41.05 -12.14
CA ASP C 478 -5.87 -40.44 -11.09
C ASP C 478 -4.37 -40.52 -11.38
N MET C 479 -3.61 -39.68 -10.69
CA MET C 479 -2.15 -39.70 -10.73
C MET C 479 -1.59 -39.09 -9.45
N ASN C 480 -0.80 -39.86 -8.71
CA ASN C 480 -0.37 -39.43 -7.37
C ASN C 480 1.13 -39.31 -7.17
N ARG C 481 1.83 -38.83 -8.19
CA ARG C 481 3.29 -38.71 -8.12
C ARG C 481 3.80 -37.73 -9.17
N HIS C 482 4.98 -37.17 -8.93
CA HIS C 482 5.63 -36.32 -9.91
C HIS C 482 6.93 -36.96 -10.39
N MET C 483 7.21 -36.82 -11.68
CA MET C 483 8.34 -37.47 -12.34
C MET C 483 9.71 -37.11 -11.78
N THR C 484 10.49 -38.14 -11.46
CA THR C 484 11.90 -37.99 -11.10
C THR C 484 12.72 -39.01 -11.87
N GLU C 485 14.02 -38.75 -11.99
CA GLU C 485 14.89 -39.57 -12.84
C GLU C 485 14.30 -39.73 -14.24
N ILE C 486 13.91 -38.61 -14.83
CA ILE C 486 13.25 -38.61 -16.13
C ILE C 486 14.17 -39.12 -17.23
N GLY C 487 13.82 -40.28 -17.78
CA GLY C 487 14.60 -40.90 -18.84
C GLY C 487 13.91 -42.10 -19.44
N SER C 488 14.28 -42.43 -20.68
CA SER C 488 13.69 -43.55 -21.39
C SER C 488 14.76 -44.50 -21.90
N SER C 489 14.54 -45.80 -21.72
CA SER C 489 15.48 -46.81 -22.20
C SER C 489 15.33 -47.03 -23.70
N ALA C 490 14.21 -46.56 -24.24
CA ALA C 490 13.93 -46.72 -25.66
C ALA C 490 14.23 -45.45 -26.45
N LEU C 491 15.12 -44.61 -25.92
CA LEU C 491 15.51 -43.38 -26.58
C LEU C 491 17.03 -43.20 -26.63
N PRO C 492 17.53 -42.67 -27.76
CA PRO C 492 18.96 -42.35 -27.90
C PRO C 492 19.35 -41.22 -26.93
N PRO C 493 20.65 -41.13 -26.58
CA PRO C 493 21.14 -40.13 -25.62
C PRO C 493 20.83 -38.70 -26.02
N GLU C 494 20.76 -38.44 -27.32
CA GLU C 494 20.52 -37.08 -27.81
C GLU C 494 19.02 -36.73 -27.84
N ARG C 495 18.20 -37.63 -27.31
CA ARG C 495 16.76 -37.40 -27.25
C ARG C 495 16.21 -37.62 -25.84
N GLN C 496 17.11 -37.82 -24.88
CA GLN C 496 16.71 -38.09 -23.50
C GLN C 496 15.90 -36.97 -22.87
N ARG C 497 16.16 -35.74 -23.28
CA ARG C 497 15.46 -34.58 -22.72
C ARG C 497 14.11 -34.34 -23.38
N GLU C 498 13.72 -35.27 -24.26
CA GLU C 498 12.42 -35.21 -24.89
C GLU C 498 11.43 -36.11 -24.14
N THR C 499 11.96 -36.85 -23.17
CA THR C 499 11.19 -37.86 -22.44
C THR C 499 9.95 -37.28 -21.76
N ALA C 500 10.12 -36.15 -21.07
CA ALA C 500 9.02 -35.54 -20.33
C ALA C 500 7.87 -35.12 -21.24
N HIS C 501 8.19 -34.63 -22.43
CA HIS C 501 7.15 -34.20 -23.37
C HIS C 501 6.57 -35.39 -24.13
N ARG C 502 7.42 -36.35 -24.46
CA ARG C 502 6.98 -37.57 -25.13
C ARG C 502 6.05 -38.37 -24.22
N TYR C 503 6.27 -38.25 -22.92
CA TYR C 503 5.40 -38.86 -21.92
C TYR C 503 4.00 -38.27 -22.02
N MET C 504 3.92 -36.95 -22.08
CA MET C 504 2.64 -36.26 -22.14
C MET C 504 1.93 -36.52 -23.46
N LEU C 505 2.71 -36.66 -24.53
CA LEU C 505 2.14 -37.00 -25.83
C LEU C 505 1.53 -38.40 -25.79
N GLY C 506 2.25 -39.32 -25.14
CA GLY C 506 1.77 -40.68 -24.99
C GLY C 506 0.50 -40.74 -24.17
N LEU C 507 0.48 -40.00 -23.07
CA LEU C 507 -0.69 -39.95 -22.20
C LEU C 507 -1.91 -39.40 -22.94
N TYR C 508 -1.70 -38.36 -23.73
CA TYR C 508 -2.75 -37.78 -24.55
C TYR C 508 -3.27 -38.82 -25.54
N ARG C 509 -2.35 -39.54 -26.17
CA ARG C 509 -2.68 -40.61 -27.10
C ARG C 509 -3.44 -41.73 -26.40
N VAL C 510 -2.99 -42.08 -25.20
CA VAL C 510 -3.63 -43.13 -24.41
C VAL C 510 -5.05 -42.72 -24.01
N MET C 511 -5.20 -41.50 -23.50
CA MET C 511 -6.51 -41.01 -23.08
C MET C 511 -7.46 -40.85 -24.26
N ASP C 512 -6.92 -40.40 -25.40
CA ASP C 512 -7.74 -40.15 -26.58
C ASP C 512 -8.35 -41.43 -27.14
N GLU C 513 -7.60 -42.53 -27.07
CA GLU C 513 -8.07 -43.80 -27.62
C GLU C 513 -8.99 -44.55 -26.66
N ILE C 514 -8.72 -44.45 -25.36
CA ILE C 514 -9.55 -45.10 -24.35
C ILE C 514 -10.94 -44.46 -24.29
N THR C 515 -10.99 -43.13 -24.30
CA THR C 515 -12.25 -42.41 -24.27
C THR C 515 -13.00 -42.54 -25.60
N SER C 516 -12.28 -42.94 -26.64
CA SER C 516 -12.89 -43.17 -27.95
C SER C 516 -13.54 -44.55 -28.03
N ARG C 517 -12.92 -45.53 -27.37
CA ARG C 517 -13.47 -46.88 -27.32
C ARG C 517 -14.71 -46.92 -26.42
N LEU C 518 -14.79 -45.96 -25.51
CA LEU C 518 -15.88 -45.91 -24.53
C LEU C 518 -16.55 -44.54 -24.50
N PRO C 519 -17.34 -44.23 -25.54
CA PRO C 519 -18.00 -42.92 -25.65
C PRO C 519 -19.11 -42.75 -24.62
N HIS C 520 -19.52 -43.85 -23.99
CA HIS C 520 -20.64 -43.83 -23.06
C HIS C 520 -20.19 -43.61 -21.62
N ILE C 521 -18.92 -43.28 -21.42
CA ILE C 521 -18.38 -43.14 -20.08
C ILE C 521 -17.97 -41.71 -19.76
N LEU C 522 -18.44 -41.19 -18.63
CA LEU C 522 -18.05 -39.88 -18.15
C LEU C 522 -16.69 -39.95 -17.46
N PHE C 523 -15.68 -39.35 -18.08
CA PHE C 523 -14.34 -39.37 -17.53
C PHE C 523 -14.02 -38.13 -16.70
N GLU C 524 -13.52 -38.34 -15.48
CA GLU C 524 -13.09 -37.24 -14.64
C GLU C 524 -11.61 -37.40 -14.28
N SER C 525 -10.79 -36.46 -14.73
CA SER C 525 -9.37 -36.50 -14.44
C SER C 525 -9.12 -36.16 -12.97
N CYS C 526 -7.99 -36.64 -12.45
CA CYS C 526 -7.62 -36.39 -11.07
C CYS C 526 -6.12 -36.50 -10.91
N SER C 527 -5.56 -35.80 -9.93
CA SER C 527 -4.14 -35.89 -9.66
C SER C 527 -3.85 -35.45 -8.23
N GLY C 528 -4.25 -36.29 -7.27
CA GLY C 528 -4.19 -35.93 -5.87
C GLY C 528 -4.99 -34.67 -5.63
N GLY C 529 -6.11 -34.56 -6.33
CA GLY C 529 -6.89 -33.35 -6.35
C GLY C 529 -6.73 -32.65 -7.69
N GLY C 530 -6.59 -31.32 -7.66
CA GLY C 530 -6.44 -30.55 -8.88
C GLY C 530 -4.99 -30.43 -9.33
N GLY C 531 -4.25 -31.53 -9.22
CA GLY C 531 -2.86 -31.57 -9.59
C GLY C 531 -2.62 -31.35 -11.07
N ARG C 532 -3.62 -31.67 -11.89
CA ARG C 532 -3.55 -31.37 -13.31
C ARG C 532 -4.87 -30.80 -13.81
N PHE C 533 -5.39 -29.83 -13.07
CA PHE C 533 -6.59 -29.11 -13.49
C PHE C 533 -6.17 -28.06 -14.52
N ASP C 534 -5.87 -28.53 -15.73
CA ASP C 534 -5.42 -27.66 -16.82
C ASP C 534 -6.32 -27.88 -18.04
N PRO C 535 -6.31 -26.90 -18.98
CA PRO C 535 -7.10 -27.05 -20.21
C PRO C 535 -6.75 -28.30 -21.01
N GLY C 536 -5.52 -28.76 -20.90
CA GLY C 536 -5.08 -29.95 -21.62
C GLY C 536 -5.84 -31.19 -21.20
N MET C 537 -5.97 -31.40 -19.90
CA MET C 537 -6.70 -32.55 -19.36
C MET C 537 -8.20 -32.42 -19.62
N LEU C 538 -8.69 -31.19 -19.67
CA LEU C 538 -10.11 -30.93 -19.84
C LEU C 538 -10.58 -31.35 -21.23
N TYR C 539 -9.67 -31.30 -22.20
CA TYR C 539 -9.98 -31.66 -23.58
C TYR C 539 -10.36 -33.14 -23.70
N TYR C 540 -9.78 -33.97 -22.85
CA TYR C 540 -10.03 -35.40 -22.91
C TYR C 540 -11.05 -35.84 -21.87
N MET C 541 -11.10 -35.11 -20.76
CA MET C 541 -12.04 -35.41 -19.67
C MET C 541 -12.75 -34.14 -19.22
N PRO C 542 -14.09 -34.10 -19.42
CA PRO C 542 -14.92 -32.91 -19.24
C PRO C 542 -15.05 -32.39 -17.81
N GLN C 543 -14.53 -33.12 -16.83
CA GLN C 543 -14.51 -32.62 -15.46
C GLN C 543 -13.28 -33.09 -14.68
N THR C 544 -13.06 -32.46 -13.52
CA THR C 544 -11.83 -32.70 -12.77
C THR C 544 -12.10 -32.64 -11.26
N TRP C 545 -11.44 -33.52 -10.52
CA TRP C 545 -11.50 -33.46 -9.06
C TRP C 545 -10.68 -32.27 -8.60
N THR C 546 -11.36 -31.29 -8.02
CA THR C 546 -10.77 -29.98 -7.75
C THR C 546 -9.65 -30.00 -6.71
N SER C 547 -9.88 -30.70 -5.61
CA SER C 547 -8.91 -30.76 -4.52
C SER C 547 -9.21 -31.89 -3.55
N ASP C 548 -8.16 -32.49 -3.00
CA ASP C 548 -8.33 -33.50 -1.96
C ASP C 548 -8.82 -32.85 -0.68
N ASN C 549 -8.57 -31.56 -0.56
CA ASN C 549 -9.10 -30.78 0.55
C ASN C 549 -10.60 -30.58 0.36
N THR C 550 -11.39 -31.27 1.17
CA THR C 550 -12.83 -31.24 1.04
C THR C 550 -13.48 -30.45 2.17
N ASP C 551 -12.70 -29.55 2.78
CA ASP C 551 -13.22 -28.69 3.82
C ASP C 551 -13.97 -27.51 3.20
N ALA C 552 -15.19 -27.26 3.69
CA ALA C 552 -16.05 -26.23 3.13
C ALA C 552 -15.40 -24.84 3.13
N VAL C 553 -14.76 -24.49 4.24
CA VAL C 553 -14.09 -23.21 4.35
C VAL C 553 -12.83 -23.15 3.49
N SER C 554 -12.07 -24.25 3.48
CA SER C 554 -10.89 -24.34 2.65
C SER C 554 -11.26 -24.31 1.17
N ARG C 555 -12.38 -24.94 0.83
CA ARG C 555 -12.84 -24.98 -0.56
C ARG C 555 -13.29 -23.62 -1.06
N LEU C 556 -13.53 -22.68 -0.14
CA LEU C 556 -13.89 -21.33 -0.54
C LEU C 556 -12.80 -20.71 -1.39
N LYS C 557 -11.57 -20.68 -0.87
CA LYS C 557 -10.43 -20.16 -1.62
C LYS C 557 -10.16 -20.98 -2.87
N ILE C 558 -10.17 -22.31 -2.72
CA ILE C 558 -9.85 -23.22 -3.82
C ILE C 558 -10.81 -23.09 -5.00
N GLN C 559 -12.10 -23.16 -4.71
CA GLN C 559 -13.11 -23.06 -5.75
C GLN C 559 -13.19 -21.66 -6.33
N TYR C 560 -12.90 -20.65 -5.51
CA TYR C 560 -12.88 -19.27 -5.98
C TYR C 560 -11.75 -19.09 -6.98
N GLY C 561 -10.57 -19.57 -6.61
CA GLY C 561 -9.40 -19.45 -7.47
C GLY C 561 -9.53 -20.28 -8.73
N THR C 562 -10.18 -21.43 -8.61
CA THR C 562 -10.34 -22.34 -9.75
C THR C 562 -11.27 -21.73 -10.80
N SER C 563 -12.31 -21.04 -10.33
CA SER C 563 -13.32 -20.46 -11.22
C SER C 563 -12.77 -19.31 -12.07
N LEU C 564 -11.59 -18.82 -11.71
CA LEU C 564 -10.94 -17.75 -12.45
C LEU C 564 -10.69 -18.14 -13.90
N VAL C 565 -10.41 -19.42 -14.12
CA VAL C 565 -10.08 -19.91 -15.45
C VAL C 565 -11.05 -21.00 -15.92
N TYR C 566 -11.39 -21.91 -15.02
CA TYR C 566 -12.12 -23.12 -15.40
C TYR C 566 -13.61 -23.07 -15.07
N PRO C 567 -14.44 -23.65 -15.96
CA PRO C 567 -15.90 -23.64 -15.81
C PRO C 567 -16.38 -24.46 -14.61
N ILE C 568 -17.46 -24.00 -13.98
CA ILE C 568 -18.04 -24.67 -12.83
C ILE C 568 -18.39 -26.13 -13.14
N SER C 569 -18.79 -26.39 -14.38
CA SER C 569 -19.21 -27.73 -14.80
C SER C 569 -18.09 -28.78 -14.62
N ALA C 570 -16.85 -28.33 -14.68
CA ALA C 570 -15.71 -29.23 -14.54
C ALA C 570 -15.14 -29.22 -13.12
N MET C 571 -15.71 -28.37 -12.27
CA MET C 571 -15.19 -28.18 -10.92
C MET C 571 -15.87 -29.11 -9.92
N GLY C 572 -15.28 -30.29 -9.71
CA GLY C 572 -15.84 -31.27 -8.80
C GLY C 572 -15.82 -30.84 -7.35
N ALA C 573 -16.92 -31.09 -6.65
CA ALA C 573 -17.03 -30.72 -5.24
C ALA C 573 -17.90 -31.73 -4.49
N HIS C 574 -17.35 -32.32 -3.43
CA HIS C 574 -18.06 -33.33 -2.66
C HIS C 574 -18.26 -32.88 -1.21
N VAL C 575 -19.38 -33.29 -0.62
CA VAL C 575 -19.65 -33.04 0.79
C VAL C 575 -19.02 -34.14 1.63
N SER C 576 -18.10 -33.76 2.51
CA SER C 576 -17.37 -34.73 3.32
C SER C 576 -17.74 -34.65 4.79
N ALA C 577 -17.17 -35.56 5.59
CA ALA C 577 -17.48 -35.66 7.00
C ALA C 577 -16.74 -34.62 7.85
N VAL C 578 -17.11 -34.53 9.12
CA VAL C 578 -16.45 -33.64 10.07
C VAL C 578 -16.19 -34.36 11.39
N PRO C 579 -15.08 -34.04 12.07
CA PRO C 579 -14.02 -33.08 11.71
C PRO C 579 -13.28 -33.44 10.42
N ASN C 580 -13.04 -32.45 9.58
CA ASN C 580 -12.45 -32.65 8.26
C ASN C 580 -11.14 -33.43 8.28
N HIS C 581 -10.93 -34.27 7.28
CA HIS C 581 -9.77 -35.15 7.25
C HIS C 581 -8.47 -34.42 6.95
N GLN C 582 -8.57 -33.20 6.41
CA GLN C 582 -7.38 -32.44 6.02
C GLN C 582 -7.00 -31.37 7.02
N VAL C 583 -7.98 -30.70 7.61
CA VAL C 583 -7.71 -29.60 8.53
C VAL C 583 -8.32 -29.80 9.91
N GLY C 584 -9.22 -30.77 10.04
CA GLY C 584 -9.85 -31.05 11.32
C GLY C 584 -10.87 -30.00 11.72
N ARG C 585 -11.36 -29.25 10.75
CA ARG C 585 -12.34 -28.20 11.00
C ARG C 585 -13.75 -28.76 11.06
N VAL C 586 -14.56 -28.24 11.98
CA VAL C 586 -15.93 -28.68 12.13
C VAL C 586 -16.91 -27.61 11.64
N ALA C 587 -17.42 -27.78 10.43
CA ALA C 587 -18.42 -26.88 9.87
C ALA C 587 -19.74 -27.60 9.71
N SER C 588 -20.83 -26.84 9.63
CA SER C 588 -22.16 -27.42 9.52
C SER C 588 -22.36 -28.13 8.17
N LEU C 589 -23.23 -29.12 8.16
CA LEU C 589 -23.55 -29.85 6.94
C LEU C 589 -24.21 -28.94 5.92
N LYS C 590 -24.97 -27.96 6.41
CA LYS C 590 -25.60 -26.97 5.55
C LYS C 590 -24.54 -26.18 4.79
N THR C 591 -23.48 -25.78 5.49
CA THR C 591 -22.38 -25.03 4.89
C THR C 591 -21.65 -25.87 3.84
N ARG C 592 -21.29 -27.10 4.21
CA ARG C 592 -20.57 -27.99 3.30
C ARG C 592 -21.37 -28.28 2.04
N GLY C 593 -22.69 -28.30 2.16
CA GLY C 593 -23.56 -28.49 1.02
C GLY C 593 -23.57 -27.27 0.11
N HIS C 594 -23.70 -26.10 0.71
CA HIS C 594 -23.73 -24.84 -0.05
C HIS C 594 -22.43 -24.60 -0.82
N VAL C 595 -21.31 -25.00 -0.23
CA VAL C 595 -20.02 -24.86 -0.90
C VAL C 595 -19.92 -25.83 -2.06
N ALA C 596 -20.34 -27.07 -1.83
CA ALA C 596 -20.26 -28.12 -2.85
C ALA C 596 -21.28 -27.91 -3.97
N MET C 597 -22.45 -27.39 -3.63
CA MET C 597 -23.49 -27.12 -4.63
C MET C 597 -23.12 -25.92 -5.52
N SER C 598 -22.02 -25.26 -5.17
CA SER C 598 -21.51 -24.16 -5.98
C SER C 598 -20.60 -24.69 -7.09
N GLY C 599 -20.47 -26.01 -7.15
CA GLY C 599 -19.69 -26.66 -8.19
C GLY C 599 -20.34 -27.96 -8.62
N ASN C 600 -19.56 -28.83 -9.26
CA ASN C 600 -20.04 -30.15 -9.62
C ASN C 600 -20.30 -30.97 -8.36
N PHE C 601 -21.57 -31.07 -7.97
CA PHE C 601 -21.97 -31.56 -6.66
C PHE C 601 -21.92 -33.08 -6.52
N GLY C 602 -21.44 -33.53 -5.36
CA GLY C 602 -21.38 -34.95 -5.04
C GLY C 602 -21.18 -35.17 -3.56
N TYR C 603 -20.93 -36.41 -3.18
CA TYR C 603 -20.69 -36.76 -1.78
C TYR C 603 -19.47 -37.66 -1.62
N GLU C 604 -18.84 -37.59 -0.46
CA GLU C 604 -17.68 -38.41 -0.16
C GLU C 604 -17.48 -38.50 1.35
N LEU C 605 -18.37 -39.25 2.00
CA LEU C 605 -18.33 -39.43 3.45
C LEU C 605 -19.10 -40.69 3.83
N ASP C 606 -18.94 -41.13 5.08
CA ASP C 606 -19.61 -42.33 5.56
C ASP C 606 -21.05 -42.03 5.93
N ILE C 607 -21.98 -42.65 5.21
CA ILE C 607 -23.41 -42.43 5.43
C ILE C 607 -23.90 -43.13 6.70
N THR C 608 -23.34 -44.30 6.98
CA THR C 608 -23.73 -45.09 8.15
C THR C 608 -23.49 -44.34 9.46
N LYS C 609 -22.47 -43.48 9.48
CA LYS C 609 -22.09 -42.76 10.68
C LYS C 609 -22.92 -41.49 10.90
N LEU C 610 -23.79 -41.18 9.95
CA LEU C 610 -24.62 -39.99 10.02
C LEU C 610 -25.84 -40.19 10.91
N THR C 611 -26.45 -39.09 11.34
CA THR C 611 -27.66 -39.15 12.16
C THR C 611 -28.89 -39.11 11.28
N GLU C 612 -30.06 -39.25 11.89
CA GLU C 612 -31.31 -39.30 11.14
C GLU C 612 -31.67 -37.95 10.54
N THR C 613 -31.45 -36.89 11.31
CA THR C 613 -31.76 -35.53 10.84
C THR C 613 -30.78 -35.08 9.75
N GLU C 614 -29.61 -35.71 9.71
CA GLU C 614 -28.61 -35.39 8.70
C GLU C 614 -28.94 -36.03 7.36
N LYS C 615 -29.42 -37.26 7.39
CA LYS C 615 -29.78 -37.98 6.18
C LYS C 615 -30.96 -37.31 5.46
N GLN C 616 -31.82 -36.66 6.25
CA GLN C 616 -32.96 -35.96 5.67
C GLN C 616 -32.52 -34.67 4.98
N MET C 617 -31.41 -34.10 5.44
CA MET C 617 -30.87 -32.88 4.82
C MET C 617 -30.19 -33.20 3.49
N MET C 618 -29.46 -34.32 3.45
CA MET C 618 -28.85 -34.79 2.21
C MET C 618 -29.91 -34.97 1.14
N LYS C 619 -31.03 -35.57 1.53
CA LYS C 619 -32.15 -35.81 0.63
C LYS C 619 -32.66 -34.49 0.07
N GLN C 620 -32.61 -33.46 0.91
CA GLN C 620 -33.05 -32.12 0.50
C GLN C 620 -31.97 -31.42 -0.31
N GLN C 621 -30.70 -31.65 0.03
CA GLN C 621 -29.58 -31.08 -0.70
C GLN C 621 -29.53 -31.64 -2.12
N VAL C 622 -29.66 -32.96 -2.23
CA VAL C 622 -29.66 -33.63 -3.53
C VAL C 622 -30.79 -33.13 -4.40
N ALA C 623 -31.99 -33.06 -3.82
CA ALA C 623 -33.18 -32.60 -4.52
C ALA C 623 -33.04 -31.14 -4.94
N PHE C 624 -32.45 -30.33 -4.07
CA PHE C 624 -32.26 -28.92 -4.34
C PHE C 624 -31.28 -28.70 -5.50
N TYR C 625 -30.20 -29.47 -5.50
CA TYR C 625 -29.18 -29.31 -6.54
C TYR C 625 -29.71 -29.70 -7.91
N LYS C 626 -30.52 -30.76 -7.97
CA LYS C 626 -31.12 -31.22 -9.21
C LYS C 626 -31.98 -30.12 -9.83
N ASP C 627 -32.57 -29.30 -8.99
CA ASP C 627 -33.46 -28.24 -9.43
C ASP C 627 -32.69 -27.04 -9.99
N VAL C 628 -31.42 -26.92 -9.59
CA VAL C 628 -30.58 -25.82 -10.06
C VAL C 628 -29.29 -26.30 -10.72
N ARG C 629 -29.23 -27.59 -11.05
CA ARG C 629 -28.04 -28.19 -11.64
C ARG C 629 -27.67 -27.56 -12.99
N ARG C 630 -28.67 -27.34 -13.83
CA ARG C 630 -28.44 -26.71 -15.12
C ARG C 630 -27.93 -25.29 -14.94
N LEU C 631 -28.47 -24.59 -13.96
CA LEU C 631 -28.08 -23.21 -13.67
C LEU C 631 -26.64 -23.14 -13.18
N VAL C 632 -26.29 -24.02 -12.23
CA VAL C 632 -24.95 -24.03 -11.67
C VAL C 632 -23.89 -24.46 -12.68
N GLN C 633 -24.19 -25.53 -13.41
CA GLN C 633 -23.20 -26.13 -14.30
C GLN C 633 -23.10 -25.45 -15.68
N PHE C 634 -24.13 -24.70 -16.07
CA PHE C 634 -24.15 -24.12 -17.41
C PHE C 634 -24.56 -22.65 -17.46
N GLY C 635 -24.84 -22.07 -16.30
CA GLY C 635 -25.19 -20.66 -16.22
C GLY C 635 -23.98 -19.76 -16.19
N THR C 636 -24.21 -18.45 -16.13
CA THR C 636 -23.14 -17.47 -16.06
C THR C 636 -22.73 -17.24 -14.61
N PHE C 637 -21.42 -17.31 -14.36
CA PHE C 637 -20.89 -17.26 -13.00
C PHE C 637 -20.27 -15.89 -12.67
N TYR C 638 -20.65 -15.34 -11.53
CA TYR C 638 -20.11 -14.06 -11.07
C TYR C 638 -19.53 -14.19 -9.66
N ARG C 639 -18.28 -13.79 -9.49
CA ARG C 639 -17.70 -13.70 -8.16
C ARG C 639 -18.04 -12.35 -7.53
N LEU C 640 -18.59 -12.39 -6.32
CA LEU C 640 -19.02 -11.17 -5.65
C LEU C 640 -18.07 -10.74 -4.54
N LEU C 641 -17.80 -11.66 -3.61
CA LEU C 641 -16.89 -11.37 -2.50
C LEU C 641 -15.75 -12.39 -2.46
N SER C 642 -14.54 -11.91 -2.22
CA SER C 642 -13.36 -12.76 -2.25
C SER C 642 -12.86 -13.14 -0.86
N PRO C 643 -12.63 -14.44 -0.65
CA PRO C 643 -12.06 -14.95 0.61
C PRO C 643 -10.57 -14.68 0.70
N PHE C 644 -10.00 -14.13 -0.36
CA PHE C 644 -8.59 -13.76 -0.37
C PHE C 644 -8.40 -12.33 0.13
N GLU C 645 -9.50 -11.58 0.19
CA GLU C 645 -9.44 -10.17 0.55
C GLU C 645 -10.13 -9.87 1.88
N GLY C 646 -10.79 -10.86 2.46
CA GLY C 646 -11.49 -10.66 3.72
C GLY C 646 -12.11 -11.90 4.33
N ASN C 647 -12.99 -11.69 5.31
CA ASN C 647 -13.60 -12.76 6.07
C ASN C 647 -14.78 -13.40 5.33
N GLU C 648 -15.15 -12.82 4.19
CA GLU C 648 -16.33 -13.25 3.46
C GLU C 648 -16.00 -13.86 2.10
N ALA C 649 -16.95 -14.64 1.58
CA ALA C 649 -16.85 -15.21 0.24
C ALA C 649 -18.24 -15.32 -0.35
N ALA C 650 -18.44 -14.77 -1.55
CA ALA C 650 -19.75 -14.77 -2.17
C ALA C 650 -19.70 -14.83 -3.69
N TRP C 651 -20.63 -15.58 -4.28
CA TRP C 651 -20.74 -15.68 -5.73
C TRP C 651 -22.17 -16.02 -6.12
N MET C 652 -22.45 -15.98 -7.43
CA MET C 652 -23.80 -16.27 -7.91
C MET C 652 -23.84 -16.81 -9.33
N PHE C 653 -24.92 -17.53 -9.65
CA PHE C 653 -25.10 -18.12 -10.96
C PHE C 653 -26.32 -17.50 -11.64
N VAL C 654 -26.16 -17.07 -12.89
CA VAL C 654 -27.25 -16.43 -13.62
C VAL C 654 -27.56 -17.13 -14.93
N SER C 655 -28.84 -17.41 -15.17
CA SER C 655 -29.27 -18.07 -16.40
C SER C 655 -28.99 -17.21 -17.62
N ALA C 656 -29.07 -17.82 -18.81
CA ALA C 656 -28.73 -17.13 -20.05
C ALA C 656 -29.62 -15.94 -20.35
N ASP C 657 -30.90 -16.04 -19.96
CA ASP C 657 -31.85 -14.95 -20.20
C ASP C 657 -32.05 -14.07 -18.97
N ARG C 658 -31.21 -14.29 -17.96
CA ARG C 658 -31.22 -13.50 -16.73
C ARG C 658 -32.57 -13.51 -16.00
N SER C 659 -33.34 -14.58 -16.18
CA SER C 659 -34.63 -14.70 -15.53
C SER C 659 -34.55 -15.56 -14.27
N GLU C 660 -33.47 -16.34 -14.17
CA GLU C 660 -33.26 -17.21 -13.02
C GLU C 660 -31.85 -17.03 -12.47
N ALA C 661 -31.73 -17.03 -11.14
CA ALA C 661 -30.44 -16.84 -10.49
C ALA C 661 -30.31 -17.60 -9.18
N LEU C 662 -29.07 -17.87 -8.78
CA LEU C 662 -28.78 -18.54 -7.52
C LEU C 662 -27.62 -17.85 -6.83
N VAL C 663 -27.83 -17.37 -5.60
CA VAL C 663 -26.82 -16.59 -4.88
C VAL C 663 -26.27 -17.34 -3.67
N ALA C 664 -24.95 -17.42 -3.57
CA ALA C 664 -24.29 -18.08 -2.45
C ALA C 664 -23.43 -17.09 -1.66
N TYR C 665 -23.62 -17.07 -0.34
CA TYR C 665 -22.86 -16.19 0.54
C TYR C 665 -22.23 -16.97 1.69
N PHE C 666 -21.01 -16.59 2.06
CA PHE C 666 -20.29 -17.29 3.12
C PHE C 666 -19.55 -16.32 4.03
N ARG C 667 -19.59 -16.59 5.33
CA ARG C 667 -18.88 -15.80 6.32
C ARG C 667 -18.14 -16.73 7.27
N VAL C 668 -16.81 -16.65 7.27
CA VAL C 668 -15.98 -17.58 8.02
C VAL C 668 -16.01 -17.32 9.52
N LEU C 669 -15.25 -16.34 9.98
CA LEU C 669 -15.16 -16.03 11.40
C LEU C 669 -16.23 -15.01 11.82
N ALA C 670 -17.01 -15.37 12.83
CA ALA C 670 -18.05 -14.47 13.33
C ALA C 670 -17.46 -13.45 14.28
N GLU C 671 -17.89 -12.19 14.15
CA GLU C 671 -17.48 -11.16 15.09
C GLU C 671 -18.67 -10.70 15.93
N ALA C 672 -18.44 -10.54 17.23
CA ALA C 672 -19.50 -10.14 18.15
C ALA C 672 -19.95 -8.72 17.87
N ASN C 673 -21.25 -8.47 18.03
CA ASN C 673 -21.84 -7.16 17.83
C ASN C 673 -21.44 -6.59 16.47
N ALA C 674 -21.48 -7.45 15.46
CA ALA C 674 -20.99 -7.13 14.12
C ALA C 674 -21.81 -6.05 13.44
N PRO C 675 -21.18 -5.27 12.55
CA PRO C 675 -21.89 -4.34 11.68
C PRO C 675 -22.84 -5.10 10.76
N LEU C 676 -23.86 -4.42 10.25
CA LEU C 676 -24.81 -5.06 9.35
C LEU C 676 -24.14 -5.44 8.04
N SER C 677 -24.42 -6.65 7.55
CA SER C 677 -23.86 -7.13 6.29
C SER C 677 -24.77 -6.76 5.13
N TYR C 678 -24.16 -6.46 3.98
CA TYR C 678 -24.91 -6.17 2.76
C TYR C 678 -24.26 -6.90 1.59
N LEU C 679 -25.04 -7.16 0.55
CA LEU C 679 -24.54 -7.86 -0.62
C LEU C 679 -25.12 -7.29 -1.92
N ARG C 680 -24.24 -6.84 -2.81
CA ARG C 680 -24.66 -6.35 -4.11
C ARG C 680 -24.46 -7.44 -5.16
N LEU C 681 -25.44 -7.59 -6.05
CA LEU C 681 -25.41 -8.66 -7.03
C LEU C 681 -24.92 -8.17 -8.39
N LYS C 682 -24.71 -9.10 -9.31
CA LYS C 682 -24.24 -8.77 -10.65
C LYS C 682 -24.96 -9.59 -11.71
N GLY C 683 -25.00 -9.07 -12.94
CA GLY C 683 -25.50 -9.81 -14.07
C GLY C 683 -27.01 -10.01 -14.11
N LEU C 684 -27.73 -9.18 -13.37
CA LEU C 684 -29.20 -9.24 -13.37
C LEU C 684 -29.78 -8.18 -14.28
N ASP C 685 -31.02 -8.37 -14.70
CA ASP C 685 -31.72 -7.39 -15.50
C ASP C 685 -32.22 -6.28 -14.58
N SER C 686 -31.68 -5.08 -14.75
CA SER C 686 -32.05 -3.95 -13.91
C SER C 686 -33.47 -3.49 -14.18
N ASN C 687 -33.94 -3.72 -15.40
CA ASN C 687 -35.29 -3.34 -15.79
C ASN C 687 -36.32 -4.43 -15.51
N GLN C 688 -36.11 -5.18 -14.43
CA GLN C 688 -36.98 -6.29 -14.09
C GLN C 688 -36.85 -6.64 -12.61
N ASP C 689 -37.97 -6.97 -11.97
CA ASP C 689 -37.97 -7.33 -10.56
C ASP C 689 -37.72 -8.82 -10.35
N TYR C 690 -37.15 -9.16 -9.20
CA TYR C 690 -36.85 -10.55 -8.87
C TYR C 690 -37.44 -10.93 -7.52
N GLU C 691 -37.83 -12.19 -7.37
CA GLU C 691 -38.33 -12.68 -6.09
C GLU C 691 -37.31 -13.61 -5.44
N ILE C 692 -36.60 -13.09 -4.45
CA ILE C 692 -35.66 -13.91 -3.69
C ILE C 692 -36.44 -14.89 -2.82
N GLU C 693 -36.35 -16.17 -3.17
CA GLU C 693 -37.12 -17.20 -2.47
C GLU C 693 -36.76 -17.29 -0.99
N GLY C 694 -37.71 -16.91 -0.15
CA GLY C 694 -37.51 -16.94 1.29
C GLY C 694 -37.06 -15.61 1.85
N LEU C 695 -37.30 -14.54 1.11
CA LEU C 695 -36.86 -13.22 1.54
C LEU C 695 -37.80 -12.12 1.05
N GLY C 696 -38.33 -12.27 -0.15
CA GLY C 696 -39.26 -11.29 -0.71
C GLY C 696 -38.92 -10.82 -2.10
N VAL C 697 -39.71 -9.90 -2.63
CA VAL C 697 -39.51 -9.38 -3.97
C VAL C 697 -38.61 -8.14 -3.98
N TYR C 698 -37.56 -8.18 -4.78
CA TYR C 698 -36.62 -7.07 -4.90
C TYR C 698 -36.41 -6.70 -6.36
N GLY C 699 -36.09 -5.43 -6.60
CA GLY C 699 -35.82 -4.96 -7.95
C GLY C 699 -34.43 -5.39 -8.41
N GLY C 700 -34.30 -5.67 -9.70
CA GLY C 700 -33.03 -6.07 -10.27
C GLY C 700 -31.98 -4.99 -10.13
N ASP C 701 -32.38 -3.75 -10.40
CA ASP C 701 -31.50 -2.61 -10.25
C ASP C 701 -31.15 -2.40 -8.78
N GLU C 702 -32.12 -2.66 -7.90
CA GLU C 702 -31.93 -2.51 -6.47
C GLU C 702 -30.88 -3.48 -5.92
N LEU C 703 -30.90 -4.71 -6.41
CA LEU C 703 -29.98 -5.74 -5.95
C LEU C 703 -28.55 -5.48 -6.43
N VAL C 704 -28.42 -4.82 -7.58
CA VAL C 704 -27.11 -4.57 -8.16
C VAL C 704 -26.52 -3.23 -7.70
N TYR C 705 -27.38 -2.22 -7.57
CA TYR C 705 -26.92 -0.87 -7.26
C TYR C 705 -26.94 -0.57 -5.76
N ALA C 706 -27.99 -1.01 -5.07
CA ALA C 706 -28.11 -0.75 -3.64
C ALA C 706 -27.65 -1.94 -2.81
N GLY C 707 -28.05 -3.14 -3.23
CA GLY C 707 -27.71 -4.36 -2.51
C GLY C 707 -28.84 -4.81 -1.61
N VAL C 708 -28.65 -5.95 -0.97
CA VAL C 708 -29.64 -6.49 -0.05
C VAL C 708 -29.06 -6.66 1.35
N ALA C 709 -29.82 -6.20 2.35
CA ALA C 709 -29.41 -6.36 3.74
C ALA C 709 -29.44 -7.84 4.13
N LEU C 710 -28.29 -8.36 4.57
CA LEU C 710 -28.19 -9.76 4.95
C LEU C 710 -28.64 -9.98 6.39
N PRO C 711 -29.33 -11.11 6.64
CA PRO C 711 -29.79 -11.45 7.98
C PRO C 711 -28.63 -11.65 8.95
N TYR C 712 -28.74 -11.05 10.13
CA TYR C 712 -27.69 -11.14 11.14
C TYR C 712 -27.71 -12.51 11.81
N ARG C 713 -26.54 -13.16 11.84
CA ARG C 713 -26.42 -14.44 12.55
C ARG C 713 -24.99 -14.67 13.05
N SER C 714 -24.87 -15.41 14.15
CA SER C 714 -23.58 -15.65 14.77
C SER C 714 -23.01 -16.99 14.34
N SER C 715 -22.10 -17.54 15.15
CA SER C 715 -21.42 -18.81 14.90
C SER C 715 -20.48 -18.75 13.69
N ASP C 716 -19.48 -19.64 13.68
CA ASP C 716 -18.49 -19.66 12.62
C ASP C 716 -18.94 -20.48 11.42
N PHE C 717 -18.40 -20.13 10.25
CA PHE C 717 -18.57 -20.91 9.04
C PHE C 717 -20.04 -21.02 8.63
N ILE C 718 -20.68 -19.86 8.44
CA ILE C 718 -22.08 -19.85 8.04
C ILE C 718 -22.23 -19.73 6.53
N SER C 719 -23.42 -20.00 6.03
CA SER C 719 -23.69 -19.94 4.61
C SER C 719 -25.16 -19.63 4.34
N MET C 720 -25.42 -18.92 3.24
CA MET C 720 -26.77 -18.60 2.83
C MET C 720 -26.92 -18.84 1.34
N MET C 721 -28.04 -19.45 0.94
CA MET C 721 -28.28 -19.72 -0.47
C MET C 721 -29.70 -19.38 -0.86
N TRP C 722 -29.85 -18.51 -1.87
CA TRP C 722 -31.16 -18.08 -2.33
C TRP C 722 -31.35 -18.31 -3.82
N ARG C 723 -32.52 -18.79 -4.20
CA ARG C 723 -32.90 -18.88 -5.60
C ARG C 723 -33.66 -17.62 -6.00
N LEU C 724 -33.30 -17.06 -7.15
CA LEU C 724 -33.95 -15.84 -7.62
C LEU C 724 -34.73 -16.09 -8.90
N LYS C 725 -36.00 -15.69 -8.90
CA LYS C 725 -36.87 -15.85 -10.07
C LYS C 725 -37.40 -14.50 -10.52
N ALA C 726 -37.45 -14.29 -11.82
CA ALA C 726 -38.02 -13.06 -12.38
C ALA C 726 -39.54 -13.11 -12.31
N VAL C 727 -40.16 -11.97 -12.04
CA VAL C 727 -41.60 -11.88 -11.89
C VAL C 727 -42.34 -12.08 -13.21
N LYS D 10 -44.49 4.57 3.28
CA LYS D 10 -44.26 6.00 3.44
C LYS D 10 -42.80 6.34 3.12
N GLN D 11 -42.51 6.47 1.82
CA GLN D 11 -41.14 6.58 1.35
C GLN D 11 -40.93 7.74 0.38
N PHE D 12 -39.89 8.55 0.64
CA PHE D 12 -39.54 9.65 -0.26
C PHE D 12 -38.50 9.21 -1.28
N HIS D 13 -38.75 9.51 -2.54
CA HIS D 13 -37.83 9.10 -3.60
C HIS D 13 -37.52 10.25 -4.55
N LEU D 14 -36.29 10.76 -4.44
CA LEU D 14 -35.84 11.85 -5.31
C LEU D 14 -35.15 11.29 -6.55
N ARG D 15 -35.55 11.78 -7.71
CA ARG D 15 -35.00 11.31 -8.98
C ARG D 15 -34.12 12.38 -9.61
N ALA D 16 -32.81 12.30 -9.37
CA ALA D 16 -31.88 13.30 -9.90
C ALA D 16 -31.00 12.71 -11.00
N GLY D 17 -31.27 13.12 -12.24
CA GLY D 17 -30.55 12.61 -13.39
C GLY D 17 -30.67 11.11 -13.51
N LYS D 18 -29.56 10.41 -13.31
CA LYS D 18 -29.57 8.96 -13.28
C LYS D 18 -29.17 8.45 -11.88
N ALA D 19 -29.58 9.20 -10.87
CA ALA D 19 -29.30 8.83 -9.48
C ALA D 19 -30.57 8.89 -8.63
N SER D 20 -30.59 8.08 -7.56
CA SER D 20 -31.73 8.05 -6.65
C SER D 20 -31.32 8.44 -5.23
N TYR D 21 -32.15 9.22 -4.57
CA TYR D 21 -31.95 9.58 -3.18
C TYR D 21 -33.23 9.22 -2.41
N VAL D 22 -33.15 8.19 -1.57
CA VAL D 22 -34.34 7.64 -0.94
C VAL D 22 -34.37 7.85 0.58
N MET D 23 -35.51 8.31 1.08
CA MET D 23 -35.74 8.48 2.50
C MET D 23 -37.04 7.81 2.91
N GLN D 24 -37.20 7.55 4.20
CA GLN D 24 -38.45 6.99 4.70
C GLN D 24 -38.71 7.42 6.14
N LEU D 25 -40.00 7.51 6.49
CA LEU D 25 -40.38 7.82 7.86
C LEU D 25 -40.29 6.54 8.70
N PHE D 26 -39.71 6.67 9.88
CA PHE D 26 -39.49 5.51 10.74
C PHE D 26 -40.24 5.67 12.05
N ARG D 27 -41.15 4.75 12.33
CA ARG D 27 -41.92 4.74 13.56
C ARG D 27 -42.71 6.01 13.81
N SER D 28 -42.45 6.67 14.94
CA SER D 28 -43.22 7.83 15.36
C SER D 28 -42.71 9.15 14.78
N GLY D 29 -42.50 9.17 13.47
CA GLY D 29 -42.13 10.39 12.78
C GLY D 29 -40.65 10.69 12.75
N TYR D 30 -39.82 9.65 12.70
CA TYR D 30 -38.38 9.82 12.56
C TYR D 30 -37.99 9.74 11.09
N LEU D 31 -37.25 10.74 10.62
CA LEU D 31 -36.82 10.77 9.24
C LEU D 31 -35.52 9.99 9.07
N ALA D 32 -35.56 8.93 8.29
CA ALA D 32 -34.42 8.04 8.13
C ALA D 32 -33.87 8.06 6.71
N HIS D 33 -32.58 7.77 6.57
CA HIS D 33 -31.95 7.66 5.26
C HIS D 33 -31.99 6.22 4.78
N VAL D 34 -32.27 6.02 3.49
CA VAL D 34 -32.35 4.69 2.94
C VAL D 34 -31.23 4.37 1.96
N TYR D 35 -31.14 5.17 0.89
CA TYR D 35 -30.23 4.85 -0.20
C TYR D 35 -29.89 6.07 -1.05
N TRP D 36 -28.63 6.17 -1.45
CA TRP D 36 -28.19 7.19 -2.39
C TRP D 36 -27.15 6.57 -3.32
N GLY D 37 -27.50 6.44 -4.59
CA GLY D 37 -26.60 5.85 -5.56
C GLY D 37 -27.17 5.91 -6.96
N LYS D 38 -26.82 4.93 -7.80
CA LYS D 38 -27.35 4.85 -9.15
C LYS D 38 -28.86 4.66 -9.13
N ALA D 39 -29.54 5.21 -10.12
CA ALA D 39 -31.01 5.23 -10.14
C ALA D 39 -31.66 3.86 -10.04
N VAL D 40 -32.50 3.69 -9.03
CA VAL D 40 -33.34 2.51 -8.90
C VAL D 40 -34.79 2.93 -8.95
N ARG D 41 -35.66 2.03 -9.40
CA ARG D 41 -37.08 2.34 -9.50
C ARG D 41 -37.73 2.38 -8.11
N ASP D 42 -37.25 1.50 -7.23
CA ASP D 42 -37.80 1.41 -5.87
C ASP D 42 -36.87 0.62 -4.97
N VAL D 43 -36.79 1.02 -3.71
CA VAL D 43 -36.03 0.27 -2.72
C VAL D 43 -37.00 -0.54 -1.84
N ARG D 44 -37.34 -1.73 -2.32
CA ARG D 44 -38.35 -2.56 -1.67
C ARG D 44 -37.85 -3.16 -0.36
N GLY D 45 -36.54 -3.12 -0.15
CA GLY D 45 -35.94 -3.69 1.04
C GLY D 45 -35.51 -2.62 2.03
N ALA D 46 -36.13 -1.45 1.93
CA ALA D 46 -35.78 -0.31 2.78
C ALA D 46 -36.00 -0.57 4.26
N ARG D 47 -36.94 -1.48 4.57
CA ARG D 47 -37.23 -1.83 5.95
C ARG D 47 -36.82 -3.27 6.25
N ALA D 48 -36.36 -3.98 5.24
CA ALA D 48 -35.99 -5.39 5.39
C ALA D 48 -34.55 -5.56 5.87
N PHE D 49 -34.23 -4.95 7.00
CA PHE D 49 -32.91 -5.08 7.60
C PHE D 49 -33.03 -5.60 9.04
N PRO D 50 -32.00 -6.32 9.52
CA PRO D 50 -32.01 -6.89 10.87
C PRO D 50 -32.26 -5.86 11.96
N ARG D 51 -33.29 -6.09 12.77
CA ARG D 51 -33.58 -5.23 13.90
C ARG D 51 -32.88 -5.79 15.13
N LEU D 52 -31.88 -5.06 15.63
CA LEU D 52 -31.08 -5.55 16.74
C LEU D 52 -31.08 -4.59 17.92
N ASP D 53 -30.92 -5.14 19.12
CA ASP D 53 -30.72 -4.33 20.31
C ASP D 53 -29.22 -4.18 20.57
N ARG D 54 -28.66 -3.08 20.08
CA ARG D 54 -27.22 -2.85 20.21
C ARG D 54 -26.85 -2.39 21.62
N ALA D 55 -25.91 -3.10 22.22
CA ALA D 55 -25.46 -2.80 23.58
C ALA D 55 -24.98 -1.36 23.73
N PHE D 56 -25.46 -0.70 24.78
CA PHE D 56 -25.12 0.69 25.09
C PHE D 56 -25.66 1.72 24.10
N SER D 57 -26.58 1.29 23.24
CA SER D 57 -27.33 2.21 22.40
C SER D 57 -28.74 2.35 22.97
N PRO D 58 -28.97 3.38 23.79
CA PRO D 58 -30.20 3.57 24.57
C PRO D 58 -31.43 3.75 23.69
N ASN D 59 -32.61 3.69 24.31
CA ASN D 59 -33.85 3.71 23.56
C ASN D 59 -34.83 4.79 24.03
N PRO D 60 -35.32 5.62 23.09
CA PRO D 60 -36.31 6.64 23.40
C PRO D 60 -37.71 6.02 23.59
N ASP D 61 -37.86 4.79 23.13
CA ASP D 61 -39.13 4.08 23.24
C ASP D 61 -38.90 2.70 23.85
N PRO D 62 -39.38 2.49 25.09
CA PRO D 62 -39.19 1.22 25.79
C PRO D 62 -40.06 0.09 25.25
N SER D 63 -40.89 0.37 24.25
CA SER D 63 -41.72 -0.66 23.63
C SER D 63 -40.97 -1.39 22.53
N ASP D 64 -39.75 -0.94 22.25
CA ASP D 64 -38.94 -1.51 21.18
C ASP D 64 -37.48 -1.16 21.41
N ARG D 65 -36.72 -2.07 22.03
CA ARG D 65 -35.31 -1.83 22.30
C ARG D 65 -34.43 -2.06 21.07
N THR D 66 -35.03 -2.45 19.96
CA THR D 66 -34.29 -2.61 18.72
C THR D 66 -34.15 -1.26 18.02
N PHE D 67 -34.89 -0.26 18.51
CA PHE D 67 -34.83 1.07 17.94
C PHE D 67 -33.98 2.02 18.79
N SER D 68 -33.02 2.65 18.14
CA SER D 68 -32.15 3.62 18.80
C SER D 68 -31.65 4.63 17.77
N LEU D 69 -31.56 5.88 18.17
CA LEU D 69 -31.06 6.92 17.27
C LEU D 69 -29.56 6.77 17.05
N ASP D 70 -28.93 5.97 17.89
CA ASP D 70 -27.51 5.66 17.74
C ASP D 70 -27.31 4.61 16.67
N THR D 71 -28.40 3.98 16.24
CA THR D 71 -28.34 2.91 15.26
C THR D 71 -29.28 3.17 14.08
N LEU D 72 -29.75 4.42 13.96
CA LEU D 72 -30.63 4.80 12.87
C LEU D 72 -29.94 5.71 11.85
N LEU D 73 -29.95 5.29 10.59
CA LEU D 73 -29.46 6.14 9.51
C LEU D 73 -30.39 7.34 9.37
N GLN D 74 -29.85 8.53 9.56
CA GLN D 74 -30.69 9.74 9.61
C GLN D 74 -30.36 10.80 8.56
N GLU D 75 -31.22 11.80 8.46
CA GLU D 75 -31.06 12.89 7.49
C GLU D 75 -30.66 14.20 8.18
N TYR D 76 -31.11 14.38 9.41
CA TYR D 76 -30.75 15.57 10.18
C TYR D 76 -30.74 15.25 11.67
N PRO D 77 -29.74 14.49 12.12
CA PRO D 77 -29.69 13.92 13.47
C PRO D 77 -29.30 14.93 14.55
N ALA D 78 -29.83 14.73 15.75
CA ALA D 78 -29.46 15.53 16.90
C ALA D 78 -28.73 14.68 17.92
N TYR D 79 -28.11 15.32 18.89
CA TYR D 79 -27.45 14.62 19.98
C TYR D 79 -28.22 14.86 21.28
N GLY D 80 -28.18 13.88 22.18
CA GLY D 80 -28.80 14.04 23.49
C GLY D 80 -29.88 13.03 23.80
N ASN D 81 -30.67 12.67 22.80
CA ASN D 81 -31.73 11.70 22.99
C ASN D 81 -31.45 10.36 22.29
N THR D 82 -30.41 9.68 22.76
CA THR D 82 -30.01 8.32 22.36
C THR D 82 -29.06 8.20 21.17
N ASP D 83 -28.73 9.31 20.51
CA ASP D 83 -27.72 9.29 19.46
C ASP D 83 -26.41 9.88 19.98
N PHE D 84 -25.31 9.15 19.80
CA PHE D 84 -24.02 9.60 20.29
C PHE D 84 -23.06 10.04 19.19
N ARG D 85 -23.52 9.96 17.94
CA ARG D 85 -22.71 10.44 16.82
C ARG D 85 -22.80 11.96 16.73
N ALA D 86 -21.94 12.54 15.92
CA ALA D 86 -21.93 13.99 15.72
C ALA D 86 -23.22 14.47 15.09
N PRO D 87 -23.91 15.42 15.75
CA PRO D 87 -25.20 15.92 15.28
C PRO D 87 -25.06 16.86 14.09
N ALA D 88 -26.16 17.06 13.35
CA ALA D 88 -26.18 18.02 12.26
C ALA D 88 -26.50 19.40 12.81
N TYR D 89 -27.20 19.43 13.94
CA TYR D 89 -27.57 20.68 14.58
C TYR D 89 -27.62 20.50 16.09
N GLN D 90 -27.59 21.61 16.83
CA GLN D 90 -27.71 21.56 18.28
C GLN D 90 -28.25 22.88 18.81
N VAL D 91 -29.28 22.80 19.64
CA VAL D 91 -29.92 23.99 20.18
C VAL D 91 -29.84 24.01 21.70
N GLN D 92 -29.52 25.17 22.26
CA GLN D 92 -29.53 25.34 23.71
C GLN D 92 -30.75 26.15 24.14
N LEU D 93 -31.51 25.61 25.08
CA LEU D 93 -32.71 26.26 25.59
C LEU D 93 -32.36 27.25 26.69
N GLU D 94 -33.33 28.04 27.11
CA GLU D 94 -33.13 29.00 28.19
C GLU D 94 -32.78 28.29 29.49
N ASN D 95 -33.25 27.06 29.65
CA ASN D 95 -32.98 26.27 30.85
C ASN D 95 -31.59 25.64 30.85
N GLY D 96 -30.86 25.82 29.76
CA GLY D 96 -29.49 25.34 29.69
C GLY D 96 -29.32 24.01 28.99
N SER D 97 -30.39 23.22 28.94
CA SER D 97 -30.34 21.91 28.30
C SER D 97 -30.16 22.04 26.80
N THR D 98 -29.65 20.99 26.17
CA THR D 98 -29.42 20.99 24.73
C THR D 98 -30.17 19.86 24.03
N VAL D 99 -31.21 19.35 24.68
CA VAL D 99 -32.01 18.27 24.12
C VAL D 99 -33.09 18.80 23.19
N THR D 100 -33.10 18.29 21.96
CA THR D 100 -34.15 18.61 20.99
C THR D 100 -34.66 17.33 20.35
N ASP D 101 -35.93 17.34 19.95
CA ASP D 101 -36.56 16.14 19.43
C ASP D 101 -37.47 16.44 18.24
N LEU D 102 -36.87 16.55 17.06
CA LEU D 102 -37.61 16.82 15.83
C LEU D 102 -38.38 15.61 15.35
N ARG D 103 -39.66 15.80 15.07
CA ARG D 103 -40.49 14.75 14.51
C ARG D 103 -41.16 15.25 13.24
N TYR D 104 -41.54 14.33 12.37
CA TYR D 104 -42.21 14.69 11.11
C TYR D 104 -43.48 15.48 11.38
N LYS D 105 -43.62 16.61 10.68
CA LYS D 105 -44.79 17.46 10.81
C LYS D 105 -45.62 17.40 9.53
N THR D 106 -44.98 17.71 8.40
CA THR D 106 -45.61 17.64 7.09
C THR D 106 -44.56 17.71 5.99
N HIS D 107 -44.99 17.64 4.74
CA HIS D 107 -44.07 17.76 3.61
C HIS D 107 -44.80 18.26 2.36
N ARG D 108 -44.06 18.90 1.46
CA ARG D 108 -44.64 19.41 0.23
C ARG D 108 -43.69 19.27 -0.96
N ILE D 109 -44.27 19.12 -2.15
CA ILE D 109 -43.49 18.94 -3.38
C ILE D 109 -43.93 19.96 -4.42
N TYR D 110 -42.95 20.61 -5.06
CA TYR D 110 -43.25 21.56 -6.12
C TYR D 110 -42.15 21.62 -7.18
N LYS D 111 -42.54 21.91 -8.41
CA LYS D 111 -41.59 22.06 -9.51
C LYS D 111 -40.76 23.32 -9.35
N GLY D 112 -39.48 23.22 -9.69
CA GLY D 112 -38.59 24.36 -9.61
C GLY D 112 -37.61 24.27 -8.45
N LYS D 113 -37.00 25.40 -8.11
CA LYS D 113 -36.02 25.45 -7.04
C LYS D 113 -36.07 26.82 -6.35
N PRO D 114 -36.27 26.82 -5.03
CA PRO D 114 -36.47 28.07 -4.28
C PRO D 114 -35.16 28.82 -4.06
N ARG D 115 -35.25 30.13 -3.90
CA ARG D 115 -34.10 30.94 -3.53
C ARG D 115 -33.94 30.95 -2.01
N LEU D 116 -32.70 30.93 -1.54
CA LEU D 116 -32.43 30.94 -0.12
C LEU D 116 -32.21 32.37 0.38
N ASN D 117 -32.73 32.67 1.56
CA ASN D 117 -32.67 34.03 2.11
C ASN D 117 -31.26 34.55 2.32
N GLY D 118 -30.93 35.65 1.63
CA GLY D 118 -29.65 36.31 1.78
C GLY D 118 -28.46 35.42 1.44
N LEU D 119 -28.68 34.40 0.63
CA LEU D 119 -27.65 33.43 0.31
C LEU D 119 -27.63 33.07 -1.18
N PRO D 120 -26.45 32.71 -1.69
CA PRO D 120 -26.32 32.20 -3.05
C PRO D 120 -26.79 30.75 -3.12
N ALA D 121 -27.20 30.30 -4.30
CA ALA D 121 -27.63 28.91 -4.47
C ALA D 121 -27.72 28.57 -5.95
N THR D 122 -27.64 27.29 -6.26
CA THR D 122 -27.93 26.81 -7.61
C THR D 122 -29.38 27.12 -7.92
N TYR D 123 -29.68 27.40 -9.18
CA TYR D 123 -31.02 27.83 -9.56
C TYR D 123 -31.50 27.17 -10.84
N VAL D 124 -32.72 27.49 -11.24
CA VAL D 124 -33.28 27.02 -12.50
C VAL D 124 -33.87 28.19 -13.28
N GLU D 125 -33.83 28.10 -14.61
CA GLU D 125 -34.44 29.11 -15.45
C GLU D 125 -35.89 28.73 -15.76
N HIS D 126 -36.18 27.45 -15.63
CA HIS D 126 -37.53 26.93 -15.82
C HIS D 126 -37.86 25.92 -14.73
N GLU D 127 -39.13 25.87 -14.34
CA GLU D 127 -39.55 24.99 -13.25
C GLU D 127 -39.42 23.51 -13.62
N GLN D 128 -39.36 23.23 -14.92
CA GLN D 128 -39.25 21.86 -15.40
C GLN D 128 -37.83 21.30 -15.22
N GLU D 129 -36.88 22.18 -14.93
CA GLU D 129 -35.49 21.77 -14.78
C GLU D 129 -35.25 20.93 -13.53
N ALA D 130 -35.98 21.22 -12.47
CA ALA D 130 -35.78 20.52 -11.20
C ALA D 130 -37.07 20.37 -10.41
N GLU D 131 -37.03 19.53 -9.38
CA GLU D 131 -38.16 19.34 -8.49
C GLU D 131 -37.70 19.43 -7.04
N THR D 132 -38.44 20.18 -6.24
CA THR D 132 -38.04 20.43 -4.86
C THR D 132 -38.95 19.72 -3.85
N LEU D 133 -38.33 19.04 -2.88
CA LEU D 133 -39.05 18.40 -1.79
C LEU D 133 -38.68 19.03 -0.46
N GLU D 134 -39.68 19.54 0.25
CA GLU D 134 -39.45 20.13 1.56
C GLU D 134 -40.10 19.29 2.66
N ILE D 135 -39.27 18.75 3.54
CA ILE D 135 -39.76 17.97 4.68
C ILE D 135 -39.70 18.80 5.94
N VAL D 136 -40.86 19.03 6.54
CA VAL D 136 -40.95 19.87 7.73
C VAL D 136 -40.96 19.05 9.01
N LEU D 137 -39.95 19.26 9.85
CA LEU D 137 -39.86 18.60 11.14
C LEU D 137 -40.16 19.62 12.24
N GLY D 138 -40.51 19.13 13.43
CA GLY D 138 -40.85 20.03 14.52
C GLY D 138 -40.68 19.48 15.92
N ASP D 139 -40.18 20.33 16.82
CA ASP D 139 -40.09 20.00 18.23
C ASP D 139 -41.20 20.74 18.96
N ALA D 140 -42.30 20.03 19.22
CA ALA D 140 -43.52 20.63 19.77
C ALA D 140 -43.31 21.33 21.11
N LEU D 141 -42.44 20.78 21.95
CA LEU D 141 -42.20 21.31 23.28
C LEU D 141 -41.69 22.75 23.24
N ILE D 142 -40.75 23.03 22.35
CA ILE D 142 -40.12 24.34 22.28
C ILE D 142 -40.58 25.13 21.06
N GLY D 143 -41.37 24.48 20.21
CA GLY D 143 -41.90 25.13 19.02
C GLY D 143 -40.87 25.34 17.93
N LEU D 144 -39.81 24.53 17.95
CA LEU D 144 -38.77 24.62 16.95
C LEU D 144 -39.17 23.89 15.67
N GLU D 145 -39.10 24.58 14.55
CA GLU D 145 -39.44 24.00 13.26
C GLU D 145 -38.25 24.01 12.31
N VAL D 146 -37.91 22.83 11.78
CA VAL D 146 -36.80 22.72 10.84
C VAL D 146 -37.31 22.18 9.51
N THR D 147 -37.09 22.96 8.45
CA THR D 147 -37.55 22.57 7.12
C THR D 147 -36.38 22.10 6.27
N LEU D 148 -36.33 20.79 6.03
CA LEU D 148 -35.27 20.21 5.23
C LEU D 148 -35.58 20.38 3.74
N GLN D 149 -34.70 21.10 3.05
CA GLN D 149 -34.92 21.40 1.63
C GLN D 149 -34.13 20.46 0.73
N TYR D 150 -34.84 19.66 -0.06
CA TYR D 150 -34.22 18.77 -1.03
C TYR D 150 -34.60 19.22 -2.43
N THR D 151 -33.65 19.18 -3.35
CA THR D 151 -33.92 19.52 -4.74
C THR D 151 -33.21 18.57 -5.69
N ALA D 152 -33.95 18.00 -6.63
CA ALA D 152 -33.39 17.09 -7.62
C ALA D 152 -33.53 17.66 -9.03
N TYR D 153 -32.39 17.94 -9.66
CA TYR D 153 -32.37 18.37 -11.05
C TYR D 153 -32.70 17.18 -11.95
N GLU D 154 -33.36 17.45 -13.07
CA GLU D 154 -33.75 16.40 -14.00
C GLU D 154 -32.59 16.03 -14.92
N LYS D 155 -31.80 17.03 -15.29
CA LYS D 155 -30.72 16.85 -16.27
C LYS D 155 -29.46 16.23 -15.66
N TRP D 156 -29.12 16.65 -14.45
CA TRP D 156 -27.87 16.21 -13.81
C TRP D 156 -28.11 15.33 -12.58
N ASN D 157 -27.08 14.57 -12.20
CA ASN D 157 -27.13 13.77 -10.99
C ASN D 157 -26.88 14.61 -9.75
N VAL D 158 -27.70 15.64 -9.56
CA VAL D 158 -27.47 16.61 -8.49
C VAL D 158 -28.59 16.63 -7.46
N ILE D 159 -28.21 16.49 -6.20
CA ILE D 159 -29.12 16.67 -5.08
C ILE D 159 -28.58 17.80 -4.21
N THR D 160 -29.35 18.87 -4.09
CA THR D 160 -28.95 19.97 -3.21
C THR D 160 -29.73 19.87 -1.90
N ARG D 161 -29.05 20.12 -0.79
CA ARG D 161 -29.68 20.05 0.52
C ARG D 161 -29.36 21.26 1.38
N SER D 162 -30.37 21.70 2.13
CA SER D 162 -30.22 22.80 3.08
C SER D 162 -31.32 22.72 4.12
N ALA D 163 -31.17 23.47 5.20
CA ALA D 163 -32.15 23.48 6.28
C ALA D 163 -32.52 24.90 6.68
N ARG D 164 -33.79 25.08 7.07
CA ARG D 164 -34.25 26.38 7.56
C ARG D 164 -34.91 26.24 8.93
N PHE D 165 -34.25 26.79 9.94
CA PHE D 165 -34.78 26.79 11.30
C PHE D 165 -35.77 27.93 11.47
N GLU D 166 -36.82 27.71 12.26
CA GLU D 166 -37.76 28.77 12.59
C GLU D 166 -38.32 28.59 14.00
N ASN D 167 -38.11 29.61 14.83
CA ASN D 167 -38.64 29.62 16.19
C ASN D 167 -40.11 30.01 16.20
N LYS D 168 -40.98 29.03 16.38
CA LYS D 168 -42.41 29.28 16.43
C LYS D 168 -42.93 29.08 17.85
N GLY D 169 -42.03 29.25 18.82
CA GLY D 169 -42.39 29.14 20.23
C GLY D 169 -42.38 30.49 20.92
N GLY D 170 -42.33 30.48 22.25
CA GLY D 170 -42.34 31.71 23.02
C GLY D 170 -41.06 31.97 23.80
N GLU D 171 -40.01 31.21 23.51
CA GLU D 171 -38.75 31.34 24.22
C GLU D 171 -37.58 31.58 23.28
N ARG D 172 -36.43 31.91 23.84
CA ARG D 172 -35.21 32.09 23.06
C ARG D 172 -34.56 30.73 22.78
N LEU D 173 -34.14 30.54 21.54
CA LEU D 173 -33.45 29.31 21.15
C LEU D 173 -32.08 29.65 20.55
N LYS D 174 -31.02 29.20 21.22
CA LYS D 174 -29.67 29.49 20.75
C LYS D 174 -29.10 28.32 19.95
N LEU D 175 -28.99 28.51 18.63
CA LEU D 175 -28.39 27.51 17.76
C LEU D 175 -26.89 27.40 18.03
N LEU D 176 -26.44 26.24 18.47
CA LEU D 176 -25.02 26.01 18.68
C LEU D 176 -24.38 25.46 17.41
N ARG D 177 -25.19 24.75 16.62
CA ARG D 177 -24.72 24.16 15.39
C ARG D 177 -25.85 24.15 14.37
N ALA D 178 -25.54 24.49 13.12
CA ALA D 178 -26.55 24.49 12.07
C ALA D 178 -25.96 24.07 10.73
N LEU D 179 -25.57 22.81 10.63
CA LEU D 179 -25.01 22.28 9.40
C LEU D 179 -26.07 22.23 8.32
N SER D 180 -25.63 22.26 7.07
CA SER D 180 -26.54 22.31 5.95
C SER D 180 -27.17 20.95 5.65
N MET D 181 -26.42 19.89 5.93
CA MET D 181 -26.89 18.54 5.65
C MET D 181 -26.20 17.48 6.51
N SER D 182 -26.76 16.28 6.49
CA SER D 182 -26.14 15.13 7.13
C SER D 182 -26.69 13.87 6.50
N VAL D 183 -25.83 12.89 6.24
CA VAL D 183 -26.26 11.65 5.64
C VAL D 183 -25.50 10.45 6.22
N ASP D 184 -26.24 9.40 6.58
CA ASP D 184 -25.63 8.19 7.10
C ASP D 184 -25.59 7.09 6.04
N PHE D 185 -24.37 6.73 5.62
CA PHE D 185 -24.18 5.62 4.70
C PHE D 185 -24.21 4.30 5.47
N PRO D 186 -24.85 3.27 4.88
CA PRO D 186 -24.97 1.96 5.53
C PRO D 186 -23.61 1.31 5.79
N THR D 187 -22.66 1.52 4.88
CA THR D 187 -21.30 1.00 5.05
C THR D 187 -20.30 2.14 4.99
N ALA D 188 -19.04 1.82 5.28
CA ALA D 188 -18.00 2.85 5.33
C ALA D 188 -16.70 2.44 4.64
N ASP D 189 -16.79 1.45 3.76
CA ASP D 189 -15.62 0.98 3.02
C ASP D 189 -15.31 1.90 1.86
N TYR D 190 -14.82 3.09 2.17
CA TYR D 190 -14.49 4.08 1.15
C TYR D 190 -13.14 4.75 1.43
N ASP D 191 -12.65 5.47 0.45
CA ASP D 191 -11.61 6.46 0.68
C ASP D 191 -12.31 7.81 0.66
N TRP D 192 -11.64 8.86 1.12
CA TRP D 192 -12.21 10.19 1.01
C TRP D 192 -11.23 11.17 0.40
N ILE D 193 -11.75 12.08 -0.42
CA ILE D 193 -10.93 13.08 -1.07
C ILE D 193 -11.34 14.47 -0.62
N HIS D 194 -10.39 15.22 -0.09
CA HIS D 194 -10.59 16.64 0.19
C HIS D 194 -9.50 17.46 -0.49
N LEU D 195 -9.57 18.77 -0.36
CA LEU D 195 -8.64 19.65 -1.06
C LEU D 195 -7.90 20.58 -0.12
N PRO D 196 -6.84 20.06 0.54
CA PRO D 196 -5.98 20.88 1.38
C PRO D 196 -5.08 21.76 0.51
N GLY D 197 -4.45 22.76 1.11
CA GLY D 197 -3.54 23.62 0.39
C GLY D 197 -3.02 24.79 1.20
N ALA D 198 -2.57 25.82 0.50
CA ALA D 198 -2.08 27.05 1.11
C ALA D 198 -2.00 28.11 0.02
N TRP D 199 -1.51 29.29 0.38
CA TRP D 199 -1.27 30.32 -0.61
C TRP D 199 -0.18 29.85 -1.58
N GLY D 200 -0.43 30.01 -2.88
CA GLY D 200 0.54 29.60 -3.89
C GLY D 200 0.42 28.14 -4.26
N ARG D 201 -0.48 27.41 -3.60
CA ARG D 201 -0.70 26.00 -3.89
C ARG D 201 -2.04 25.52 -3.35
N GLU D 202 -3.12 26.09 -3.90
CA GLU D 202 -4.46 25.79 -3.44
C GLU D 202 -5.01 24.51 -4.04
N ARG D 203 -5.84 23.81 -3.26
CA ARG D 203 -6.61 22.68 -3.76
C ARG D 203 -5.78 21.54 -4.35
N TRP D 204 -4.79 21.07 -3.59
CA TRP D 204 -4.11 19.84 -3.95
C TRP D 204 -5.02 18.66 -3.63
N ILE D 205 -5.05 17.67 -4.52
CA ILE D 205 -5.89 16.50 -4.30
C ILE D 205 -5.25 15.54 -3.31
N GLU D 206 -5.95 15.29 -2.20
CA GLU D 206 -5.45 14.37 -1.18
C GLU D 206 -6.43 13.22 -0.95
N ARG D 207 -5.97 12.00 -1.18
CA ARG D 207 -6.80 10.81 -1.01
C ARG D 207 -6.33 10.00 0.19
N ARG D 208 -7.28 9.65 1.06
CA ARG D 208 -6.95 8.92 2.28
C ARG D 208 -7.99 7.86 2.57
N PRO D 209 -7.58 6.77 3.24
CA PRO D 209 -8.56 5.79 3.72
C PRO D 209 -9.33 6.37 4.90
N LEU D 210 -10.55 5.90 5.11
CA LEU D 210 -11.33 6.35 6.24
C LEU D 210 -10.81 5.76 7.54
N VAL D 211 -10.99 6.48 8.63
CA VAL D 211 -10.63 5.99 9.96
C VAL D 211 -11.91 5.76 10.76
N THR D 212 -11.84 4.86 11.74
CA THR D 212 -12.95 4.67 12.66
C THR D 212 -12.87 5.77 13.71
N GLY D 213 -13.56 6.87 13.43
CA GLY D 213 -13.51 8.06 14.27
C GLY D 213 -13.98 9.25 13.47
N VAL D 214 -13.26 10.37 13.60
CA VAL D 214 -13.64 11.60 12.92
C VAL D 214 -12.56 12.10 11.97
N GLN D 215 -12.93 12.33 10.71
CA GLN D 215 -12.07 13.03 9.77
C GLN D 215 -12.82 14.26 9.28
N ALA D 216 -12.11 15.37 9.12
CA ALA D 216 -12.76 16.61 8.71
C ALA D 216 -11.81 17.60 8.07
N ALA D 217 -12.32 18.31 7.06
CA ALA D 217 -11.65 19.47 6.50
C ALA D 217 -12.50 20.66 6.88
N GLU D 218 -11.87 21.71 7.42
CA GLU D 218 -12.63 22.86 7.91
C GLU D 218 -11.89 24.18 7.79
N SER D 219 -12.60 25.26 8.05
CA SER D 219 -12.00 26.59 8.06
C SER D 219 -12.51 27.40 9.25
N ARG D 220 -11.58 28.08 9.90
CA ARG D 220 -11.93 28.98 11.01
C ARG D 220 -11.38 30.36 10.69
N ARG D 221 -11.27 30.66 9.41
CA ARG D 221 -10.59 31.88 8.95
C ARG D 221 -11.55 32.97 8.47
N GLY D 222 -12.85 32.69 8.51
CA GLY D 222 -13.85 33.63 8.06
C GLY D 222 -13.97 33.64 6.55
N ALA D 223 -13.13 32.84 5.90
CA ALA D 223 -13.16 32.67 4.46
C ALA D 223 -13.00 31.18 4.17
N SER D 224 -13.46 30.75 3.01
CA SER D 224 -13.34 29.33 2.64
C SER D 224 -11.88 28.89 2.61
N SER D 225 -10.97 29.85 2.43
CA SER D 225 -9.52 29.67 2.64
C SER D 225 -8.78 28.88 1.56
N HIS D 226 -7.48 29.16 1.46
CA HIS D 226 -6.59 28.41 0.58
C HIS D 226 -6.27 27.08 1.22
N GLN D 227 -6.31 27.07 2.55
CA GLN D 227 -5.84 25.93 3.34
C GLN D 227 -6.72 24.69 3.17
N GLN D 228 -8.04 24.88 3.13
CA GLN D 228 -8.97 23.79 2.93
C GLN D 228 -10.15 24.25 2.09
N ASN D 229 -10.33 23.66 0.91
CA ASN D 229 -11.46 24.00 0.07
C ASN D 229 -12.74 23.34 0.56
N PRO D 230 -13.86 24.10 0.57
CA PRO D 230 -15.13 23.55 1.04
C PRO D 230 -15.67 22.44 0.13
N PHE D 231 -14.93 21.34 0.04
CA PHE D 231 -15.34 20.19 -0.75
C PHE D 231 -14.69 18.90 -0.24
N ILE D 232 -15.52 17.88 -0.05
CA ILE D 232 -15.03 16.54 0.24
C ILE D 232 -15.77 15.55 -0.65
N ALA D 233 -15.24 14.34 -0.76
CA ALA D 233 -15.86 13.32 -1.59
C ALA D 233 -15.61 11.91 -1.06
N LEU D 234 -16.68 11.12 -0.98
CA LEU D 234 -16.55 9.70 -0.72
C LEU D 234 -16.34 8.99 -2.04
N VAL D 235 -15.32 8.15 -2.11
CA VAL D 235 -15.04 7.42 -3.34
C VAL D 235 -14.86 5.93 -3.07
N ALA D 236 -15.25 5.11 -4.04
CA ALA D 236 -15.05 3.68 -3.95
C ALA D 236 -13.55 3.38 -3.92
N LYS D 237 -13.19 2.25 -3.31
CA LYS D 237 -11.79 1.87 -3.17
C LYS D 237 -11.05 1.81 -4.51
N ASN D 238 -11.73 1.32 -5.53
CA ASN D 238 -11.12 1.15 -6.85
C ASN D 238 -11.58 2.21 -7.85
N ALA D 239 -12.19 3.27 -7.35
CA ALA D 239 -12.64 4.37 -8.20
C ALA D 239 -11.47 5.25 -8.63
N ASP D 240 -11.45 5.64 -9.90
CA ASP D 240 -10.44 6.55 -10.41
C ASP D 240 -11.07 7.71 -11.17
N GLU D 241 -10.36 8.24 -12.17
CA GLU D 241 -10.86 9.35 -12.96
C GLU D 241 -11.95 8.92 -13.95
N HIS D 242 -11.98 7.65 -14.30
CA HIS D 242 -12.81 7.20 -15.41
C HIS D 242 -13.91 6.22 -15.04
N GLN D 243 -13.80 5.61 -13.87
CA GLN D 243 -14.79 4.64 -13.43
C GLN D 243 -14.88 4.55 -11.92
N GLY D 244 -16.00 4.03 -11.42
CA GLY D 244 -16.19 3.84 -10.00
C GLY D 244 -17.19 4.81 -9.39
N GLU D 245 -17.76 4.42 -8.26
CA GLU D 245 -18.76 5.25 -7.58
C GLU D 245 -18.11 6.38 -6.78
N VAL D 246 -18.63 7.59 -6.96
CA VAL D 246 -18.12 8.77 -6.28
C VAL D 246 -19.26 9.62 -5.73
N TYR D 247 -19.12 10.06 -4.48
CA TYR D 247 -20.11 10.93 -3.85
C TYR D 247 -19.50 12.27 -3.50
N GLY D 248 -19.88 13.31 -4.23
CA GLY D 248 -19.32 14.64 -4.03
C GLY D 248 -20.14 15.52 -3.11
N PHE D 249 -19.46 16.29 -2.26
CA PHE D 249 -20.12 17.20 -1.34
C PHE D 249 -19.51 18.60 -1.46
N SER D 250 -20.24 19.51 -2.09
CA SER D 250 -19.75 20.87 -2.32
C SER D 250 -20.58 21.91 -1.56
N PHE D 251 -19.89 22.80 -0.84
CA PHE D 251 -20.56 23.78 0.01
C PHE D 251 -20.66 25.15 -0.68
N VAL D 252 -21.89 25.58 -0.95
CA VAL D 252 -22.12 26.88 -1.57
C VAL D 252 -22.09 27.97 -0.51
N TYR D 253 -20.89 28.30 -0.04
CA TYR D 253 -20.70 29.27 1.03
C TYR D 253 -19.23 29.67 1.09
N SER D 254 -18.96 30.92 1.42
CA SER D 254 -17.60 31.45 1.33
C SER D 254 -16.96 31.78 2.68
N GLY D 255 -17.63 31.43 3.77
CA GLY D 255 -17.11 31.71 5.09
C GLY D 255 -16.60 30.46 5.79
N ASN D 256 -16.74 30.42 7.11
CA ASN D 256 -16.35 29.25 7.90
C ASN D 256 -17.15 28.04 7.47
N PHE D 257 -16.51 26.87 7.48
CA PHE D 257 -17.20 25.63 7.14
C PHE D 257 -16.64 24.42 7.86
N LEU D 258 -17.47 23.39 7.98
CA LEU D 258 -17.02 22.10 8.46
C LEU D 258 -17.47 21.03 7.48
N ALA D 259 -16.53 20.18 7.06
CA ALA D 259 -16.84 19.06 6.18
C ALA D 259 -16.35 17.78 6.85
N GLN D 260 -17.25 17.10 7.53
CA GLN D 260 -16.87 16.01 8.43
C GLN D 260 -17.38 14.65 7.98
N ILE D 261 -16.57 13.62 8.20
CA ILE D 261 -16.98 12.24 7.98
C ILE D 261 -16.69 11.43 9.23
N GLU D 262 -17.73 10.88 9.84
CA GLU D 262 -17.57 10.08 11.05
C GLU D 262 -18.00 8.63 10.85
N VAL D 263 -17.08 7.70 11.12
CA VAL D 263 -17.37 6.28 11.03
C VAL D 263 -17.52 5.70 12.44
N ASP D 264 -18.67 5.10 12.72
CA ASP D 264 -18.98 4.63 14.06
C ASP D 264 -18.68 3.14 14.28
N GLN D 265 -19.10 2.63 15.42
CA GLN D 265 -18.81 1.26 15.84
C GLN D 265 -19.40 0.19 14.93
N PHE D 266 -20.38 0.57 14.12
CA PHE D 266 -21.07 -0.39 13.27
C PHE D 266 -20.79 -0.16 11.78
N GLY D 267 -19.71 0.53 11.50
CA GLY D 267 -19.26 0.71 10.13
C GLY D 267 -20.15 1.57 9.25
N THR D 268 -20.90 2.48 9.87
CA THR D 268 -21.68 3.45 9.10
C THR D 268 -20.90 4.76 9.02
N ALA D 269 -21.08 5.48 7.92
CA ALA D 269 -20.34 6.71 7.70
C ALA D 269 -21.26 7.91 7.62
N ARG D 270 -21.11 8.83 8.56
CA ARG D 270 -21.93 10.05 8.57
C ARG D 270 -21.18 11.21 7.95
N VAL D 271 -21.67 11.70 6.82
CA VAL D 271 -21.12 12.87 6.18
C VAL D 271 -21.98 14.09 6.49
N SER D 272 -21.37 15.11 7.09
CA SER D 272 -22.10 16.32 7.44
C SER D 272 -21.32 17.56 7.01
N MET D 273 -22.02 18.52 6.42
CA MET D 273 -21.38 19.71 5.89
C MET D 273 -22.23 20.96 6.16
N GLY D 274 -21.56 22.06 6.47
CA GLY D 274 -22.24 23.30 6.75
C GLY D 274 -21.31 24.32 7.38
N ILE D 275 -21.90 25.37 7.94
CA ILE D 275 -21.13 26.40 8.63
C ILE D 275 -20.40 25.78 9.82
N ASN D 276 -19.14 26.17 10.00
CA ASN D 276 -18.33 25.67 11.10
C ASN D 276 -18.95 26.00 12.45
N PRO D 277 -19.32 24.97 13.23
CA PRO D 277 -19.93 25.16 14.54
C PRO D 277 -18.97 25.85 15.52
N PHE D 278 -17.68 25.70 15.29
CA PHE D 278 -16.67 26.30 16.16
C PHE D 278 -16.75 27.83 16.18
N ASP D 279 -16.78 28.39 17.38
CA ASP D 279 -16.89 29.84 17.58
C ASP D 279 -18.15 30.38 16.91
N PHE D 280 -19.20 29.56 16.86
CA PHE D 280 -20.44 29.91 16.19
C PHE D 280 -21.67 29.62 17.03
N THR D 281 -22.47 30.65 17.28
CA THR D 281 -23.82 30.48 17.82
C THR D 281 -24.76 31.40 17.06
N TRP D 282 -26.05 31.08 17.08
CA TRP D 282 -27.06 31.96 16.50
C TRP D 282 -28.31 32.01 17.37
N LEU D 283 -28.61 33.19 17.89
CA LEU D 283 -29.76 33.38 18.75
C LEU D 283 -31.04 33.56 17.93
N LEU D 284 -32.06 32.75 18.24
CA LEU D 284 -33.35 32.88 17.59
C LEU D 284 -34.42 33.33 18.57
N GLN D 285 -34.80 34.60 18.48
CA GLN D 285 -35.93 35.11 19.25
C GLN D 285 -37.20 34.46 18.70
N PRO D 286 -38.27 34.43 19.51
CA PRO D 286 -39.56 33.94 19.01
C PRO D 286 -39.96 34.66 17.73
N GLY D 287 -40.10 33.90 16.64
CA GLY D 287 -40.47 34.48 15.36
C GLY D 287 -39.32 34.53 14.37
N GLU D 288 -38.10 34.50 14.88
CA GLU D 288 -36.92 34.59 14.03
C GLU D 288 -36.58 33.24 13.37
N SER D 289 -35.82 33.31 12.28
CA SER D 289 -35.48 32.10 11.53
C SER D 289 -34.00 32.09 11.15
N PHE D 290 -33.55 30.96 10.61
CA PHE D 290 -32.17 30.83 10.14
C PHE D 290 -32.08 29.91 8.93
N GLN D 291 -31.62 30.46 7.81
CA GLN D 291 -31.44 29.69 6.58
C GLN D 291 -29.98 29.32 6.38
N THR D 292 -29.70 28.02 6.33
CA THR D 292 -28.34 27.56 6.09
C THR D 292 -28.05 27.60 4.59
N PRO D 293 -26.77 27.74 4.22
CA PRO D 293 -26.43 27.63 2.80
C PRO D 293 -26.69 26.21 2.31
N GLU D 294 -26.73 26.01 1.00
CA GLU D 294 -26.99 24.67 0.46
C GLU D 294 -25.70 23.89 0.24
N VAL D 295 -25.82 22.57 0.23
CA VAL D 295 -24.70 21.71 -0.16
C VAL D 295 -25.08 20.92 -1.40
N VAL D 296 -24.28 21.05 -2.44
CA VAL D 296 -24.55 20.36 -3.70
C VAL D 296 -23.93 18.97 -3.72
N MET D 297 -24.78 17.95 -3.83
CA MET D 297 -24.33 16.57 -3.82
C MET D 297 -24.39 15.95 -5.21
N VAL D 298 -23.29 15.33 -5.63
CA VAL D 298 -23.22 14.71 -6.94
C VAL D 298 -22.80 13.25 -6.84
N TYR D 299 -23.64 12.37 -7.39
CA TYR D 299 -23.26 10.97 -7.52
C TYR D 299 -22.77 10.69 -8.94
N SER D 300 -21.79 9.81 -9.05
CA SER D 300 -21.32 9.36 -10.35
C SER D 300 -20.72 7.98 -10.24
N ASP D 301 -21.02 7.12 -11.21
CA ASP D 301 -20.37 5.82 -11.32
C ASP D 301 -19.38 5.89 -12.48
N GLN D 302 -19.15 7.11 -12.96
CA GLN D 302 -18.24 7.35 -14.07
C GLN D 302 -16.89 7.88 -13.57
N GLY D 303 -16.57 7.59 -12.30
CA GLY D 303 -15.32 8.03 -11.73
C GLY D 303 -15.29 9.52 -11.42
N LEU D 304 -14.09 10.04 -11.21
CA LEU D 304 -13.90 11.44 -10.84
C LEU D 304 -14.31 12.43 -11.96
N ASN D 305 -13.98 12.09 -13.20
CA ASN D 305 -14.35 12.95 -14.33
C ASN D 305 -15.85 13.11 -14.46
N GLY D 306 -16.58 12.02 -14.19
CA GLY D 306 -18.03 12.06 -14.23
C GLY D 306 -18.61 13.04 -13.23
N MET D 307 -18.08 13.00 -12.01
CA MET D 307 -18.52 13.92 -10.95
C MET D 307 -18.21 15.36 -11.33
N SER D 308 -17.00 15.61 -11.79
CA SER D 308 -16.55 16.95 -12.13
C SER D 308 -17.36 17.56 -13.25
N GLN D 309 -17.60 16.78 -14.29
CA GLN D 309 -18.35 17.26 -15.46
C GLN D 309 -19.79 17.62 -15.10
N THR D 310 -20.33 16.95 -14.09
CA THR D 310 -21.63 17.30 -13.55
C THR D 310 -21.56 18.66 -12.88
N TYR D 311 -20.54 18.85 -12.03
CA TYR D 311 -20.36 20.11 -11.33
C TYR D 311 -20.10 21.26 -12.30
N HIS D 312 -19.33 20.98 -13.35
CA HIS D 312 -18.97 22.00 -14.33
C HIS D 312 -20.18 22.61 -15.01
N GLU D 313 -21.04 21.75 -15.57
CA GLU D 313 -22.24 22.21 -16.25
C GLU D 313 -23.18 22.95 -15.30
N LEU D 314 -23.39 22.37 -14.12
CA LEU D 314 -24.28 22.94 -13.12
C LEU D 314 -23.82 24.32 -12.67
N TYR D 315 -22.54 24.43 -12.32
CA TYR D 315 -22.01 25.68 -11.79
C TYR D 315 -21.85 26.78 -12.85
N ARG D 316 -21.50 26.37 -14.07
CA ARG D 316 -21.30 27.32 -15.15
C ARG D 316 -22.63 27.85 -15.70
N THR D 317 -23.67 27.02 -15.66
CA THR D 317 -24.93 27.38 -16.30
C THR D 317 -26.06 27.69 -15.31
N ARG D 318 -25.99 27.13 -14.11
CA ARG D 318 -27.07 27.30 -13.14
C ARG D 318 -26.59 27.72 -11.76
N LEU D 319 -25.44 28.39 -11.70
CA LEU D 319 -24.96 28.98 -10.46
C LEU D 319 -24.38 30.36 -10.75
N ALA D 320 -23.44 30.40 -11.70
CA ALA D 320 -22.91 31.66 -12.20
C ALA D 320 -24.04 32.43 -12.85
N ARG D 321 -23.96 33.76 -12.81
CA ARG D 321 -25.03 34.59 -13.34
C ARG D 321 -24.49 35.72 -14.20
N GLY D 322 -25.32 36.74 -14.40
CA GLY D 322 -24.92 37.92 -15.13
C GLY D 322 -25.00 37.74 -16.64
N ALA D 323 -24.60 38.78 -17.36
CA ALA D 323 -24.66 38.77 -18.81
C ALA D 323 -23.53 37.96 -19.42
N PHE D 324 -22.50 37.68 -18.63
CA PHE D 324 -21.31 37.00 -19.13
C PHE D 324 -21.29 35.51 -18.77
N ARG D 325 -22.40 35.01 -18.24
CA ARG D 325 -22.50 33.61 -17.81
C ARG D 325 -22.17 32.65 -18.95
N ASP D 326 -22.76 32.89 -20.11
CA ASP D 326 -22.59 32.01 -21.26
C ASP D 326 -21.65 32.61 -22.29
N ARG D 327 -21.14 33.81 -22.01
CA ARG D 327 -20.26 34.51 -22.93
C ARG D 327 -18.79 34.10 -22.76
N GLU D 328 -18.06 34.12 -23.88
CA GLU D 328 -16.63 33.84 -23.86
C GLU D 328 -15.90 34.92 -23.06
N ARG D 329 -14.92 34.51 -22.28
CA ARG D 329 -14.21 35.44 -21.41
C ARG D 329 -13.02 36.07 -22.13
N PRO D 330 -12.79 37.37 -21.90
CA PRO D 330 -11.76 38.15 -22.60
C PRO D 330 -10.34 37.75 -22.19
N ILE D 331 -9.42 37.78 -23.15
CA ILE D 331 -8.01 37.59 -22.87
C ILE D 331 -7.45 38.91 -22.35
N LEU D 332 -6.98 38.91 -21.10
CA LEU D 332 -6.59 40.15 -20.45
C LEU D 332 -5.10 40.25 -20.17
N ILE D 333 -4.68 41.44 -19.74
CA ILE D 333 -3.31 41.66 -19.27
C ILE D 333 -3.33 42.37 -17.93
N ASN D 334 -2.77 41.74 -16.92
CA ASN D 334 -2.70 42.32 -15.58
C ASN D 334 -1.28 42.80 -15.29
N ASN D 335 -1.16 43.93 -14.61
CA ASN D 335 0.15 44.55 -14.39
C ASN D 335 0.76 44.27 -13.02
N TRP D 336 0.11 43.39 -12.24
CA TRP D 336 0.54 43.14 -10.87
C TRP D 336 1.97 42.58 -10.79
N GLU D 337 2.20 41.43 -11.40
CA GLU D 337 3.54 40.84 -11.41
C GLU D 337 4.49 41.68 -12.28
N ALA D 338 3.91 42.49 -13.15
CA ALA D 338 4.69 43.31 -14.08
C ALA D 338 5.30 44.53 -13.39
N THR D 339 4.47 45.29 -12.68
CA THR D 339 4.89 46.57 -12.14
C THR D 339 4.68 46.67 -10.63
N TYR D 340 3.78 45.85 -10.11
CA TYR D 340 3.34 45.95 -8.72
C TYR D 340 2.80 47.35 -8.42
N PHE D 341 3.31 47.97 -7.35
CA PHE D 341 2.85 49.30 -6.98
C PHE D 341 3.57 50.39 -7.76
N ASP D 342 4.64 50.00 -8.46
CA ASP D 342 5.46 50.97 -9.18
C ASP D 342 5.00 51.13 -10.62
N PHE D 343 4.01 52.00 -10.82
CA PHE D 343 3.49 52.29 -12.15
C PHE D 343 2.91 53.70 -12.21
N ASN D 344 2.59 54.15 -13.41
CA ASN D 344 1.85 55.39 -13.61
C ASN D 344 1.00 55.32 -14.87
N GLU D 345 0.21 56.37 -15.11
CA GLU D 345 -0.68 56.38 -16.26
C GLU D 345 0.09 56.24 -17.56
N GLU D 346 1.15 57.03 -17.71
CA GLU D 346 1.97 57.05 -18.91
C GLU D 346 2.53 55.66 -19.27
N LYS D 347 3.00 54.93 -18.26
CA LYS D 347 3.56 53.61 -18.47
C LYS D 347 2.51 52.63 -18.99
N ILE D 348 1.30 52.74 -18.44
CA ILE D 348 0.22 51.81 -18.77
C ILE D 348 -0.36 52.03 -20.17
N VAL D 349 -0.65 53.27 -20.50
CA VAL D 349 -1.25 53.60 -21.80
C VAL D 349 -0.28 53.38 -22.95
N ASN D 350 0.98 53.74 -22.75
CA ASN D 350 1.98 53.59 -23.80
C ASN D 350 2.21 52.14 -24.23
N ILE D 351 2.17 51.23 -23.25
CA ILE D 351 2.37 49.82 -23.54
C ILE D 351 1.07 49.16 -24.01
N ALA D 352 -0.04 49.86 -23.82
CA ALA D 352 -1.35 49.34 -24.21
C ALA D 352 -1.46 49.09 -25.70
N ARG D 353 -0.80 49.93 -26.50
CA ARG D 353 -0.84 49.78 -27.95
C ARG D 353 -0.13 48.50 -28.38
N THR D 354 0.93 48.14 -27.68
CA THR D 354 1.63 46.90 -27.93
C THR D 354 0.73 45.73 -27.59
N GLU D 355 0.04 45.83 -26.45
CA GLU D 355 -0.89 44.81 -26.01
C GLU D 355 -2.01 44.62 -27.04
N ALA D 356 -2.46 45.73 -27.62
CA ALA D 356 -3.50 45.68 -28.65
C ALA D 356 -3.01 44.99 -29.92
N GLU D 357 -1.75 45.22 -30.26
CA GLU D 357 -1.14 44.59 -31.43
C GLU D 357 -1.06 43.08 -31.25
N LEU D 358 -0.92 42.65 -30.00
CA LEU D 358 -0.76 41.24 -29.69
C LEU D 358 -2.09 40.49 -29.66
N GLY D 359 -3.19 41.24 -29.70
CA GLY D 359 -4.51 40.64 -29.75
C GLY D 359 -5.20 40.58 -28.39
N ILE D 360 -4.59 41.21 -27.38
CA ILE D 360 -5.19 41.29 -26.06
C ILE D 360 -6.50 42.06 -26.14
N GLU D 361 -7.48 41.66 -25.35
CA GLU D 361 -8.81 42.27 -25.40
C GLU D 361 -9.11 43.16 -24.19
N LEU D 362 -8.40 42.93 -23.09
CA LEU D 362 -8.69 43.63 -21.84
C LEU D 362 -7.43 44.06 -21.10
N VAL D 363 -7.43 45.30 -20.62
CA VAL D 363 -6.34 45.81 -19.79
C VAL D 363 -6.86 46.00 -18.36
N VAL D 364 -6.27 45.28 -17.42
CA VAL D 364 -6.70 45.37 -16.03
C VAL D 364 -5.67 46.11 -15.18
N LEU D 365 -6.11 47.19 -14.56
CA LEU D 365 -5.25 47.93 -13.63
C LEU D 365 -5.39 47.32 -12.24
N ASP D 366 -4.28 46.80 -11.72
CA ASP D 366 -4.31 46.13 -10.43
C ASP D 366 -4.10 47.11 -9.26
N ASP D 367 -3.69 46.57 -8.12
CA ASP D 367 -3.58 47.34 -6.88
C ASP D 367 -2.56 48.47 -6.97
N GLY D 368 -2.89 49.61 -6.37
CA GLY D 368 -1.96 50.73 -6.29
C GLY D 368 -2.43 52.02 -6.92
N TRP D 369 -3.67 52.06 -7.36
CA TRP D 369 -4.19 53.21 -8.11
C TRP D 369 -4.87 54.25 -7.23
N PHE D 370 -5.06 53.91 -5.95
CA PHE D 370 -5.87 54.74 -5.06
C PHE D 370 -5.06 55.31 -3.89
N GLY D 371 -5.50 56.45 -3.37
CA GLY D 371 -4.87 57.08 -2.23
C GLY D 371 -3.36 57.24 -2.37
N GLU D 372 -2.65 56.79 -1.35
CA GLU D 372 -1.19 56.75 -1.42
C GLU D 372 -0.70 55.30 -1.42
N ARG D 373 -1.41 54.46 -2.18
CA ARG D 373 -1.08 53.04 -2.26
C ARG D 373 0.19 52.81 -3.08
N ASP D 374 1.34 53.14 -2.49
CA ASP D 374 2.62 52.85 -3.12
C ASP D 374 3.25 51.62 -2.50
N ASP D 375 2.57 51.09 -1.48
CA ASP D 375 2.92 49.80 -0.89
C ASP D 375 1.67 49.14 -0.33
N ASP D 376 1.84 47.99 0.33
CA ASP D 376 0.70 47.28 0.89
C ASP D 376 0.50 47.61 2.37
N ARG D 377 0.62 48.89 2.69
CA ARG D 377 0.52 49.34 4.08
C ARG D 377 -0.43 50.51 4.26
N ARG D 378 -1.09 50.94 3.18
CA ARG D 378 -1.85 52.18 3.21
C ARG D 378 -3.13 52.15 2.39
N SER D 379 -4.01 53.10 2.69
CA SER D 379 -5.06 53.56 1.76
C SER D 379 -6.25 52.64 1.49
N LEU D 380 -6.25 51.44 2.06
CA LEU D 380 -7.43 50.58 1.93
C LEU D 380 -8.62 51.22 2.63
N GLY D 381 -9.68 51.48 1.87
CA GLY D 381 -10.84 52.17 2.39
C GLY D 381 -10.98 53.55 1.76
N ASP D 382 -9.85 54.08 1.29
CA ASP D 382 -9.83 55.35 0.59
C ASP D 382 -9.81 55.11 -0.92
N TRP D 383 -11.00 54.89 -1.49
CA TRP D 383 -11.10 54.55 -2.90
C TRP D 383 -11.20 55.79 -3.79
N ILE D 384 -10.20 56.66 -3.65
CA ILE D 384 -10.09 57.85 -4.48
C ILE D 384 -8.83 57.72 -5.34
N VAL D 385 -8.95 58.01 -6.63
CA VAL D 385 -7.84 57.86 -7.56
C VAL D 385 -6.66 58.78 -7.24
N ASN D 386 -5.47 58.19 -7.19
CA ASN D 386 -4.25 58.96 -6.99
C ASN D 386 -3.94 59.79 -8.23
N ARG D 387 -4.12 61.11 -8.12
CA ARG D 387 -3.91 62.00 -9.26
C ARG D 387 -2.43 62.20 -9.56
N ARG D 388 -1.57 61.87 -8.61
CA ARG D 388 -0.12 61.97 -8.84
C ARG D 388 0.36 60.79 -9.66
N LYS D 389 -0.25 59.63 -9.45
CA LYS D 389 0.10 58.42 -10.19
C LYS D 389 -0.72 58.32 -11.47
N LEU D 390 -1.95 58.82 -11.42
CA LEU D 390 -2.84 58.82 -12.56
C LEU D 390 -3.44 60.21 -12.76
N PRO D 391 -2.69 61.10 -13.44
CA PRO D 391 -3.04 62.52 -13.63
C PRO D 391 -4.43 62.75 -14.22
N ASN D 392 -4.87 61.87 -15.12
CA ASN D 392 -6.17 62.03 -15.76
C ASN D 392 -7.25 61.16 -15.15
N GLY D 393 -6.95 60.57 -13.99
CA GLY D 393 -7.91 59.77 -13.26
C GLY D 393 -8.29 58.47 -13.94
N LEU D 394 -9.28 57.77 -13.36
CA LEU D 394 -9.77 56.52 -13.92
C LEU D 394 -10.45 56.74 -15.27
N ASP D 395 -11.19 57.85 -15.37
CA ASP D 395 -11.91 58.18 -16.59
C ASP D 395 -10.94 58.41 -17.75
N GLY D 396 -9.88 59.16 -17.49
CA GLY D 396 -8.88 59.45 -18.50
C GLY D 396 -8.16 58.20 -18.97
N LEU D 397 -7.70 57.39 -18.02
CA LEU D 397 -6.99 56.15 -18.34
C LEU D 397 -7.88 55.19 -19.12
N ALA D 398 -9.13 55.08 -18.71
CA ALA D 398 -10.09 54.18 -19.35
C ALA D 398 -10.33 54.54 -20.81
N LYS D 399 -10.48 55.84 -21.08
CA LYS D 399 -10.70 56.32 -22.44
C LYS D 399 -9.47 56.07 -23.32
N GLN D 400 -8.29 56.30 -22.75
CA GLN D 400 -7.04 56.09 -23.47
C GLN D 400 -6.84 54.62 -23.82
N VAL D 401 -7.37 53.75 -22.97
CA VAL D 401 -7.30 52.31 -23.21
C VAL D 401 -8.37 51.87 -24.23
N ASN D 402 -9.56 52.46 -24.11
CA ASN D 402 -10.66 52.13 -25.01
C ASN D 402 -10.39 52.46 -26.47
N GLU D 403 -9.76 53.61 -26.71
CA GLU D 403 -9.51 54.08 -28.07
C GLU D 403 -8.52 53.19 -28.83
N LEU D 404 -7.78 52.37 -28.08
CA LEU D 404 -6.85 51.42 -28.68
C LEU D 404 -7.51 50.06 -28.90
N GLY D 405 -8.83 50.02 -28.74
CA GLY D 405 -9.58 48.80 -28.97
C GLY D 405 -9.50 47.82 -27.80
N LEU D 406 -9.28 48.36 -26.61
CA LEU D 406 -9.12 47.53 -25.42
C LEU D 406 -10.15 47.87 -24.35
N GLN D 407 -10.63 46.85 -23.65
CA GLN D 407 -11.52 47.08 -22.51
C GLN D 407 -10.69 47.45 -21.29
N PHE D 408 -11.30 48.18 -20.36
CA PHE D 408 -10.60 48.60 -19.15
C PHE D 408 -11.18 47.94 -17.90
N GLY D 409 -10.29 47.41 -17.06
CA GLY D 409 -10.69 46.76 -15.84
C GLY D 409 -10.05 47.38 -14.61
N LEU D 410 -10.69 47.18 -13.44
CA LEU D 410 -10.22 47.80 -12.21
C LEU D 410 -10.17 46.80 -11.04
N TRP D 411 -9.20 47.03 -10.15
CA TRP D 411 -9.00 46.19 -8.98
C TRP D 411 -9.56 46.87 -7.73
N VAL D 412 -10.24 46.11 -6.88
CA VAL D 412 -10.75 46.63 -5.63
C VAL D 412 -10.67 45.61 -4.49
N GLU D 413 -10.67 46.10 -3.26
CA GLU D 413 -10.68 45.25 -2.07
C GLU D 413 -11.53 45.92 -0.99
N PRO D 414 -12.86 45.99 -1.20
CA PRO D 414 -13.76 46.80 -0.38
C PRO D 414 -14.02 46.26 1.03
N GLU D 415 -13.65 45.01 1.30
CA GLU D 415 -13.90 44.41 2.60
C GLU D 415 -12.82 44.78 3.60
N MET D 416 -11.86 45.58 3.17
CA MET D 416 -10.69 45.86 3.98
C MET D 416 -10.46 47.36 4.24
N VAL D 417 -9.84 47.65 5.38
CA VAL D 417 -9.48 49.03 5.72
C VAL D 417 -8.07 49.07 6.30
N SER D 418 -7.30 50.06 5.91
CA SER D 418 -5.96 50.24 6.45
C SER D 418 -6.02 51.16 7.66
N PRO D 419 -5.29 50.82 8.72
CA PRO D 419 -5.14 51.70 9.88
C PRO D 419 -4.64 53.08 9.45
N ASN D 420 -3.71 53.09 8.50
CA ASN D 420 -3.23 54.33 7.91
C ASN D 420 -4.07 54.71 6.69
N SER D 421 -5.26 55.24 6.94
CA SER D 421 -6.15 55.68 5.87
C SER D 421 -7.14 56.70 6.41
N GLU D 422 -7.73 57.49 5.51
CA GLU D 422 -8.70 58.50 5.89
C GLU D 422 -9.93 57.87 6.52
N LEU D 423 -10.36 56.74 5.96
CA LEU D 423 -11.56 56.05 6.42
C LEU D 423 -11.43 55.56 7.87
N TYR D 424 -10.30 54.94 8.19
CA TYR D 424 -10.10 54.39 9.53
C TYR D 424 -9.95 55.47 10.59
N ARG D 425 -9.39 56.61 10.21
CA ARG D 425 -9.27 57.74 11.13
C ARG D 425 -10.63 58.37 11.38
N LYS D 426 -11.55 58.21 10.42
CA LYS D 426 -12.90 58.73 10.55
C LYS D 426 -13.81 57.72 11.25
N HIS D 427 -13.58 56.44 11.00
CA HIS D 427 -14.41 55.38 11.59
C HIS D 427 -13.59 54.22 12.10
N PRO D 428 -12.85 54.42 13.21
CA PRO D 428 -11.97 53.38 13.75
C PRO D 428 -12.72 52.12 14.19
N ASP D 429 -13.94 52.28 14.70
CA ASP D 429 -14.69 51.13 15.18
C ASP D 429 -15.60 50.52 14.10
N TRP D 430 -15.23 50.73 12.83
CA TRP D 430 -15.95 50.15 11.70
C TRP D 430 -15.37 48.81 11.31
N CYS D 431 -14.29 48.41 11.98
CA CYS D 431 -13.62 47.16 11.69
C CYS D 431 -14.11 46.05 12.61
N LEU D 432 -13.80 44.81 12.25
CA LEU D 432 -14.06 43.68 13.14
C LEU D 432 -13.12 43.76 14.31
N HIS D 433 -13.67 43.84 15.52
CA HIS D 433 -12.86 43.99 16.72
C HIS D 433 -13.62 43.55 17.96
N VAL D 434 -12.89 43.43 19.06
CA VAL D 434 -13.50 43.12 20.35
C VAL D 434 -12.95 44.11 21.37
N PRO D 435 -13.76 44.44 22.39
CA PRO D 435 -13.40 45.47 23.38
C PRO D 435 -12.05 45.26 24.04
N ASN D 436 -11.22 46.32 24.05
CA ASN D 436 -9.97 46.37 24.81
C ASN D 436 -8.89 45.37 24.39
N ARG D 437 -9.06 44.76 23.22
CA ARG D 437 -8.06 43.83 22.71
C ARG D 437 -7.27 44.46 21.57
N PRO D 438 -5.97 44.17 21.49
CA PRO D 438 -5.11 44.63 20.39
C PRO D 438 -5.70 44.20 19.06
N ARG D 439 -5.76 45.12 18.11
CA ARG D 439 -6.33 44.83 16.80
C ARG D 439 -5.28 44.29 15.85
N SER D 440 -5.16 42.96 15.82
CA SER D 440 -4.15 42.29 14.99
C SER D 440 -4.35 42.61 13.52
N GLU D 441 -3.24 42.71 12.78
CA GLU D 441 -3.30 43.05 11.37
C GLU D 441 -2.74 41.93 10.52
N GLY D 442 -3.35 41.74 9.34
CA GLY D 442 -2.83 40.84 8.34
C GLY D 442 -2.49 41.66 7.12
N ARG D 443 -1.23 41.63 6.71
CA ARG D 443 -0.74 42.47 5.62
C ARG D 443 -1.01 43.95 5.92
N ASN D 444 -0.78 44.34 7.18
CA ASN D 444 -0.94 45.72 7.62
C ASN D 444 -2.33 46.32 7.39
N GLN D 445 -3.36 45.48 7.46
CA GLN D 445 -4.72 45.96 7.25
C GLN D 445 -5.71 45.28 8.20
N LEU D 446 -6.90 45.85 8.30
CA LEU D 446 -7.96 45.30 9.14
C LEU D 446 -9.18 44.95 8.31
N VAL D 447 -10.07 44.14 8.85
CA VAL D 447 -11.27 43.72 8.14
C VAL D 447 -12.48 44.57 8.53
N LEU D 448 -13.16 45.13 7.54
CA LEU D 448 -14.35 45.94 7.77
C LEU D 448 -15.53 45.10 8.26
N ASP D 449 -16.31 45.66 9.18
CA ASP D 449 -17.44 44.96 9.77
C ASP D 449 -18.63 44.95 8.81
N TYR D 450 -18.73 43.89 8.02
CA TYR D 450 -19.83 43.78 7.05
C TYR D 450 -21.12 43.29 7.70
N SER D 451 -21.11 43.09 9.02
CA SER D 451 -22.32 42.74 9.75
C SER D 451 -23.14 44.00 10.01
N ARG D 452 -22.46 45.15 9.99
CA ARG D 452 -23.12 46.43 10.18
C ARG D 452 -23.75 46.91 8.89
N GLU D 453 -24.93 47.51 8.99
CA GLU D 453 -25.66 47.98 7.81
C GLU D 453 -25.06 49.25 7.23
N ASP D 454 -24.61 50.15 8.09
CA ASP D 454 -24.00 51.41 7.64
C ASP D 454 -22.71 51.17 6.87
N VAL D 455 -21.93 50.18 7.32
CA VAL D 455 -20.69 49.83 6.66
C VAL D 455 -20.97 49.32 5.24
N CYS D 456 -21.91 48.38 5.14
CA CYS D 456 -22.30 47.83 3.84
C CYS D 456 -22.85 48.92 2.92
N ASP D 457 -23.75 49.74 3.46
CA ASP D 457 -24.37 50.82 2.69
C ASP D 457 -23.34 51.79 2.13
N TYR D 458 -22.32 52.09 2.93
CA TYR D 458 -21.25 52.98 2.48
C TYR D 458 -20.49 52.37 1.32
N ILE D 459 -20.11 51.10 1.46
CA ILE D 459 -19.39 50.37 0.41
C ILE D 459 -20.21 50.29 -0.88
N ILE D 460 -21.52 50.04 -0.73
CA ILE D 460 -22.41 49.96 -1.88
C ILE D 460 -22.32 51.21 -2.74
N GLU D 461 -22.51 52.37 -2.11
CA GLU D 461 -22.51 53.63 -2.84
C GLU D 461 -21.11 54.03 -3.29
N THR D 462 -20.12 53.84 -2.42
CA THR D 462 -18.75 54.24 -2.71
C THR D 462 -18.19 53.51 -3.93
N ILE D 463 -18.30 52.18 -3.93
CA ILE D 463 -17.75 51.37 -5.00
C ILE D 463 -18.53 51.55 -6.31
N SER D 464 -19.86 51.55 -6.22
CA SER D 464 -20.71 51.69 -7.40
C SER D 464 -20.42 52.99 -8.15
N ASN D 465 -20.19 54.07 -7.40
CA ASN D 465 -19.87 55.36 -8.00
C ASN D 465 -18.53 55.35 -8.72
N VAL D 466 -17.54 54.71 -8.10
CA VAL D 466 -16.22 54.60 -8.69
C VAL D 466 -16.29 53.79 -9.99
N LEU D 467 -17.02 52.69 -9.95
CA LEU D 467 -17.15 51.80 -11.10
C LEU D 467 -18.04 52.41 -12.19
N ALA D 468 -18.72 53.50 -11.85
CA ALA D 468 -19.58 54.19 -12.83
C ALA D 468 -18.99 55.53 -13.25
N SER D 469 -17.82 55.86 -12.71
CA SER D 469 -17.16 57.11 -13.04
C SER D 469 -16.26 56.96 -14.26
N ALA D 470 -16.16 55.73 -14.76
CA ALA D 470 -15.29 55.43 -15.89
C ALA D 470 -15.84 54.22 -16.66
N PRO D 471 -15.62 54.19 -17.98
CA PRO D 471 -16.07 53.06 -18.79
C PRO D 471 -15.36 51.76 -18.42
N ILE D 472 -15.73 51.20 -17.27
CA ILE D 472 -15.13 49.99 -16.75
C ILE D 472 -16.04 48.79 -17.03
N THR D 473 -15.50 47.76 -17.67
CA THR D 473 -16.28 46.58 -18.00
C THR D 473 -15.73 45.31 -17.37
N TYR D 474 -14.84 45.48 -16.40
CA TYR D 474 -14.24 44.34 -15.70
C TYR D 474 -13.78 44.78 -14.31
N VAL D 475 -14.10 43.97 -13.31
CA VAL D 475 -13.69 44.26 -11.94
C VAL D 475 -13.10 43.04 -11.26
N LYS D 476 -11.91 43.21 -10.69
CA LYS D 476 -11.27 42.16 -9.91
C LYS D 476 -11.46 42.47 -8.42
N TRP D 477 -12.33 41.71 -7.78
CA TRP D 477 -12.62 41.89 -6.36
C TRP D 477 -11.68 41.03 -5.52
N ASP D 478 -10.76 41.69 -4.82
CA ASP D 478 -9.72 41.00 -4.07
C ASP D 478 -9.99 41.00 -2.57
N MET D 479 -9.26 40.17 -1.83
CA MET D 479 -9.46 40.02 -0.39
C MET D 479 -8.24 39.33 0.23
N ASN D 480 -7.37 40.12 0.87
CA ASN D 480 -6.06 39.62 1.27
C ASN D 480 -5.82 39.42 2.77
N ARG D 481 -6.85 39.04 3.51
CA ARG D 481 -6.68 38.83 4.94
C ARG D 481 -7.76 37.92 5.53
N HIS D 482 -7.39 37.13 6.52
CA HIS D 482 -8.36 36.35 7.28
C HIS D 482 -8.61 37.02 8.62
N MET D 483 -9.87 37.01 9.06
CA MET D 483 -10.29 37.80 10.20
C MET D 483 -9.77 37.31 11.55
N THR D 484 -9.44 38.25 12.42
CA THR D 484 -9.08 37.97 13.80
C THR D 484 -9.83 38.94 14.71
N GLU D 485 -9.86 38.63 16.01
CA GLU D 485 -10.65 39.41 16.97
C GLU D 485 -12.09 39.57 16.48
N ILE D 486 -12.70 38.45 16.08
CA ILE D 486 -14.04 38.46 15.48
C ILE D 486 -15.09 38.98 16.45
N GLY D 487 -15.57 40.20 16.19
CA GLY D 487 -16.58 40.82 17.00
C GLY D 487 -17.15 42.06 16.34
N SER D 488 -18.23 42.59 16.92
CA SER D 488 -18.89 43.77 16.37
C SER D 488 -19.41 44.68 17.48
N SER D 489 -19.30 45.99 17.28
CA SER D 489 -19.77 46.96 18.25
C SER D 489 -21.29 47.13 18.17
N ALA D 490 -21.85 46.82 17.01
CA ALA D 490 -23.29 46.98 16.79
C ALA D 490 -24.06 45.70 17.12
N LEU D 491 -23.43 44.80 17.87
CA LEU D 491 -24.08 43.56 18.27
C LEU D 491 -24.01 43.35 19.78
N PRO D 492 -25.13 42.91 20.38
CA PRO D 492 -25.19 42.58 21.81
C PRO D 492 -24.30 41.36 22.10
N PRO D 493 -23.90 41.18 23.37
CA PRO D 493 -23.02 40.07 23.77
C PRO D 493 -23.54 38.70 23.33
N GLU D 494 -24.85 38.48 23.41
CA GLU D 494 -25.42 37.18 23.09
C GLU D 494 -25.48 36.88 21.60
N ARG D 495 -25.14 37.88 20.78
CA ARG D 495 -25.12 37.70 19.33
C ARG D 495 -23.71 37.88 18.76
N GLN D 496 -22.73 38.03 19.63
CA GLN D 496 -21.36 38.28 19.21
C GLN D 496 -20.76 37.17 18.36
N ARG D 497 -21.21 35.93 18.60
CA ARG D 497 -20.71 34.77 17.87
C ARG D 497 -21.32 34.67 16.47
N GLU D 498 -22.26 35.57 16.16
CA GLU D 498 -22.90 35.60 14.86
C GLU D 498 -22.14 36.49 13.88
N THR D 499 -21.10 37.13 14.40
CA THR D 499 -20.36 38.14 13.63
C THR D 499 -19.83 37.63 12.29
N ALA D 500 -19.14 36.50 12.33
CA ALA D 500 -18.50 35.94 11.14
C ALA D 500 -19.52 35.62 10.04
N HIS D 501 -20.66 35.06 10.42
CA HIS D 501 -21.66 34.69 9.43
C HIS D 501 -22.44 35.90 8.93
N ARG D 502 -22.77 36.81 9.85
CA ARG D 502 -23.44 38.06 9.47
C ARG D 502 -22.54 38.86 8.54
N TYR D 503 -21.24 38.73 8.73
CA TYR D 503 -20.26 39.35 7.85
C TYR D 503 -20.43 38.85 6.43
N MET D 504 -20.54 37.53 6.29
CA MET D 504 -20.67 36.91 4.97
C MET D 504 -22.01 37.25 4.32
N LEU D 505 -23.05 37.34 5.15
CA LEU D 505 -24.36 37.77 4.67
C LEU D 505 -24.29 39.21 4.18
N GLY D 506 -23.58 40.05 4.94
CA GLY D 506 -23.36 41.42 4.55
C GLY D 506 -22.58 41.52 3.26
N LEU D 507 -21.59 40.65 3.11
CA LEU D 507 -20.79 40.61 1.89
C LEU D 507 -21.64 40.18 0.69
N TYR D 508 -22.46 39.16 0.91
CA TYR D 508 -23.33 38.65 -0.15
C TYR D 508 -24.33 39.71 -0.59
N ARG D 509 -24.84 40.49 0.36
CA ARG D 509 -25.75 41.58 0.03
C ARG D 509 -25.03 42.68 -0.73
N VAL D 510 -23.80 42.99 -0.30
CA VAL D 510 -23.01 44.03 -0.94
C VAL D 510 -22.71 43.71 -2.41
N MET D 511 -22.24 42.50 -2.67
CA MET D 511 -21.92 42.09 -4.03
C MET D 511 -23.17 42.00 -4.89
N ASP D 512 -24.26 41.56 -4.29
CA ASP D 512 -25.53 41.41 -5.00
C ASP D 512 -25.98 42.76 -5.57
N GLU D 513 -26.01 43.78 -4.71
CA GLU D 513 -26.45 45.11 -5.12
C GLU D 513 -25.48 45.77 -6.10
N ILE D 514 -24.19 45.69 -5.81
CA ILE D 514 -23.17 46.31 -6.66
C ILE D 514 -23.16 45.73 -8.07
N THR D 515 -23.09 44.41 -8.17
CA THR D 515 -23.04 43.74 -9.47
C THR D 515 -24.33 43.95 -10.27
N SER D 516 -25.47 44.05 -9.59
CA SER D 516 -26.74 44.28 -10.26
C SER D 516 -26.86 45.73 -10.76
N ARG D 517 -26.24 46.66 -10.04
CA ARG D 517 -26.20 48.04 -10.46
C ARG D 517 -25.37 48.19 -11.73
N LEU D 518 -24.44 47.26 -11.93
CA LEU D 518 -23.55 47.31 -13.07
C LEU D 518 -23.54 45.98 -13.83
N PRO D 519 -24.64 45.69 -14.55
CA PRO D 519 -24.78 44.42 -15.27
C PRO D 519 -23.82 44.29 -16.45
N HIS D 520 -23.24 45.41 -16.88
CA HIS D 520 -22.33 45.41 -18.02
C HIS D 520 -20.90 45.11 -17.60
N ILE D 521 -20.70 44.86 -16.31
CA ILE D 521 -19.37 44.59 -15.79
C ILE D 521 -19.13 43.11 -15.50
N LEU D 522 -18.06 42.57 -16.09
CA LEU D 522 -17.64 41.21 -15.80
C LEU D 522 -16.82 41.15 -14.52
N PHE D 523 -17.39 40.57 -13.48
CA PHE D 523 -16.73 40.50 -12.18
C PHE D 523 -15.91 39.21 -12.02
N GLU D 524 -14.69 39.35 -11.51
CA GLU D 524 -13.86 38.20 -11.17
C GLU D 524 -13.45 38.28 -9.71
N SER D 525 -13.82 37.27 -8.93
CA SER D 525 -13.49 37.25 -7.52
C SER D 525 -12.04 36.82 -7.29
N CYS D 526 -11.46 37.26 -6.18
CA CYS D 526 -10.07 36.96 -5.87
C CYS D 526 -9.80 37.08 -4.38
N SER D 527 -8.86 36.29 -3.88
CA SER D 527 -8.50 36.33 -2.47
C SER D 527 -7.08 35.82 -2.27
N GLY D 528 -6.09 36.61 -2.70
CA GLY D 528 -4.71 36.18 -2.68
C GLY D 528 -4.57 34.91 -3.50
N GLY D 529 -5.22 34.90 -4.65
CA GLY D 529 -5.33 33.69 -5.44
C GLY D 529 -6.70 33.08 -5.24
N GLY D 530 -6.75 31.77 -5.03
CA GLY D 530 -8.01 31.06 -4.84
C GLY D 530 -8.39 30.89 -3.39
N GLY D 531 -8.31 31.98 -2.62
CA GLY D 531 -8.65 31.94 -1.21
C GLY D 531 -10.14 31.78 -0.96
N ARG D 532 -10.94 32.09 -1.97
CA ARG D 532 -12.39 31.95 -1.89
C ARG D 532 -12.95 31.28 -3.12
N PHE D 533 -12.19 30.37 -3.73
CA PHE D 533 -12.69 29.65 -4.88
C PHE D 533 -13.73 28.63 -4.43
N ASP D 534 -14.93 29.13 -4.16
CA ASP D 534 -16.03 28.29 -3.70
C ASP D 534 -17.29 28.63 -4.49
N PRO D 535 -18.30 27.73 -4.48
CA PRO D 535 -19.53 27.97 -5.24
C PRO D 535 -20.26 29.26 -4.84
N GLY D 536 -20.11 29.67 -3.59
CA GLY D 536 -20.77 30.86 -3.10
C GLY D 536 -20.34 32.11 -3.85
N MET D 537 -19.04 32.27 -4.02
CA MET D 537 -18.48 33.43 -4.71
C MET D 537 -18.80 33.39 -6.20
N LEU D 538 -18.88 32.18 -6.75
CA LEU D 538 -19.12 31.98 -8.17
C LEU D 538 -20.52 32.49 -8.57
N TYR D 539 -21.43 32.47 -7.61
CA TYR D 539 -22.80 32.93 -7.83
C TYR D 539 -22.85 34.42 -8.12
N TYR D 540 -21.97 35.18 -7.47
CA TYR D 540 -21.94 36.62 -7.61
C TYR D 540 -20.93 37.09 -8.65
N MET D 541 -19.87 36.31 -8.83
CA MET D 541 -18.85 36.63 -9.81
C MET D 541 -18.47 35.38 -10.60
N PRO D 542 -18.79 35.37 -11.90
CA PRO D 542 -18.73 34.19 -12.77
C PRO D 542 -17.34 33.61 -13.01
N GLN D 543 -16.30 34.23 -12.48
CA GLN D 543 -14.95 33.67 -12.60
C GLN D 543 -14.06 34.05 -11.42
N THR D 544 -12.99 33.30 -11.23
CA THR D 544 -12.12 33.46 -10.06
C THR D 544 -10.65 33.42 -10.44
N TRP D 545 -9.83 34.21 -9.76
CA TRP D 545 -8.38 34.13 -9.92
C TRP D 545 -7.88 32.91 -9.17
N THR D 546 -7.40 31.91 -9.92
CA THR D 546 -7.11 30.58 -9.37
C THR D 546 -6.04 30.56 -8.29
N SER D 547 -4.91 31.20 -8.55
CA SER D 547 -3.80 31.19 -7.61
C SER D 547 -2.80 32.30 -7.91
N ASP D 548 -2.16 32.83 -6.87
CA ASP D 548 -1.11 33.81 -7.04
C ASP D 548 0.14 33.16 -7.62
N ASN D 549 0.22 31.84 -7.49
CA ASN D 549 1.28 31.08 -8.13
C ASN D 549 0.98 30.95 -9.61
N THR D 550 1.77 31.64 -10.43
CA THR D 550 1.55 31.64 -11.87
C THR D 550 2.60 30.81 -12.59
N ASP D 551 3.32 29.98 -11.84
CA ASP D 551 4.30 29.07 -12.43
C ASP D 551 3.58 27.94 -13.16
N ALA D 552 4.01 27.67 -14.38
CA ALA D 552 3.36 26.68 -15.24
C ALA D 552 3.29 25.29 -14.61
N VAL D 553 4.41 24.84 -14.05
CA VAL D 553 4.47 23.51 -13.45
C VAL D 553 3.66 23.42 -12.16
N SER D 554 3.75 24.46 -11.33
CA SER D 554 2.97 24.52 -10.10
C SER D 554 1.48 24.55 -10.41
N ARG D 555 1.12 25.23 -11.51
CA ARG D 555 -0.27 25.33 -11.93
C ARG D 555 -0.84 24.00 -12.40
N LEU D 556 0.03 23.04 -12.69
CA LEU D 556 -0.43 21.71 -13.07
C LEU D 556 -1.24 21.09 -11.94
N LYS D 557 -0.66 21.06 -10.74
CA LYS D 557 -1.37 20.56 -9.57
C LYS D 557 -2.56 21.42 -9.19
N ILE D 558 -2.37 22.74 -9.23
CA ILE D 558 -3.41 23.67 -8.78
C ILE D 558 -4.65 23.63 -9.67
N GLN D 559 -4.46 23.65 -10.98
CA GLN D 559 -5.57 23.64 -11.92
C GLN D 559 -6.23 22.26 -12.01
N TYR D 560 -5.43 21.21 -11.90
CA TYR D 560 -5.95 19.84 -11.88
C TYR D 560 -6.88 19.64 -10.67
N GLY D 561 -6.45 20.14 -9.52
CA GLY D 561 -7.23 20.04 -8.31
C GLY D 561 -8.48 20.90 -8.36
N THR D 562 -8.35 22.12 -8.88
CA THR D 562 -9.46 23.05 -8.96
C THR D 562 -10.53 22.55 -9.94
N SER D 563 -10.10 21.87 -10.98
CA SER D 563 -11.02 21.38 -12.01
C SER D 563 -11.87 20.22 -11.52
N LEU D 564 -11.54 19.69 -10.35
CA LEU D 564 -12.30 18.59 -9.75
C LEU D 564 -13.72 19.02 -9.40
N VAL D 565 -13.88 20.31 -9.12
CA VAL D 565 -15.17 20.84 -8.70
C VAL D 565 -15.64 22.01 -9.55
N TYR D 566 -14.72 22.90 -9.89
CA TYR D 566 -15.08 24.17 -10.52
C TYR D 566 -14.80 24.21 -12.02
N PRO D 567 -15.74 24.77 -12.79
CA PRO D 567 -15.66 24.83 -14.25
C PRO D 567 -14.45 25.61 -14.74
N ILE D 568 -13.91 25.20 -15.90
CA ILE D 568 -12.76 25.85 -16.49
C ILE D 568 -13.02 27.33 -16.77
N SER D 569 -14.27 27.65 -17.08
CA SER D 569 -14.68 29.02 -17.38
C SER D 569 -14.41 29.98 -16.23
N ALA D 570 -14.33 29.45 -15.01
CA ALA D 570 -14.10 30.28 -13.83
C ALA D 570 -12.65 30.22 -13.35
N MET D 571 -11.85 29.38 -13.99
CA MET D 571 -10.49 29.12 -13.55
C MET D 571 -9.47 30.02 -14.26
N GLY D 572 -9.26 31.21 -13.72
CA GLY D 572 -8.34 32.18 -14.31
C GLY D 572 -6.89 31.76 -14.28
N ALA D 573 -6.22 31.87 -15.42
CA ALA D 573 -4.81 31.51 -15.52
C ALA D 573 -4.05 32.50 -16.40
N HIS D 574 -2.92 32.98 -15.90
CA HIS D 574 -2.15 34.00 -16.61
C HIS D 574 -0.74 33.51 -16.91
N VAL D 575 -0.23 33.90 -18.08
CA VAL D 575 1.17 33.65 -18.43
C VAL D 575 2.06 34.69 -17.76
N SER D 576 2.96 34.22 -16.90
CA SER D 576 3.85 35.13 -16.18
C SER D 576 5.29 35.02 -16.68
N ALA D 577 6.16 35.86 -16.10
CA ALA D 577 7.55 35.92 -16.53
C ALA D 577 8.42 34.90 -15.80
N VAL D 578 9.60 34.64 -16.35
CA VAL D 578 10.55 33.73 -15.73
C VAL D 578 11.88 34.45 -15.47
N PRO D 579 12.58 34.08 -14.37
CA PRO D 579 12.22 33.09 -13.34
C PRO D 579 10.97 33.49 -12.56
N ASN D 580 10.06 32.54 -12.37
CA ASN D 580 8.80 32.78 -11.68
C ASN D 580 8.98 33.47 -10.34
N HIS D 581 8.01 34.30 -9.96
CA HIS D 581 8.14 35.13 -8.76
C HIS D 581 7.82 34.38 -7.47
N GLN D 582 7.21 33.21 -7.60
CA GLN D 582 6.81 32.44 -6.43
C GLN D 582 7.77 31.30 -6.10
N VAL D 583 8.31 30.65 -7.13
CA VAL D 583 9.20 29.50 -6.93
C VAL D 583 10.58 29.68 -7.56
N GLY D 584 10.68 30.59 -8.54
CA GLY D 584 11.94 30.84 -9.21
C GLY D 584 12.22 29.85 -10.32
N ARG D 585 11.19 29.11 -10.73
CA ARG D 585 11.33 28.14 -11.80
C ARG D 585 11.34 28.82 -13.17
N VAL D 586 12.16 28.28 -14.08
CA VAL D 586 12.22 28.79 -15.44
C VAL D 586 11.65 27.78 -16.43
N ALA D 587 10.53 28.14 -17.05
CA ALA D 587 9.90 27.28 -18.05
C ALA D 587 9.68 28.05 -19.34
N SER D 588 9.65 27.33 -20.45
CA SER D 588 9.48 27.95 -21.77
C SER D 588 8.13 28.65 -21.88
N LEU D 589 8.10 29.72 -22.66
CA LEU D 589 6.88 30.49 -22.91
C LEU D 589 5.80 29.60 -23.53
N LYS D 590 6.23 28.66 -24.36
CA LYS D 590 5.32 27.70 -24.99
C LYS D 590 4.61 26.87 -23.94
N THR D 591 5.34 26.47 -22.90
CA THR D 591 4.79 25.65 -21.83
C THR D 591 3.89 26.48 -20.90
N ARG D 592 4.34 27.68 -20.56
CA ARG D 592 3.55 28.57 -19.73
C ARG D 592 2.23 28.91 -20.42
N GLY D 593 2.29 28.99 -21.75
CA GLY D 593 1.11 29.26 -22.55
C GLY D 593 0.14 28.09 -22.56
N HIS D 594 0.66 26.89 -22.77
CA HIS D 594 -0.17 25.69 -22.84
C HIS D 594 -0.93 25.40 -21.55
N VAL D 595 -0.32 25.72 -20.40
CA VAL D 595 -0.98 25.53 -19.11
C VAL D 595 -2.06 26.59 -18.92
N ALA D 596 -1.71 27.85 -19.20
CA ALA D 596 -2.64 28.96 -19.03
C ALA D 596 -3.83 28.85 -19.98
N MET D 597 -3.59 28.30 -21.17
CA MET D 597 -4.64 28.14 -22.17
C MET D 597 -5.52 26.92 -21.86
N SER D 598 -5.22 26.25 -20.75
CA SER D 598 -6.06 25.15 -20.28
C SER D 598 -7.06 25.68 -19.26
N GLY D 599 -7.05 27.00 -19.07
CA GLY D 599 -8.00 27.65 -18.18
C GLY D 599 -8.53 28.92 -18.80
N ASN D 600 -8.90 29.89 -17.97
CA ASN D 600 -9.32 31.20 -18.46
C ASN D 600 -8.08 32.04 -18.79
N PHE D 601 -7.73 32.06 -20.07
CA PHE D 601 -6.43 32.56 -20.52
C PHE D 601 -6.27 34.08 -20.40
N GLY D 602 -5.05 34.49 -20.07
CA GLY D 602 -4.72 35.90 -19.94
C GLY D 602 -3.23 36.07 -19.72
N TYR D 603 -2.77 37.30 -19.56
CA TYR D 603 -1.36 37.57 -19.33
C TYR D 603 -1.14 38.42 -18.08
N GLU D 604 0.05 38.30 -17.49
CA GLU D 604 0.42 39.10 -16.34
C GLU D 604 1.93 39.20 -16.22
N LEU D 605 2.53 40.02 -17.09
CA LEU D 605 3.97 40.19 -17.12
C LEU D 605 4.36 41.47 -17.87
N ASP D 606 5.57 41.95 -17.63
CA ASP D 606 6.06 43.16 -18.29
C ASP D 606 6.39 42.87 -19.75
N ILE D 607 5.69 43.53 -20.65
CA ILE D 607 5.88 43.31 -22.09
C ILE D 607 7.07 44.09 -22.63
N THR D 608 7.44 45.16 -21.95
CA THR D 608 8.57 45.99 -22.36
C THR D 608 9.90 45.24 -22.25
N LYS D 609 9.90 44.15 -21.49
CA LYS D 609 11.13 43.37 -21.26
C LYS D 609 11.14 42.07 -22.06
N LEU D 610 10.26 41.98 -23.05
CA LEU D 610 10.17 40.77 -23.87
C LEU D 610 10.87 40.97 -25.21
N THR D 611 11.47 39.90 -25.73
CA THR D 611 12.08 39.95 -27.06
C THR D 611 10.99 39.95 -28.11
N GLU D 612 11.36 40.30 -29.34
CA GLU D 612 10.41 40.31 -30.45
C GLU D 612 9.86 38.91 -30.72
N THR D 613 10.71 37.91 -30.51
CA THR D 613 10.32 36.52 -30.66
C THR D 613 9.24 36.14 -29.64
N GLU D 614 9.47 36.53 -28.39
CA GLU D 614 8.52 36.26 -27.32
C GLU D 614 7.21 37.01 -27.55
N LYS D 615 7.32 38.24 -28.05
CA LYS D 615 6.14 39.02 -28.42
C LYS D 615 5.36 38.31 -29.51
N GLN D 616 6.09 37.78 -30.50
CA GLN D 616 5.47 37.12 -31.64
C GLN D 616 4.80 35.81 -31.24
N MET D 617 5.39 35.11 -30.28
CA MET D 617 4.81 33.86 -29.79
C MET D 617 3.51 34.14 -29.04
N MET D 618 3.49 35.24 -28.28
CA MET D 618 2.30 35.66 -27.57
C MET D 618 1.16 35.93 -28.56
N LYS D 619 1.49 36.55 -29.67
CA LYS D 619 0.52 36.86 -30.70
C LYS D 619 -0.10 35.58 -31.27
N GLN D 620 0.72 34.54 -31.36
CA GLN D 620 0.25 33.24 -31.84
C GLN D 620 -0.55 32.49 -30.78
N GLN D 621 -0.20 32.70 -29.51
CA GLN D 621 -0.93 32.10 -28.41
C GLN D 621 -2.32 32.70 -28.29
N VAL D 622 -2.40 34.02 -28.41
CA VAL D 622 -3.68 34.73 -28.36
C VAL D 622 -4.58 34.30 -29.52
N ALA D 623 -3.98 34.16 -30.70
CA ALA D 623 -4.73 33.77 -31.89
C ALA D 623 -5.23 32.34 -31.77
N PHE D 624 -4.42 31.47 -31.16
CA PHE D 624 -4.78 30.07 -31.01
C PHE D 624 -5.89 29.89 -29.98
N TYR D 625 -5.79 30.62 -28.87
CA TYR D 625 -6.78 30.51 -27.81
C TYR D 625 -8.15 31.02 -28.23
N LYS D 626 -8.18 32.01 -29.11
CA LYS D 626 -9.44 32.53 -29.64
C LYS D 626 -10.15 31.49 -30.48
N ASP D 627 -9.39 30.64 -31.16
CA ASP D 627 -9.95 29.57 -31.97
C ASP D 627 -10.52 28.44 -31.11
N VAL D 628 -10.03 28.32 -29.89
CA VAL D 628 -10.45 27.22 -29.01
C VAL D 628 -11.05 27.72 -27.69
N ARG D 629 -11.35 29.01 -27.61
CA ARG D 629 -11.89 29.59 -26.38
C ARG D 629 -13.22 28.97 -25.98
N ARG D 630 -14.13 28.84 -26.94
CA ARG D 630 -15.43 28.23 -26.70
C ARG D 630 -15.27 26.77 -26.28
N LEU D 631 -14.30 26.09 -26.89
CA LEU D 631 -14.02 24.69 -26.58
C LEU D 631 -13.45 24.54 -25.17
N VAL D 632 -12.46 25.35 -24.84
CA VAL D 632 -11.83 25.29 -23.52
C VAL D 632 -12.79 25.69 -22.41
N GLN D 633 -13.46 26.83 -22.58
CA GLN D 633 -14.27 27.42 -21.53
C GLN D 633 -15.69 26.84 -21.40
N PHE D 634 -16.13 26.10 -22.41
CA PHE D 634 -17.50 25.58 -22.39
C PHE D 634 -17.60 24.11 -22.80
N GLY D 635 -16.48 23.52 -23.19
CA GLY D 635 -16.46 22.12 -23.59
C GLY D 635 -16.44 21.20 -22.39
N THR D 636 -16.44 19.90 -22.65
CA THR D 636 -16.41 18.89 -21.60
C THR D 636 -14.96 18.58 -21.22
N PHE D 637 -14.66 18.70 -19.93
CA PHE D 637 -13.29 18.55 -19.46
C PHE D 637 -12.99 17.13 -18.98
N TYR D 638 -11.95 16.54 -19.54
CA TYR D 638 -11.51 15.20 -19.15
C TYR D 638 -10.09 15.24 -18.61
N ARG D 639 -9.90 14.80 -17.37
CA ARG D 639 -8.57 14.64 -16.82
C ARG D 639 -7.98 13.29 -17.22
N LEU D 640 -6.74 13.30 -17.71
CA LEU D 640 -6.11 12.07 -18.20
C LEU D 640 -5.01 11.56 -17.27
N LEU D 641 -3.99 12.39 -17.06
CA LEU D 641 -2.88 12.01 -16.20
C LEU D 641 -2.70 13.00 -15.06
N SER D 642 -2.57 12.47 -13.84
CA SER D 642 -2.50 13.31 -12.64
C SER D 642 -1.08 13.67 -12.25
N PRO D 643 -0.84 14.96 -11.98
CA PRO D 643 0.46 15.45 -11.51
C PRO D 643 0.65 15.16 -10.03
N PHE D 644 -0.37 14.57 -9.39
CA PHE D 644 -0.26 14.16 -8.00
C PHE D 644 0.19 12.71 -7.89
N GLU D 645 0.10 11.99 -9.01
CA GLU D 645 0.39 10.55 -9.03
C GLU D 645 1.70 10.22 -9.74
N GLY D 646 2.31 11.20 -10.39
CA GLY D 646 3.53 10.95 -11.12
C GLY D 646 4.17 12.17 -11.75
N ASN D 647 4.97 11.93 -12.79
CA ASN D 647 5.78 12.96 -13.43
C ASN D 647 5.05 13.60 -14.62
N GLU D 648 3.80 13.23 -14.84
CA GLU D 648 3.05 13.73 -15.98
C GLU D 648 1.73 14.37 -15.58
N ALA D 649 1.22 15.21 -16.47
CA ALA D 649 -0.09 15.83 -16.30
C ALA D 649 -0.75 15.97 -17.67
N ALA D 650 -1.98 15.51 -17.78
CA ALA D 650 -2.67 15.54 -19.06
C ALA D 650 -4.18 15.68 -18.93
N TRP D 651 -4.78 16.42 -19.85
CA TRP D 651 -6.22 16.60 -19.89
C TRP D 651 -6.67 16.99 -21.31
N MET D 652 -7.96 16.93 -21.56
CA MET D 652 -8.47 17.30 -22.87
C MET D 652 -9.88 17.90 -22.82
N PHE D 653 -10.20 18.69 -23.84
CA PHE D 653 -11.50 19.34 -23.94
C PHE D 653 -12.25 18.78 -25.15
N VAL D 654 -13.51 18.40 -24.94
CA VAL D 654 -14.32 17.84 -26.01
C VAL D 654 -15.61 18.64 -26.21
N SER D 655 -15.92 18.94 -27.47
CA SER D 655 -17.13 19.68 -27.80
C SER D 655 -18.39 18.84 -27.55
N ALA D 656 -19.55 19.48 -27.63
CA ALA D 656 -20.82 18.82 -27.33
C ALA D 656 -21.11 17.64 -28.26
N ASP D 657 -20.84 17.82 -29.55
CA ASP D 657 -21.10 16.75 -30.53
C ASP D 657 -19.88 15.85 -30.75
N ARG D 658 -18.85 16.05 -29.92
CA ARG D 658 -17.63 15.25 -29.98
C ARG D 658 -16.92 15.30 -31.32
N SER D 659 -17.11 16.40 -32.06
CA SER D 659 -16.49 16.55 -33.37
C SER D 659 -15.15 17.27 -33.28
N GLU D 660 -15.00 18.09 -32.24
CA GLU D 660 -13.79 18.87 -32.04
C GLU D 660 -13.21 18.59 -30.67
N ALA D 661 -11.88 18.60 -30.57
CA ALA D 661 -11.22 18.32 -29.30
C ALA D 661 -9.83 18.95 -29.19
N LEU D 662 -9.47 19.36 -27.97
CA LEU D 662 -8.15 19.91 -27.69
C LEU D 662 -7.46 19.06 -26.64
N VAL D 663 -6.28 18.55 -26.97
CA VAL D 663 -5.54 17.67 -26.07
C VAL D 663 -4.25 18.30 -25.59
N ALA D 664 -4.06 18.34 -24.27
CA ALA D 664 -2.86 18.90 -23.68
C ALA D 664 -2.10 17.87 -22.84
N TYR D 665 -0.79 17.81 -23.03
CA TYR D 665 0.05 16.87 -22.30
C TYR D 665 1.27 17.61 -21.72
N PHE D 666 1.64 17.24 -20.50
CA PHE D 666 2.75 17.88 -19.81
C PHE D 666 3.66 16.88 -19.11
N ARG D 667 4.97 17.04 -19.28
CA ARG D 667 5.94 16.27 -18.53
C ARG D 667 6.94 17.20 -17.86
N VAL D 668 7.08 17.08 -16.54
CA VAL D 668 7.89 18.03 -15.78
C VAL D 668 9.39 17.68 -15.73
N LEU D 669 9.73 16.52 -15.20
CA LEU D 669 11.14 16.14 -15.09
C LEU D 669 11.62 15.27 -16.26
N ALA D 670 12.76 15.64 -16.83
CA ALA D 670 13.33 14.90 -17.96
C ALA D 670 14.02 13.63 -17.51
N GLU D 671 13.86 12.57 -18.30
CA GLU D 671 14.48 11.28 -18.02
C GLU D 671 15.36 10.85 -19.19
N ALA D 672 16.63 10.61 -18.91
CA ALA D 672 17.56 10.17 -19.93
C ALA D 672 17.23 8.77 -20.42
N ASN D 673 17.24 8.58 -21.74
CA ASN D 673 16.96 7.29 -22.35
C ASN D 673 15.63 6.71 -21.85
N ALA D 674 14.65 7.60 -21.74
CA ALA D 674 13.35 7.24 -21.16
C ALA D 674 12.56 6.29 -22.05
N PRO D 675 11.68 5.47 -21.44
CA PRO D 675 10.75 4.63 -22.19
C PRO D 675 9.85 5.47 -23.09
N LEU D 676 9.30 4.86 -24.14
CA LEU D 676 8.37 5.55 -25.02
C LEU D 676 7.11 5.91 -24.27
N SER D 677 6.62 7.13 -24.49
CA SER D 677 5.43 7.62 -23.81
C SER D 677 4.18 7.45 -24.66
N TYR D 678 3.07 7.13 -24.00
CA TYR D 678 1.80 6.96 -24.70
C TYR D 678 0.70 7.71 -23.98
N LEU D 679 -0.32 8.15 -24.73
CA LEU D 679 -1.43 8.86 -24.15
C LEU D 679 -2.76 8.31 -24.67
N ARG D 680 -3.64 7.94 -23.74
CA ARG D 680 -4.97 7.49 -24.11
C ARG D 680 -6.00 8.57 -23.84
N LEU D 681 -6.92 8.77 -24.79
CA LEU D 681 -7.88 9.85 -24.72
C LEU D 681 -9.25 9.38 -24.25
N LYS D 682 -10.11 10.34 -23.90
CA LYS D 682 -11.46 10.05 -23.46
C LYS D 682 -12.46 10.99 -24.13
N GLY D 683 -13.74 10.62 -24.11
CA GLY D 683 -14.79 11.49 -24.57
C GLY D 683 -14.99 11.56 -26.08
N LEU D 684 -14.09 10.94 -26.82
CA LEU D 684 -14.18 10.93 -28.27
C LEU D 684 -15.13 9.84 -28.76
N ASP D 685 -15.79 10.09 -29.89
CA ASP D 685 -16.67 9.10 -30.50
C ASP D 685 -15.85 8.02 -31.21
N SER D 686 -16.02 6.77 -30.79
CA SER D 686 -15.23 5.66 -31.31
C SER D 686 -15.59 5.29 -32.74
N ASN D 687 -16.79 5.70 -33.17
CA ASN D 687 -17.27 5.37 -34.52
C ASN D 687 -16.75 6.32 -35.59
N GLN D 688 -15.97 7.32 -35.18
CA GLN D 688 -15.42 8.28 -36.13
C GLN D 688 -13.90 8.31 -36.10
N ASP D 689 -13.31 8.94 -37.12
CA ASP D 689 -11.87 9.17 -37.16
C ASP D 689 -11.58 10.63 -36.86
N TYR D 690 -10.42 10.90 -36.28
CA TYR D 690 -10.05 12.26 -35.91
C TYR D 690 -8.70 12.66 -36.50
N GLU D 691 -8.62 13.88 -37.02
CA GLU D 691 -7.37 14.41 -37.52
C GLU D 691 -6.66 15.21 -36.44
N ILE D 692 -5.64 14.61 -35.84
CA ILE D 692 -4.79 15.32 -34.89
C ILE D 692 -3.87 16.26 -35.67
N GLU D 693 -4.11 17.56 -35.56
CA GLU D 693 -3.37 18.56 -36.31
C GLU D 693 -1.87 18.50 -36.02
N GLY D 694 -1.09 18.17 -37.04
CA GLY D 694 0.35 18.04 -36.89
C GLY D 694 0.79 16.63 -36.58
N LEU D 695 -0.08 15.67 -36.88
CA LEU D 695 0.22 14.26 -36.64
C LEU D 695 -0.39 13.34 -37.68
N GLY D 696 -1.67 13.53 -37.97
CA GLY D 696 -2.35 12.73 -38.97
C GLY D 696 -3.68 12.18 -38.49
N VAL D 697 -4.23 11.25 -39.26
CA VAL D 697 -5.54 10.69 -38.96
C VAL D 697 -5.45 9.44 -38.07
N TYR D 698 -6.07 9.51 -36.90
CA TYR D 698 -6.15 8.38 -36.00
C TYR D 698 -7.61 7.98 -35.82
N GLY D 699 -7.85 6.71 -35.50
CA GLY D 699 -9.19 6.26 -35.21
C GLY D 699 -9.67 6.75 -33.86
N GLY D 700 -10.95 7.09 -33.77
CA GLY D 700 -11.54 7.52 -32.51
C GLY D 700 -11.43 6.43 -31.46
N ASP D 701 -11.79 5.21 -31.85
CA ASP D 701 -11.63 4.06 -30.99
C ASP D 701 -10.16 3.80 -30.68
N GLU D 702 -9.31 4.02 -31.67
CA GLU D 702 -7.87 3.83 -31.52
C GLU D 702 -7.29 4.78 -30.46
N LEU D 703 -7.68 6.05 -30.54
CA LEU D 703 -7.19 7.06 -29.61
C LEU D 703 -7.60 6.76 -28.17
N VAL D 704 -8.77 6.14 -28.01
CA VAL D 704 -9.32 5.86 -26.69
C VAL D 704 -8.88 4.48 -26.16
N TYR D 705 -8.86 3.49 -27.03
CA TYR D 705 -8.57 2.12 -26.61
C TYR D 705 -7.09 1.76 -26.73
N ALA D 706 -6.41 2.30 -27.73
CA ALA D 706 -5.01 1.99 -27.95
C ALA D 706 -4.10 3.17 -27.57
N GLY D 707 -4.58 4.37 -27.84
CA GLY D 707 -3.82 5.57 -27.55
C GLY D 707 -2.88 5.95 -28.68
N VAL D 708 -2.16 7.05 -28.48
CA VAL D 708 -1.24 7.55 -29.49
C VAL D 708 0.18 7.61 -28.92
N ALA D 709 1.17 7.25 -29.73
CA ALA D 709 2.57 7.35 -29.34
C ALA D 709 2.99 8.82 -29.30
N LEU D 710 3.56 9.24 -28.18
CA LEU D 710 3.99 10.62 -28.01
C LEU D 710 5.43 10.81 -28.46
N PRO D 711 5.73 11.99 -29.06
CA PRO D 711 7.08 12.30 -29.51
C PRO D 711 8.08 12.33 -28.36
N TYR D 712 9.27 11.80 -28.60
CA TYR D 712 10.32 11.79 -27.59
C TYR D 712 10.89 13.20 -27.41
N ARG D 713 10.95 13.66 -26.15
CA ARG D 713 11.40 15.02 -25.87
C ARG D 713 12.40 15.04 -24.72
N SER D 714 13.33 15.98 -24.78
CA SER D 714 14.26 16.22 -23.68
C SER D 714 13.94 17.55 -23.01
N SER D 715 14.79 17.96 -22.08
CA SER D 715 14.60 19.17 -21.29
C SER D 715 13.39 19.10 -20.35
N ASP D 716 13.48 19.82 -19.23
CA ASP D 716 12.42 19.80 -18.24
C ASP D 716 11.23 20.67 -18.65
N PHE D 717 10.08 20.38 -18.05
CA PHE D 717 8.90 21.23 -18.15
C PHE D 717 8.42 21.42 -19.58
N ILE D 718 8.17 20.31 -20.28
CA ILE D 718 7.71 20.36 -21.66
C ILE D 718 6.20 20.29 -21.76
N SER D 719 5.68 20.63 -22.93
CA SER D 719 4.24 20.63 -23.16
C SER D 719 3.92 20.37 -24.62
N MET D 720 2.75 19.77 -24.87
CA MET D 720 2.29 19.49 -26.22
C MET D 720 0.78 19.66 -26.33
N MET D 721 0.35 20.49 -27.27
CA MET D 721 -1.07 20.71 -27.50
C MET D 721 -1.47 20.33 -28.92
N TRP D 722 -2.60 19.65 -29.05
CA TRP D 722 -3.06 19.18 -30.34
C TRP D 722 -4.52 19.52 -30.61
N ARG D 723 -4.80 19.94 -31.84
CA ARG D 723 -6.16 20.18 -32.29
C ARG D 723 -6.71 18.91 -32.93
N LEU D 724 -7.84 18.43 -32.41
CA LEU D 724 -8.48 17.23 -32.95
C LEU D 724 -9.81 17.57 -33.61
N LYS D 725 -9.97 17.15 -34.86
CA LYS D 725 -11.19 17.41 -35.61
C LYS D 725 -11.64 16.16 -36.36
N ALA D 726 -12.93 15.82 -36.22
CA ALA D 726 -13.48 14.66 -36.91
C ALA D 726 -13.44 14.84 -38.42
N VAL D 727 -13.28 13.73 -39.14
CA VAL D 727 -13.19 13.77 -40.61
C VAL D 727 -14.56 13.93 -41.25
C1 DGJ E . -22.15 -6.60 32.35
C2 DGJ E . -20.83 -7.13 32.89
O2 DGJ E . -19.78 -6.79 32.05
C3 DGJ E . -20.98 -8.62 33.12
O3 DGJ E . -19.76 -9.17 33.51
C4 DGJ E . -22.03 -8.85 34.16
O4 DGJ E . -21.56 -8.37 35.37
C5 DGJ E . -23.33 -8.19 33.73
N5 DGJ E . -23.20 -6.81 33.33
C6 DGJ E . -24.31 -8.33 34.88
O6 DGJ E . -25.44 -7.53 34.66
S SO4 F . -14.90 -10.33 17.71
O1 SO4 F . -14.66 -11.35 16.69
O2 SO4 F . -15.81 -10.85 18.71
O3 SO4 F . -13.63 -9.97 18.35
O4 SO4 F . -15.49 -9.15 17.08
S SO4 G . -3.48 37.70 35.48
O1 SO4 G . -4.43 37.03 34.59
O2 SO4 G . -4.19 38.70 36.28
O3 SO4 G . -2.88 36.71 36.37
O4 SO4 G . -2.45 38.35 34.69
C1 DGJ H . 31.47 6.18 -23.23
C2 DGJ H . 32.19 6.70 -21.99
O2 DGJ H . 31.46 6.40 -20.84
C3 DGJ H . 32.43 8.17 -22.20
O3 DGJ H . 32.97 8.75 -21.04
C4 DGJ H . 33.36 8.35 -23.36
O4 DGJ H . 34.60 7.81 -23.05
C5 DGJ H . 32.73 7.72 -24.60
N5 DGJ H . 32.30 6.36 -24.41
C6 DGJ H . 33.77 7.79 -25.72
O6 DGJ H . 33.22 7.26 -26.89
S SO4 I . 17.34 10.13 -15.45
O1 SO4 I . 16.85 9.03 -16.27
O2 SO4 I . 16.41 10.37 -14.35
O3 SO4 I . 18.65 9.79 -14.91
O4 SO4 I . 17.44 11.33 -16.28
S SO4 J . 33.99 -38.59 -6.53
O1 SO4 J . 33.85 -39.72 -7.44
O2 SO4 J . 32.90 -38.62 -5.55
O3 SO4 J . 35.27 -38.67 -5.84
O4 SO4 J . 33.93 -37.34 -7.29
C1 DGJ K . -5.99 -38.96 -4.72
C2 DGJ K . -7.41 -38.52 -5.07
O2 DGJ K . -7.47 -37.14 -5.19
C3 DGJ K . -8.34 -39.08 -4.02
O3 DGJ K . -9.64 -38.61 -4.19
C4 DGJ K . -8.29 -40.59 -4.08
O4 DGJ K . -8.79 -41.01 -5.30
C5 DGJ K . -6.86 -41.03 -3.84
N5 DGJ K . -5.90 -40.41 -4.72
C6 DGJ K . -6.82 -42.54 -3.99
O6 DGJ K . -5.65 -43.04 -3.41
S SO4 L . -6.50 -24.28 3.33
O1 SO4 L . -6.98 -25.59 2.94
O2 SO4 L . -7.00 -23.94 4.66
O3 SO4 L . -5.05 -24.29 3.34
O4 SO4 L . -6.98 -23.29 2.37
S SO4 M . 13.20 -21.99 -44.96
O1 SO4 M . 12.97 -23.26 -45.64
O2 SO4 M . 12.04 -21.60 -44.17
O3 SO4 M . 14.34 -22.16 -44.08
O4 SO4 M . 13.48 -20.92 -45.91
C1 DGJ N . -3.51 39.30 -4.45
C2 DGJ N . -4.04 38.99 -5.84
O2 DGJ N . -4.30 37.62 -5.96
C3 DGJ N . -3.05 39.50 -6.86
O3 DGJ N . -3.46 39.16 -8.15
C4 DGJ N . -2.88 40.99 -6.72
O4 DGJ N . -4.06 41.62 -7.10
C5 DGJ N . -2.48 41.31 -5.28
N5 DGJ N . -3.34 40.74 -4.28
C6 DGJ N . -2.44 42.82 -5.14
O6 DGJ N . -2.33 43.17 -3.79
C1 EDO O . -20.64 26.32 19.52
O1 EDO O . -20.83 27.11 20.70
C2 EDO O . -20.69 24.84 19.89
O2 EDO O . -20.49 24.04 18.72
S SO4 P . 3.97 24.45 -5.65
O1 SO4 P . 2.83 24.05 -6.48
O2 SO4 P . 3.49 25.21 -4.49
O3 SO4 P . 4.68 23.27 -5.20
O4 SO4 P . 4.86 25.29 -6.44
S SO4 Q . -43.54 23.43 15.74
O1 SO4 Q . -44.25 22.35 15.04
O2 SO4 Q . -44.41 24.00 16.76
O3 SO4 Q . -42.34 22.89 16.37
O4 SO4 Q . -43.16 24.46 14.78
#